data_7CWS
#
_entry.id   7CWS
#
loop_
_entity.id
_entity.type
_entity.pdbx_description
1 polymer 'Heavy Chain of FC05 Fab'
2 polymer 'Light Chain of FC05 Fab'
3 polymer 'Light Chain of H014 Fab'
4 polymer 'Heavy Chain of H014 Fab'
5 polymer 'Spike glycoprotein'
6 branched 2-acetamido-2-deoxy-beta-D-glucopyranose-(1-4)-2-acetamido-2-deoxy-beta-D-glucopyranose
7 non-polymer 2-acetamido-2-deoxy-beta-D-glucopyranose
#
loop_
_entity_poly.entity_id
_entity_poly.type
_entity_poly.pdbx_seq_one_letter_code
_entity_poly.pdbx_strand_id
1 'polypeptide(L)'
;EVQLLEQSGAEVKKPGASVRVSCKVSGYTLPEVAMHWVRQAPGKGLEWMGGFDPEDGETMYAQKFQGRVTMTEDTSTDTA
YMELSSLRSEDTAVYYCATTTPFSSSYWFDPWGQGTLVTV
;
L,N,P
2 'polypeptide(L)'
;SVLTQAPSVSAAPGQKVTISCSGSSSNIGNNYVSWYQQLPGTAPKLLIYDNNKRPSGIPDRFSGSKSGTSATLGITGLQT
GDEADYYCGTWDSSLSAVVFGGGTKLTVL
;
C,K,M
3 'polypeptide(L)'
;IVLTQSPFQSVSPKEKVTITCRASQSISSNLHWYQQKPDQSPKLLIKYASQSISGIPSRFSGSGSGTDFTLTINSLEAED
FGIYFCQQTNFWPYIFGQGTKLEILKR
;
D,F,H
4 'polypeptide(L)'
;VQLVQSGAEVKKPGATVKISCKVSGYSFSNYYIHWVKQAPGKSLEWIGYIDPFNGGTSDNLKFKGAATLTADTSTDTAYM
ELSSLRSEDTAVYYCARSEYDPYYVMDYWGQGTTVTVSSAST
;
E,G,I
5 'polypeptide(L)'
;QCVNLTTRTQLPPAYTNSFTRGVYYPDKVFRSSVLHSTQDLFLPFFSNVTWFHAIHVSGTNGTKRFDNPVLPFNDGVYFA
STEKSNIIRGWIFGTTLDSKTQSLLIVNNATNVVIKVCEFQFCNDPFLGVYYHKNNKSWMESEFRVYSSANNCTFEYVSQ
PFLMDLEGKQGNFKNLREFVFKNIDGYFKIYSKHTPINLVRDLPQGFSALEPLVDLPIGINITRFQTLLALHRSYLTPGD
SSSGWTAGAAAYYVGYLQPRTFLLKYNENGTITDAVDCALDPLSETKCTLKSFTVEKGIYQTSNFRVQPTESIVRFPNIT
NLCPFGEVFNATRFASVYAWNRKRISNCVADYSVLYNSASFSTFKCYGVSPTKLNDLCFTNVYADSFVIRGDEVRQIAPG
QTGKIADYNYKLPDDFTGCVIAWNSNNLDSKVGGNYNYLYRLFRKSNLKPFERDISTEIYQAGSTPCNGVEGFNCYFPLQ
SYGFQPTNGVGYQPYRVVVLSFELLHAPATVCGPKKSTNLVKNKCVNFNFNGLTGTGVLTESNKKFLPFQQFGRDIADTT
DAVRDPQTLEILDITPCSFGGVSVITPGTNTSNQVAVLYQDVNCTEVPVAIHADQLTPTWRVYSTGSNVFQTRAGCLIGA
EHVNNSYECDIPIGAGICASYQTQTNSPRRARSVASQSIIAYTMSLGAENSVAYSNNSIAIPTNFTISVTTEILPVSMTK
TSVDCTMYICGDSTECSNLLLQYGSFCTQLNRALTGIAVEQDKNTQEVFAQVKQIYKTPPIKDFGGFNFSQILPDPSKPS
KRSFIEDLLFNKVTLADAGFIKQYGDCLGDIAARDLICAQKFNGLTVLPPLLTDEMIAQYTSALLAGTITSGWTFGAGAA
LQIPFAMQMAYRFNGIGVTQNVLYENQKLIANQFNSAIGKIQDSLSSTASALGKLQDVVNQNAQALNTLVKQLSSNFGAI
SSVLNDILSRLDKVEAEVQIDRLITGRLQSLQTYVTQQLIRAAEIRASANLAATKMSECVLGQSKRVDFCGKGYHLMSFP
QSAPHGVVFLHVTYVPAQEKNFTTAPAICHDGKAHFPREGVFVSNGTHWFVTQRNFYEPQIITTDNTFVSGNCDVVIGIV
NNTVYDPLQPELDS
;
O,Q,R
#
loop_
_chem_comp.id
_chem_comp.type
_chem_comp.name
_chem_comp.formula
NAG D-saccharide, beta linking 2-acetamido-2-deoxy-beta-D-glucopyranose 'C8 H15 N O6'
#
# COMPACT_ATOMS: atom_id res chain seq x y z
N GLU A 1 -6.24 51.26 -61.07
CA GLU A 1 -6.08 51.90 -59.76
C GLU A 1 -7.42 52.23 -59.12
N VAL A 2 -8.03 53.32 -59.60
CA VAL A 2 -9.16 53.96 -58.94
C VAL A 2 -10.12 54.52 -59.97
N GLN A 3 -11.41 54.34 -59.72
CA GLN A 3 -12.47 55.09 -60.37
C GLN A 3 -13.16 55.90 -59.28
N LEU A 4 -13.84 56.96 -59.67
CA LEU A 4 -14.44 57.86 -58.70
C LEU A 4 -15.95 57.73 -58.77
N LEU A 5 -16.63 58.43 -57.87
CA LEU A 5 -18.06 58.61 -57.99
C LEU A 5 -18.31 59.90 -58.77
N GLU A 6 -19.57 60.20 -59.06
CA GLU A 6 -19.79 61.40 -59.84
C GLU A 6 -19.58 62.62 -58.95
N GLN A 7 -19.59 63.79 -59.58
CA GLN A 7 -19.34 65.03 -58.85
C GLN A 7 -20.59 65.48 -58.12
N SER A 8 -21.70 65.49 -58.84
CA SER A 8 -23.01 65.89 -58.34
C SER A 8 -24.04 64.85 -58.73
N GLY A 9 -24.13 64.60 -60.03
CA GLY A 9 -25.38 64.28 -60.68
C GLY A 9 -25.79 65.47 -61.52
N ALA A 10 -27.04 65.46 -61.94
CA ALA A 10 -27.62 66.60 -62.65
C ALA A 10 -28.27 67.52 -61.64
N GLU A 11 -27.70 68.71 -61.45
CA GLU A 11 -28.24 69.69 -60.53
C GLU A 11 -28.68 70.91 -61.33
N VAL A 12 -29.99 71.10 -61.44
CA VAL A 12 -30.54 72.26 -62.13
C VAL A 12 -31.27 73.12 -61.12
N LYS A 13 -30.72 74.28 -60.81
CA LYS A 13 -31.31 75.17 -59.82
C LYS A 13 -31.49 76.55 -60.42
N LYS A 14 -32.74 76.96 -60.52
CA LYS A 14 -33.17 78.23 -61.11
C LYS A 14 -32.50 79.37 -60.36
N PRO A 15 -32.40 80.55 -60.96
CA PRO A 15 -31.81 81.68 -60.23
C PRO A 15 -32.50 81.90 -58.89
N GLY A 16 -31.75 82.45 -57.94
CA GLY A 16 -32.21 82.49 -56.57
C GLY A 16 -31.99 81.22 -55.78
N ALA A 17 -30.90 80.51 -56.01
CA ALA A 17 -30.57 79.28 -55.32
C ALA A 17 -29.06 79.14 -55.15
N SER A 18 -28.66 78.03 -54.54
CA SER A 18 -27.25 77.68 -54.40
C SER A 18 -27.13 76.17 -54.24
N VAL A 19 -26.01 75.61 -54.66
CA VAL A 19 -25.91 74.16 -54.83
C VAL A 19 -24.58 73.65 -54.27
N ARG A 20 -24.69 72.60 -53.46
CA ARG A 20 -23.53 71.82 -53.00
C ARG A 20 -23.13 70.83 -54.07
N VAL A 21 -21.85 70.43 -54.05
CA VAL A 21 -21.34 69.43 -54.98
C VAL A 21 -20.60 68.38 -54.17
N SER A 22 -21.12 67.17 -54.14
CA SER A 22 -20.59 66.09 -53.30
C SER A 22 -19.94 65.04 -54.17
N CYS A 23 -18.61 64.99 -54.14
CA CYS A 23 -17.82 64.10 -54.99
C CYS A 23 -17.26 62.97 -54.14
N LYS A 24 -17.72 61.74 -54.41
CA LYS A 24 -17.19 60.61 -53.67
C LYS A 24 -16.18 59.84 -54.52
N VAL A 25 -15.56 58.84 -53.91
CA VAL A 25 -14.46 58.11 -54.54
C VAL A 25 -14.72 56.62 -54.42
N SER A 26 -13.83 55.83 -55.02
CA SER A 26 -13.84 54.39 -54.86
C SER A 26 -12.42 53.88 -55.07
N GLY A 27 -12.06 52.83 -54.33
CA GLY A 27 -10.73 52.27 -54.41
C GLY A 27 -9.69 53.00 -53.60
N TYR A 28 -9.97 54.25 -53.22
CA TYR A 28 -9.21 54.93 -52.19
C TYR A 28 -10.10 55.29 -51.02
N THR A 29 -9.52 55.89 -49.99
CA THR A 29 -10.27 56.53 -48.92
C THR A 29 -10.09 58.03 -49.07
N LEU A 30 -11.10 58.78 -48.62
CA LEU A 30 -11.13 60.20 -48.92
C LEU A 30 -9.86 60.92 -48.46
N PRO A 31 -9.49 60.90 -47.16
CA PRO A 31 -8.34 61.73 -46.76
C PRO A 31 -7.01 61.00 -46.85
N GLU A 32 -6.78 60.23 -47.91
CA GLU A 32 -5.42 59.91 -48.32
C GLU A 32 -5.01 60.67 -49.58
N VAL A 33 -5.92 61.44 -50.15
CA VAL A 33 -5.69 62.10 -51.43
C VAL A 33 -6.52 63.38 -51.44
N ALA A 34 -6.00 64.41 -52.09
CA ALA A 34 -6.57 65.74 -52.05
C ALA A 34 -7.46 65.97 -53.26
N MET A 35 -8.60 66.62 -53.05
CA MET A 35 -9.49 66.95 -54.15
C MET A 35 -9.18 68.34 -54.70
N HIS A 36 -9.86 68.67 -55.80
CA HIS A 36 -9.65 69.91 -56.52
C HIS A 36 -10.89 70.18 -57.36
N TRP A 37 -11.00 71.42 -57.85
CA TRP A 37 -12.16 71.81 -58.63
C TRP A 37 -11.74 72.75 -59.74
N VAL A 38 -12.41 72.66 -60.88
CA VAL A 38 -12.12 73.53 -62.01
C VAL A 38 -13.43 73.94 -62.67
N ARG A 39 -13.60 75.23 -62.88
CA ARG A 39 -14.70 75.69 -63.72
C ARG A 39 -14.40 75.40 -65.18
N GLN A 40 -15.36 74.75 -65.84
CA GLN A 40 -15.32 74.60 -67.28
C GLN A 40 -16.65 75.05 -67.87
N ALA A 41 -16.62 76.12 -68.62
CA ALA A 41 -17.81 76.61 -69.28
C ALA A 41 -17.85 76.06 -70.70
N PRO A 42 -19.00 75.55 -71.17
CA PRO A 42 -19.05 74.95 -72.50
C PRO A 42 -18.65 75.96 -73.57
N GLY A 43 -17.90 75.48 -74.56
CA GLY A 43 -17.35 76.38 -75.56
C GLY A 43 -16.30 77.31 -75.01
N LYS A 44 -15.75 77.01 -73.83
CA LYS A 44 -14.78 77.86 -73.18
C LYS A 44 -13.70 76.97 -72.55
N GLY A 45 -12.84 77.58 -71.74
CA GLY A 45 -11.70 76.88 -71.19
C GLY A 45 -11.83 76.57 -69.70
N LEU A 46 -10.68 76.27 -69.11
CA LEU A 46 -10.60 75.86 -67.71
C LEU A 46 -10.41 77.05 -66.79
N GLU A 47 -11.09 77.02 -65.65
CA GLU A 47 -10.88 77.98 -64.57
C GLU A 47 -10.81 77.18 -63.28
N TRP A 48 -9.65 77.16 -62.64
CA TRP A 48 -9.46 76.30 -61.47
C TRP A 48 -10.21 76.87 -60.27
N MET A 49 -10.50 75.99 -59.32
CA MET A 49 -11.43 76.32 -58.26
C MET A 49 -11.19 75.41 -57.07
N GLY A 50 -11.62 75.87 -55.90
CA GLY A 50 -11.57 75.04 -54.71
C GLY A 50 -10.17 74.54 -54.43
N GLY A 51 -10.02 73.23 -54.28
CA GLY A 51 -8.71 72.61 -54.20
C GLY A 51 -8.16 72.54 -52.79
N PHE A 52 -7.26 71.59 -52.60
CA PHE A 52 -6.53 71.42 -51.34
C PHE A 52 -5.07 71.77 -51.59
N ASP A 53 -4.38 72.24 -50.55
CA ASP A 53 -3.00 72.66 -50.70
C ASP A 53 -2.08 71.60 -50.09
N PRO A 54 -1.23 70.95 -50.88
CA PRO A 54 -0.25 70.04 -50.27
C PRO A 54 0.64 70.74 -49.24
N GLU A 55 1.10 71.94 -49.55
CA GLU A 55 1.81 72.75 -48.56
C GLU A 55 0.81 73.33 -47.57
N ASP A 56 1.27 73.60 -46.36
CA ASP A 56 0.49 74.33 -45.36
C ASP A 56 -0.74 73.56 -44.90
N GLY A 57 -1.10 72.49 -45.60
CA GLY A 57 -2.19 71.63 -45.22
C GLY A 57 -3.57 72.21 -45.34
N GLU A 58 -3.72 73.46 -45.79
CA GLU A 58 -5.03 74.05 -45.93
C GLU A 58 -5.73 73.54 -47.18
N THR A 59 -7.05 73.68 -47.19
CA THR A 59 -7.87 73.49 -48.38
C THR A 59 -7.95 74.84 -49.08
N MET A 60 -7.36 74.91 -50.28
CA MET A 60 -7.29 76.18 -50.98
C MET A 60 -8.68 76.64 -51.44
N TYR A 61 -8.77 77.94 -51.70
CA TYR A 61 -9.93 78.55 -52.33
C TYR A 61 -9.43 79.59 -53.33
N ALA A 62 -9.86 79.44 -54.58
CA ALA A 62 -9.40 80.34 -55.64
C ALA A 62 -9.71 81.78 -55.26
N GLN A 63 -8.67 82.62 -55.24
CA GLN A 63 -8.82 83.98 -54.75
C GLN A 63 -9.91 84.74 -55.48
N LYS A 64 -9.92 84.66 -56.82
CA LYS A 64 -10.96 85.32 -57.60
C LYS A 64 -12.35 84.91 -57.11
N PHE A 65 -12.55 83.61 -56.89
CA PHE A 65 -13.83 83.09 -56.44
C PHE A 65 -13.90 82.88 -54.93
N GLN A 66 -12.87 83.29 -54.20
CA GLN A 66 -12.80 83.03 -52.78
C GLN A 66 -13.98 83.62 -52.04
N GLY A 67 -14.49 82.89 -51.06
CA GLY A 67 -15.58 83.33 -50.21
C GLY A 67 -16.96 83.01 -50.74
N ARG A 68 -17.12 82.84 -52.05
CA ARG A 68 -18.40 82.44 -52.62
C ARG A 68 -18.63 80.94 -52.55
N VAL A 69 -17.56 80.15 -52.61
CA VAL A 69 -17.66 78.70 -52.61
C VAL A 69 -16.86 78.15 -51.42
N THR A 70 -17.42 77.14 -50.77
CA THR A 70 -16.80 76.52 -49.62
C THR A 70 -16.78 75.01 -49.79
N MET A 71 -15.98 74.34 -48.98
CA MET A 71 -15.82 72.89 -49.06
C MET A 71 -15.78 72.29 -47.65
N THR A 72 -16.41 71.13 -47.49
CA THR A 72 -16.32 70.33 -46.30
C THR A 72 -16.04 68.88 -46.69
N GLU A 73 -15.69 68.05 -45.72
CA GLU A 73 -15.26 66.68 -45.98
C GLU A 73 -15.82 65.75 -44.91
N ASP A 74 -16.37 64.63 -45.34
CA ASP A 74 -16.68 63.51 -44.44
C ASP A 74 -15.77 62.35 -44.83
N THR A 75 -14.80 62.05 -43.97
CA THR A 75 -13.74 61.13 -44.34
C THR A 75 -14.24 59.70 -44.53
N SER A 76 -15.17 59.26 -43.68
CA SER A 76 -15.61 57.87 -43.76
C SER A 76 -16.50 57.63 -44.95
N THR A 77 -17.45 58.52 -45.21
CA THR A 77 -18.36 58.37 -46.33
C THR A 77 -17.82 58.96 -47.63
N ASP A 78 -16.63 59.55 -47.58
CA ASP A 78 -15.93 60.03 -48.78
C ASP A 78 -16.69 61.15 -49.49
N THR A 79 -17.53 61.86 -48.75
CA THR A 79 -18.36 62.92 -49.31
C THR A 79 -17.70 64.27 -49.11
N ALA A 80 -17.31 64.91 -50.21
CA ALA A 80 -16.75 66.25 -50.17
C ALA A 80 -17.69 67.22 -50.86
N TYR A 81 -18.30 68.10 -50.08
CA TYR A 81 -19.35 69.00 -50.57
C TYR A 81 -18.75 70.32 -51.01
N MET A 82 -18.98 70.67 -52.27
CA MET A 82 -18.60 71.97 -52.79
C MET A 82 -19.86 72.81 -52.96
N GLU A 83 -20.02 73.80 -52.09
CA GLU A 83 -21.18 74.69 -52.09
C GLU A 83 -20.82 76.00 -52.76
N LEU A 84 -21.41 76.26 -53.92
CA LEU A 84 -21.31 77.54 -54.58
C LEU A 84 -22.59 78.32 -54.32
N SER A 85 -22.45 79.63 -54.14
CA SER A 85 -23.55 80.46 -53.69
C SER A 85 -23.68 81.69 -54.58
N SER A 86 -24.82 82.37 -54.44
CA SER A 86 -25.08 83.66 -55.07
C SER A 86 -24.94 83.57 -56.59
N LEU A 87 -25.90 82.86 -57.19
CA LEU A 87 -25.85 82.58 -58.62
C LEU A 87 -25.72 83.86 -59.44
N ARG A 88 -24.92 83.80 -60.50
CA ARG A 88 -24.73 84.92 -61.40
C ARG A 88 -24.83 84.46 -62.86
N SER A 89 -24.66 85.39 -63.79
CA SER A 89 -24.84 85.09 -65.21
C SER A 89 -23.93 83.98 -65.71
N GLU A 90 -22.63 84.22 -65.73
CA GLU A 90 -21.67 83.33 -66.39
C GLU A 90 -21.23 82.16 -65.53
N ASP A 91 -21.80 82.01 -64.33
CA ASP A 91 -21.31 80.99 -63.41
C ASP A 91 -22.05 79.66 -63.51
N THR A 92 -22.96 79.50 -64.47
CA THR A 92 -23.48 78.18 -64.76
C THR A 92 -22.56 77.47 -65.74
N ALA A 93 -22.05 76.30 -65.35
CA ALA A 93 -21.01 75.61 -66.12
C ALA A 93 -20.70 74.28 -65.45
N VAL A 94 -19.90 73.47 -66.16
CA VAL A 94 -19.40 72.21 -65.63
C VAL A 94 -18.28 72.53 -64.65
N TYR A 95 -18.39 72.00 -63.45
CA TYR A 95 -17.34 72.15 -62.46
C TYR A 95 -16.80 70.77 -62.12
N TYR A 96 -15.56 70.49 -62.51
CA TYR A 96 -15.00 69.16 -62.42
C TYR A 96 -14.43 68.89 -61.03
N CYS A 97 -14.72 67.71 -60.51
CA CYS A 97 -14.03 67.16 -59.36
C CYS A 97 -12.68 66.61 -59.83
N ALA A 98 -11.61 67.12 -59.25
CA ALA A 98 -10.26 66.70 -59.61
C ALA A 98 -9.48 66.40 -58.34
N THR A 99 -8.39 65.64 -58.48
CA THR A 99 -7.68 65.20 -57.26
C THR A 99 -6.17 65.03 -57.49
N THR A 100 -5.35 65.95 -56.97
CA THR A 100 -3.88 65.75 -57.05
C THR A 100 -3.43 65.02 -55.77
N THR A 101 -2.12 64.94 -55.53
CA THR A 101 -1.61 64.18 -54.35
C THR A 101 -1.08 65.16 -53.29
N PRO A 102 -1.50 65.06 -52.02
CA PRO A 102 -0.99 65.92 -50.94
C PRO A 102 0.49 65.67 -50.64
N PHE A 103 0.99 64.45 -50.90
CA PHE A 103 2.38 64.08 -50.56
C PHE A 103 3.39 64.98 -51.27
N SER A 104 3.18 65.25 -52.57
CA SER A 104 4.12 66.08 -53.36
C SER A 104 3.36 67.26 -53.96
N SER A 105 4.01 68.09 -54.79
CA SER A 105 3.26 69.16 -55.47
C SER A 105 2.21 68.53 -56.39
N SER A 106 2.61 67.52 -57.18
CA SER A 106 1.63 66.75 -58.00
C SER A 106 0.64 67.68 -58.69
N TYR A 107 1.14 68.66 -59.44
CA TYR A 107 0.22 69.53 -60.22
C TYR A 107 -0.66 68.62 -61.08
N TRP A 108 -0.11 67.44 -61.45
CA TRP A 108 -0.93 66.48 -62.23
C TRP A 108 -2.13 66.05 -61.40
N PHE A 109 -3.31 66.07 -62.01
CA PHE A 109 -4.55 65.71 -61.27
C PHE A 109 -4.86 64.23 -61.46
N ASP A 110 -6.01 63.79 -60.95
CA ASP A 110 -6.49 62.40 -61.15
C ASP A 110 -6.74 62.22 -62.64
N PRO A 111 -6.82 61.00 -63.21
CA PRO A 111 -6.91 60.86 -64.67
C PRO A 111 -8.07 61.67 -65.25
N TRP A 112 -9.28 61.59 -64.67
CA TRP A 112 -10.37 62.47 -65.16
C TRP A 112 -11.56 62.55 -64.19
N GLY A 113 -12.36 63.61 -64.28
CA GLY A 113 -13.62 63.70 -63.52
C GLY A 113 -14.69 63.69 -64.59
N GLN A 114 -15.92 63.25 -64.30
CA GLN A 114 -16.84 63.17 -65.44
C GLN A 114 -17.57 64.49 -65.72
N GLY A 115 -17.60 65.42 -64.78
CA GLY A 115 -18.18 66.73 -65.02
C GLY A 115 -19.64 66.85 -64.63
N THR A 116 -20.03 68.01 -64.10
CA THR A 116 -21.42 68.33 -63.82
C THR A 116 -21.68 69.81 -64.12
N LEU A 117 -22.68 70.07 -64.96
CA LEU A 117 -23.16 71.42 -65.22
C LEU A 117 -23.97 71.90 -64.02
N VAL A 118 -24.01 73.21 -63.80
CA VAL A 118 -24.89 73.80 -62.81
C VAL A 118 -25.88 74.72 -63.52
N THR A 119 -26.69 75.42 -62.73
CA THR A 119 -27.76 76.23 -63.28
C THR A 119 -27.89 77.53 -62.49
N VAL A 120 -28.11 78.62 -63.20
CA VAL A 120 -28.24 79.92 -62.56
C VAL A 120 -29.59 80.56 -62.88
N SER B 1 -6.53 81.75 -69.75
CA SER B 1 -6.66 82.71 -68.66
C SER B 1 -5.46 83.65 -68.65
N VAL B 2 -4.47 83.31 -67.83
CA VAL B 2 -3.30 84.16 -67.67
C VAL B 2 -2.16 83.68 -68.57
N LEU B 3 -2.37 82.60 -69.31
CA LEU B 3 -1.30 81.98 -70.10
C LEU B 3 -1.57 82.20 -71.58
N THR B 4 -0.65 81.73 -72.43
CA THR B 4 -0.67 82.04 -73.85
C THR B 4 -0.69 80.77 -74.69
N GLN B 5 -1.80 80.53 -75.38
CA GLN B 5 -1.85 79.57 -76.47
C GLN B 5 -3.05 79.90 -77.36
N ALA B 6 -2.97 79.43 -78.60
CA ALA B 6 -3.91 79.87 -79.61
C ALA B 6 -5.23 79.10 -79.49
N PRO B 7 -6.32 79.60 -80.07
CA PRO B 7 -7.58 78.84 -80.03
C PRO B 7 -7.53 77.53 -80.80
N SER B 8 -6.92 77.50 -81.99
CA SER B 8 -6.99 76.30 -82.81
C SER B 8 -5.73 76.18 -83.66
N VAL B 9 -5.48 74.95 -84.12
CA VAL B 9 -4.36 74.66 -85.01
C VAL B 9 -4.75 73.44 -85.84
N SER B 10 -4.19 73.35 -87.05
CA SER B 10 -4.57 72.30 -87.98
C SER B 10 -3.34 71.72 -88.65
N ALA B 11 -3.42 70.41 -88.95
CA ALA B 11 -2.33 69.74 -89.66
C ALA B 11 -2.87 68.48 -90.31
N ALA B 12 -2.14 68.01 -91.32
CA ALA B 12 -2.49 66.80 -92.07
C ALA B 12 -2.28 65.55 -91.21
N PRO B 13 -3.01 64.48 -91.48
CA PRO B 13 -2.93 63.28 -90.64
C PRO B 13 -1.57 62.61 -90.74
N GLY B 14 -1.25 61.82 -89.72
CA GLY B 14 -0.02 61.06 -89.69
C GLY B 14 1.25 61.89 -89.67
N GLN B 15 1.14 63.21 -89.54
CA GLN B 15 2.30 64.09 -89.61
C GLN B 15 2.86 64.30 -88.21
N LYS B 16 3.84 65.18 -88.08
CA LYS B 16 4.45 65.51 -86.79
C LYS B 16 4.43 67.02 -86.60
N VAL B 17 3.62 67.48 -85.65
CA VAL B 17 3.58 68.89 -85.28
C VAL B 17 3.15 68.98 -83.82
N THR B 18 3.71 69.94 -83.10
CA THR B 18 3.51 70.05 -81.67
C THR B 18 2.71 71.31 -81.34
N ILE B 19 2.50 71.54 -80.05
CA ILE B 19 1.80 72.72 -79.55
C ILE B 19 2.56 73.22 -78.34
N SER B 20 2.72 74.53 -78.24
CA SER B 20 3.49 75.17 -77.18
C SER B 20 2.60 76.13 -76.38
N CYS B 21 3.05 76.42 -75.16
CA CYS B 21 2.33 77.30 -74.25
C CYS B 21 3.35 78.22 -73.58
N SER B 22 3.12 79.53 -73.67
CA SER B 22 4.09 80.53 -73.20
C SER B 22 3.64 81.07 -71.86
N GLY B 23 4.41 80.78 -70.80
CA GLY B 23 4.16 81.28 -69.48
C GLY B 23 5.16 82.33 -69.05
N SER B 24 5.33 82.44 -67.74
CA SER B 24 6.32 83.35 -67.18
C SER B 24 7.19 82.64 -66.16
N SER B 25 8.18 83.33 -65.61
CA SER B 25 8.97 82.76 -64.53
C SER B 25 8.14 82.60 -63.27
N SER B 26 7.12 83.45 -63.11
CA SER B 26 6.22 83.38 -61.97
C SER B 26 5.30 82.17 -62.00
N ASN B 27 5.20 81.49 -63.15
CA ASN B 27 4.31 80.34 -63.28
C ASN B 27 5.05 79.12 -63.83
N ILE B 28 5.50 79.16 -65.08
CA ILE B 28 6.16 78.00 -65.66
C ILE B 28 7.61 77.91 -65.18
N GLY B 29 8.24 79.04 -64.91
CA GLY B 29 9.65 79.08 -64.60
C GLY B 29 10.10 78.14 -63.50
N ASN B 30 9.49 78.23 -62.32
CA ASN B 30 9.86 77.39 -61.19
C ASN B 30 8.94 76.19 -60.99
N ASN B 31 7.93 76.00 -61.85
CA ASN B 31 6.90 75.02 -61.58
C ASN B 31 6.83 74.00 -62.72
N TYR B 32 6.28 72.83 -62.39
CA TYR B 32 6.09 71.77 -63.36
C TYR B 32 4.81 71.97 -64.15
N VAL B 33 4.81 71.49 -65.39
CA VAL B 33 3.74 71.74 -66.34
C VAL B 33 2.98 70.45 -66.60
N SER B 34 1.66 70.58 -66.80
CA SER B 34 0.80 69.47 -67.16
C SER B 34 0.05 69.81 -68.44
N TRP B 35 -0.53 68.78 -69.05
CA TRP B 35 -1.28 68.93 -70.28
C TRP B 35 -2.48 68.01 -70.28
N TYR B 36 -3.58 68.49 -70.85
CA TYR B 36 -4.86 67.81 -70.73
C TYR B 36 -5.56 67.74 -72.08
N GLN B 37 -6.37 66.71 -72.28
CA GLN B 37 -7.14 66.51 -73.50
C GLN B 37 -8.59 66.27 -73.15
N GLN B 38 -9.50 66.87 -73.93
CA GLN B 38 -10.92 66.64 -73.81
C GLN B 38 -11.54 66.54 -75.19
N LEU B 39 -12.37 65.57 -75.39
CA LEU B 39 -13.25 65.47 -76.54
C LEU B 39 -14.54 66.25 -76.28
N PRO B 40 -15.30 66.57 -77.32
CA PRO B 40 -16.52 67.37 -77.11
C PRO B 40 -17.44 66.74 -76.08
N GLY B 41 -17.84 67.55 -75.09
CA GLY B 41 -18.67 67.10 -74.00
C GLY B 41 -18.16 65.88 -73.26
N THR B 42 -16.86 65.78 -73.00
CA THR B 42 -16.28 64.60 -72.37
C THR B 42 -15.40 65.03 -71.21
N ALA B 43 -14.70 64.05 -70.67
CA ALA B 43 -13.85 64.14 -69.49
C ALA B 43 -12.42 64.51 -69.86
N PRO B 44 -11.96 65.70 -69.46
CA PRO B 44 -10.61 66.14 -69.84
C PRO B 44 -9.55 65.23 -69.25
N LYS B 45 -8.71 64.70 -70.14
CA LYS B 45 -7.79 63.63 -69.81
C LYS B 45 -6.39 64.18 -69.64
N LEU B 46 -5.73 63.82 -68.54
CA LEU B 46 -4.34 64.17 -68.36
C LEU B 46 -3.49 63.59 -69.48
N LEU B 47 -2.71 64.45 -70.14
CA LEU B 47 -1.86 64.04 -71.24
C LEU B 47 -0.45 63.72 -70.78
N ILE B 48 0.29 64.73 -70.30
CA ILE B 48 1.67 64.58 -69.83
C ILE B 48 1.81 65.40 -68.57
N TYR B 49 2.50 64.85 -67.56
CA TYR B 49 2.77 65.62 -66.32
C TYR B 49 4.27 65.82 -66.14
N ASP B 50 4.71 67.06 -65.88
CA ASP B 50 6.15 67.41 -65.69
C ASP B 50 6.82 67.55 -67.06
N ASN B 51 6.09 67.28 -68.15
CA ASN B 51 6.60 67.42 -69.54
C ASN B 51 7.52 66.24 -69.89
N ASN B 52 7.77 65.33 -68.95
CA ASN B 52 8.60 64.14 -69.24
C ASN B 52 7.90 62.86 -68.76
N LYS B 53 6.73 62.97 -68.13
CA LYS B 53 6.10 61.76 -67.54
C LYS B 53 4.75 61.45 -68.18
N ARG B 54 4.62 60.27 -68.80
CA ARG B 54 3.37 59.82 -69.39
C ARG B 54 2.53 59.12 -68.34
N PRO B 55 1.27 59.50 -68.21
CA PRO B 55 0.32 58.72 -67.40
C PRO B 55 0.09 57.34 -68.02
N SER B 56 -0.47 56.46 -67.20
CA SER B 56 -0.76 55.11 -67.66
C SER B 56 -1.81 55.14 -68.77
N GLY B 57 -1.45 54.53 -69.91
CA GLY B 57 -2.34 54.46 -71.05
C GLY B 57 -2.09 55.50 -72.12
N ILE B 58 -1.02 56.28 -72.01
CA ILE B 58 -0.71 57.33 -72.97
C ILE B 58 0.22 56.77 -74.02
N PRO B 59 -0.05 56.99 -75.32
CA PRO B 59 0.92 56.59 -76.34
C PRO B 59 2.27 57.26 -76.10
N ASP B 60 3.33 56.47 -76.27
CA ASP B 60 4.68 56.99 -76.05
C ASP B 60 5.02 58.08 -77.06
N ARG B 61 4.23 58.19 -78.13
CA ARG B 61 4.52 59.15 -79.20
C ARG B 61 4.44 60.59 -78.74
N PHE B 62 4.00 60.84 -77.50
CA PHE B 62 3.94 62.20 -76.99
C PHE B 62 5.17 62.49 -76.14
N SER B 63 5.71 63.70 -76.27
CA SER B 63 6.84 64.15 -75.49
C SER B 63 6.56 65.56 -75.00
N GLY B 64 7.56 66.17 -74.37
CA GLY B 64 7.41 67.53 -73.89
C GLY B 64 8.75 68.16 -73.60
N SER B 65 8.73 69.48 -73.46
CA SER B 65 9.93 70.24 -73.15
C SER B 65 9.55 71.52 -72.44
N LYS B 66 10.48 72.02 -71.63
CA LYS B 66 10.35 73.35 -71.01
C LYS B 66 11.62 74.13 -71.30
N SER B 67 11.50 75.18 -72.11
CA SER B 67 12.59 76.10 -72.38
C SER B 67 12.25 77.44 -71.78
N GLY B 68 12.92 77.80 -70.69
CA GLY B 68 12.63 79.03 -69.99
C GLY B 68 11.17 79.07 -69.58
N THR B 69 10.48 80.13 -69.98
CA THR B 69 9.07 80.31 -69.71
C THR B 69 8.18 79.64 -70.75
N SER B 70 8.77 78.95 -71.73
CA SER B 70 8.04 78.33 -72.82
C SER B 70 8.03 76.82 -72.62
N ALA B 71 6.86 76.21 -72.76
CA ALA B 71 6.68 74.77 -72.61
C ALA B 71 5.92 74.22 -73.79
N THR B 72 6.57 73.33 -74.54
CA THR B 72 6.01 72.71 -75.72
C THR B 72 5.51 71.31 -75.37
N LEU B 73 4.35 70.96 -75.90
CA LEU B 73 3.79 69.63 -75.75
C LEU B 73 4.07 68.86 -77.03
N GLY B 74 4.95 67.87 -76.95
CA GLY B 74 5.30 67.06 -78.11
C GLY B 74 4.10 66.24 -78.58
N ILE B 75 3.76 66.43 -79.86
CA ILE B 75 2.62 65.76 -80.48
C ILE B 75 3.12 65.15 -81.78
N THR B 76 3.10 63.82 -81.85
CA THR B 76 3.63 63.11 -83.01
C THR B 76 2.66 62.00 -83.41
N GLY B 77 2.82 61.52 -84.64
CA GLY B 77 2.00 60.44 -85.14
C GLY B 77 0.53 60.78 -85.14
N LEU B 78 0.17 61.86 -85.82
CA LEU B 78 -1.21 62.35 -85.79
C LEU B 78 -2.18 61.26 -86.23
N GLN B 79 -3.31 61.18 -85.53
CA GLN B 79 -4.37 60.23 -85.81
C GLN B 79 -5.65 60.96 -86.16
N THR B 80 -6.55 60.24 -86.82
CA THR B 80 -7.85 60.79 -87.13
C THR B 80 -8.65 61.06 -85.86
N GLY B 81 -8.35 60.33 -84.79
CA GLY B 81 -9.02 60.54 -83.52
C GLY B 81 -8.28 61.47 -82.59
N ASP B 82 -7.28 62.20 -83.08
CA ASP B 82 -6.50 63.07 -82.22
C ASP B 82 -7.03 64.49 -82.21
N GLU B 83 -8.13 64.78 -82.89
CA GLU B 83 -8.65 66.14 -82.94
C GLU B 83 -9.40 66.45 -81.64
N ALA B 84 -8.92 67.44 -80.92
CA ALA B 84 -9.44 67.83 -79.61
C ALA B 84 -8.61 69.02 -79.13
N ASP B 85 -9.01 69.58 -77.99
CA ASP B 85 -8.32 70.71 -77.41
C ASP B 85 -7.33 70.22 -76.35
N TYR B 86 -6.14 70.80 -76.36
CA TYR B 86 -5.11 70.50 -75.38
C TYR B 86 -4.86 71.72 -74.51
N TYR B 87 -4.77 71.51 -73.20
CA TYR B 87 -4.67 72.59 -72.23
C TYR B 87 -3.35 72.50 -71.48
N CYS B 88 -2.64 73.62 -71.42
CA CYS B 88 -1.45 73.74 -70.59
C CYS B 88 -1.82 74.21 -69.21
N GLY B 89 -1.09 73.74 -68.21
CA GLY B 89 -1.21 74.25 -66.86
C GLY B 89 0.07 74.04 -66.10
N THR B 90 0.27 74.89 -65.09
CA THR B 90 1.39 74.75 -64.16
C THR B 90 1.01 75.47 -62.88
N TRP B 91 1.71 75.15 -61.80
CA TRP B 91 1.40 75.75 -60.51
C TRP B 91 1.74 77.23 -60.53
N ASP B 92 0.89 78.03 -59.88
CA ASP B 92 1.09 79.46 -59.78
C ASP B 92 1.31 79.84 -58.32
N SER B 93 2.40 80.55 -58.05
CA SER B 93 2.58 81.13 -56.73
C SER B 93 2.11 82.58 -56.69
N SER B 94 1.87 83.19 -57.85
CA SER B 94 1.43 84.58 -57.90
C SER B 94 0.14 84.76 -57.12
N LEU B 95 -0.96 84.21 -57.63
CA LEU B 95 -2.18 84.13 -56.86
C LEU B 95 -2.20 82.92 -55.96
N SER B 96 -1.10 82.16 -55.95
CA SER B 96 -0.97 80.92 -55.16
C SER B 96 -2.11 79.97 -55.46
N ALA B 97 -2.17 79.52 -56.70
CA ALA B 97 -3.31 78.74 -57.17
C ALA B 97 -2.90 77.92 -58.40
N VAL B 98 -3.91 77.37 -59.04
CA VAL B 98 -3.74 76.59 -60.26
C VAL B 98 -4.25 77.41 -61.44
N VAL B 99 -3.45 77.48 -62.50
CA VAL B 99 -3.77 78.30 -63.67
C VAL B 99 -3.76 77.43 -64.92
N PHE B 100 -4.44 77.93 -65.96
CA PHE B 100 -4.49 77.26 -67.25
C PHE B 100 -4.51 78.30 -68.37
N GLY B 101 -4.22 77.82 -69.57
CA GLY B 101 -4.43 78.65 -70.74
C GLY B 101 -5.81 78.46 -71.33
N GLY B 102 -6.13 79.29 -72.33
CA GLY B 102 -7.43 79.22 -72.96
C GLY B 102 -7.73 77.92 -73.67
N GLY B 103 -6.71 77.17 -74.05
CA GLY B 103 -6.92 75.93 -74.77
C GLY B 103 -6.75 76.09 -76.26
N THR B 104 -6.26 75.02 -76.88
CA THR B 104 -5.97 75.01 -78.32
C THR B 104 -6.62 73.79 -78.93
N LYS B 105 -7.58 74.01 -79.82
CA LYS B 105 -8.33 72.91 -80.41
C LYS B 105 -7.61 72.48 -81.67
N LEU B 106 -7.01 71.30 -81.62
CA LEU B 106 -6.28 70.74 -82.74
C LEU B 106 -7.28 70.34 -83.80
N THR B 107 -6.83 70.28 -85.05
CA THR B 107 -7.61 69.74 -86.15
C THR B 107 -6.70 68.89 -87.02
N VAL B 108 -7.07 67.63 -87.22
CA VAL B 108 -6.30 66.74 -88.08
C VAL B 108 -6.89 66.81 -89.48
N LEU B 109 -6.12 67.34 -90.43
CA LEU B 109 -6.61 67.64 -91.76
C LEU B 109 -6.75 66.38 -92.61
N ILE C 1 -28.27 -20.55 -57.88
CA ILE C 1 -29.48 -19.78 -57.62
C ILE C 1 -29.31 -18.35 -58.09
N VAL C 2 -28.68 -18.17 -59.25
CA VAL C 2 -28.50 -16.85 -59.86
C VAL C 2 -29.13 -16.89 -61.25
N LEU C 3 -29.72 -15.77 -61.66
CA LEU C 3 -30.52 -15.72 -62.89
C LEU C 3 -29.86 -14.86 -63.96
N THR C 4 -30.14 -15.19 -65.22
CA THR C 4 -29.46 -14.63 -66.39
C THR C 4 -30.45 -13.93 -67.31
N GLN C 5 -30.08 -12.72 -67.74
CA GLN C 5 -30.85 -11.96 -68.72
C GLN C 5 -29.97 -11.62 -69.92
N SER C 6 -30.62 -11.35 -71.04
CA SER C 6 -29.91 -10.81 -72.19
C SER C 6 -29.69 -9.31 -71.99
N PRO C 7 -28.46 -8.82 -72.15
CA PRO C 7 -28.19 -7.42 -71.78
C PRO C 7 -28.99 -6.41 -72.58
N PHE C 8 -29.38 -6.75 -73.80
CA PHE C 8 -29.99 -5.77 -74.69
C PHE C 8 -30.94 -6.48 -75.66
N GLN C 9 -32.00 -5.78 -76.03
CA GLN C 9 -32.87 -6.18 -77.13
C GLN C 9 -33.31 -4.93 -77.89
N SER C 10 -33.18 -4.97 -79.21
CA SER C 10 -33.62 -3.88 -80.06
C SER C 10 -34.74 -4.38 -80.96
N VAL C 11 -35.87 -3.68 -80.92
CA VAL C 11 -37.05 -4.10 -81.69
C VAL C 11 -37.64 -2.84 -82.33
N SER C 12 -38.68 -3.00 -83.13
CA SER C 12 -39.40 -1.97 -83.83
C SER C 12 -40.82 -1.90 -83.31
N PRO C 13 -41.48 -0.74 -83.43
CA PRO C 13 -42.86 -0.63 -82.96
C PRO C 13 -43.77 -1.65 -83.62
N LYS C 14 -44.71 -2.17 -82.84
CA LYS C 14 -45.70 -3.21 -83.16
C LYS C 14 -45.09 -4.61 -83.15
N GLU C 15 -43.77 -4.73 -83.21
CA GLU C 15 -43.13 -6.04 -83.23
C GLU C 15 -43.02 -6.59 -81.81
N LYS C 16 -43.01 -7.91 -81.71
CA LYS C 16 -43.02 -8.59 -80.43
C LYS C 16 -41.59 -8.91 -80.00
N VAL C 17 -41.30 -8.60 -78.73
CA VAL C 17 -39.99 -8.84 -78.14
C VAL C 17 -40.20 -9.74 -76.92
N THR C 18 -39.22 -10.60 -76.64
CA THR C 18 -39.23 -11.43 -75.46
C THR C 18 -37.86 -11.38 -74.81
N ILE C 19 -37.82 -10.95 -73.55
CA ILE C 19 -36.57 -10.86 -72.80
C ILE C 19 -36.61 -11.95 -71.73
N THR C 20 -35.54 -12.74 -71.68
CA THR C 20 -35.48 -13.95 -70.89
C THR C 20 -34.84 -13.69 -69.54
N CYS C 21 -35.34 -14.39 -68.52
CA CYS C 21 -34.70 -14.40 -67.21
C CYS C 21 -34.32 -15.84 -66.94
N ARG C 22 -33.02 -16.14 -66.95
CA ARG C 22 -32.53 -17.51 -66.92
C ARG C 22 -31.82 -17.79 -65.62
N ALA C 23 -32.45 -18.56 -64.74
CA ALA C 23 -31.93 -18.80 -63.41
C ALA C 23 -31.16 -20.12 -63.39
N SER C 24 -30.08 -20.15 -62.63
CA SER C 24 -29.24 -21.33 -62.55
C SER C 24 -29.88 -22.39 -61.67
N GLN C 25 -29.82 -23.64 -62.13
CA GLN C 25 -30.32 -24.82 -61.40
C GLN C 25 -31.82 -24.62 -61.18
N SER C 26 -32.32 -24.65 -59.95
CA SER C 26 -33.75 -24.59 -59.71
C SER C 26 -34.27 -23.17 -59.87
N ILE C 27 -35.55 -23.06 -60.20
CA ILE C 27 -36.23 -21.79 -60.39
C ILE C 27 -37.49 -21.78 -59.54
N SER C 28 -38.01 -20.60 -59.27
CA SER C 28 -39.24 -20.48 -58.50
C SER C 28 -40.33 -19.86 -59.38
N SER C 29 -41.52 -20.48 -59.34
CA SER C 29 -42.57 -20.12 -60.29
C SER C 29 -43.04 -18.68 -60.10
N ASN C 30 -42.64 -18.03 -59.01
CA ASN C 30 -42.84 -16.59 -58.91
C ASN C 30 -41.64 -15.86 -59.49
N LEU C 31 -41.92 -14.77 -60.20
CA LEU C 31 -40.89 -13.85 -60.65
C LEU C 31 -41.49 -12.46 -60.84
N HIS C 32 -40.63 -11.45 -60.84
CA HIS C 32 -41.08 -10.07 -60.83
C HIS C 32 -40.31 -9.24 -61.86
N TRP C 33 -41.05 -8.66 -62.80
CA TRP C 33 -40.45 -7.89 -63.89
C TRP C 33 -40.53 -6.40 -63.60
N TYR C 34 -39.45 -5.69 -63.92
CA TYR C 34 -39.29 -4.29 -63.60
C TYR C 34 -38.84 -3.52 -64.81
N GLN C 35 -39.51 -2.41 -65.09
CA GLN C 35 -39.10 -1.46 -66.11
C GLN C 35 -38.45 -0.27 -65.42
N GLN C 36 -37.13 -0.15 -65.57
CA GLN C 36 -36.42 1.01 -65.02
C GLN C 36 -36.24 2.02 -66.14
N LYS C 37 -36.91 3.15 -66.00
CA LYS C 37 -36.60 4.30 -66.83
C LYS C 37 -35.27 4.88 -66.38
N PRO C 38 -34.54 5.53 -67.28
CA PRO C 38 -33.24 6.10 -66.91
C PRO C 38 -33.34 7.01 -65.70
N ASP C 39 -32.48 6.76 -64.72
CA ASP C 39 -32.37 7.55 -63.50
C ASP C 39 -33.66 7.54 -62.67
N GLN C 40 -34.46 6.50 -62.82
CA GLN C 40 -35.77 6.43 -62.17
C GLN C 40 -35.99 5.04 -61.57
N SER C 41 -36.73 5.01 -60.46
CA SER C 41 -36.97 3.78 -59.73
C SER C 41 -37.67 2.75 -60.62
N PRO C 42 -37.07 1.57 -60.78
CA PRO C 42 -37.77 0.50 -61.51
C PRO C 42 -39.14 0.23 -60.93
N LYS C 43 -40.05 -0.15 -61.81
CA LYS C 43 -41.46 -0.30 -61.48
C LYS C 43 -41.88 -1.71 -61.85
N LEU C 44 -42.66 -2.34 -60.97
CA LEU C 44 -42.92 -3.76 -61.16
C LEU C 44 -43.95 -3.96 -62.25
N LEU C 45 -43.53 -4.60 -63.35
CA LEU C 45 -44.43 -4.94 -64.43
C LEU C 45 -45.21 -6.23 -64.21
N ILE C 46 -44.57 -7.29 -63.75
CA ILE C 46 -45.13 -8.63 -63.78
C ILE C 46 -44.91 -9.31 -62.43
N LYS C 47 -45.99 -9.78 -61.80
CA LYS C 47 -45.91 -10.37 -60.44
C LYS C 47 -46.32 -11.86 -60.53
N TYR C 48 -45.54 -12.74 -59.88
CA TYR C 48 -45.80 -14.21 -59.92
C TYR C 48 -45.36 -14.76 -61.27
N ALA C 49 -44.77 -13.90 -62.11
CA ALA C 49 -44.28 -14.28 -63.46
C ALA C 49 -45.46 -14.49 -64.40
N SER C 50 -46.68 -14.23 -63.93
CA SER C 50 -47.89 -14.47 -64.77
C SER C 50 -48.86 -13.29 -64.70
N GLN C 51 -48.63 -12.31 -63.84
CA GLN C 51 -49.65 -11.24 -63.66
C GLN C 51 -49.06 -9.83 -63.69
N SER C 52 -49.85 -8.81 -64.02
CA SER C 52 -49.48 -7.42 -64.01
C SER C 52 -50.10 -6.77 -62.78
N ILE C 53 -49.33 -5.93 -62.09
CA ILE C 53 -49.96 -5.04 -61.13
C ILE C 53 -50.84 -4.08 -61.92
N SER C 54 -51.88 -3.55 -61.27
CA SER C 54 -52.92 -2.84 -61.98
C SER C 54 -52.37 -1.60 -62.69
N GLY C 55 -52.90 -1.32 -63.88
CA GLY C 55 -52.53 -0.15 -64.65
C GLY C 55 -51.40 -0.38 -65.63
N ILE C 56 -50.78 -1.56 -65.59
CA ILE C 56 -49.62 -1.86 -66.43
C ILE C 56 -50.10 -2.36 -67.79
N PRO C 57 -49.48 -1.91 -68.90
CA PRO C 57 -50.02 -2.21 -70.22
C PRO C 57 -50.28 -3.69 -70.44
N SER C 58 -51.37 -3.98 -71.17
CA SER C 58 -51.69 -5.34 -71.55
C SER C 58 -50.64 -5.94 -72.45
N ARG C 59 -49.83 -5.12 -73.12
CA ARG C 59 -48.69 -5.62 -73.88
C ARG C 59 -47.59 -6.15 -72.98
N PHE C 60 -47.66 -5.90 -71.68
CA PHE C 60 -46.66 -6.42 -70.76
C PHE C 60 -47.12 -7.75 -70.20
N SER C 61 -46.43 -8.80 -70.61
CA SER C 61 -46.74 -10.15 -70.15
C SER C 61 -45.45 -10.78 -69.66
N GLY C 62 -45.62 -11.87 -68.93
CA GLY C 62 -44.50 -12.61 -68.41
C GLY C 62 -44.86 -14.06 -68.36
N SER C 63 -43.85 -14.90 -68.14
CA SER C 63 -44.04 -16.33 -68.09
C SER C 63 -42.79 -16.97 -67.52
N GLY C 64 -42.80 -18.30 -67.51
CA GLY C 64 -41.58 -19.04 -67.40
C GLY C 64 -41.72 -20.45 -67.93
N SER C 65 -40.62 -21.03 -68.39
CA SER C 65 -40.58 -22.43 -68.79
C SER C 65 -39.19 -22.96 -68.48
N GLY C 66 -39.13 -24.18 -67.98
CA GLY C 66 -37.86 -24.69 -67.51
C GLY C 66 -37.27 -23.72 -66.51
N THR C 67 -36.02 -23.31 -66.76
CA THR C 67 -35.32 -22.37 -65.90
C THR C 67 -35.43 -20.93 -66.38
N ASP C 68 -36.15 -20.69 -67.47
CA ASP C 68 -36.23 -19.36 -68.07
C ASP C 68 -37.54 -18.70 -67.69
N PHE C 69 -37.48 -17.39 -67.48
CA PHE C 69 -38.66 -16.56 -67.30
C PHE C 69 -38.62 -15.42 -68.30
N THR C 70 -39.68 -15.28 -69.08
CA THR C 70 -39.71 -14.35 -70.19
C THR C 70 -40.34 -13.05 -69.76
N LEU C 71 -39.77 -11.95 -70.23
CA LEU C 71 -40.48 -10.68 -70.27
C LEU C 71 -40.91 -10.47 -71.71
N THR C 72 -42.21 -10.61 -71.96
CA THR C 72 -42.72 -10.61 -73.31
C THR C 72 -43.58 -9.37 -73.54
N ILE C 73 -43.17 -8.57 -74.51
CA ILE C 73 -43.94 -7.38 -74.89
C ILE C 73 -44.44 -7.59 -76.31
N ASN C 74 -45.72 -7.34 -76.52
CA ASN C 74 -46.34 -7.42 -77.83
C ASN C 74 -46.68 -6.00 -78.28
N SER C 75 -46.44 -5.70 -79.55
CA SER C 75 -46.85 -4.41 -80.11
C SER C 75 -46.28 -3.24 -79.34
N LEU C 76 -44.96 -3.06 -79.44
CA LEU C 76 -44.27 -2.00 -78.71
C LEU C 76 -44.71 -0.61 -79.16
N GLU C 77 -44.55 0.36 -78.27
CA GLU C 77 -44.62 1.78 -78.60
C GLU C 77 -43.27 2.42 -78.26
N ALA C 78 -42.88 3.43 -79.04
CA ALA C 78 -41.60 4.10 -78.83
C ALA C 78 -41.55 4.81 -77.48
N GLU C 79 -42.69 4.92 -76.80
CA GLU C 79 -42.71 5.39 -75.42
C GLU C 79 -42.33 4.26 -74.47
N ASP C 80 -42.50 3.01 -74.90
CA ASP C 80 -42.53 1.89 -73.98
C ASP C 80 -41.14 1.51 -73.49
N PHE C 81 -40.17 1.40 -74.41
CA PHE C 81 -38.94 0.69 -74.12
C PHE C 81 -38.22 1.30 -72.91
N GLY C 82 -37.54 0.44 -72.16
CA GLY C 82 -36.75 0.89 -71.03
C GLY C 82 -35.87 -0.23 -70.54
N ILE C 83 -35.16 0.05 -69.44
CA ILE C 83 -34.34 -0.99 -68.83
C ILE C 83 -35.25 -1.96 -68.08
N TYR C 84 -35.03 -3.25 -68.29
CA TYR C 84 -35.91 -4.28 -67.77
C TYR C 84 -35.18 -5.19 -66.80
N PHE C 85 -35.87 -5.57 -65.74
CA PHE C 85 -35.31 -6.42 -64.70
C PHE C 85 -36.28 -7.53 -64.38
N CYS C 86 -35.73 -8.68 -64.00
CA CYS C 86 -36.47 -9.76 -63.40
C CYS C 86 -35.89 -10.02 -62.03
N GLN C 87 -36.77 -10.34 -61.09
CA GLN C 87 -36.35 -10.63 -59.72
C GLN C 87 -36.59 -12.09 -59.41
N GLN C 88 -35.53 -12.79 -59.04
CA GLN C 88 -35.65 -14.12 -58.48
C GLN C 88 -36.59 -14.07 -57.28
N THR C 89 -37.34 -15.14 -57.11
CA THR C 89 -38.12 -15.33 -55.90
C THR C 89 -37.53 -16.50 -55.12
N ASN C 90 -37.68 -16.40 -53.80
CA ASN C 90 -37.26 -17.27 -52.69
C ASN C 90 -35.75 -17.55 -52.82
N PHE C 91 -35.26 -18.75 -52.52
CA PHE C 91 -33.82 -19.11 -52.63
C PHE C 91 -32.89 -18.03 -52.05
N TRP C 92 -33.27 -17.40 -50.94
CA TRP C 92 -32.43 -16.40 -50.20
C TRP C 92 -32.29 -15.03 -50.88
N PRO C 93 -31.20 -14.64 -51.57
CA PRO C 93 -31.08 -13.28 -52.09
C PRO C 93 -32.01 -13.14 -53.29
N TYR C 94 -32.90 -12.15 -53.26
CA TYR C 94 -33.72 -11.93 -54.48
C TYR C 94 -32.69 -11.44 -55.49
N ILE C 95 -32.33 -12.26 -56.47
CA ILE C 95 -31.22 -11.89 -57.34
C ILE C 95 -31.80 -11.30 -58.61
N PHE C 96 -31.62 -10.00 -58.76
CA PHE C 96 -32.32 -9.24 -59.77
C PHE C 96 -31.58 -9.41 -61.08
N GLY C 97 -32.31 -9.39 -62.17
CA GLY C 97 -31.68 -9.51 -63.48
C GLY C 97 -30.57 -8.50 -63.65
N GLN C 98 -29.55 -8.87 -64.42
CA GLN C 98 -28.50 -7.93 -64.75
C GLN C 98 -29.06 -6.66 -65.39
N GLY C 99 -30.27 -6.74 -65.90
CA GLY C 99 -30.95 -5.65 -66.55
C GLY C 99 -30.86 -5.77 -68.06
N THR C 100 -31.92 -5.32 -68.74
CA THR C 100 -31.95 -5.29 -70.18
C THR C 100 -32.48 -3.94 -70.61
N LYS C 101 -31.67 -3.18 -71.33
CA LYS C 101 -32.11 -1.94 -71.93
C LYS C 101 -32.77 -2.27 -73.26
N LEU C 102 -34.07 -1.98 -73.37
CA LEU C 102 -34.81 -2.21 -74.60
C LEU C 102 -34.71 -0.97 -75.47
N GLU C 103 -34.38 -1.16 -76.74
CA GLU C 103 -34.39 -0.09 -77.71
C GLU C 103 -35.53 -0.36 -78.69
N ILE C 104 -36.18 0.71 -79.13
CA ILE C 104 -37.18 0.63 -80.17
C ILE C 104 -36.75 1.54 -81.32
N LEU C 105 -36.57 0.95 -82.48
CA LEU C 105 -36.12 1.64 -83.67
C LEU C 105 -37.30 2.35 -84.32
N LYS C 106 -37.09 2.82 -85.56
CA LYS C 106 -38.11 3.35 -86.45
C LYS C 106 -38.37 4.83 -86.19
N ARG C 107 -37.76 5.39 -85.15
CA ARG C 107 -37.73 6.84 -85.06
C ARG C 107 -36.87 7.41 -86.18
N VAL D 1 -47.72 3.37 -50.79
CA VAL D 1 -47.94 4.35 -51.83
C VAL D 1 -46.83 5.40 -51.77
N GLN D 2 -46.28 5.63 -50.57
CA GLN D 2 -45.26 6.64 -50.44
C GLN D 2 -44.11 6.15 -49.58
N LEU D 3 -42.92 6.18 -50.17
CA LEU D 3 -41.67 5.82 -49.51
C LEU D 3 -40.70 6.93 -49.85
N VAL D 4 -40.23 7.63 -48.82
CA VAL D 4 -39.39 8.82 -48.98
C VAL D 4 -38.09 8.55 -48.27
N GLN D 5 -36.97 8.71 -48.98
CA GLN D 5 -35.67 8.43 -48.41
C GLN D 5 -34.90 9.70 -48.06
N SER D 6 -34.08 9.56 -47.01
CA SER D 6 -33.05 10.54 -46.69
C SER D 6 -32.15 10.75 -47.90
N GLY D 7 -31.68 11.99 -48.04
CA GLY D 7 -30.98 12.37 -49.25
C GLY D 7 -29.65 11.68 -49.40
N ALA D 8 -28.94 12.07 -50.46
CA ALA D 8 -27.64 11.50 -50.77
C ALA D 8 -26.67 11.66 -49.60
N GLU D 9 -25.88 10.62 -49.35
CA GLU D 9 -24.90 10.62 -48.28
C GLU D 9 -23.51 10.41 -48.88
N VAL D 10 -22.63 11.39 -48.67
CA VAL D 10 -21.26 11.32 -49.16
C VAL D 10 -20.34 11.13 -47.96
N LYS D 11 -19.61 10.02 -47.98
CA LYS D 11 -18.77 9.62 -46.86
C LYS D 11 -17.35 9.33 -47.34
N LYS D 12 -16.44 9.24 -46.40
CA LYS D 12 -15.20 8.60 -46.78
C LYS D 12 -15.36 7.08 -46.69
N PRO D 13 -14.61 6.31 -47.47
CA PRO D 13 -14.67 4.86 -47.33
C PRO D 13 -14.31 4.45 -45.91
N GLY D 14 -14.97 3.39 -45.45
CA GLY D 14 -14.84 2.93 -44.08
C GLY D 14 -15.77 3.59 -43.10
N ALA D 15 -16.34 4.74 -43.45
CA ALA D 15 -17.28 5.44 -42.59
C ALA D 15 -18.64 4.75 -42.67
N THR D 16 -19.65 5.38 -42.08
CA THR D 16 -20.99 4.79 -42.01
C THR D 16 -22.00 5.70 -42.66
N VAL D 17 -22.91 5.09 -43.41
CA VAL D 17 -24.12 5.76 -43.89
C VAL D 17 -25.33 4.98 -43.38
N LYS D 18 -26.29 5.71 -42.82
CA LYS D 18 -27.59 5.15 -42.47
C LYS D 18 -28.63 5.92 -43.27
N ILE D 19 -29.57 5.20 -43.88
CA ILE D 19 -30.51 5.83 -44.79
C ILE D 19 -31.94 5.48 -44.39
N SER D 20 -32.77 6.52 -44.34
CA SER D 20 -34.14 6.44 -43.85
C SER D 20 -35.09 6.17 -45.01
N CYS D 21 -35.92 5.15 -44.84
CA CYS D 21 -37.02 4.91 -45.77
C CYS D 21 -38.31 5.22 -45.04
N LYS D 22 -38.94 6.34 -45.36
CA LYS D 22 -40.11 6.82 -44.63
C LYS D 22 -41.37 6.35 -45.33
N VAL D 23 -42.14 5.54 -44.65
CA VAL D 23 -43.40 5.03 -45.17
C VAL D 23 -44.48 6.07 -44.99
N SER D 24 -45.34 6.19 -46.00
CA SER D 24 -46.66 6.78 -45.85
C SER D 24 -47.53 6.24 -46.97
N GLY D 25 -48.84 6.43 -46.82
CA GLY D 25 -49.76 5.95 -47.82
C GLY D 25 -50.18 4.50 -47.67
N TYR D 26 -49.65 3.79 -46.67
CA TYR D 26 -50.08 2.42 -46.42
C TYR D 26 -49.77 2.05 -44.98
N SER D 27 -50.02 0.79 -44.65
CA SER D 27 -49.75 0.25 -43.32
C SER D 27 -48.33 -0.29 -43.28
N PHE D 28 -47.52 0.25 -42.37
CA PHE D 28 -46.13 -0.14 -42.25
C PHE D 28 -46.00 -1.54 -41.67
N SER D 29 -46.79 -1.83 -40.64
CA SER D 29 -46.72 -3.10 -39.93
C SER D 29 -47.18 -4.29 -40.75
N ASN D 30 -47.91 -4.06 -41.84
CA ASN D 30 -48.39 -5.15 -42.68
C ASN D 30 -47.48 -5.43 -43.86
N TYR D 31 -46.33 -4.76 -43.95
CA TYR D 31 -45.44 -4.90 -45.09
C TYR D 31 -44.00 -4.95 -44.63
N TYR D 32 -43.28 -5.97 -45.06
CA TYR D 32 -41.84 -5.90 -44.99
C TYR D 32 -41.34 -4.82 -45.95
N ILE D 33 -40.11 -4.39 -45.76
CA ILE D 33 -39.48 -3.46 -46.70
C ILE D 33 -38.25 -4.14 -47.28
N HIS D 34 -38.20 -4.18 -48.60
CA HIS D 34 -36.99 -4.57 -49.32
C HIS D 34 -36.07 -3.36 -49.45
N TRP D 35 -34.77 -3.63 -49.42
CA TRP D 35 -33.78 -2.59 -49.61
C TRP D 35 -32.93 -2.94 -50.83
N VAL D 36 -33.00 -2.08 -51.85
CA VAL D 36 -32.53 -2.38 -53.19
C VAL D 36 -31.44 -1.39 -53.57
N LYS D 37 -30.29 -1.91 -54.00
CA LYS D 37 -29.16 -1.11 -54.40
C LYS D 37 -28.98 -1.19 -55.91
N GLN D 38 -28.82 -0.03 -56.53
CA GLN D 38 -28.41 0.01 -57.93
C GLN D 38 -27.09 0.74 -58.02
N ALA D 39 -26.02 0.01 -58.29
CA ALA D 39 -24.75 0.67 -58.51
C ALA D 39 -24.84 1.47 -59.80
N PRO D 40 -24.21 2.65 -59.85
CA PRO D 40 -24.45 3.56 -60.99
C PRO D 40 -24.10 2.88 -62.31
N GLY D 41 -25.07 2.87 -63.22
CA GLY D 41 -24.96 2.10 -64.44
C GLY D 41 -24.90 0.61 -64.25
N LYS D 42 -25.25 0.10 -63.08
CA LYS D 42 -25.18 -1.34 -62.83
C LYS D 42 -26.55 -1.83 -62.37
N SER D 43 -26.65 -3.15 -62.17
CA SER D 43 -27.94 -3.79 -62.03
C SER D 43 -28.55 -3.56 -60.65
N LEU D 44 -29.78 -4.04 -60.49
CA LEU D 44 -30.47 -3.91 -59.22
C LEU D 44 -29.94 -4.94 -58.25
N GLU D 45 -29.66 -4.51 -57.02
CA GLU D 45 -28.98 -5.36 -56.04
C GLU D 45 -29.65 -5.19 -54.69
N TRP D 46 -30.08 -6.30 -54.11
CA TRP D 46 -30.98 -6.31 -52.96
C TRP D 46 -30.22 -6.64 -51.68
N ILE D 47 -30.09 -5.65 -50.80
CA ILE D 47 -29.23 -5.79 -49.62
C ILE D 47 -29.93 -6.54 -48.50
N GLY D 48 -31.24 -6.44 -48.38
CA GLY D 48 -31.92 -7.18 -47.34
C GLY D 48 -33.39 -6.82 -47.26
N TYR D 49 -34.11 -7.65 -46.51
CA TYR D 49 -35.48 -7.34 -46.14
C TYR D 49 -35.54 -7.14 -44.64
N ILE D 50 -36.53 -6.36 -44.21
CA ILE D 50 -36.71 -5.97 -42.83
C ILE D 50 -38.15 -6.31 -42.48
N ASP D 51 -38.44 -6.39 -41.19
CA ASP D 51 -39.81 -6.57 -40.75
C ASP D 51 -40.24 -5.37 -39.92
N PRO D 52 -41.47 -4.93 -40.08
CA PRO D 52 -41.96 -3.83 -39.24
C PRO D 52 -42.15 -4.25 -37.79
N PHE D 53 -42.62 -5.47 -37.55
CA PHE D 53 -42.93 -5.88 -36.18
C PHE D 53 -41.70 -6.40 -35.46
N ASN D 54 -40.62 -6.65 -36.19
CA ASN D 54 -39.50 -7.40 -35.67
C ASN D 54 -38.17 -6.96 -36.27
N GLY D 55 -37.11 -7.60 -35.83
CA GLY D 55 -35.79 -7.28 -36.40
C GLY D 55 -35.60 -8.15 -37.61
N GLY D 56 -36.58 -8.15 -38.53
CA GLY D 56 -36.54 -9.10 -39.65
C GLY D 56 -35.61 -8.69 -40.77
N THR D 57 -34.33 -8.48 -40.47
CA THR D 57 -33.33 -8.03 -41.48
C THR D 57 -32.50 -9.17 -42.08
N SER D 58 -32.93 -9.76 -43.20
CA SER D 58 -32.07 -10.71 -43.88
C SER D 58 -31.02 -9.90 -44.60
N ASP D 59 -29.86 -10.47 -44.82
CA ASP D 59 -28.80 -9.75 -45.52
C ASP D 59 -28.27 -10.63 -46.63
N ASN D 60 -28.18 -10.05 -47.82
CA ASN D 60 -27.49 -10.74 -48.96
C ASN D 60 -25.99 -10.64 -48.65
N LEU D 61 -25.18 -11.64 -49.05
CA LEU D 61 -23.74 -11.63 -48.67
C LEU D 61 -22.82 -11.18 -49.81
N LYS D 62 -23.37 -10.63 -50.91
CA LYS D 62 -22.51 -10.28 -52.07
C LYS D 62 -21.47 -9.22 -51.68
N PHE D 63 -21.87 -8.21 -50.90
CA PHE D 63 -20.93 -7.17 -50.39
C PHE D 63 -21.17 -7.08 -48.88
N LYS D 64 -20.32 -6.38 -48.12
CA LYS D 64 -20.60 -6.38 -46.70
C LYS D 64 -20.33 -5.00 -46.13
N GLY D 65 -21.39 -4.34 -45.67
CA GLY D 65 -21.29 -3.12 -44.91
C GLY D 65 -21.61 -3.23 -43.44
N ALA D 66 -21.56 -4.42 -42.85
CA ALA D 66 -22.06 -4.66 -41.49
C ALA D 66 -23.48 -4.13 -41.34
N ALA D 67 -24.27 -4.29 -42.39
CA ALA D 67 -25.55 -3.61 -42.47
C ALA D 67 -26.56 -4.22 -41.52
N THR D 68 -27.43 -3.37 -40.99
CA THR D 68 -28.58 -3.78 -40.18
C THR D 68 -29.75 -2.87 -40.56
N LEU D 69 -30.90 -3.46 -40.82
CA LEU D 69 -32.09 -2.72 -41.19
C LEU D 69 -32.94 -2.48 -39.95
N THR D 70 -33.06 -1.23 -39.55
CA THR D 70 -33.89 -0.87 -38.40
C THR D 70 -35.13 -0.14 -38.90
N ALA D 71 -36.29 -0.56 -38.39
CA ALA D 71 -37.56 0.04 -38.74
C ALA D 71 -38.11 0.78 -37.53
N ASP D 72 -38.50 2.02 -37.73
CA ASP D 72 -39.04 2.86 -36.67
C ASP D 72 -40.56 2.83 -36.83
N THR D 73 -41.22 2.10 -35.95
CA THR D 73 -42.66 1.86 -36.13
C THR D 73 -43.49 3.09 -35.81
N SER D 74 -43.04 3.94 -34.89
CA SER D 74 -43.71 5.23 -34.69
C SER D 74 -43.75 6.03 -35.99
N THR D 75 -42.60 6.21 -36.63
CA THR D 75 -42.50 6.97 -37.88
C THR D 75 -42.54 6.07 -39.12
N ASP D 76 -42.71 4.75 -38.94
CA ASP D 76 -42.89 3.84 -40.05
C ASP D 76 -41.67 3.85 -40.98
N THR D 77 -40.52 4.21 -40.43
CA THR D 77 -39.34 4.44 -41.24
C THR D 77 -38.31 3.35 -40.99
N ALA D 78 -38.07 2.53 -42.01
CA ALA D 78 -36.97 1.58 -42.01
C ALA D 78 -35.69 2.31 -42.35
N TYR D 79 -34.66 2.08 -41.55
CA TYR D 79 -33.33 2.59 -41.82
C TYR D 79 -32.48 1.48 -42.40
N MET D 80 -31.58 1.85 -43.30
CA MET D 80 -30.48 0.97 -43.68
C MET D 80 -29.19 1.66 -43.26
N GLU D 81 -28.52 1.09 -42.26
CA GLU D 81 -27.19 1.52 -41.90
C GLU D 81 -26.19 0.73 -42.72
N LEU D 82 -25.46 1.41 -43.58
CA LEU D 82 -24.43 0.78 -44.37
C LEU D 82 -23.10 1.34 -43.90
N SER D 83 -22.33 0.50 -43.22
CA SER D 83 -21.04 0.85 -42.65
C SER D 83 -19.93 0.26 -43.51
N SER D 84 -18.70 0.43 -43.02
CA SER D 84 -17.51 -0.08 -43.72
C SER D 84 -17.54 0.32 -45.18
N LEU D 85 -17.96 1.57 -45.42
CA LEU D 85 -18.27 2.00 -46.77
C LEU D 85 -17.08 1.81 -47.71
N ARG D 86 -17.38 1.45 -48.95
CA ARG D 86 -16.39 1.30 -50.00
C ARG D 86 -16.80 2.11 -51.20
N SER D 87 -15.81 2.46 -52.03
CA SER D 87 -16.10 3.30 -53.19
C SER D 87 -17.05 2.61 -54.16
N GLU D 88 -17.15 1.28 -54.09
CA GLU D 88 -18.10 0.54 -54.92
C GLU D 88 -19.51 0.55 -54.35
N ASP D 89 -19.68 0.67 -53.03
CA ASP D 89 -21.00 0.87 -52.46
C ASP D 89 -21.68 2.11 -53.03
N THR D 90 -20.92 3.01 -53.64
CA THR D 90 -21.49 4.18 -54.29
C THR D 90 -22.55 3.73 -55.28
N ALA D 91 -23.77 4.23 -55.11
CA ALA D 91 -24.94 3.64 -55.74
C ALA D 91 -26.18 4.39 -55.29
N VAL D 92 -27.30 4.04 -55.90
CA VAL D 92 -28.60 4.58 -55.53
C VAL D 92 -29.36 3.53 -54.74
N TYR D 93 -29.59 3.80 -53.46
CA TYR D 93 -30.18 2.81 -52.56
C TYR D 93 -31.68 3.00 -52.55
N TYR D 94 -32.40 2.03 -53.12
CA TYR D 94 -33.85 2.01 -53.05
C TYR D 94 -34.29 1.18 -51.85
N CYS D 95 -35.34 1.64 -51.22
CA CYS D 95 -36.10 0.80 -50.30
C CYS D 95 -37.40 0.43 -50.99
N ALA D 96 -37.82 -0.81 -50.81
CA ALA D 96 -38.93 -1.35 -51.58
C ALA D 96 -39.96 -1.96 -50.64
N ARG D 97 -41.22 -1.60 -50.84
CA ARG D 97 -42.27 -2.16 -50.01
C ARG D 97 -42.44 -3.64 -50.33
N SER D 98 -42.34 -4.47 -49.29
CA SER D 98 -42.46 -5.92 -49.43
C SER D 98 -43.72 -6.39 -48.71
N GLU D 99 -44.23 -7.53 -49.14
CA GLU D 99 -45.32 -8.15 -48.40
C GLU D 99 -44.83 -8.58 -47.03
N TYR D 100 -45.80 -8.78 -46.11
CA TYR D 100 -45.48 -9.28 -44.75
C TYR D 100 -45.58 -10.80 -44.79
N ASP D 101 -46.51 -11.35 -45.58
CA ASP D 101 -46.57 -12.83 -45.75
C ASP D 101 -45.34 -13.24 -46.57
N PRO D 102 -44.96 -14.54 -46.69
CA PRO D 102 -43.73 -14.89 -47.41
C PRO D 102 -43.96 -14.89 -48.92
N TYR D 103 -44.53 -13.80 -49.44
CA TYR D 103 -44.68 -13.62 -50.91
C TYR D 103 -43.80 -12.40 -51.14
N TYR D 104 -43.05 -12.33 -52.25
CA TYR D 104 -42.14 -11.21 -52.29
C TYR D 104 -42.41 -10.40 -53.53
N VAL D 105 -43.02 -9.25 -53.32
CA VAL D 105 -43.30 -8.32 -54.39
C VAL D 105 -42.79 -6.98 -53.89
N MET D 106 -42.12 -6.24 -54.74
CA MET D 106 -41.95 -4.86 -54.44
C MET D 106 -42.71 -4.09 -55.52
N ASP D 107 -43.89 -3.61 -55.12
CA ASP D 107 -44.70 -2.81 -56.02
C ASP D 107 -44.24 -1.37 -56.00
N TYR D 108 -44.04 -0.82 -54.82
CA TYR D 108 -43.75 0.60 -54.66
C TYR D 108 -42.52 0.81 -53.80
N TRP D 109 -41.73 1.84 -54.14
CA TRP D 109 -40.41 2.03 -53.56
C TRP D 109 -40.17 3.43 -53.03
N GLY D 110 -38.97 3.66 -52.47
CA GLY D 110 -38.48 4.98 -52.22
C GLY D 110 -38.12 5.65 -53.52
N GLN D 111 -37.51 6.83 -53.42
CA GLN D 111 -37.08 7.53 -54.63
C GLN D 111 -35.64 7.19 -55.00
N GLY D 112 -34.94 6.47 -54.15
CA GLY D 112 -33.54 6.12 -54.31
C GLY D 112 -32.64 7.12 -53.63
N THR D 113 -31.54 6.62 -53.08
CA THR D 113 -30.57 7.45 -52.37
C THR D 113 -29.20 7.18 -52.94
N THR D 114 -28.66 8.16 -53.67
CA THR D 114 -27.27 8.07 -54.12
C THR D 114 -26.39 8.21 -52.89
N VAL D 115 -25.40 7.33 -52.77
CA VAL D 115 -24.34 7.51 -51.80
C VAL D 115 -23.05 7.52 -52.59
N THR D 116 -22.26 8.57 -52.42
CA THR D 116 -20.95 8.65 -53.03
C THR D 116 -19.93 8.37 -51.95
N VAL D 117 -19.31 7.19 -52.00
CA VAL D 117 -18.31 6.79 -51.03
C VAL D 117 -16.96 7.00 -51.71
N SER D 118 -16.22 8.00 -51.24
CA SER D 118 -14.95 8.34 -51.84
C SER D 118 -14.13 9.13 -50.82
N SER D 119 -12.82 9.15 -51.02
CA SER D 119 -12.01 10.14 -50.32
C SER D 119 -12.21 11.52 -50.90
N ALA D 120 -12.87 11.60 -52.06
CA ALA D 120 -13.18 12.89 -52.65
C ALA D 120 -14.38 13.51 -51.97
N SER D 121 -14.16 14.65 -51.34
CA SER D 121 -15.20 15.42 -50.69
C SER D 121 -16.01 16.18 -51.73
N THR D 122 -17.23 16.57 -51.33
CA THR D 122 -18.13 17.25 -52.24
C THR D 122 -17.63 18.65 -52.58
N ILE E 1 -17.78 65.57 5.17
CA ILE E 1 -19.23 65.54 5.15
C ILE E 1 -19.75 65.37 6.56
N VAL E 2 -18.96 65.82 7.55
CA VAL E 2 -19.27 65.67 8.96
C VAL E 2 -19.92 66.97 9.43
N LEU E 3 -20.90 66.83 10.33
CA LEU E 3 -21.65 67.95 10.87
C LEU E 3 -21.19 68.25 12.30
N THR E 4 -21.24 69.52 12.68
CA THR E 4 -20.75 70.01 13.96
C THR E 4 -21.87 70.73 14.71
N GLN E 5 -22.03 70.40 16.00
CA GLN E 5 -22.99 71.07 16.85
C GLN E 5 -22.29 71.70 18.05
N SER E 6 -22.96 72.67 18.66
CA SER E 6 -22.40 73.36 19.81
C SER E 6 -22.80 72.63 21.10
N PRO E 7 -21.88 72.50 22.06
CA PRO E 7 -22.09 71.51 23.15
C PRO E 7 -23.29 71.75 24.06
N PHE E 8 -23.48 72.95 24.59
CA PHE E 8 -24.64 73.17 25.46
C PHE E 8 -25.14 74.58 25.26
N GLN E 9 -26.46 74.74 25.39
CA GLN E 9 -27.13 76.00 25.11
C GLN E 9 -28.00 76.39 26.29
N SER E 10 -27.66 77.53 26.90
CA SER E 10 -28.20 77.94 28.18
C SER E 10 -29.08 79.18 27.99
N VAL E 11 -30.38 78.98 28.13
CA VAL E 11 -31.37 80.03 27.92
C VAL E 11 -32.45 79.82 28.98
N SER E 12 -33.45 80.72 29.04
CA SER E 12 -34.50 80.74 30.05
C SER E 12 -35.88 80.80 29.40
N PRO E 13 -37.02 80.56 30.12
CA PRO E 13 -38.33 80.56 29.46
C PRO E 13 -38.59 81.90 28.75
N LYS E 14 -39.37 81.86 27.65
CA LYS E 14 -39.73 83.09 26.89
C LYS E 14 -38.55 83.58 26.03
N GLU E 15 -37.32 83.10 26.26
CA GLU E 15 -36.24 83.51 25.39
C GLU E 15 -36.08 82.49 24.25
N LYS E 16 -35.53 82.95 23.13
CA LYS E 16 -35.35 82.12 21.95
C LYS E 16 -33.94 81.57 21.93
N VAL E 17 -33.79 80.30 21.53
CA VAL E 17 -32.51 79.61 21.49
C VAL E 17 -32.27 79.06 20.08
N THR E 18 -31.02 79.07 19.64
CA THR E 18 -30.63 78.66 18.31
C THR E 18 -29.45 77.70 18.40
N ILE E 19 -29.66 76.44 18.01
CA ILE E 19 -28.63 75.42 18.14
C ILE E 19 -28.27 74.93 16.75
N THR E 20 -27.03 75.20 16.34
CA THR E 20 -26.61 75.02 14.96
C THR E 20 -26.29 73.57 14.65
N CYS E 21 -26.53 73.20 13.39
CA CYS E 21 -26.00 71.96 12.82
C CYS E 21 -25.13 72.40 11.65
N ARG E 22 -23.81 72.28 11.81
CA ARG E 22 -22.83 72.87 10.91
C ARG E 22 -22.03 71.76 10.26
N ALA E 23 -22.21 71.57 8.95
CA ALA E 23 -21.57 70.48 8.24
C ALA E 23 -20.36 71.00 7.48
N SER E 24 -19.23 70.30 7.62
CA SER E 24 -18.07 70.59 6.79
C SER E 24 -18.42 70.46 5.32
N GLN E 25 -17.84 71.34 4.52
CA GLN E 25 -17.94 71.29 3.06
C GLN E 25 -19.42 71.34 2.70
N SER E 26 -19.90 70.51 1.77
CA SER E 26 -21.25 70.65 1.26
C SER E 26 -22.26 70.13 2.27
N ILE E 27 -23.46 70.70 2.19
CA ILE E 27 -24.60 70.30 3.01
C ILE E 27 -25.68 69.80 2.07
N SER E 28 -26.57 68.98 2.60
CA SER E 28 -27.83 68.78 1.92
C SER E 28 -28.93 69.51 2.69
N SER E 29 -29.77 70.24 1.95
CA SER E 29 -30.78 71.08 2.59
C SER E 29 -31.60 70.31 3.63
N ASN E 30 -32.10 69.14 3.25
CA ASN E 30 -32.81 68.29 4.20
C ASN E 30 -31.95 68.04 5.43
N LEU E 31 -32.59 68.02 6.60
CA LEU E 31 -31.95 67.66 7.84
C LEU E 31 -33.00 67.26 8.86
N HIS E 32 -32.57 66.52 9.88
CA HIS E 32 -33.51 65.87 10.78
C HIS E 32 -33.08 66.13 12.22
N TRP E 33 -33.94 66.82 12.98
CA TRP E 33 -33.62 67.29 14.33
C TRP E 33 -34.31 66.45 15.39
N TYR E 34 -33.55 66.08 16.43
CA TYR E 34 -33.96 65.07 17.39
C TYR E 34 -33.87 65.59 18.82
N GLN E 35 -34.95 65.41 19.58
CA GLN E 35 -35.03 65.79 20.98
C GLN E 35 -34.91 64.55 21.86
N GLN E 36 -33.77 64.41 22.56
CA GLN E 36 -33.52 63.26 23.43
C GLN E 36 -33.75 63.64 24.88
N LYS E 37 -34.82 63.10 25.45
CA LYS E 37 -35.05 63.16 26.89
C LYS E 37 -34.19 62.11 27.58
N PRO E 38 -33.68 62.42 28.77
CA PRO E 38 -32.65 61.55 29.36
C PRO E 38 -33.12 60.11 29.43
N ASP E 39 -32.29 59.21 28.92
CA ASP E 39 -32.57 57.78 28.84
C ASP E 39 -33.85 57.48 28.08
N GLN E 40 -34.27 58.39 27.19
CA GLN E 40 -35.46 58.21 26.38
C GLN E 40 -35.10 58.36 24.91
N SER E 41 -35.85 57.67 24.07
CA SER E 41 -35.61 57.72 22.64
C SER E 41 -35.78 59.16 22.14
N PRO E 42 -34.74 59.74 21.54
CA PRO E 42 -34.91 61.00 20.85
C PRO E 42 -36.07 60.94 19.88
N LYS E 43 -36.83 62.03 19.84
CA LYS E 43 -38.02 62.16 19.00
C LYS E 43 -37.71 63.19 17.93
N LEU E 44 -38.19 62.94 16.71
CA LEU E 44 -37.75 63.81 15.63
C LEU E 44 -38.52 65.12 15.72
N LEU E 45 -37.78 66.22 15.94
CA LEU E 45 -38.36 67.55 15.90
C LEU E 45 -38.55 68.10 14.51
N ILE E 46 -37.53 68.05 13.65
CA ILE E 46 -37.59 68.73 12.36
C ILE E 46 -37.18 67.76 11.26
N LYS E 47 -38.04 67.63 10.25
CA LYS E 47 -37.75 66.74 9.10
C LYS E 47 -37.66 67.59 7.83
N TYR E 48 -36.59 67.43 7.03
CA TYR E 48 -36.39 68.17 5.76
C TYR E 48 -35.86 69.57 6.07
N ALA E 49 -35.73 69.91 7.37
CA ALA E 49 -35.19 71.22 7.81
C ALA E 49 -36.18 72.34 7.50
N SER E 50 -37.38 72.01 7.04
CA SER E 50 -38.43 73.03 6.75
C SER E 50 -39.76 72.63 7.38
N GLN E 51 -39.86 71.41 7.93
CA GLN E 51 -41.18 70.94 8.44
C GLN E 51 -41.02 70.27 9.80
N SER E 52 -42.05 70.30 10.64
CA SER E 52 -42.03 69.59 11.95
C SER E 52 -43.10 68.50 11.91
N ILE E 53 -42.81 67.32 12.46
CA ILE E 53 -43.79 66.19 12.38
C ILE E 53 -45.09 66.57 13.11
N SER E 54 -46.20 65.86 12.82
CA SER E 54 -47.50 66.20 13.38
C SER E 54 -47.48 66.19 14.91
N GLY E 55 -48.20 67.15 15.51
CA GLY E 55 -48.34 67.25 16.94
C GLY E 55 -47.21 67.96 17.65
N ILE E 56 -46.21 68.43 16.90
CA ILE E 56 -45.06 69.11 17.51
C ILE E 56 -45.37 70.60 17.63
N PRO E 57 -45.34 71.17 18.84
CA PRO E 57 -45.80 72.56 19.01
C PRO E 57 -45.00 73.52 18.15
N SER E 58 -45.59 74.69 17.90
CA SER E 58 -45.09 75.59 16.86
C SER E 58 -43.85 76.37 17.29
N ARG E 59 -43.49 76.34 18.58
CA ARG E 59 -42.23 76.98 18.95
C ARG E 59 -41.03 76.31 18.30
N PHE E 60 -41.18 75.08 17.85
CA PHE E 60 -40.09 74.33 17.26
C PHE E 60 -40.01 74.61 15.77
N SER E 61 -38.83 75.03 15.33
CA SER E 61 -38.55 75.25 13.92
C SER E 61 -37.19 74.65 13.61
N GLY E 62 -36.90 74.58 12.32
CA GLY E 62 -35.56 74.25 11.87
C GLY E 62 -35.29 74.98 10.57
N SER E 63 -34.01 75.10 10.24
CA SER E 63 -33.61 75.84 9.07
C SER E 63 -32.15 75.59 8.80
N GLY E 64 -31.65 76.19 7.73
CA GLY E 64 -30.23 76.19 7.45
C GLY E 64 -29.80 77.37 6.60
N SER E 65 -28.54 77.76 6.74
CA SER E 65 -27.96 78.80 5.92
C SER E 65 -26.52 78.43 5.61
N GLY E 66 -26.15 78.45 4.34
CA GLY E 66 -24.81 78.01 3.98
C GLY E 66 -24.56 76.61 4.47
N THR E 67 -23.49 76.46 5.26
CA THR E 67 -23.08 75.19 5.82
C THR E 67 -23.75 74.90 7.15
N ASP E 68 -24.67 75.76 7.58
CA ASP E 68 -25.28 75.70 8.90
C ASP E 68 -26.70 75.20 8.79
N PHE E 69 -27.15 74.53 9.84
CA PHE E 69 -28.55 74.24 10.06
C PHE E 69 -28.91 74.53 11.52
N THR E 70 -29.85 75.45 11.71
CA THR E 70 -30.20 75.90 13.05
C THR E 70 -31.43 75.14 13.52
N LEU E 71 -31.41 74.73 14.78
CA LEU E 71 -32.61 74.38 15.51
C LEU E 71 -32.98 75.59 16.35
N THR E 72 -34.12 76.20 16.06
CA THR E 72 -34.48 77.46 16.69
C THR E 72 -35.87 77.36 17.31
N ILE E 73 -35.92 77.45 18.63
CA ILE E 73 -37.15 77.28 19.40
C ILE E 73 -37.48 78.61 20.07
N ASN E 74 -38.73 79.07 19.92
CA ASN E 74 -39.12 80.39 20.47
C ASN E 74 -39.91 80.20 21.76
N SER E 75 -39.97 81.23 22.62
CA SER E 75 -40.83 81.17 23.83
C SER E 75 -40.61 79.87 24.62
N LEU E 76 -39.37 79.58 25.03
CA LEU E 76 -39.04 78.30 25.73
C LEU E 76 -39.86 78.10 27.01
N GLU E 77 -40.05 76.84 27.45
CA GLU E 77 -40.70 76.54 28.72
C GLU E 77 -39.89 75.50 29.47
N ALA E 78 -39.93 75.55 30.80
CA ALA E 78 -39.13 74.66 31.64
C ALA E 78 -39.51 73.21 31.40
N GLU E 79 -40.69 72.98 30.83
CA GLU E 79 -41.10 71.61 30.52
C GLU E 79 -40.33 71.08 29.31
N ASP E 80 -39.90 71.98 28.43
CA ASP E 80 -39.55 71.60 27.08
C ASP E 80 -38.16 70.98 27.00
N PHE E 81 -37.19 71.56 27.70
CA PHE E 81 -35.80 71.44 27.29
C PHE E 81 -35.28 70.00 27.37
N GLY E 82 -34.34 69.69 26.48
CA GLY E 82 -33.71 68.39 26.37
C GLY E 82 -32.58 68.48 25.38
N ILE E 83 -31.76 67.43 25.34
CA ILE E 83 -30.60 67.42 24.46
C ILE E 83 -31.08 67.33 23.02
N TYR E 84 -30.49 68.14 22.15
CA TYR E 84 -30.94 68.27 20.77
C TYR E 84 -29.97 67.63 19.81
N PHE E 85 -30.51 67.07 18.73
CA PHE E 85 -29.71 66.45 17.69
C PHE E 85 -30.13 67.00 16.33
N CYS E 86 -29.22 66.86 15.38
CA CYS E 86 -29.56 66.86 13.97
C CYS E 86 -29.04 65.56 13.38
N GLN E 87 -29.57 65.20 12.22
CA GLN E 87 -28.99 64.14 11.40
C GLN E 87 -28.62 64.72 10.06
N GLN E 88 -27.45 64.34 9.55
CA GLN E 88 -27.07 64.68 8.19
C GLN E 88 -28.06 64.07 7.21
N THR E 89 -28.00 64.46 5.95
CA THR E 89 -28.87 63.77 4.95
C THR E 89 -28.06 63.14 3.81
N ASN E 90 -28.44 61.93 3.38
CA ASN E 90 -27.78 61.22 2.25
C ASN E 90 -26.26 61.16 2.47
N PHE E 91 -25.48 61.38 1.42
CA PHE E 91 -23.99 61.33 1.53
C PHE E 91 -23.55 60.00 2.18
N TRP E 92 -24.09 58.86 1.75
CA TRP E 92 -23.67 57.52 2.25
C TRP E 92 -24.09 57.28 3.73
N PRO E 93 -23.33 57.50 4.84
CA PRO E 93 -23.87 57.35 6.19
C PRO E 93 -24.39 58.69 6.72
N TYR E 94 -25.32 58.64 7.68
CA TYR E 94 -25.79 59.92 8.29
C TYR E 94 -25.10 60.06 9.65
N ILE E 95 -24.29 61.10 9.81
CA ILE E 95 -23.61 61.35 11.11
C ILE E 95 -24.64 62.06 11.99
N PHE E 96 -24.97 61.50 13.16
CA PHE E 96 -25.98 62.12 13.98
C PHE E 96 -25.30 63.17 14.84
N GLY E 97 -26.08 64.16 15.26
CA GLY E 97 -25.55 65.24 16.05
C GLY E 97 -24.80 64.72 17.25
N GLN E 98 -23.64 65.32 17.53
CA GLN E 98 -22.96 65.06 18.79
C GLN E 98 -23.90 65.26 19.97
N GLY E 99 -24.88 66.12 19.82
CA GLY E 99 -25.90 66.46 20.78
C GLY E 99 -25.58 67.77 21.49
N THR E 100 -26.64 68.50 21.82
CA THR E 100 -26.54 69.75 22.57
C THR E 100 -27.60 69.73 23.64
N LYS E 101 -27.18 69.77 24.90
CA LYS E 101 -28.08 69.72 26.03
C LYS E 101 -28.71 71.10 26.23
N LEU E 102 -30.03 71.18 26.14
CA LEU E 102 -30.73 72.43 26.35
C LEU E 102 -31.05 72.56 27.83
N GLU E 103 -30.48 73.58 28.47
CA GLU E 103 -30.81 73.94 29.83
C GLU E 103 -31.71 75.17 29.81
N ILE E 104 -32.65 75.23 30.72
CA ILE E 104 -33.53 76.37 30.86
C ILE E 104 -33.53 76.79 32.32
N LEU E 105 -33.16 78.05 32.55
CA LEU E 105 -32.92 78.63 33.86
C LEU E 105 -34.22 79.17 34.44
N LYS E 106 -34.09 79.92 35.54
CA LYS E 106 -35.16 80.71 36.16
C LYS E 106 -35.98 79.82 37.10
N ARG E 107 -35.68 78.52 37.14
CA ARG E 107 -36.20 77.70 38.22
C ARG E 107 -35.57 78.13 39.54
N VAL F 1 -46.19 52.36 14.04
CA VAL F 1 -46.65 52.67 15.39
C VAL F 1 -45.86 51.90 16.42
N GLN F 2 -45.44 50.67 16.11
CA GLN F 2 -44.80 49.86 17.12
C GLN F 2 -43.55 49.16 16.59
N LEU F 3 -42.40 49.53 17.14
CA LEU F 3 -41.14 48.83 16.97
C LEU F 3 -40.77 48.35 18.36
N VAL F 4 -40.81 47.04 18.57
CA VAL F 4 -40.50 46.45 19.87
C VAL F 4 -39.17 45.72 19.75
N GLN F 5 -38.27 46.03 20.67
CA GLN F 5 -36.89 45.59 20.59
C GLN F 5 -36.61 44.60 21.71
N SER F 6 -35.86 43.56 21.35
CA SER F 6 -35.64 42.44 22.24
C SER F 6 -34.91 42.91 23.49
N GLY F 7 -34.97 42.09 24.53
CA GLY F 7 -34.36 42.46 25.78
C GLY F 7 -32.87 42.73 25.64
N ALA F 8 -32.33 43.37 26.68
CA ALA F 8 -30.93 43.75 26.71
C ALA F 8 -30.03 42.51 26.69
N GLU F 9 -28.79 42.69 26.25
CA GLU F 9 -27.83 41.61 26.18
C GLU F 9 -26.60 41.95 27.02
N VAL F 10 -25.89 40.93 27.46
CA VAL F 10 -24.57 41.08 28.07
C VAL F 10 -23.67 39.98 27.51
N LYS F 11 -22.65 40.34 26.74
CA LYS F 11 -21.83 39.29 26.06
C LYS F 11 -20.33 39.53 26.31
N LYS F 12 -19.56 38.44 26.41
CA LYS F 12 -18.09 38.54 26.63
C LYS F 12 -17.41 39.04 25.35
N PRO F 13 -16.29 39.77 25.44
CA PRO F 13 -15.63 40.34 24.25
C PRO F 13 -15.38 39.35 23.09
N GLY F 14 -15.45 39.83 21.84
CA GLY F 14 -15.27 38.99 20.69
C GLY F 14 -16.43 38.06 20.38
N ALA F 15 -17.44 38.03 21.26
CA ALA F 15 -18.59 37.17 21.07
C ALA F 15 -19.58 37.83 20.11
N THR F 16 -20.80 37.27 20.05
CA THR F 16 -21.81 37.76 19.14
C THR F 16 -23.09 38.09 19.88
N VAL F 17 -23.83 39.05 19.31
CA VAL F 17 -25.18 39.40 19.74
C VAL F 17 -26.03 39.71 18.53
N LYS F 18 -27.17 39.02 18.40
CA LYS F 18 -28.17 39.38 17.41
C LYS F 18 -29.38 39.95 18.15
N ILE F 19 -29.76 41.18 17.83
CA ILE F 19 -30.92 41.81 18.43
C ILE F 19 -31.98 41.99 17.38
N SER F 20 -33.23 41.82 17.81
CA SER F 20 -34.40 41.88 16.96
C SER F 20 -35.14 43.20 17.16
N CYS F 21 -35.67 43.73 16.06
CA CYS F 21 -36.61 44.84 16.09
C CYS F 21 -37.90 44.36 15.46
N LYS F 22 -38.94 44.18 16.27
CA LYS F 22 -40.22 43.70 15.78
C LYS F 22 -41.09 44.91 15.44
N VAL F 23 -41.93 44.76 14.44
CA VAL F 23 -42.69 45.86 13.89
C VAL F 23 -44.19 45.58 13.97
N SER F 24 -44.95 46.64 14.25
CA SER F 24 -46.39 46.64 14.05
C SER F 24 -46.88 48.08 13.98
N GLY F 25 -48.12 48.24 13.52
CA GLY F 25 -48.74 49.55 13.49
C GLY F 25 -48.66 50.26 12.17
N TYR F 26 -47.94 49.69 11.20
CA TYR F 26 -47.86 50.24 9.85
C TYR F 26 -47.68 49.09 8.86
N SER F 27 -47.30 49.44 7.64
CA SER F 27 -46.98 48.45 6.61
C SER F 27 -45.45 48.24 6.53
N PHE F 28 -45.01 47.03 6.88
CA PHE F 28 -43.60 46.78 7.18
C PHE F 28 -42.72 46.78 5.93
N SER F 29 -43.28 46.43 4.78
CA SER F 29 -42.49 46.48 3.55
C SER F 29 -42.48 47.87 2.91
N ASN F 30 -43.27 48.81 3.41
CA ASN F 30 -43.27 50.19 2.91
C ASN F 30 -42.22 51.06 3.57
N TYR F 31 -41.39 50.52 4.45
CA TYR F 31 -40.45 51.35 5.19
C TYR F 31 -39.12 50.64 5.36
N TYR F 32 -38.02 51.34 5.08
CA TYR F 32 -36.71 50.84 5.45
C TYR F 32 -36.49 51.00 6.95
N ILE F 33 -35.49 50.30 7.47
CA ILE F 33 -35.19 50.29 8.89
C ILE F 33 -33.72 50.68 9.13
N HIS F 34 -33.51 51.75 9.88
CA HIS F 34 -32.18 52.16 10.32
C HIS F 34 -31.90 51.56 11.69
N TRP F 35 -30.66 51.17 11.92
CA TRP F 35 -30.22 50.71 13.22
C TRP F 35 -29.23 51.71 13.81
N VAL F 36 -29.51 52.18 15.02
CA VAL F 36 -28.80 53.29 15.62
C VAL F 36 -28.29 52.88 16.99
N LYS F 37 -27.03 53.16 17.26
CA LYS F 37 -26.41 52.90 18.55
C LYS F 37 -26.11 54.23 19.24
N GLN F 38 -26.13 54.20 20.57
CA GLN F 38 -25.73 55.34 21.37
C GLN F 38 -24.92 54.82 22.56
N ALA F 39 -23.68 55.29 22.67
CA ALA F 39 -22.77 54.75 23.68
C ALA F 39 -23.06 55.35 25.05
N PRO F 40 -22.32 54.93 26.09
CA PRO F 40 -22.34 55.68 27.35
C PRO F 40 -21.87 57.12 27.19
N GLY F 41 -22.68 58.05 27.68
CA GLY F 41 -22.38 59.46 27.66
C GLY F 41 -22.26 60.06 26.27
N LYS F 42 -22.55 59.31 25.22
CA LYS F 42 -22.23 59.70 23.85
C LYS F 42 -23.50 59.78 23.01
N SER F 43 -23.31 60.01 21.71
CA SER F 43 -24.38 60.42 20.82
C SER F 43 -25.00 59.23 20.09
N LEU F 44 -26.02 59.55 19.29
CA LEU F 44 -26.61 58.58 18.38
C LEU F 44 -25.57 58.13 17.37
N GLU F 45 -25.58 56.85 17.03
CA GLU F 45 -24.70 56.34 15.99
C GLU F 45 -25.48 55.39 15.11
N TRP F 46 -25.56 55.72 13.83
CA TRP F 46 -26.24 54.88 12.85
C TRP F 46 -25.28 53.82 12.31
N ILE F 47 -25.60 52.56 12.55
CA ILE F 47 -24.79 51.46 12.05
C ILE F 47 -25.16 51.08 10.61
N GLY F 48 -26.44 51.09 10.27
CA GLY F 48 -26.86 50.61 8.97
C GLY F 48 -28.34 50.85 8.74
N TYR F 49 -28.73 50.75 7.46
CA TYR F 49 -30.12 50.65 7.08
C TYR F 49 -30.31 49.38 6.27
N ILE F 50 -31.52 48.82 6.35
CA ILE F 50 -31.90 47.56 5.73
C ILE F 50 -33.15 47.82 4.88
N ASP F 51 -33.51 46.84 4.07
CA ASP F 51 -34.78 46.83 3.35
C ASP F 51 -35.61 45.65 3.84
N PRO F 52 -36.92 45.85 4.02
CA PRO F 52 -37.78 44.71 4.36
C PRO F 52 -37.90 43.71 3.23
N PHE F 53 -38.04 44.19 2.00
CA PHE F 53 -38.30 43.34 0.84
C PHE F 53 -37.03 42.71 0.30
N ASN F 54 -35.87 43.24 0.67
CA ASN F 54 -34.61 42.72 0.07
C ASN F 54 -33.47 43.04 1.00
N GLY F 55 -32.23 42.86 0.55
CA GLY F 55 -31.11 43.33 1.38
C GLY F 55 -31.11 44.84 1.31
N GLY F 56 -30.60 45.52 2.33
CA GLY F 56 -30.48 46.99 2.23
C GLY F 56 -29.20 47.46 2.88
N THR F 57 -28.36 46.51 3.31
CA THR F 57 -27.16 46.90 4.11
C THR F 57 -26.31 47.97 3.41
N SER F 58 -26.08 49.08 4.11
CA SER F 58 -25.13 50.12 3.64
C SER F 58 -24.43 50.45 4.95
N ASP F 59 -23.80 49.44 5.55
CA ASP F 59 -23.20 49.61 6.91
C ASP F 59 -22.02 50.58 6.89
N ASN F 60 -22.12 51.68 7.66
CA ASN F 60 -20.94 52.58 7.81
C ASN F 60 -19.89 51.73 8.52
N LEU F 61 -18.63 51.80 8.10
CA LEU F 61 -17.65 50.88 8.73
C LEU F 61 -17.61 51.18 10.23
N LYS F 62 -17.45 52.45 10.63
CA LYS F 62 -17.56 52.82 12.06
C LYS F 62 -16.84 51.76 12.91
N PHE F 63 -17.53 51.21 13.90
CA PHE F 63 -16.97 50.07 14.67
C PHE F 63 -17.26 48.84 13.81
N LYS F 64 -16.23 48.04 13.49
CA LYS F 64 -16.49 46.92 12.55
C LYS F 64 -16.93 45.66 13.30
N GLY F 65 -18.24 45.45 13.42
CA GLY F 65 -18.71 44.23 14.04
C GLY F 65 -19.16 43.18 13.05
N ALA F 66 -18.73 43.26 11.79
CA ALA F 66 -19.22 42.39 10.73
C ALA F 66 -20.74 42.40 10.68
N ALA F 67 -21.32 43.56 11.00
CA ALA F 67 -22.76 43.66 11.20
C ALA F 67 -23.52 43.27 9.96
N THR F 68 -24.59 42.49 10.15
CA THR F 68 -25.53 42.13 9.10
C THR F 68 -26.94 42.35 9.64
N LEU F 69 -27.77 43.00 8.85
CA LEU F 69 -29.18 43.17 9.20
C LEU F 69 -29.98 42.21 8.34
N THR F 70 -30.92 41.51 8.97
CA THR F 70 -31.83 40.67 8.22
C THR F 70 -33.26 41.00 8.65
N ALA F 71 -34.14 41.09 7.66
CA ALA F 71 -35.56 41.23 7.90
C ALA F 71 -36.21 39.87 7.79
N ASP F 72 -37.00 39.52 8.80
CA ASP F 72 -37.90 38.38 8.74
C ASP F 72 -39.26 39.01 8.45
N THR F 73 -39.72 38.85 7.21
CA THR F 73 -40.91 39.56 6.76
C THR F 73 -42.18 38.96 7.34
N SER F 74 -42.15 37.68 7.71
CA SER F 74 -43.36 37.03 8.24
C SER F 74 -43.79 37.67 9.54
N THR F 75 -42.85 37.95 10.45
CA THR F 75 -43.15 38.55 11.74
C THR F 75 -43.04 40.06 11.73
N ASP F 76 -42.65 40.64 10.60
CA ASP F 76 -42.28 42.05 10.50
C ASP F 76 -41.25 42.40 11.56
N THR F 77 -40.15 41.64 11.56
CA THR F 77 -39.04 41.87 12.47
C THR F 77 -37.82 42.23 11.65
N ALA F 78 -36.97 43.09 12.20
CA ALA F 78 -35.63 43.34 11.67
C ALA F 78 -34.60 42.89 12.68
N TYR F 79 -33.51 42.30 12.20
CA TYR F 79 -32.50 41.67 13.04
C TYR F 79 -31.18 42.39 12.87
N MET F 80 -30.40 42.45 13.96
CA MET F 80 -29.06 43.02 13.90
C MET F 80 -28.09 42.06 14.58
N GLU F 81 -27.21 41.46 13.78
CA GLU F 81 -26.15 40.60 14.30
C GLU F 81 -24.84 41.39 14.38
N LEU F 82 -24.24 41.39 15.55
CA LEU F 82 -23.01 42.14 15.81
C LEU F 82 -22.01 41.19 16.44
N SER F 83 -20.95 40.88 15.71
CA SER F 83 -19.88 39.99 16.16
C SER F 83 -18.64 40.78 16.54
N SER F 84 -17.64 40.06 17.04
CA SER F 84 -16.41 40.65 17.56
C SER F 84 -16.74 41.78 18.53
N LEU F 85 -17.56 41.46 19.53
CA LEU F 85 -17.95 42.42 20.54
C LEU F 85 -16.74 42.98 21.27
N ARG F 86 -16.64 44.30 21.32
CA ARG F 86 -15.50 44.96 21.90
C ARG F 86 -15.92 45.83 23.07
N SER F 87 -14.94 46.17 23.91
CA SER F 87 -15.22 46.83 25.18
C SER F 87 -15.97 48.13 25.01
N GLU F 88 -15.92 48.71 23.82
CA GLU F 88 -16.72 49.88 23.53
C GLU F 88 -17.98 49.58 22.73
N ASP F 89 -18.26 48.31 22.44
CA ASP F 89 -19.55 47.94 21.87
C ASP F 89 -20.68 47.95 22.90
N THR F 90 -20.33 48.23 24.15
CA THR F 90 -21.31 48.30 25.25
C THR F 90 -22.19 49.54 25.05
N ALA F 91 -23.34 49.40 24.39
CA ALA F 91 -24.15 50.60 24.08
C ALA F 91 -25.61 50.25 23.79
N VAL F 92 -26.50 51.25 23.83
CA VAL F 92 -27.95 51.04 23.54
C VAL F 92 -28.15 50.94 22.03
N TYR F 93 -28.99 50.00 21.57
CA TYR F 93 -29.21 49.80 20.14
C TYR F 93 -30.64 50.18 19.77
N TYR F 94 -30.79 51.26 19.01
CA TYR F 94 -32.09 51.66 18.48
C TYR F 94 -32.23 51.13 17.06
N CYS F 95 -33.45 50.72 16.72
CA CYS F 95 -33.86 50.51 15.35
C CYS F 95 -34.76 51.66 14.93
N ALA F 96 -34.66 52.02 13.65
CA ALA F 96 -35.27 53.27 13.20
C ALA F 96 -36.01 53.07 11.88
N ARG F 97 -37.31 53.37 11.90
CA ARG F 97 -38.15 53.22 10.72
C ARG F 97 -37.89 54.34 9.73
N SER F 98 -37.49 53.98 8.50
CA SER F 98 -37.22 54.99 7.44
C SER F 98 -38.25 54.85 6.31
N GLU F 99 -38.38 55.88 5.47
CA GLU F 99 -39.30 55.77 4.29
C GLU F 99 -38.68 54.86 3.23
N TYR F 100 -39.51 54.10 2.49
CA TYR F 100 -39.02 53.25 1.37
C TYR F 100 -38.42 54.13 0.28
N ASP F 101 -38.99 55.32 0.08
CA ASP F 101 -38.49 56.28 -0.96
C ASP F 101 -37.19 56.90 -0.44
N PRO F 102 -36.45 57.74 -1.22
CA PRO F 102 -35.14 58.26 -0.79
C PRO F 102 -35.22 59.08 0.51
N TYR F 103 -36.42 59.45 0.95
CA TYR F 103 -36.60 60.16 2.25
C TYR F 103 -36.05 59.28 3.39
N TYR F 104 -35.44 59.87 4.43
CA TYR F 104 -34.84 59.04 5.50
C TYR F 104 -34.99 59.63 6.91
N VAL F 105 -36.23 59.77 7.44
CA VAL F 105 -36.36 60.12 8.84
C VAL F 105 -36.46 58.83 9.62
N MET F 106 -36.29 58.93 10.92
CA MET F 106 -36.88 58.03 11.87
C MET F 106 -37.81 58.86 12.75
N ASP F 107 -39.11 58.73 12.48
CA ASP F 107 -40.13 59.41 13.32
C ASP F 107 -40.43 58.50 14.52
N TYR F 108 -40.67 57.20 14.26
CA TYR F 108 -40.97 56.25 15.37
C TYR F 108 -39.87 55.21 15.55
N TRP F 109 -39.52 54.92 16.81
CA TRP F 109 -38.45 54.00 17.14
C TRP F 109 -38.93 52.84 17.99
N GLY F 110 -38.02 51.90 18.27
CA GLY F 110 -38.13 51.04 19.41
C GLY F 110 -37.70 51.83 20.65
N GLN F 111 -37.56 51.11 21.76
CA GLN F 111 -37.22 51.75 23.02
C GLN F 111 -35.72 51.73 23.33
N GLY F 112 -34.92 51.02 22.54
CA GLY F 112 -33.51 50.80 22.86
C GLY F 112 -33.28 49.44 23.48
N THR F 113 -32.12 48.87 23.19
CA THR F 113 -31.70 47.60 23.78
C THR F 113 -30.24 47.68 24.18
N THR F 114 -29.96 47.58 25.47
CA THR F 114 -28.59 47.74 25.93
C THR F 114 -27.86 46.42 25.79
N VAL F 115 -26.68 46.45 25.19
CA VAL F 115 -25.77 45.31 25.20
C VAL F 115 -24.51 45.74 25.92
N THR F 116 -24.13 44.97 26.92
CA THR F 116 -22.90 45.20 27.66
C THR F 116 -21.88 44.16 27.22
N VAL F 117 -20.75 44.63 26.71
CA VAL F 117 -19.63 43.77 26.37
C VAL F 117 -18.58 43.99 27.45
N SER F 118 -18.45 43.01 28.35
CA SER F 118 -17.52 43.09 29.47
C SER F 118 -17.06 41.69 29.81
N SER F 119 -15.76 41.58 30.12
CA SER F 119 -15.25 40.32 30.62
C SER F 119 -15.79 40.01 32.00
N ALA F 120 -16.48 40.97 32.61
CA ALA F 120 -17.07 40.77 33.93
C ALA F 120 -18.48 40.21 33.81
N SER F 121 -18.79 39.26 34.67
CA SER F 121 -20.07 38.57 34.64
C SER F 121 -21.17 39.42 35.27
N THR F 122 -22.42 39.10 34.90
CA THR F 122 -23.60 39.68 35.50
C THR F 122 -23.85 39.04 36.86
N ILE G 1 -44.35 -29.17 45.91
CA ILE G 1 -45.37 -28.91 44.91
C ILE G 1 -45.44 -30.03 43.90
N VAL G 2 -45.30 -31.26 44.35
CA VAL G 2 -45.39 -32.44 43.49
C VAL G 2 -46.51 -33.33 44.03
N LEU G 3 -47.24 -33.99 43.13
CA LEU G 3 -48.43 -34.73 43.50
C LEU G 3 -48.26 -36.24 43.32
N THR G 4 -49.00 -37.01 44.11
CA THR G 4 -48.84 -38.45 44.26
C THR G 4 -50.12 -39.17 43.88
N GLN G 5 -49.96 -40.22 43.07
CA GLN G 5 -51.06 -41.12 42.69
C GLN G 5 -50.73 -42.55 43.08
N SER G 6 -51.76 -43.36 43.23
CA SER G 6 -51.56 -44.78 43.38
C SER G 6 -51.31 -45.41 42.01
N PRO G 7 -50.24 -46.21 41.86
CA PRO G 7 -49.88 -46.66 40.50
C PRO G 7 -50.95 -47.52 39.84
N PHE G 8 -51.77 -48.20 40.61
CA PHE G 8 -52.70 -49.17 40.04
C PHE G 8 -53.92 -49.30 40.92
N GLN G 9 -55.07 -49.55 40.29
CA GLN G 9 -56.28 -49.95 40.99
C GLN G 9 -57.00 -51.00 40.15
N SER G 10 -57.39 -52.10 40.80
CA SER G 10 -58.15 -53.14 40.12
C SER G 10 -59.52 -53.25 40.78
N VAL G 11 -60.56 -53.14 39.96
CA VAL G 11 -61.93 -53.16 40.45
C VAL G 11 -62.75 -54.07 39.53
N SER G 12 -64.01 -54.28 39.86
CA SER G 12 -64.97 -55.08 39.13
C SER G 12 -66.08 -54.20 38.59
N PRO G 13 -66.76 -54.63 37.53
CA PRO G 13 -67.85 -53.81 36.98
C PRO G 13 -68.93 -53.54 38.02
N LYS G 14 -69.48 -52.33 37.98
CA LYS G 14 -70.50 -51.75 38.86
C LYS G 14 -69.90 -51.31 40.20
N GLU G 15 -68.70 -51.76 40.56
CA GLU G 15 -68.10 -51.38 41.82
C GLU G 15 -67.44 -50.00 41.70
N LYS G 16 -67.37 -49.31 42.82
CA LYS G 16 -66.87 -47.94 42.85
C LYS G 16 -65.40 -47.94 43.18
N VAL G 17 -64.63 -47.17 42.40
CA VAL G 17 -63.19 -47.01 42.57
C VAL G 17 -62.90 -45.54 42.79
N THR G 18 -61.88 -45.26 43.58
CA THR G 18 -61.41 -43.89 43.81
C THR G 18 -59.90 -43.87 43.70
N ILE G 19 -59.38 -43.08 42.77
CA ILE G 19 -57.95 -42.93 42.56
C ILE G 19 -57.54 -41.55 43.05
N THR G 20 -56.52 -41.51 43.90
CA THR G 20 -56.15 -40.31 44.63
C THR G 20 -55.04 -39.56 43.91
N CYS G 21 -55.09 -38.24 43.98
CA CYS G 21 -53.99 -37.39 43.52
C CYS G 21 -53.51 -36.63 44.75
N ARG G 22 -52.31 -36.95 45.23
CA ARG G 22 -51.84 -36.44 46.51
C ARG G 22 -50.66 -35.51 46.30
N ALA G 23 -50.89 -34.21 46.50
CA ALA G 23 -49.89 -33.20 46.20
C ALA G 23 -49.16 -32.83 47.48
N SER G 24 -47.86 -32.57 47.34
CA SER G 24 -47.03 -32.25 48.50
C SER G 24 -47.27 -30.81 48.94
N GLN G 25 -47.36 -30.61 50.25
CA GLN G 25 -47.52 -29.29 50.88
C GLN G 25 -48.83 -28.69 50.35
N SER G 26 -48.81 -27.50 49.75
CA SER G 26 -50.04 -26.84 49.36
C SER G 26 -50.60 -27.45 48.08
N ILE G 27 -51.92 -27.33 47.92
CA ILE G 27 -52.63 -27.85 46.77
C ILE G 27 -53.47 -26.71 46.18
N SER G 28 -53.87 -26.88 44.92
CA SER G 28 -54.70 -25.90 44.27
C SER G 28 -56.06 -26.51 43.93
N SER G 29 -57.13 -25.78 44.26
CA SER G 29 -58.47 -26.34 44.19
C SER G 29 -58.86 -26.70 42.75
N ASN G 30 -58.08 -26.27 41.77
CA ASN G 30 -58.24 -26.79 40.42
C ASN G 30 -57.38 -28.04 40.24
N LEU G 31 -57.93 -29.03 39.54
CA LEU G 31 -57.17 -30.19 39.11
C LEU G 31 -57.82 -30.78 37.86
N HIS G 32 -57.06 -31.56 37.11
CA HIS G 32 -57.49 -32.06 35.82
C HIS G 32 -57.18 -33.54 35.68
N TRP G 33 -58.25 -34.33 35.45
CA TRP G 33 -58.12 -35.77 35.36
C TRP G 33 -58.11 -36.22 33.90
N TYR G 34 -57.25 -37.19 33.61
CA TYR G 34 -57.00 -37.64 32.25
C TYR G 34 -57.07 -39.16 32.19
N GLN G 35 -57.82 -39.67 31.22
CA GLN G 35 -57.84 -41.09 30.90
C GLN G 35 -57.00 -41.33 29.66
N GLN G 36 -55.85 -41.95 29.85
CA GLN G 36 -55.01 -42.31 28.71
C GLN G 36 -55.28 -43.75 28.33
N LYS G 37 -55.86 -43.95 27.16
CA LYS G 37 -55.92 -45.26 26.58
C LYS G 37 -54.53 -45.64 26.08
N PRO G 38 -54.22 -46.94 26.03
CA PRO G 38 -52.88 -47.35 25.59
C PRO G 38 -52.54 -46.77 24.23
N ASP G 39 -51.35 -46.16 24.17
CA ASP G 39 -50.79 -45.58 22.95
C ASP G 39 -51.66 -44.46 22.38
N GLN G 40 -52.44 -43.80 23.22
CA GLN G 40 -53.39 -42.79 22.78
C GLN G 40 -53.33 -41.57 23.69
N SER G 41 -53.59 -40.40 23.11
CA SER G 41 -53.51 -39.14 23.82
C SER G 41 -54.47 -39.13 25.00
N PRO G 42 -53.98 -38.90 26.23
CA PRO G 42 -54.87 -38.76 27.38
C PRO G 42 -55.91 -37.69 27.12
N LYS G 43 -57.09 -37.89 27.69
CA LYS G 43 -58.26 -37.07 27.44
C LYS G 43 -58.77 -36.55 28.76
N LEU G 44 -59.12 -35.27 28.81
CA LEU G 44 -59.41 -34.66 30.10
C LEU G 44 -60.78 -35.10 30.58
N LEU G 45 -60.81 -35.82 31.70
CA LEU G 45 -62.06 -36.22 32.33
C LEU G 45 -62.67 -35.17 33.24
N ILE G 46 -61.86 -34.51 34.08
CA ILE G 46 -62.38 -33.70 35.17
C ILE G 46 -61.65 -32.37 35.21
N LYS G 47 -62.40 -31.27 35.15
CA LYS G 47 -61.77 -29.91 35.09
C LYS G 47 -62.15 -29.13 36.35
N TYR G 48 -61.18 -28.45 36.98
CA TYR G 48 -61.41 -27.69 38.24
C TYR G 48 -61.52 -28.68 39.40
N ALA G 49 -61.31 -29.97 39.13
CA ALA G 49 -61.37 -31.05 40.15
C ALA G 49 -62.82 -31.32 40.54
N SER G 50 -63.78 -30.63 39.91
CA SER G 50 -65.20 -30.80 40.28
C SER G 50 -66.10 -30.97 39.06
N GLN G 51 -65.55 -30.79 37.84
CA GLN G 51 -66.46 -30.80 36.65
C GLN G 51 -65.94 -31.69 35.52
N SER G 52 -66.83 -32.17 34.64
CA SER G 52 -66.50 -32.96 33.46
C SER G 52 -66.61 -32.04 32.25
N ILE G 53 -65.65 -32.15 31.33
CA ILE G 53 -65.87 -31.58 30.01
C ILE G 53 -67.01 -32.37 29.38
N SER G 54 -67.72 -31.73 28.45
CA SER G 54 -68.97 -32.28 27.96
C SER G 54 -68.76 -33.63 27.27
N GLY G 55 -69.71 -34.54 27.45
CA GLY G 55 -69.69 -35.85 26.84
C GLY G 55 -69.02 -36.92 27.67
N ILE G 56 -68.42 -36.55 28.79
CA ILE G 56 -67.67 -37.49 29.62
C ILE G 56 -68.62 -38.20 30.58
N PRO G 57 -68.48 -39.51 30.78
CA PRO G 57 -69.50 -40.26 31.54
C PRO G 57 -69.80 -39.64 32.90
N SER G 58 -71.08 -39.72 33.28
CA SER G 58 -71.50 -39.27 34.60
C SER G 58 -70.86 -40.08 35.71
N ARG G 59 -70.39 -41.29 35.41
CA ARG G 59 -69.62 -42.06 36.39
C ARG G 59 -68.25 -41.47 36.64
N PHE G 60 -67.82 -40.50 35.84
CA PHE G 60 -66.53 -39.87 36.05
C PHE G 60 -66.72 -38.63 36.90
N SER G 61 -66.22 -38.69 38.12
CA SER G 61 -66.31 -37.59 39.06
C SER G 61 -64.92 -37.34 39.61
N GLY G 62 -64.77 -36.18 40.21
CA GLY G 62 -63.52 -35.79 40.82
C GLY G 62 -63.81 -34.94 42.03
N SER G 63 -62.78 -34.72 42.83
CA SER G 63 -62.91 -33.94 44.04
C SER G 63 -61.53 -33.61 44.57
N GLY G 64 -61.50 -32.97 45.72
CA GLY G 64 -60.32 -32.95 46.55
C GLY G 64 -60.63 -32.67 48.00
N SER G 65 -59.79 -33.15 48.89
CA SER G 65 -59.89 -32.83 50.31
C SER G 65 -58.48 -32.81 50.88
N GLY G 66 -58.21 -31.85 51.74
CA GLY G 66 -56.84 -31.67 52.20
C GLY G 66 -55.92 -31.52 51.00
N THR G 67 -54.88 -32.36 50.96
CA THR G 67 -53.92 -32.34 49.87
C THR G 67 -54.24 -33.39 48.80
N ASP G 68 -55.33 -34.13 48.94
CA ASP G 68 -55.64 -35.21 48.02
C ASP G 68 -56.72 -34.76 47.05
N PHE G 69 -56.61 -35.23 45.82
CA PHE G 69 -57.65 -35.06 44.81
C PHE G 69 -58.00 -36.43 44.25
N THR G 70 -59.29 -36.75 44.30
CA THR G 70 -59.76 -38.08 43.97
C THR G 70 -60.20 -38.12 42.52
N LEU G 71 -59.88 -39.22 41.85
CA LEU G 71 -60.57 -39.61 40.63
C LEU G 71 -61.53 -40.72 41.01
N THR G 72 -62.82 -40.42 41.03
CA THR G 72 -63.82 -41.33 41.54
C THR G 72 -64.70 -41.79 40.40
N ILE G 73 -64.73 -43.11 40.19
CA ILE G 73 -65.60 -43.71 39.19
C ILE G 73 -66.61 -44.58 39.91
N ASN G 74 -67.88 -44.41 39.57
CA ASN G 74 -68.96 -45.24 40.11
C ASN G 74 -69.45 -46.14 39.01
N SER G 75 -69.75 -47.40 39.34
CA SER G 75 -70.37 -48.32 38.39
C SER G 75 -69.55 -48.44 37.10
N LEU G 76 -68.38 -49.07 37.21
CA LEU G 76 -67.48 -49.23 36.07
C LEU G 76 -68.09 -50.10 34.98
N GLU G 77 -67.61 -49.90 33.76
CA GLU G 77 -67.82 -50.81 32.63
C GLU G 77 -66.46 -51.30 32.16
N ALA G 78 -66.42 -52.54 31.67
CA ALA G 78 -65.17 -53.14 31.20
C ALA G 78 -64.61 -52.40 29.99
N GLU G 79 -65.41 -51.51 29.40
CA GLU G 79 -64.89 -50.60 28.38
C GLU G 79 -64.16 -49.42 29.01
N ASP G 80 -64.46 -49.13 30.28
CA ASP G 80 -64.11 -47.84 30.85
C ASP G 80 -62.63 -47.76 31.21
N PHE G 81 -62.11 -48.79 31.87
CA PHE G 81 -60.84 -48.64 32.57
C PHE G 81 -59.71 -48.20 31.63
N GLY G 82 -58.78 -47.43 32.16
CA GLY G 82 -57.62 -47.00 31.40
C GLY G 82 -56.61 -46.37 32.32
N ILE G 83 -55.53 -45.86 31.71
CA ILE G 83 -54.52 -45.18 32.50
C ILE G 83 -55.05 -43.80 32.87
N TYR G 84 -54.90 -43.43 34.13
CA TYR G 84 -55.50 -42.21 34.66
C TYR G 84 -54.44 -41.25 35.16
N PHE G 85 -54.66 -39.97 34.90
CA PHE G 85 -53.72 -38.93 35.29
C PHE G 85 -54.48 -37.79 35.97
N CYS G 86 -53.76 -37.03 36.79
CA CYS G 86 -54.33 -35.80 37.41
C CYS G 86 -53.30 -34.69 37.12
N GLN G 87 -53.63 -33.43 37.35
CA GLN G 87 -52.67 -32.36 36.97
C GLN G 87 -52.51 -31.30 38.07
N GLN G 88 -51.30 -30.72 38.16
CA GLN G 88 -51.08 -29.62 39.13
C GLN G 88 -50.92 -28.34 38.33
N THR G 89 -51.69 -27.30 38.66
CA THR G 89 -51.66 -26.04 37.86
C THR G 89 -51.34 -24.87 38.78
N ASN G 90 -50.83 -23.76 38.22
CA ASN G 90 -50.55 -22.53 39.01
C ASN G 90 -49.25 -22.71 39.81
N PHE G 91 -48.52 -23.80 39.57
CA PHE G 91 -47.27 -24.06 40.33
C PHE G 91 -46.03 -23.90 39.43
N TRP G 92 -46.20 -23.43 38.19
CA TRP G 92 -45.09 -23.30 37.20
C TRP G 92 -44.77 -24.65 36.54
N PRO G 93 -43.91 -25.57 37.08
CA PRO G 93 -43.76 -26.89 36.48
C PRO G 93 -45.09 -27.61 36.72
N TYR G 94 -45.74 -28.05 35.64
CA TYR G 94 -47.07 -28.70 35.82
C TYR G 94 -46.83 -30.21 36.05
N ILE G 95 -46.82 -30.61 37.31
CA ILE G 95 -46.52 -32.03 37.63
C ILE G 95 -47.81 -32.82 37.41
N PHE G 96 -47.76 -33.76 36.45
CA PHE G 96 -48.96 -34.58 36.17
C PHE G 96 -48.81 -35.87 36.97
N GLY G 97 -49.92 -36.53 37.30
CA GLY G 97 -49.85 -37.74 38.07
C GLY G 97 -48.91 -38.75 37.46
N GLN G 98 -48.26 -39.54 38.29
CA GLN G 98 -47.43 -40.63 37.79
C GLN G 98 -48.22 -41.54 36.86
N GLY G 99 -49.53 -41.50 36.95
CA GLY G 99 -50.44 -42.30 36.17
C GLY G 99 -50.93 -43.49 36.96
N THR G 100 -52.17 -43.89 36.68
CA THR G 100 -52.76 -45.06 37.28
C THR G 100 -53.44 -45.86 36.19
N LYS G 101 -52.98 -47.09 35.97
CA LYS G 101 -53.65 -48.00 35.07
C LYS G 101 -54.76 -48.70 35.85
N LEU G 102 -56.00 -48.48 35.42
CA LEU G 102 -57.16 -49.10 36.05
C LEU G 102 -57.42 -50.42 35.35
N GLU G 103 -57.60 -51.47 36.14
CA GLU G 103 -58.02 -52.77 35.62
C GLU G 103 -59.44 -53.03 36.09
N ILE G 104 -60.23 -53.67 35.24
CA ILE G 104 -61.56 -54.14 35.60
C ILE G 104 -61.61 -55.64 35.38
N LEU G 105 -61.90 -56.35 36.45
CA LEU G 105 -61.95 -57.80 36.44
C LEU G 105 -63.30 -58.26 35.89
N LYS G 106 -63.58 -59.54 36.07
CA LYS G 106 -64.89 -60.17 35.82
C LYS G 106 -65.05 -60.57 34.36
N ARG G 107 -64.10 -60.20 33.51
CA ARG G 107 -64.05 -60.82 32.20
C ARG G 107 -63.71 -62.30 32.34
N VAL H 1 -59.95 -27.97 18.43
CA VAL H 1 -60.57 -29.21 17.98
C VAL H 1 -59.54 -30.02 17.21
N GLN H 2 -58.59 -29.36 16.59
CA GLN H 2 -57.60 -30.10 15.80
C GLN H 2 -56.20 -29.56 16.06
N LEU H 3 -55.33 -30.47 16.48
CA LEU H 3 -53.92 -30.20 16.72
C LEU H 3 -53.18 -31.34 16.05
N VAL H 4 -52.37 -31.01 15.06
CA VAL H 4 -51.68 -31.98 14.22
C VAL H 4 -50.19 -31.74 14.37
N GLN H 5 -49.45 -32.78 14.73
CA GLN H 5 -48.01 -32.63 14.94
C GLN H 5 -47.19 -33.22 13.81
N SER H 6 -46.03 -32.60 13.60
CA SER H 6 -44.97 -33.15 12.78
C SER H 6 -44.61 -34.54 13.27
N GLY H 7 -44.26 -35.41 12.33
CA GLY H 7 -44.07 -36.81 12.64
C GLY H 7 -42.90 -37.07 13.54
N ALA H 8 -42.67 -38.36 13.78
CA ALA H 8 -41.58 -38.80 14.64
C ALA H 8 -40.24 -38.26 14.15
N GLU H 9 -39.39 -37.84 15.09
CA GLU H 9 -38.07 -37.32 14.78
C GLU H 9 -37.01 -38.19 15.45
N VAL H 10 -36.14 -38.79 14.65
CA VAL H 10 -35.07 -39.62 15.16
C VAL H 10 -33.76 -38.89 14.96
N LYS H 11 -33.05 -38.64 16.07
CA LYS H 11 -31.85 -37.83 16.07
C LYS H 11 -30.72 -38.58 16.77
N LYS H 12 -29.52 -38.08 16.59
CA LYS H 12 -28.51 -38.53 17.53
C LYS H 12 -28.59 -37.69 18.80
N PRO H 13 -28.20 -38.22 19.95
CA PRO H 13 -28.16 -37.40 21.16
C PRO H 13 -27.29 -36.17 20.95
N GLY H 14 -27.69 -35.07 21.57
CA GLY H 14 -27.03 -33.79 21.40
C GLY H 14 -27.53 -32.99 20.23
N ALA H 15 -28.20 -33.61 19.26
CA ALA H 15 -28.75 -32.92 18.11
C ALA H 15 -30.03 -32.19 18.53
N THR H 16 -30.74 -31.65 17.55
CA THR H 16 -31.93 -30.86 17.81
C THR H 16 -33.14 -31.45 17.11
N VAL H 17 -34.26 -31.45 17.83
CA VAL H 17 -35.57 -31.74 17.25
C VAL H 17 -36.47 -30.54 17.51
N LYS H 18 -37.15 -30.09 16.46
CA LYS H 18 -38.21 -29.09 16.57
C LYS H 18 -39.48 -29.74 16.08
N ILE H 19 -40.57 -29.57 16.82
CA ILE H 19 -41.80 -30.27 16.51
C ILE H 19 -42.96 -29.29 16.39
N SER H 20 -43.72 -29.44 15.32
CA SER H 20 -44.80 -28.54 14.94
C SER H 20 -46.12 -29.02 15.53
N CYS H 21 -46.80 -28.11 16.22
CA CYS H 21 -48.18 -28.36 16.65
C CYS H 21 -49.09 -27.46 15.84
N LYS H 22 -49.81 -28.04 14.88
CA LYS H 22 -50.61 -27.26 13.94
C LYS H 22 -52.04 -27.17 14.46
N VAL H 23 -52.48 -25.97 14.74
CA VAL H 23 -53.83 -25.71 15.20
C VAL H 23 -54.78 -25.68 14.03
N SER H 24 -55.96 -26.26 14.22
CA SER H 24 -57.12 -25.96 13.42
C SER H 24 -58.35 -26.29 14.24
N GLY H 25 -59.50 -25.81 13.79
CA GLY H 25 -60.73 -26.08 14.50
C GLY H 25 -61.03 -25.12 15.63
N TYR H 26 -60.15 -24.17 15.90
CA TYR H 26 -60.42 -23.17 16.92
C TYR H 26 -59.57 -21.92 16.66
N SER H 27 -59.65 -20.98 17.59
CA SER H 27 -58.88 -19.74 17.52
C SER H 27 -57.55 -19.95 18.22
N PHE H 28 -56.46 -19.76 17.47
CA PHE H 28 -55.12 -19.96 18.01
C PHE H 28 -54.76 -18.87 19.01
N SER H 29 -55.07 -17.62 18.67
CA SER H 29 -54.71 -16.47 19.49
C SER H 29 -55.44 -16.41 20.83
N ASN H 30 -56.53 -17.15 20.98
CA ASN H 30 -57.28 -17.14 22.23
C ASN H 30 -56.90 -18.29 23.15
N TYR H 31 -55.89 -19.08 22.80
CA TYR H 31 -55.50 -20.24 23.58
C TYR H 31 -53.99 -20.34 23.65
N TYR H 32 -53.48 -20.46 24.87
CA TYR H 32 -52.12 -20.94 25.01
C TYR H 32 -52.05 -22.40 24.58
N ILE H 33 -50.86 -22.88 24.31
CA ILE H 33 -50.65 -24.29 24.02
C ILE H 33 -49.73 -24.88 25.08
N HIS H 34 -50.20 -25.95 25.72
CA HIS H 34 -49.35 -26.77 26.58
C HIS H 34 -48.58 -27.75 25.73
N TRP H 35 -47.37 -28.07 26.16
CA TRP H 35 -46.54 -29.07 25.50
C TRP H 35 -46.22 -30.17 26.49
N VAL H 36 -46.70 -31.38 26.18
CA VAL H 36 -46.77 -32.50 27.12
C VAL H 36 -45.93 -33.64 26.60
N LYS H 37 -45.04 -34.14 27.43
CA LYS H 37 -44.16 -35.24 27.10
C LYS H 37 -44.58 -36.48 27.87
N GLN H 38 -44.69 -37.60 27.15
CA GLN H 38 -44.86 -38.89 27.81
C GLN H 38 -43.68 -39.76 27.41
N ALA H 39 -42.79 -40.01 28.36
CA ALA H 39 -41.71 -40.95 28.09
C ALA H 39 -42.31 -42.34 27.94
N PRO H 40 -41.77 -43.16 27.02
CA PRO H 40 -42.45 -44.41 26.70
C PRO H 40 -42.63 -45.29 27.93
N GLY H 41 -43.87 -45.70 28.18
CA GLY H 41 -44.23 -46.36 29.41
C GLY H 41 -44.07 -45.52 30.66
N LYS H 42 -43.93 -44.20 30.54
CA LYS H 42 -43.75 -43.34 31.69
C LYS H 42 -44.83 -42.26 31.70
N SER H 43 -44.81 -41.44 32.75
CA SER H 43 -45.94 -40.58 33.04
C SER H 43 -45.96 -39.35 32.12
N LEU H 44 -47.03 -38.58 32.26
CA LEU H 44 -47.18 -37.37 31.47
C LEU H 44 -46.30 -36.27 32.05
N GLU H 45 -45.58 -35.58 31.17
CA GLU H 45 -44.56 -34.63 31.60
C GLU H 45 -44.65 -33.38 30.74
N TRP H 46 -44.80 -32.23 31.39
CA TRP H 46 -45.19 -30.99 30.73
C TRP H 46 -44.00 -30.06 30.58
N ILE H 47 -43.54 -29.86 29.35
CA ILE H 47 -42.29 -29.14 29.09
C ILE H 47 -42.49 -27.63 29.15
N GLY H 48 -43.66 -27.13 28.77
CA GLY H 48 -43.87 -25.69 28.86
C GLY H 48 -45.19 -25.29 28.25
N TYR H 49 -45.56 -24.04 28.54
CA TYR H 49 -46.69 -23.41 27.86
C TYR H 49 -46.16 -22.27 27.02
N ILE H 50 -46.91 -21.95 25.98
CA ILE H 50 -46.56 -20.95 24.99
C ILE H 50 -47.75 -20.00 24.89
N ASP H 51 -47.52 -18.82 24.34
CA ASP H 51 -48.61 -17.91 24.08
C ASP H 51 -48.69 -17.65 22.59
N PRO H 52 -49.91 -17.56 22.05
CA PRO H 52 -50.05 -17.22 20.63
C PRO H 52 -49.66 -15.79 20.32
N PHE H 53 -49.98 -14.85 21.22
CA PHE H 53 -49.73 -13.44 20.93
C PHE H 53 -48.30 -13.05 21.27
N ASN H 54 -47.59 -13.90 22.00
CA ASN H 54 -46.34 -13.50 22.62
C ASN H 54 -45.36 -14.67 22.72
N GLY H 55 -44.22 -14.39 23.36
CA GLY H 55 -43.21 -15.44 23.54
C GLY H 55 -43.30 -15.94 24.97
N GLY H 56 -44.52 -16.18 25.45
CA GLY H 56 -44.71 -16.60 26.85
C GLY H 56 -44.45 -18.09 26.97
N THR H 57 -43.20 -18.49 26.79
CA THR H 57 -42.83 -19.93 26.85
C THR H 57 -42.30 -20.27 28.24
N SER H 58 -43.15 -20.77 29.14
CA SER H 58 -42.61 -21.17 30.42
C SER H 58 -41.93 -22.50 30.19
N ASP H 59 -40.93 -22.82 30.99
CA ASP H 59 -40.24 -24.09 30.83
C ASP H 59 -40.17 -24.76 32.19
N ASN H 60 -40.62 -26.01 32.26
CA ASN H 60 -40.43 -26.82 33.50
C ASN H 60 -38.94 -27.21 33.53
N LEU H 61 -38.35 -27.41 34.71
CA LEU H 61 -36.88 -27.66 34.80
C LEU H 61 -36.54 -29.15 35.01
N LYS H 62 -37.49 -30.07 34.81
CA LYS H 62 -37.23 -31.51 35.10
C LYS H 62 -36.08 -32.01 34.23
N PHE H 63 -36.04 -31.63 32.95
CA PHE H 63 -34.94 -32.02 32.02
C PHE H 63 -34.57 -30.76 31.24
N LYS H 64 -33.48 -30.76 30.46
CA LYS H 64 -33.21 -29.50 29.78
C LYS H 64 -32.74 -29.79 28.37
N GLY H 65 -33.56 -29.36 27.40
CA GLY H 65 -33.19 -29.36 26.00
C GLY H 65 -32.92 -28.00 25.39
N ALA H 66 -32.62 -26.98 26.19
CA ALA H 66 -32.56 -25.59 25.72
C ALA H 66 -33.81 -25.22 24.94
N ALA H 67 -34.96 -25.72 25.41
CA ALA H 67 -36.17 -25.67 24.64
C ALA H 67 -36.73 -24.25 24.58
N THR H 68 -37.34 -23.91 23.45
CA THR H 68 -38.08 -22.68 23.26
C THR H 68 -39.31 -23.00 22.42
N LEU H 69 -40.47 -22.53 22.87
CA LEU H 69 -41.72 -22.78 22.18
C LEU H 69 -42.04 -21.58 21.28
N THR H 70 -42.01 -21.80 19.97
CA THR H 70 -42.34 -20.75 19.02
C THR H 70 -43.69 -21.07 18.39
N ALA H 71 -44.55 -20.05 18.34
CA ALA H 71 -45.87 -20.18 17.74
C ALA H 71 -45.92 -19.35 16.47
N ASP H 72 -46.38 -19.99 15.39
CA ASP H 72 -46.48 -19.33 14.09
C ASP H 72 -47.93 -18.91 13.93
N THR H 73 -48.20 -17.62 14.08
CA THR H 73 -49.58 -17.15 14.12
C THR H 73 -50.25 -17.18 12.76
N SER H 74 -49.50 -17.00 11.68
CA SER H 74 -50.05 -17.22 10.35
C SER H 74 -50.60 -18.63 10.21
N THR H 75 -49.80 -19.65 10.53
CA THR H 75 -50.21 -21.03 10.43
C THR H 75 -50.71 -21.59 11.76
N ASP H 76 -50.77 -20.78 12.80
CA ASP H 76 -51.35 -21.19 14.09
C ASP H 76 -50.59 -22.36 14.69
N THR H 77 -49.32 -22.49 14.32
CA THR H 77 -48.54 -23.67 14.67
C THR H 77 -47.48 -23.31 15.70
N ALA H 78 -47.65 -23.83 16.91
CA ALA H 78 -46.62 -23.76 17.93
C ALA H 78 -45.57 -24.84 17.65
N TYR H 79 -44.31 -24.43 17.68
CA TYR H 79 -43.20 -25.36 17.56
C TYR H 79 -42.63 -25.60 18.96
N MET H 80 -42.14 -26.81 19.18
CA MET H 80 -41.27 -27.09 20.30
C MET H 80 -39.93 -27.52 19.74
N GLU H 81 -38.92 -26.68 19.90
CA GLU H 81 -37.54 -27.05 19.59
C GLU H 81 -36.93 -27.69 20.81
N LEU H 82 -36.61 -28.97 20.71
CA LEU H 82 -35.95 -29.67 21.79
C LEU H 82 -34.55 -30.02 21.32
N SER H 83 -33.57 -29.33 21.89
CA SER H 83 -32.16 -29.49 21.55
C SER H 83 -31.46 -30.30 22.63
N SER H 84 -30.14 -30.41 22.49
CA SER H 84 -29.31 -31.14 23.43
C SER H 84 -29.90 -32.51 23.72
N LEU H 85 -30.41 -33.15 22.67
CA LEU H 85 -31.22 -34.33 22.83
C LEU H 85 -30.49 -35.42 23.61
N ARG H 86 -31.24 -36.15 24.42
CA ARG H 86 -30.72 -37.26 25.19
C ARG H 86 -31.59 -38.49 24.93
N SER H 87 -31.00 -39.66 25.15
CA SER H 87 -31.72 -40.90 24.89
C SER H 87 -32.97 -41.02 25.76
N GLU H 88 -33.01 -40.31 26.88
CA GLU H 88 -34.19 -40.29 27.74
C GLU H 88 -35.28 -39.35 27.25
N ASP H 89 -34.92 -38.27 26.53
CA ASP H 89 -35.92 -37.45 25.87
C ASP H 89 -36.79 -38.26 24.92
N THR H 90 -36.34 -39.45 24.51
CA THR H 90 -37.14 -40.33 23.69
C THR H 90 -38.49 -40.55 24.34
N ALA H 91 -39.57 -40.22 23.62
CA ALA H 91 -40.88 -40.04 24.22
C ALA H 91 -41.86 -39.60 23.15
N VAL H 92 -43.12 -39.53 23.54
CA VAL H 92 -44.18 -39.05 22.68
C VAL H 92 -44.55 -37.64 23.13
N TYR H 93 -44.28 -36.66 22.28
CA TYR H 93 -44.45 -35.25 22.65
C TYR H 93 -45.84 -34.80 22.24
N TYR H 94 -46.71 -34.56 23.22
CA TYR H 94 -48.01 -33.99 22.96
C TYR H 94 -47.94 -32.48 23.08
N CYS H 95 -48.67 -31.81 22.22
CA CYS H 95 -49.01 -30.41 22.43
C CYS H 95 -50.47 -30.34 22.84
N ALA H 96 -50.77 -29.46 23.78
CA ALA H 96 -52.07 -29.44 24.41
C ALA H 96 -52.65 -28.03 24.36
N ARG H 97 -53.89 -27.93 23.92
CA ARG H 97 -54.54 -26.63 23.86
C ARG H 97 -54.78 -26.12 25.29
N SER H 98 -54.28 -24.92 25.58
CA SER H 98 -54.42 -24.30 26.89
C SER H 98 -55.28 -23.07 26.78
N GLU H 99 -55.90 -22.70 27.89
CA GLU H 99 -56.61 -21.43 27.93
C GLU H 99 -55.63 -20.29 27.78
N TYR H 100 -56.12 -19.13 27.31
CA TYR H 100 -55.27 -17.91 27.29
C TYR H 100 -55.49 -17.29 28.67
N ASP H 101 -56.49 -17.80 29.38
CA ASP H 101 -56.87 -17.28 30.72
C ASP H 101 -55.87 -17.76 31.79
N PRO H 102 -55.92 -17.22 33.03
CA PRO H 102 -55.04 -17.69 34.12
C PRO H 102 -55.35 -19.14 34.52
N TYR H 103 -56.45 -19.70 34.02
CA TYR H 103 -56.82 -21.12 34.30
C TYR H 103 -56.07 -22.05 33.35
N TYR H 104 -55.93 -23.35 33.69
CA TYR H 104 -55.14 -24.23 32.87
C TYR H 104 -55.87 -25.54 32.66
N VAL H 105 -56.38 -25.69 31.45
CA VAL H 105 -57.07 -26.90 31.06
C VAL H 105 -56.43 -27.30 29.75
N MET H 106 -56.15 -28.57 29.58
CA MET H 106 -55.90 -29.05 28.27
C MET H 106 -57.03 -30.01 27.93
N ASP H 107 -57.98 -29.51 27.14
CA ASP H 107 -59.08 -30.33 26.69
C ASP H 107 -58.68 -31.16 25.49
N TYR H 108 -58.04 -30.53 24.51
CA TYR H 108 -57.75 -31.18 23.24
C TYR H 108 -56.27 -31.01 22.88
N TRP H 109 -55.71 -32.04 22.26
CA TRP H 109 -54.26 -32.13 22.06
C TRP H 109 -53.86 -32.45 20.63
N GLY H 110 -52.55 -32.50 20.39
CA GLY H 110 -52.01 -33.11 19.19
C GLY H 110 -52.20 -34.62 19.24
N GLN H 111 -51.62 -35.29 18.25
CA GLN H 111 -51.70 -36.75 18.26
C GLN H 111 -50.51 -37.39 18.96
N GLY H 112 -49.53 -36.60 19.35
CA GLY H 112 -48.29 -37.06 19.95
C GLY H 112 -47.21 -37.30 18.92
N THR H 113 -45.98 -36.99 19.30
CA THR H 113 -44.82 -37.15 18.42
C THR H 113 -43.77 -37.96 19.15
N THR H 114 -43.57 -39.20 18.70
CA THR H 114 -42.47 -40.00 19.20
C THR H 114 -41.18 -39.39 18.69
N VAL H 115 -40.21 -39.22 19.58
CA VAL H 115 -38.86 -38.89 19.17
C VAL H 115 -37.98 -39.98 19.72
N THR H 116 -37.20 -40.62 18.86
CA THR H 116 -36.23 -41.61 19.28
C THR H 116 -34.86 -40.96 19.23
N VAL H 117 -34.30 -40.66 20.39
CA VAL H 117 -32.99 -40.03 20.48
C VAL H 117 -32.01 -41.15 20.83
N SER H 118 -31.16 -41.50 19.86
CA SER H 118 -30.23 -42.58 20.05
C SER H 118 -29.11 -42.43 19.03
N SER H 119 -27.96 -43.05 19.32
CA SER H 119 -26.96 -43.23 18.28
C SER H 119 -27.40 -44.30 17.29
N ALA H 120 -28.46 -45.03 17.61
CA ALA H 120 -29.00 -46.02 16.68
C ALA H 120 -29.85 -45.34 15.63
N SER H 121 -29.42 -45.45 14.39
CA SER H 121 -30.15 -44.92 13.25
C SER H 121 -31.30 -45.84 12.90
N THR H 122 -32.28 -45.28 12.18
CA THR H 122 -33.48 -46.02 11.82
C THR H 122 -33.17 -47.13 10.83
N GLU I 1 -32.29 -71.61 -15.30
CA GLU I 1 -31.87 -70.88 -16.48
C GLU I 1 -33.00 -70.05 -17.09
N VAL I 2 -33.89 -70.74 -17.80
CA VAL I 2 -34.86 -70.10 -18.69
C VAL I 2 -36.17 -70.89 -18.67
N GLN I 3 -37.28 -70.16 -18.62
CA GLN I 3 -38.59 -70.68 -18.97
C GLN I 3 -39.05 -69.92 -20.19
N LEU I 4 -39.99 -70.50 -20.93
CA LEU I 4 -40.41 -69.90 -22.19
C LEU I 4 -41.83 -69.39 -22.05
N LEU I 5 -42.33 -68.73 -23.09
CA LEU I 5 -43.74 -68.43 -23.19
C LEU I 5 -44.41 -69.59 -23.93
N GLU I 6 -45.74 -69.53 -24.05
CA GLU I 6 -46.38 -70.64 -24.73
C GLU I 6 -46.12 -70.54 -26.23
N GLN I 7 -46.51 -71.59 -26.94
CA GLN I 7 -46.26 -71.64 -28.37
C GLN I 7 -47.29 -70.83 -29.12
N SER I 8 -48.56 -71.05 -28.79
CA SER I 8 -49.70 -70.39 -29.37
C SER I 8 -50.62 -69.88 -28.27
N GLY I 9 -51.04 -70.80 -27.41
CA GLY I 9 -52.35 -70.78 -26.83
C GLY I 9 -53.18 -71.87 -27.46
N ALA I 10 -54.49 -71.79 -27.23
CA ALA I 10 -55.43 -72.70 -27.88
C ALA I 10 -55.90 -72.06 -29.18
N GLU I 11 -55.50 -72.64 -30.32
CA GLU I 11 -55.91 -72.15 -31.62
C GLU I 11 -56.75 -73.22 -32.30
N VAL I 12 -58.05 -72.96 -32.41
CA VAL I 12 -58.96 -73.86 -33.08
C VAL I 12 -59.51 -73.17 -34.32
N LYS I 13 -59.08 -73.64 -35.49
CA LYS I 13 -59.49 -73.02 -36.74
C LYS I 13 -60.06 -74.09 -37.67
N LYS I 14 -61.34 -73.94 -37.97
CA LYS I 14 -62.12 -74.86 -38.79
C LYS I 14 -61.47 -74.98 -40.15
N PRO I 15 -61.75 -76.05 -40.90
CA PRO I 15 -61.16 -76.16 -42.25
C PRO I 15 -61.46 -74.92 -43.09
N GLY I 16 -60.56 -74.64 -44.02
CA GLY I 16 -60.60 -73.38 -44.73
C GLY I 16 -59.96 -72.23 -44.00
N ALA I 17 -58.87 -72.46 -43.27
CA ALA I 17 -58.15 -71.43 -42.53
C ALA I 17 -56.66 -71.75 -42.49
N SER I 18 -55.92 -70.88 -41.82
CA SER I 18 -54.50 -71.08 -41.58
C SER I 18 -54.10 -70.29 -40.34
N VAL I 19 -53.05 -70.76 -39.65
CA VAL I 19 -52.77 -70.28 -38.30
C VAL I 19 -51.28 -70.03 -38.12
N ARG I 20 -50.96 -68.84 -37.60
CA ARG I 20 -49.62 -68.50 -37.16
C ARG I 20 -49.38 -69.07 -35.76
N VAL I 21 -48.12 -69.30 -35.43
CA VAL I 21 -47.74 -69.79 -34.10
C VAL I 21 -46.62 -68.90 -33.57
N SER I 22 -46.91 -68.13 -32.53
CA SER I 22 -45.99 -67.14 -32.00
C SER I 22 -45.46 -67.59 -30.66
N CYS I 23 -44.18 -67.99 -30.63
CA CYS I 23 -43.54 -68.55 -29.44
C CYS I 23 -42.59 -67.51 -28.87
N LYS I 24 -42.88 -67.04 -27.66
CA LYS I 24 -41.99 -66.07 -27.03
C LYS I 24 -41.16 -66.77 -25.95
N VAL I 25 -40.22 -66.02 -25.37
CA VAL I 25 -39.26 -66.59 -24.43
C VAL I 25 -39.22 -65.72 -23.19
N SER I 26 -38.43 -66.15 -22.20
CA SER I 26 -38.15 -65.36 -21.02
C SER I 26 -36.79 -65.77 -20.48
N GLY I 27 -36.06 -64.81 -19.93
CA GLY I 27 -34.74 -65.07 -19.39
C GLY I 27 -33.63 -65.08 -20.43
N TYR I 28 -34.00 -65.24 -21.70
CA TYR I 28 -33.09 -64.97 -22.81
C TYR I 28 -33.65 -63.86 -23.69
N THR I 29 -32.90 -63.49 -24.71
CA THR I 29 -33.40 -62.65 -25.78
C THR I 29 -33.52 -63.51 -27.03
N LEU I 30 -34.46 -63.14 -27.89
CA LEU I 30 -34.81 -64.02 -29.00
C LEU I 30 -33.61 -64.40 -29.85
N PRO I 31 -32.87 -63.45 -30.46
CA PRO I 31 -31.81 -63.88 -31.38
C PRO I 31 -30.46 -64.07 -30.71
N GLU I 32 -30.42 -64.67 -29.53
CA GLU I 32 -29.22 -65.33 -29.04
C GLU I 32 -29.32 -66.84 -29.10
N VAL I 33 -30.48 -67.37 -29.50
CA VAL I 33 -30.75 -68.79 -29.45
C VAL I 33 -31.74 -69.10 -30.56
N ALA I 34 -31.61 -70.29 -31.15
CA ALA I 34 -32.37 -70.66 -32.34
C ALA I 34 -33.60 -71.46 -31.94
N MET I 35 -34.71 -71.21 -32.62
CA MET I 35 -35.94 -71.96 -32.37
C MET I 35 -36.03 -73.15 -33.30
N HIS I 36 -37.03 -73.98 -33.07
CA HIS I 36 -37.27 -75.21 -33.81
C HIS I 36 -38.72 -75.61 -33.63
N TRP I 37 -39.17 -76.54 -34.48
CA TRP I 37 -40.56 -76.97 -34.44
C TRP I 37 -40.64 -78.46 -34.73
N VAL I 38 -41.60 -79.13 -34.09
CA VAL I 38 -41.80 -80.55 -34.29
C VAL I 38 -43.29 -80.83 -34.34
N ARG I 39 -43.74 -81.54 -35.37
CA ARG I 39 -45.08 -82.06 -35.36
C ARG I 39 -45.18 -83.24 -34.39
N GLN I 40 -46.17 -83.17 -33.51
CA GLN I 40 -46.53 -84.31 -32.67
C GLN I 40 -48.02 -84.54 -32.77
N ALA I 41 -48.40 -85.66 -33.35
CA ALA I 41 -49.81 -86.03 -33.45
C ALA I 41 -50.18 -86.93 -32.28
N PRO I 42 -51.30 -86.69 -31.60
CA PRO I 42 -51.64 -87.51 -30.44
C PRO I 42 -51.74 -88.98 -30.80
N GLY I 43 -51.25 -89.83 -29.90
CA GLY I 43 -51.17 -91.25 -30.20
C GLY I 43 -50.17 -91.58 -31.29
N LYS I 44 -49.27 -90.66 -31.59
CA LYS I 44 -48.30 -90.83 -32.67
C LYS I 44 -46.95 -90.28 -32.20
N GLY I 45 -46.00 -90.16 -33.12
CA GLY I 45 -44.65 -89.77 -32.78
C GLY I 45 -44.28 -88.38 -33.23
N LEU I 46 -42.97 -88.13 -33.26
CA LEU I 46 -42.42 -86.82 -33.58
C LEU I 46 -42.18 -86.67 -35.06
N GLU I 47 -42.48 -85.49 -35.59
CA GLU I 47 -42.12 -85.11 -36.96
C GLU I 47 -41.54 -83.70 -36.89
N TRP I 48 -40.25 -83.56 -37.18
CA TRP I 48 -39.60 -82.27 -36.99
C TRP I 48 -40.04 -81.28 -38.06
N MET I 49 -39.89 -79.99 -37.76
CA MET I 49 -40.51 -78.96 -38.56
C MET I 49 -39.77 -77.65 -38.34
N GLY I 50 -39.92 -76.75 -39.31
CA GLY I 50 -39.39 -75.40 -39.17
C GLY I 50 -37.90 -75.43 -38.87
N GLY I 51 -37.51 -74.75 -37.79
CA GLY I 51 -36.15 -74.85 -37.29
C GLY I 51 -35.21 -73.84 -37.91
N PHE I 52 -34.13 -73.55 -37.18
CA PHE I 52 -33.06 -72.68 -37.64
C PHE I 52 -31.81 -73.54 -37.83
N ASP I 53 -30.94 -73.13 -38.75
CA ASP I 53 -29.75 -73.91 -39.05
C ASP I 53 -28.53 -73.24 -38.43
N PRO I 54 -27.85 -73.87 -37.48
CA PRO I 54 -26.59 -73.29 -36.98
C PRO I 54 -25.58 -73.06 -38.08
N GLU I 55 -25.43 -74.03 -38.98
CA GLU I 55 -24.61 -73.81 -40.17
C GLU I 55 -25.37 -72.93 -41.16
N ASP I 56 -24.61 -72.19 -41.99
CA ASP I 56 -25.16 -71.45 -43.11
C ASP I 56 -26.07 -70.30 -42.65
N GLY I 57 -26.43 -70.28 -41.37
CA GLY I 57 -27.21 -69.20 -40.80
C GLY I 57 -28.64 -69.09 -41.25
N GLU I 58 -29.11 -69.98 -42.12
CA GLU I 58 -30.49 -69.92 -42.58
C GLU I 58 -31.43 -70.49 -41.52
N THR I 59 -32.70 -70.12 -41.64
CA THR I 59 -33.78 -70.74 -40.88
C THR I 59 -34.29 -71.91 -41.72
N MET I 60 -34.11 -73.12 -41.21
CA MET I 60 -34.46 -74.30 -41.97
C MET I 60 -35.96 -74.42 -42.16
N TYR I 61 -36.34 -75.19 -43.17
CA TYR I 61 -37.72 -75.61 -43.39
C TYR I 61 -37.71 -77.06 -43.82
N ALA I 62 -38.47 -77.89 -43.09
CA ALA I 62 -38.48 -79.32 -43.36
C ALA I 62 -38.91 -79.56 -44.79
N GLN I 63 -38.07 -80.28 -45.54
CA GLN I 63 -38.28 -80.45 -46.98
C GLN I 63 -39.66 -81.02 -47.28
N LYS I 64 -40.05 -82.08 -46.56
CA LYS I 64 -41.37 -82.68 -46.75
C LYS I 64 -42.46 -81.63 -46.63
N PHE I 65 -42.38 -80.79 -45.60
CA PHE I 65 -43.35 -79.74 -45.35
C PHE I 65 -42.95 -78.39 -45.91
N GLN I 66 -41.83 -78.32 -46.62
CA GLN I 66 -41.30 -77.04 -47.08
C GLN I 66 -42.29 -76.31 -47.97
N GLY I 67 -42.36 -74.98 -47.78
CA GLY I 67 -43.22 -74.13 -48.57
C GLY I 67 -44.62 -73.96 -48.04
N ARG I 68 -45.12 -74.90 -47.26
CA ARG I 68 -46.42 -74.76 -46.64
C ARG I 68 -46.38 -73.94 -45.35
N VAL I 69 -45.26 -73.99 -44.64
CA VAL I 69 -45.10 -73.29 -43.37
C VAL I 69 -43.91 -72.34 -43.46
N THR I 70 -44.09 -71.15 -42.90
CA THR I 70 -43.06 -70.13 -42.91
C THR I 70 -42.86 -69.59 -41.51
N MET I 71 -41.74 -68.89 -41.31
CA MET I 71 -41.37 -68.34 -40.00
C MET I 71 -40.82 -66.93 -40.17
N THR I 72 -41.18 -66.06 -39.23
CA THR I 72 -40.61 -64.72 -39.11
C THR I 72 -40.23 -64.50 -37.65
N GLU I 73 -39.47 -63.43 -37.40
CA GLU I 73 -38.92 -63.17 -36.08
C GLU I 73 -38.97 -61.67 -35.79
N ASP I 74 -39.43 -61.32 -34.59
CA ASP I 74 -39.27 -59.97 -34.04
C ASP I 74 -38.34 -60.07 -32.85
N THR I 75 -37.12 -59.55 -33.01
CA THR I 75 -36.08 -59.80 -32.02
C THR I 75 -36.38 -59.14 -30.68
N SER I 76 -36.93 -57.92 -30.70
CA SER I 76 -37.13 -57.19 -29.45
C SER I 76 -38.28 -57.78 -28.65
N THR I 77 -39.40 -58.07 -29.30
CA THR I 77 -40.57 -58.62 -28.63
C THR I 77 -40.53 -60.13 -28.51
N ASP I 78 -39.49 -60.78 -29.07
CA ASP I 78 -39.26 -62.22 -28.90
C ASP I 78 -40.37 -63.05 -29.53
N THR I 79 -41.06 -62.49 -30.52
CA THR I 79 -42.19 -63.15 -31.16
C THR I 79 -41.73 -63.82 -32.44
N ALA I 80 -41.79 -65.15 -32.48
CA ALA I 80 -41.47 -65.92 -33.67
C ALA I 80 -42.73 -66.62 -34.17
N TYR I 81 -43.21 -66.17 -35.32
CA TYR I 81 -44.48 -66.62 -35.86
C TYR I 81 -44.27 -67.79 -36.81
N MET I 82 -44.93 -68.91 -36.51
CA MET I 82 -44.94 -70.06 -37.39
C MET I 82 -46.31 -70.15 -38.04
N GLU I 83 -46.37 -69.84 -39.33
CA GLU I 83 -47.61 -69.85 -40.10
C GLU I 83 -47.68 -71.13 -40.93
N LEU I 84 -48.62 -72.00 -40.58
CA LEU I 84 -48.93 -73.16 -41.39
C LEU I 84 -50.19 -72.87 -42.19
N SER I 85 -50.22 -73.36 -43.43
CA SER I 85 -51.27 -73.00 -44.36
C SER I 85 -51.85 -74.25 -45.01
N SER I 86 -52.99 -74.06 -45.67
CA SER I 86 -53.64 -75.08 -46.49
C SER I 86 -53.94 -76.34 -45.68
N LEU I 87 -54.89 -76.19 -44.77
CA LEU I 87 -55.23 -77.25 -43.82
C LEU I 87 -55.55 -78.56 -44.55
N ARG I 88 -55.10 -79.68 -43.98
CA ARG I 88 -55.38 -81.00 -44.53
C ARG I 88 -55.82 -81.95 -43.42
N SER I 89 -56.10 -83.20 -43.78
CA SER I 89 -56.63 -84.17 -42.82
C SER I 89 -55.73 -84.37 -41.62
N GLU I 90 -54.55 -84.94 -41.82
CA GLU I 90 -53.70 -85.40 -40.73
C GLU I 90 -52.85 -84.30 -40.12
N ASP I 91 -53.00 -83.06 -40.56
CA ASP I 91 -52.09 -82.01 -40.12
C ASP I 91 -52.60 -81.24 -38.91
N THR I 92 -53.71 -81.65 -38.31
CA THR I 92 -54.07 -81.11 -37.00
C THR I 92 -53.38 -81.90 -35.91
N ALA I 93 -52.59 -81.22 -35.08
CA ALA I 93 -51.72 -81.88 -34.11
C ALA I 93 -51.01 -80.84 -33.27
N VAL I 94 -50.33 -81.31 -32.22
CA VAL I 94 -49.50 -80.48 -31.37
C VAL I 94 -48.22 -80.19 -32.12
N TYR I 95 -47.87 -78.92 -32.24
CA TYR I 95 -46.61 -78.53 -32.86
C TYR I 95 -45.78 -77.79 -31.82
N TYR I 96 -44.69 -78.42 -31.40
CA TYR I 96 -43.90 -77.92 -30.27
C TYR I 96 -42.92 -76.85 -30.71
N CYS I 97 -42.85 -75.78 -29.94
CA CYS I 97 -41.76 -74.82 -30.01
C CYS I 97 -40.54 -75.41 -29.31
N ALA I 98 -39.44 -75.52 -30.04
CA ALA I 98 -38.21 -76.08 -29.50
C ALA I 98 -37.06 -75.16 -29.85
N THR I 99 -35.88 -75.42 -29.25
CA THR I 99 -34.75 -74.47 -29.46
C THR I 99 -33.36 -75.13 -29.32
N THR I 100 -32.37 -74.66 -30.08
CA THR I 100 -30.96 -75.14 -29.91
C THR I 100 -30.05 -73.91 -29.92
N THR I 101 -28.84 -74.01 -29.35
CA THR I 101 -27.90 -72.85 -29.43
C THR I 101 -27.31 -72.75 -30.84
N PRO I 102 -27.40 -71.60 -31.53
CA PRO I 102 -26.76 -71.42 -32.85
C PRO I 102 -25.23 -71.42 -32.80
N PHE I 103 -24.64 -70.75 -31.79
CA PHE I 103 -23.17 -70.61 -31.72
C PHE I 103 -22.48 -71.98 -31.56
N SER I 104 -23.04 -72.85 -30.72
CA SER I 104 -22.42 -74.18 -30.48
C SER I 104 -23.26 -75.27 -31.15
N SER I 105 -22.63 -76.14 -31.95
CA SER I 105 -23.43 -77.15 -32.71
C SER I 105 -24.28 -77.94 -31.71
N SER I 106 -25.57 -78.13 -32.01
CA SER I 106 -26.48 -78.78 -31.04
C SER I 106 -27.69 -79.37 -31.76
N TYR I 107 -27.94 -80.68 -31.58
CA TYR I 107 -29.15 -81.26 -32.14
C TYR I 107 -30.32 -81.30 -31.17
N TRP I 108 -30.01 -81.36 -29.87
CA TRP I 108 -31.07 -81.52 -28.83
C TRP I 108 -31.99 -80.29 -28.78
N PHE I 109 -33.24 -80.46 -28.36
CA PHE I 109 -34.20 -79.33 -28.41
C PHE I 109 -34.18 -78.46 -27.14
N ASP I 110 -33.20 -78.66 -26.25
CA ASP I 110 -33.07 -77.78 -25.05
C ASP I 110 -34.45 -77.73 -24.34
N PRO I 111 -35.04 -76.59 -23.85
CA PRO I 111 -36.41 -76.63 -23.27
C PRO I 111 -37.55 -76.83 -24.27
N TRP I 112 -38.80 -76.73 -23.81
CA TRP I 112 -39.98 -77.01 -24.68
C TRP I 112 -41.08 -75.96 -24.44
N GLY I 113 -41.96 -75.76 -25.42
CA GLY I 113 -43.01 -74.72 -25.30
C GLY I 113 -44.33 -75.25 -24.76
N GLN I 114 -44.36 -76.48 -24.20
CA GLN I 114 -45.53 -77.06 -23.57
C GLN I 114 -46.52 -77.64 -24.58
N GLY I 115 -46.43 -77.29 -25.85
CA GLY I 115 -47.27 -77.89 -26.88
C GLY I 115 -48.54 -77.13 -27.18
N THR I 116 -48.94 -77.10 -28.45
CA THR I 116 -50.22 -76.55 -28.86
C THR I 116 -50.81 -77.36 -30.00
N LEU I 117 -52.03 -77.85 -29.81
CA LEU I 117 -52.79 -78.52 -30.87
C LEU I 117 -53.28 -77.46 -31.86
N VAL I 118 -53.47 -77.88 -33.12
CA VAL I 118 -54.10 -77.03 -34.12
C VAL I 118 -55.39 -77.70 -34.58
N THR I 119 -56.04 -77.09 -35.57
CA THR I 119 -57.35 -77.56 -36.00
C THR I 119 -57.45 -77.45 -37.51
N VAL I 120 -58.05 -78.46 -38.13
CA VAL I 120 -58.20 -78.49 -39.58
C VAL I 120 -59.67 -78.58 -39.98
N SER J 1 -40.17 -92.56 -37.75
CA SER J 1 -40.12 -92.06 -39.12
C SER J 1 -39.16 -92.88 -39.96
N VAL J 2 -37.92 -92.38 -40.06
CA VAL J 2 -36.92 -93.03 -40.88
C VAL J 2 -36.02 -93.94 -40.02
N LEU J 3 -36.26 -93.99 -38.71
CA LEU J 3 -35.39 -94.72 -37.80
C LEU J 3 -36.11 -95.95 -37.27
N THR J 4 -35.42 -96.74 -36.46
CA THR J 4 -35.90 -98.04 -36.03
C THR J 4 -35.95 -98.15 -34.52
N GLN J 5 -37.17 -98.23 -33.97
CA GLN J 5 -37.38 -98.68 -32.60
C GLN J 5 -38.81 -99.16 -32.45
N ALA J 6 -39.04 -99.99 -31.45
CA ALA J 6 -40.30 -100.70 -31.34
C ALA J 6 -41.37 -99.82 -30.72
N PRO J 7 -42.64 -100.15 -30.88
CA PRO J 7 -43.69 -99.36 -30.22
C PRO J 7 -43.65 -99.40 -28.70
N SER J 8 -43.43 -100.57 -28.10
CA SER J 8 -43.53 -100.68 -26.65
C SER J 8 -42.57 -101.75 -26.14
N VAL J 9 -42.28 -101.65 -24.84
CA VAL J 9 -41.44 -102.62 -24.15
C VAL J 9 -41.84 -102.63 -22.69
N SER J 10 -41.65 -103.77 -22.03
CA SER J 10 -42.11 -103.93 -20.65
C SER J 10 -41.06 -104.63 -19.81
N ALA J 11 -40.99 -104.27 -18.54
CA ALA J 11 -40.07 -104.89 -17.61
C ALA J 11 -40.57 -104.68 -16.18
N ALA J 12 -40.08 -105.54 -15.28
CA ALA J 12 -40.43 -105.49 -13.87
C ALA J 12 -39.78 -104.28 -13.20
N PRO J 13 -40.38 -103.77 -12.12
CA PRO J 13 -39.85 -102.57 -11.48
C PRO J 13 -38.49 -102.80 -10.85
N GLY J 14 -37.75 -101.71 -10.65
CA GLY J 14 -36.46 -101.76 -10.00
C GLY J 14 -35.40 -102.54 -10.75
N GLN J 15 -35.68 -103.00 -11.96
CA GLN J 15 -34.77 -103.85 -12.70
C GLN J 15 -33.86 -102.97 -13.57
N LYS J 16 -33.04 -103.60 -14.40
CA LYS J 16 -32.14 -102.90 -15.31
C LYS J 16 -32.35 -103.42 -16.72
N VAL J 17 -32.91 -102.58 -17.59
CA VAL J 17 -33.08 -102.90 -19.01
C VAL J 17 -33.07 -101.59 -19.78
N THR J 18 -32.49 -101.63 -20.98
CA THR J 18 -32.27 -100.42 -21.77
C THR J 18 -33.14 -100.46 -23.02
N ILE J 19 -33.01 -99.43 -23.85
CA ILE J 19 -33.71 -99.33 -25.13
C ILE J 19 -32.73 -98.81 -26.16
N SER J 20 -32.76 -99.38 -27.36
CA SER J 20 -31.83 -99.06 -28.42
C SER J 20 -32.58 -98.53 -29.64
N CYS J 21 -31.87 -97.82 -30.49
CA CYS J 21 -32.41 -97.23 -31.71
C CYS J 21 -31.41 -97.43 -32.83
N SER J 22 -31.86 -98.03 -33.93
CA SER J 22 -30.98 -98.42 -35.04
C SER J 22 -31.11 -97.41 -36.17
N GLY J 23 -30.02 -96.67 -36.41
CA GLY J 23 -29.95 -95.72 -37.50
C GLY J 23 -29.05 -96.18 -38.62
N SER J 24 -28.53 -95.21 -39.36
CA SER J 24 -27.57 -95.50 -40.43
C SER J 24 -26.34 -94.62 -40.30
N SER J 25 -25.37 -94.82 -41.19
CA SER J 25 -24.21 -93.94 -41.21
C SER J 25 -24.60 -92.55 -41.69
N SER J 26 -25.65 -92.46 -42.50
CA SER J 26 -26.15 -91.18 -42.99
C SER J 26 -26.82 -90.35 -41.90
N ASN J 27 -27.14 -90.95 -40.76
CA ASN J 27 -27.83 -90.24 -39.68
C ASN J 27 -27.09 -90.39 -38.36
N ILE J 28 -27.05 -91.59 -37.78
CA ILE J 28 -26.39 -91.75 -36.48
C ILE J 28 -24.88 -91.81 -36.64
N GLY J 29 -24.40 -92.31 -37.77
CA GLY J 29 -22.98 -92.54 -37.95
C GLY J 29 -22.08 -91.36 -37.67
N ASN J 30 -22.33 -90.23 -38.32
CA ASN J 30 -21.50 -89.04 -38.14
C ASN J 30 -22.11 -88.03 -37.18
N ASN J 31 -23.28 -88.31 -36.60
CA ASN J 31 -24.02 -87.29 -35.86
C ASN J 31 -24.26 -87.73 -34.43
N TYR J 32 -24.48 -86.74 -33.57
CA TYR J 32 -24.76 -87.00 -32.16
C TYR J 32 -26.24 -87.31 -31.95
N VAL J 33 -26.51 -88.11 -30.93
CA VAL J 33 -27.84 -88.65 -30.68
C VAL J 33 -28.42 -88.01 -29.43
N SER J 34 -29.73 -87.79 -29.44
CA SER J 34 -30.47 -87.29 -28.29
C SER J 34 -31.61 -88.24 -27.96
N TRP J 35 -32.17 -88.08 -26.78
CA TRP J 35 -33.26 -88.92 -26.30
C TRP J 35 -34.24 -88.09 -25.49
N TYR J 36 -35.51 -88.41 -25.62
CA TYR J 36 -36.57 -87.56 -25.09
C TYR J 36 -37.61 -88.42 -24.38
N GLN J 37 -38.27 -87.83 -23.38
CA GLN J 37 -39.32 -88.49 -22.60
C GLN J 37 -40.55 -87.61 -22.56
N GLN J 38 -41.73 -88.22 -22.70
CA GLN J 38 -43.00 -87.52 -22.55
C GLN J 38 -43.97 -88.42 -21.80
N LEU J 39 -44.65 -87.86 -20.85
CA LEU J 39 -45.79 -88.47 -20.20
C LEU J 39 -47.05 -88.18 -21.01
N PRO J 40 -48.14 -88.92 -20.78
CA PRO J 40 -49.35 -88.71 -21.59
C PRO J 40 -49.82 -87.25 -21.54
N GLY J 41 -50.04 -86.68 -22.71
CA GLY J 41 -50.42 -85.29 -22.85
C GLY J 41 -49.52 -84.30 -22.14
N THR J 42 -48.21 -84.48 -22.18
CA THR J 42 -47.28 -83.62 -21.46
C THR J 42 -46.18 -83.15 -22.40
N ALA J 43 -45.19 -82.49 -21.81
CA ALA J 43 -44.06 -81.85 -22.46
C ALA J 43 -42.89 -82.81 -22.61
N PRO J 44 -42.54 -83.17 -23.84
CA PRO J 44 -41.46 -84.13 -24.04
C PRO J 44 -40.13 -83.61 -23.53
N LYS J 45 -39.51 -84.37 -22.65
CA LYS J 45 -38.37 -83.92 -21.87
C LYS J 45 -37.09 -84.51 -22.44
N LEU J 46 -36.10 -83.66 -22.65
CA LEU J 46 -34.78 -84.14 -23.06
C LEU J 46 -34.22 -85.08 -22.01
N LEU J 47 -33.82 -86.27 -22.45
CA LEU J 47 -33.27 -87.29 -21.56
C LEU J 47 -31.76 -87.23 -21.51
N ILE J 48 -31.09 -87.56 -22.61
CA ILE J 48 -29.64 -87.55 -22.71
C ILE J 48 -29.25 -86.94 -24.05
N TYR J 49 -28.24 -86.08 -24.05
CA TYR J 49 -27.75 -85.48 -25.32
C TYR J 49 -26.31 -85.91 -25.57
N ASP J 50 -26.02 -86.45 -26.77
CA ASP J 50 -24.66 -86.91 -27.17
C ASP J 50 -24.40 -88.30 -26.59
N ASN J 51 -25.32 -88.82 -25.77
CA ASN J 51 -25.21 -90.20 -25.19
C ASN J 51 -24.19 -90.24 -24.05
N ASN J 52 -23.53 -89.11 -23.75
CA ASN J 52 -22.56 -89.06 -22.62
C ASN J 52 -22.87 -87.89 -21.68
N LYS J 53 -23.80 -87.01 -22.05
CA LYS J 53 -24.05 -85.79 -21.22
C LYS J 53 -25.48 -85.81 -20.69
N ARG J 54 -25.64 -85.59 -19.38
CA ARG J 54 -26.98 -85.62 -18.74
C ARG J 54 -27.50 -84.19 -18.55
N PRO J 55 -28.69 -83.77 -19.07
CA PRO J 55 -29.22 -82.44 -18.77
C PRO J 55 -29.39 -82.23 -17.27
N SER J 56 -29.53 -80.97 -16.89
CA SER J 56 -29.71 -80.64 -15.48
C SER J 56 -31.03 -81.22 -14.96
N GLY J 57 -30.93 -81.99 -13.88
CA GLY J 57 -32.08 -82.60 -13.27
C GLY J 57 -32.33 -84.04 -13.66
N ILE J 58 -31.42 -84.67 -14.39
CA ILE J 58 -31.59 -86.04 -14.86
C ILE J 58 -30.93 -86.97 -13.85
N PRO J 59 -31.60 -88.04 -13.42
CA PRO J 59 -30.92 -89.03 -12.58
C PRO J 59 -29.69 -89.60 -13.27
N ASP J 60 -28.61 -89.72 -12.51
CA ASP J 60 -27.37 -90.24 -13.08
C ASP J 60 -27.52 -91.68 -13.54
N ARG J 61 -28.59 -92.35 -13.11
CA ARG J 61 -28.79 -93.75 -13.43
C ARG J 61 -28.97 -94.01 -14.92
N PHE J 62 -29.07 -92.96 -15.73
CA PHE J 62 -29.20 -93.13 -17.17
C PHE J 62 -27.84 -92.98 -17.83
N SER J 63 -27.57 -93.83 -18.82
CA SER J 63 -26.35 -93.77 -19.61
C SER J 63 -26.71 -93.91 -21.08
N GLY J 64 -25.68 -94.02 -21.92
CA GLY J 64 -25.90 -94.19 -23.34
C GLY J 64 -24.66 -94.68 -24.04
N SER J 65 -24.86 -95.16 -25.26
CA SER J 65 -23.76 -95.65 -26.08
C SER J 65 -24.13 -95.53 -27.54
N LYS J 66 -23.09 -95.41 -28.38
CA LYS J 66 -23.26 -95.45 -29.83
C LYS J 66 -22.28 -96.48 -30.38
N SER J 67 -22.81 -97.58 -30.91
CA SER J 67 -22.00 -98.59 -31.59
C SER J 67 -22.38 -98.59 -33.05
N GLY J 68 -21.47 -98.09 -33.89
CA GLY J 68 -21.75 -97.98 -35.31
C GLY J 68 -23.02 -97.16 -35.54
N THR J 69 -23.95 -97.75 -36.27
CA THR J 69 -25.23 -97.13 -36.55
C THR J 69 -26.27 -97.38 -35.46
N SER J 70 -25.87 -98.06 -34.39
CA SER J 70 -26.79 -98.43 -33.31
C SER J 70 -26.48 -97.58 -32.09
N ALA J 71 -27.53 -97.03 -31.48
CA ALA J 71 -27.42 -96.18 -30.31
C ALA J 71 -28.39 -96.66 -29.24
N THR J 72 -27.84 -97.08 -28.10
CA THR J 72 -28.62 -97.58 -26.99
C THR J 72 -28.75 -96.49 -25.93
N LEU J 73 -29.94 -96.37 -25.36
CA LEU J 73 -30.20 -95.45 -24.26
C LEU J 73 -30.19 -96.26 -22.97
N GLY J 74 -29.17 -96.03 -22.15
CA GLY J 74 -29.06 -96.73 -20.88
C GLY J 74 -30.18 -96.35 -19.93
N ILE J 75 -30.91 -97.36 -19.49
CA ILE J 75 -32.05 -97.19 -18.60
C ILE J 75 -31.87 -98.15 -17.43
N THR J 76 -31.68 -97.60 -16.23
CA THR J 76 -31.41 -98.40 -15.05
C THR J 76 -32.26 -97.91 -13.88
N GLY J 77 -32.38 -98.77 -12.87
CA GLY J 77 -33.12 -98.41 -11.67
C GLY J 77 -34.57 -98.06 -11.97
N LEU J 78 -35.29 -98.99 -12.59
CA LEU J 78 -36.65 -98.72 -13.02
C LEU J 78 -37.52 -98.27 -11.85
N GLN J 79 -38.36 -97.27 -12.13
CA GLN J 79 -39.28 -96.71 -11.15
C GLN J 79 -40.71 -96.90 -11.61
N THR J 80 -41.63 -96.82 -10.66
CA THR J 80 -43.05 -96.88 -10.99
C THR J 80 -43.47 -95.69 -11.84
N GLY J 81 -42.74 -94.57 -11.72
CA GLY J 81 -43.05 -93.40 -12.52
C GLY J 81 -42.23 -93.30 -13.79
N ASP J 82 -41.55 -94.37 -14.18
CA ASP J 82 -40.70 -94.33 -15.37
C ASP J 82 -41.43 -94.79 -16.62
N GLU J 83 -42.72 -95.11 -16.54
CA GLU J 83 -43.45 -95.59 -17.70
C GLU J 83 -43.83 -94.42 -18.60
N ALA J 84 -43.32 -94.43 -19.83
CA ALA J 84 -43.49 -93.36 -20.79
C ALA J 84 -42.77 -93.78 -22.07
N ASP J 85 -42.91 -92.97 -23.11
CA ASP J 85 -42.28 -93.22 -24.39
C ASP J 85 -40.95 -92.47 -24.47
N TYR J 86 -39.93 -93.15 -24.97
CA TYR J 86 -38.62 -92.55 -25.19
C TYR J 86 -38.34 -92.48 -26.68
N TYR J 87 -37.83 -91.33 -27.13
CA TYR J 87 -37.63 -91.05 -28.54
C TYR J 87 -36.15 -90.85 -28.83
N CYS J 88 -35.65 -91.55 -29.84
CA CYS J 88 -34.31 -91.32 -30.36
C CYS J 88 -34.34 -90.26 -31.44
N GLY J 89 -33.26 -89.48 -31.51
CA GLY J 89 -33.07 -88.56 -32.61
C GLY J 89 -31.60 -88.27 -32.80
N THR J 90 -31.26 -87.88 -34.02
CA THR J 90 -29.91 -87.44 -34.36
C THR J 90 -30.01 -86.58 -35.61
N TRP J 91 -28.98 -85.78 -35.85
CA TRP J 91 -29.00 -84.89 -37.01
C TRP J 91 -28.92 -85.68 -38.30
N ASP J 92 -29.66 -85.23 -39.30
CA ASP J 92 -29.68 -85.87 -40.61
C ASP J 92 -29.12 -84.91 -41.65
N SER J 93 -28.12 -85.38 -42.40
CA SER J 93 -27.67 -84.61 -43.55
C SER J 93 -28.33 -85.09 -44.84
N SER J 94 -29.01 -86.25 -44.80
CA SER J 94 -29.66 -86.77 -45.99
C SER J 94 -30.68 -85.77 -46.53
N LEU J 95 -31.77 -85.57 -45.79
CA LEU J 95 -32.69 -84.48 -46.11
C LEU J 95 -32.23 -83.18 -45.47
N SER J 96 -31.06 -83.20 -44.82
CA SER J 96 -30.50 -82.04 -44.12
C SER J 96 -31.52 -81.45 -43.15
N ALA J 97 -31.87 -82.25 -42.14
CA ALA J 97 -32.94 -81.92 -41.23
C ALA J 97 -32.78 -82.69 -39.92
N VAL J 98 -33.83 -82.62 -39.12
CA VAL J 98 -33.90 -83.33 -37.84
C VAL J 98 -34.87 -84.50 -37.99
N VAL J 99 -34.43 -85.68 -37.54
CA VAL J 99 -35.21 -86.90 -37.68
C VAL J 99 -35.42 -87.54 -36.33
N PHE J 100 -36.45 -88.40 -36.26
CA PHE J 100 -36.77 -89.14 -35.04
C PHE J 100 -37.28 -90.53 -35.42
N GLY J 101 -37.29 -91.40 -34.42
CA GLY J 101 -37.97 -92.67 -34.56
C GLY J 101 -39.41 -92.60 -34.12
N GLY J 102 -40.14 -93.70 -34.35
CA GLY J 102 -41.54 -93.75 -33.98
C GLY J 102 -41.81 -93.64 -32.50
N GLY J 103 -40.84 -93.96 -31.66
CA GLY J 103 -41.05 -93.91 -30.23
C GLY J 103 -41.35 -95.27 -29.64
N THR J 104 -40.88 -95.46 -28.40
CA THR J 104 -41.04 -96.73 -27.71
C THR J 104 -41.63 -96.47 -26.33
N LYS J 105 -42.84 -96.96 -26.10
CA LYS J 105 -43.52 -96.70 -24.84
C LYS J 105 -43.15 -97.79 -23.86
N LEU J 106 -42.37 -97.42 -22.86
CA LEU J 106 -41.91 -98.34 -21.82
C LEU J 106 -43.11 -98.68 -20.95
N THR J 107 -43.05 -99.84 -20.29
CA THR J 107 -44.01 -100.24 -19.29
C THR J 107 -43.26 -100.87 -18.13
N VAL J 108 -43.46 -100.33 -16.93
CA VAL J 108 -42.85 -100.90 -15.73
C VAL J 108 -43.83 -101.89 -15.12
N LEU J 109 -43.46 -103.17 -15.13
CA LEU J 109 -44.37 -104.24 -14.73
C LEU J 109 -44.54 -104.32 -13.23
N GLU K 1 -23.05 30.97 70.15
CA GLU K 1 -23.12 29.51 70.08
C GLU K 1 -24.50 29.02 69.65
N VAL K 2 -25.43 29.05 70.60
CA VAL K 2 -26.72 28.36 70.47
C VAL K 2 -27.81 29.17 71.16
N GLN K 3 -28.96 29.25 70.50
CA GLN K 3 -30.21 29.65 71.13
C GLN K 3 -31.14 28.45 71.06
N LEU K 4 -32.14 28.41 71.92
CA LEU K 4 -33.01 27.25 72.02
C LEU K 4 -34.39 27.62 71.50
N LEU K 5 -35.26 26.63 71.43
CA LEU K 5 -36.67 26.88 71.22
C LEU K 5 -37.34 27.02 72.59
N GLU K 6 -38.62 27.34 72.61
CA GLU K 6 -39.24 27.51 73.90
C GLU K 6 -39.46 26.14 74.54
N GLN K 7 -39.86 26.16 75.81
CA GLN K 7 -40.04 24.92 76.55
C GLN K 7 -41.37 24.28 76.20
N SER K 8 -42.42 25.09 76.23
CA SER K 8 -43.78 24.68 75.94
C SER K 8 -44.40 25.66 74.96
N GLY K 9 -44.40 26.93 75.36
CA GLY K 9 -45.46 27.85 75.05
C GLY K 9 -46.25 28.11 76.32
N ALA K 10 -47.44 28.70 76.15
CA ALA K 10 -48.35 28.90 77.25
C ALA K 10 -49.28 27.69 77.32
N GLU K 11 -49.13 26.88 78.38
CA GLU K 11 -49.99 25.72 78.59
C GLU K 11 -50.81 25.94 79.85
N VAL K 12 -52.11 26.17 79.68
CA VAL K 12 -53.02 26.33 80.80
C VAL K 12 -54.00 25.17 80.79
N LYS K 13 -53.87 24.27 81.77
CA LYS K 13 -54.73 23.11 81.83
C LYS K 13 -55.35 23.03 83.22
N LYS K 14 -56.68 23.14 83.24
CA LYS K 14 -57.50 23.14 84.44
C LYS K 14 -57.26 21.84 85.21
N PRO K 15 -57.57 21.81 86.51
CA PRO K 15 -57.40 20.56 87.26
C PRO K 15 -58.12 19.41 86.58
N GLY K 16 -57.60 18.20 86.79
CA GLY K 16 -58.05 17.05 86.02
C GLY K 16 -57.42 16.92 84.66
N ALA K 17 -56.15 17.26 84.51
CA ALA K 17 -55.43 17.16 83.24
C ALA K 17 -53.96 16.83 83.50
N SER K 18 -53.21 16.75 82.41
CA SER K 18 -51.77 16.55 82.46
C SER K 18 -51.16 17.08 81.18
N VAL K 19 -49.89 17.50 81.25
CA VAL K 19 -49.31 18.31 80.18
C VAL K 19 -47.89 17.84 79.86
N ARG K 20 -47.63 17.62 78.57
CA ARG K 20 -46.29 17.38 78.05
C ARG K 20 -45.56 18.71 77.87
N VAL K 21 -44.24 18.66 77.92
CA VAL K 21 -43.42 19.85 77.70
C VAL K 21 -42.36 19.50 76.66
N SER K 22 -42.45 20.12 75.49
CA SER K 22 -41.59 19.78 74.36
C SER K 22 -40.62 20.92 74.11
N CYS K 23 -39.36 20.70 74.43
CA CYS K 23 -38.30 21.70 74.35
C CYS K 23 -37.40 21.40 73.17
N LYS K 24 -37.41 22.27 72.16
CA LYS K 24 -36.55 22.05 71.02
C LYS K 24 -35.33 22.97 71.09
N VAL K 25 -34.40 22.80 70.16
CA VAL K 25 -33.13 23.51 70.19
C VAL K 25 -32.86 24.12 68.83
N SER K 26 -31.76 24.86 68.73
CA SER K 26 -31.28 25.38 67.47
C SER K 26 -29.77 25.57 67.56
N GLY K 27 -29.08 25.33 66.46
CA GLY K 27 -27.64 25.45 66.41
C GLY K 27 -26.91 24.22 66.93
N TYR K 28 -27.59 23.37 67.69
CA TYR K 28 -27.10 22.03 67.97
C TYR K 28 -28.07 20.99 67.43
N THR K 29 -27.73 19.72 67.60
CA THR K 29 -28.65 18.63 67.38
C THR K 29 -28.99 18.03 68.74
N LEU K 30 -30.19 17.47 68.85
CA LEU K 30 -30.71 17.08 70.16
C LEU K 30 -29.75 16.14 70.89
N PRO K 31 -29.40 14.95 70.35
CA PRO K 31 -28.60 14.04 71.18
C PRO K 31 -27.10 14.22 71.02
N GLU K 32 -26.61 15.46 70.96
CA GLU K 32 -25.23 15.75 71.30
C GLU K 32 -25.10 16.43 72.65
N VAL K 33 -26.21 16.73 73.30
CA VAL K 33 -26.22 17.50 74.54
C VAL K 33 -27.43 17.07 75.35
N ALA K 34 -27.28 17.07 76.66
CA ALA K 34 -28.28 16.52 77.56
C ALA K 34 -29.19 17.62 78.09
N MET K 35 -30.48 17.33 78.18
CA MET K 35 -31.43 18.29 78.73
C MET K 35 -31.60 18.09 80.23
N HIS K 36 -32.35 19.00 80.84
CA HIS K 36 -32.57 19.04 82.28
C HIS K 36 -33.82 19.85 82.54
N TRP K 37 -34.34 19.73 83.76
CA TRP K 37 -35.57 20.41 84.13
C TRP K 37 -35.49 20.89 85.56
N VAL K 38 -36.09 22.04 85.84
CA VAL K 38 -36.11 22.59 87.19
C VAL K 38 -37.47 23.19 87.46
N ARG K 39 -38.07 22.80 88.58
CA ARG K 39 -39.26 23.51 89.04
C ARG K 39 -38.87 24.88 89.61
N GLN K 40 -39.55 25.91 89.11
CA GLN K 40 -39.46 27.24 89.70
C GLN K 40 -40.87 27.76 89.96
N ALA K 41 -41.20 27.92 91.23
CA ALA K 41 -42.49 28.47 91.60
C ALA K 41 -42.34 29.97 91.83
N PRO K 42 -43.24 30.79 91.29
CA PRO K 42 -43.09 32.25 91.44
C PRO K 42 -43.04 32.65 92.91
N GLY K 43 -42.18 33.61 93.21
CA GLY K 43 -41.95 33.99 94.60
C GLY K 43 -41.29 32.90 95.41
N LYS K 44 -40.67 31.92 94.75
CA LYS K 44 -40.04 30.79 95.42
C LYS K 44 -38.74 30.48 94.70
N GLY K 45 -38.13 29.35 95.05
CA GLY K 45 -36.82 29.00 94.55
C GLY K 45 -36.83 27.86 93.53
N LEU K 46 -35.65 27.29 93.32
CA LEU K 46 -35.44 26.24 92.33
C LEU K 46 -35.67 24.86 92.92
N GLU K 47 -36.31 23.99 92.15
CA GLU K 47 -36.44 22.57 92.46
C GLU K 47 -36.10 21.81 91.19
N TRP K 48 -35.00 21.06 91.22
CA TRP K 48 -34.54 20.40 90.00
C TRP K 48 -35.43 19.21 89.65
N MET K 49 -35.41 18.84 88.38
CA MET K 49 -36.40 17.92 87.86
C MET K 49 -35.87 17.24 86.61
N GLY K 50 -36.44 16.09 86.29
CA GLY K 50 -36.11 15.41 85.04
C GLY K 50 -34.62 15.17 84.91
N GLY K 51 -34.05 15.62 83.81
CA GLY K 51 -32.60 15.61 83.64
C GLY K 51 -32.06 14.33 83.06
N PHE K 52 -30.89 14.44 82.44
CA PHE K 52 -30.15 13.31 81.91
C PHE K 52 -28.90 13.12 82.75
N ASP K 53 -28.42 11.89 82.83
CA ASP K 53 -27.25 11.59 83.65
C ASP K 53 -26.04 11.38 82.76
N PRO K 54 -25.00 12.23 82.85
CA PRO K 54 -23.77 11.95 82.10
C PRO K 54 -23.18 10.59 82.43
N GLU K 55 -23.15 10.23 83.71
CA GLU K 55 -22.77 8.89 84.09
C GLU K 55 -23.90 7.93 83.80
N ASP K 56 -23.56 6.66 83.56
CA ASP K 56 -24.54 5.58 83.46
C ASP K 56 -25.45 5.73 82.24
N GLY K 57 -25.41 6.90 81.59
CA GLY K 57 -26.15 7.14 80.38
C GLY K 57 -27.65 7.20 80.51
N GLU K 58 -28.20 7.04 81.71
CA GLU K 58 -29.64 7.12 81.87
C GLU K 58 -30.13 8.56 81.86
N THR K 59 -31.42 8.72 81.60
CA THR K 59 -32.11 9.99 81.77
C THR K 59 -32.64 10.00 83.20
N MET K 60 -32.12 10.91 84.02
CA MET K 60 -32.48 10.94 85.43
C MET K 60 -33.93 11.34 85.63
N TYR K 61 -34.46 10.99 86.79
CA TYR K 61 -35.75 11.46 87.27
C TYR K 61 -35.63 11.77 88.74
N ALA K 62 -35.98 13.01 89.11
CA ALA K 62 -35.84 13.44 90.49
C ALA K 62 -36.63 12.51 91.41
N GLN K 63 -35.94 11.94 92.39
CA GLN K 63 -36.54 10.91 93.24
C GLN K 63 -37.83 11.38 93.90
N LYS K 64 -37.80 12.59 94.47
CA LYS K 64 -39.00 13.14 95.08
C LYS K 64 -40.17 13.14 94.11
N PHE K 65 -39.92 13.57 92.88
CA PHE K 65 -40.95 13.63 91.85
C PHE K 65 -40.95 12.42 90.93
N GLN K 66 -40.12 11.42 91.21
CA GLN K 66 -39.96 10.28 90.32
C GLN K 66 -41.29 9.56 90.10
N GLY K 67 -41.51 9.13 88.86
CA GLY K 67 -42.69 8.37 88.50
C GLY K 67 -43.88 9.20 88.09
N ARG K 68 -43.97 10.45 88.54
CA ARG K 68 -45.04 11.34 88.11
C ARG K 68 -44.75 12.00 86.78
N VAL K 69 -43.48 12.24 86.47
CA VAL K 69 -43.07 12.91 85.24
C VAL K 69 -42.14 12.00 84.45
N THR K 70 -42.34 11.99 83.13
CA THR K 70 -41.54 11.17 82.25
C THR K 70 -41.03 12.01 81.10
N MET K 71 -40.04 11.47 80.39
CA MET K 71 -39.39 12.18 79.28
C MET K 71 -39.16 11.21 78.12
N THR K 72 -39.36 11.71 76.90
CA THR K 72 -39.01 11.02 75.68
C THR K 72 -38.26 11.98 74.77
N GLU K 73 -37.65 11.46 73.71
CA GLU K 73 -36.79 12.23 72.84
C GLU K 73 -37.00 11.82 71.39
N ASP K 74 -37.15 12.80 70.51
CA ASP K 74 -37.06 12.58 69.06
C ASP K 74 -35.81 13.30 68.56
N THR K 75 -34.79 12.52 68.19
CA THR K 75 -33.47 13.09 67.92
C THR K 75 -33.48 14.00 66.70
N SER K 76 -34.20 13.61 65.63
CA SER K 76 -34.14 14.38 64.40
C SER K 76 -34.90 15.70 64.52
N THR K 77 -36.10 15.66 65.11
CA THR K 77 -36.91 16.86 65.25
C THR K 77 -36.59 17.63 66.53
N ASP K 78 -35.66 17.13 67.35
CA ASP K 78 -35.16 17.83 68.53
C ASP K 78 -36.26 18.07 69.57
N THR K 79 -37.28 17.23 69.56
CA THR K 79 -38.43 17.39 70.45
C THR K 79 -38.26 16.48 71.66
N ALA K 80 -38.11 17.08 72.84
CA ALA K 80 -38.02 16.34 74.09
C ALA K 80 -39.25 16.66 74.94
N TYR K 81 -40.12 15.67 75.11
CA TYR K 81 -41.40 15.86 75.78
C TYR K 81 -41.29 15.54 77.25
N MET K 82 -41.62 16.52 78.09
CA MET K 82 -41.70 16.32 79.52
C MET K 82 -43.17 16.29 79.92
N GLU K 83 -43.65 15.10 80.27
CA GLU K 83 -45.05 14.90 80.65
C GLU K 83 -45.14 14.81 82.18
N LEU K 84 -45.78 15.81 82.77
CA LEU K 84 -46.12 15.78 84.18
C LEU K 84 -47.59 15.41 84.33
N SER K 85 -47.91 14.64 85.34
CA SER K 85 -49.23 14.05 85.49
C SER K 85 -49.76 14.27 86.89
N SER K 86 -51.05 14.03 87.06
CA SER K 86 -51.73 14.04 88.35
C SER K 86 -51.57 15.38 89.06
N LEU K 87 -52.22 16.38 88.48
CA LEU K 87 -52.09 17.76 88.96
C LEU K 87 -52.39 17.87 90.46
N ARG K 88 -51.62 18.69 91.15
CA ARG K 88 -51.82 18.93 92.58
C ARG K 88 -51.76 20.43 92.86
N SER K 89 -51.91 20.79 94.14
CA SER K 89 -51.98 22.20 94.53
C SER K 89 -50.73 22.99 94.12
N GLU K 90 -49.58 22.68 94.71
CA GLU K 90 -48.40 23.51 94.59
C GLU K 90 -47.59 23.22 93.33
N ASP K 91 -48.08 22.33 92.46
CA ASP K 91 -47.26 21.92 91.32
C ASP K 91 -47.51 22.73 90.06
N THR K 92 -48.32 23.79 90.12
CA THR K 92 -48.36 24.74 89.02
C THR K 92 -47.24 25.78 89.18
N ALA K 93 -46.38 25.88 88.18
CA ALA K 93 -45.17 26.69 88.31
C ALA K 93 -44.42 26.67 86.97
N VAL K 94 -43.41 27.52 86.88
CA VAL K 94 -42.50 27.56 85.74
C VAL K 94 -41.57 26.37 85.85
N TYR K 95 -41.49 25.58 84.79
CA TYR K 95 -40.54 24.46 84.74
C TYR K 95 -39.58 24.72 83.60
N TYR K 96 -38.32 24.98 83.94
CA TYR K 96 -37.34 25.41 82.95
C TYR K 96 -36.72 24.23 82.23
N CYS K 97 -36.60 24.36 80.91
CA CYS K 97 -35.75 23.50 80.11
C CYS K 97 -34.30 23.93 80.27
N ALA K 98 -33.46 23.01 80.73
CA ALA K 98 -32.06 23.30 80.96
C ALA K 98 -31.23 22.19 80.32
N THR K 99 -29.95 22.51 80.06
CA THR K 99 -29.13 21.52 79.31
C THR K 99 -27.66 21.54 79.71
N THR K 100 -27.21 20.61 80.55
CA THR K 100 -25.76 20.50 80.84
C THR K 100 -25.14 19.69 79.71
N THR K 101 -23.82 19.75 79.48
CA THR K 101 -23.25 19.08 78.29
C THR K 101 -22.84 17.65 78.61
N PRO K 102 -22.98 16.68 77.68
CA PRO K 102 -22.66 15.29 77.97
C PRO K 102 -21.17 15.21 78.27
N PHE K 103 -20.35 15.91 77.47
CA PHE K 103 -18.87 15.85 77.65
C PHE K 103 -18.43 16.68 78.87
N SER K 104 -17.47 16.19 79.65
CA SER K 104 -16.90 16.89 80.84
C SER K 104 -17.82 16.74 82.06
N SER K 105 -17.41 17.26 83.22
CA SER K 105 -18.25 17.21 84.44
C SER K 105 -19.17 18.45 84.47
N SER K 106 -20.16 18.52 83.57
CA SER K 106 -20.96 19.77 83.48
C SER K 106 -22.15 19.78 84.45
N TYR K 107 -22.12 20.69 85.43
CA TYR K 107 -23.29 20.85 86.34
C TYR K 107 -24.00 22.15 85.95
N TRP K 108 -23.27 23.08 85.32
CA TRP K 108 -23.85 24.39 84.92
C TRP K 108 -24.96 24.19 83.88
N PHE K 109 -26.19 24.67 84.17
CA PHE K 109 -27.36 24.39 83.28
C PHE K 109 -27.20 24.92 81.85
N ASP K 110 -26.27 25.87 81.60
CA ASP K 110 -26.00 26.32 80.20
C ASP K 110 -27.22 27.11 79.68
N PRO K 111 -27.38 27.41 78.37
CA PRO K 111 -28.59 28.05 77.85
C PRO K 111 -29.91 27.58 78.48
N TRP K 112 -30.84 28.51 78.71
CA TRP K 112 -32.14 28.18 79.36
C TRP K 112 -33.26 28.23 78.33
N GLY K 113 -34.46 27.76 78.70
CA GLY K 113 -35.60 27.74 77.75
C GLY K 113 -36.58 28.88 77.97
N GLN K 114 -36.21 29.92 78.75
CA GLN K 114 -37.05 31.10 78.96
C GLN K 114 -38.17 30.86 79.96
N GLY K 115 -38.52 29.62 80.28
CA GLY K 115 -39.51 29.33 81.29
C GLY K 115 -40.93 29.17 80.77
N THR K 116 -41.68 28.25 81.37
CA THR K 116 -43.10 28.09 81.08
C THR K 116 -43.84 27.71 82.35
N LEU K 117 -44.87 28.49 82.69
CA LEU K 117 -45.78 28.18 83.79
C LEU K 117 -46.70 27.05 83.35
N VAL K 118 -47.18 26.27 84.31
CA VAL K 118 -48.21 25.28 84.07
C VAL K 118 -49.45 25.64 84.87
N THR K 119 -50.46 24.77 84.83
CA THR K 119 -51.74 25.05 85.44
C THR K 119 -52.30 23.79 86.08
N VAL K 120 -52.87 23.95 87.27
CA VAL K 120 -53.44 22.82 88.00
C VAL K 120 -54.92 23.03 88.28
N SER L 1 -33.59 24.65 99.37
CA SER L 1 -34.04 23.28 99.59
C SER L 1 -33.25 22.63 100.71
N VAL L 2 -32.20 21.92 100.32
CA VAL L 2 -31.37 21.20 101.29
C VAL L 2 -30.14 22.02 101.67
N LEU L 3 -29.96 23.19 101.08
CA LEU L 3 -28.75 23.98 101.28
C LEU L 3 -29.08 25.23 102.09
N THR L 4 -28.05 26.03 102.39
CA THR L 4 -28.17 27.14 103.32
C THR L 4 -27.76 28.45 102.68
N GLN L 5 -28.73 29.34 102.50
CA GLN L 5 -28.45 30.75 102.22
C GLN L 5 -29.68 31.56 102.57
N ALA L 6 -29.45 32.85 102.82
CA ALA L 6 -30.48 33.69 103.40
C ALA L 6 -31.45 34.16 102.31
N PRO L 7 -32.66 34.61 102.68
CA PRO L 7 -33.58 35.15 101.68
C PRO L 7 -33.10 36.40 100.98
N SER L 8 -32.51 37.35 101.72
CA SER L 8 -32.16 38.63 101.11
C SER L 8 -30.93 39.21 101.79
N VAL L 9 -30.29 40.14 101.08
CA VAL L 9 -29.14 40.87 101.60
C VAL L 9 -29.09 42.22 100.90
N SER L 10 -28.53 43.22 101.57
CA SER L 10 -28.53 44.58 101.05
C SER L 10 -27.17 45.23 101.26
N ALA L 11 -26.79 46.09 100.31
CA ALA L 11 -25.55 46.84 100.41
C ALA L 11 -25.63 48.08 99.53
N ALA L 12 -24.78 49.05 99.85
CA ALA L 12 -24.70 50.32 99.12
C ALA L 12 -24.09 50.10 97.74
N PRO L 13 -24.42 50.96 96.77
CA PRO L 13 -23.93 50.75 95.40
C PRO L 13 -22.43 50.93 95.30
N GLY L 14 -21.85 50.33 94.25
CA GLY L 14 -20.45 50.45 93.98
C GLY L 14 -19.54 49.84 95.01
N GLN L 15 -20.08 49.15 96.00
CA GLN L 15 -19.29 48.62 97.10
C GLN L 15 -18.84 47.20 96.75
N LYS L 16 -18.20 46.53 97.71
CA LYS L 16 -17.74 45.15 97.53
C LYS L 16 -18.27 44.30 98.68
N VAL L 17 -19.19 43.39 98.36
CA VAL L 17 -19.72 42.42 99.32
C VAL L 17 -20.15 41.18 98.55
N THR L 18 -19.94 40.02 99.16
CA THR L 18 -20.17 38.75 98.50
C THR L 18 -21.35 38.03 99.14
N ILE L 19 -21.63 36.83 98.63
CA ILE L 19 -22.69 35.97 99.17
C ILE L 19 -22.15 34.55 99.21
N SER L 20 -22.44 33.83 100.29
CA SER L 20 -21.93 32.49 100.51
C SER L 20 -23.09 31.51 100.65
N CYS L 21 -22.78 30.23 100.43
CA CYS L 21 -23.75 29.15 100.51
C CYS L 21 -23.10 27.98 101.24
N SER L 22 -23.75 27.49 102.29
CA SER L 22 -23.18 26.47 103.16
C SER L 22 -23.80 25.11 102.83
N GLY L 23 -22.97 24.20 102.30
CA GLY L 23 -23.38 22.86 101.99
C GLY L 23 -22.79 21.83 102.93
N SER L 24 -22.68 20.61 102.43
CA SER L 24 -22.04 19.54 103.21
C SER L 24 -20.99 18.83 102.37
N SER L 25 -20.29 17.86 102.98
CA SER L 25 -19.36 17.05 102.21
C SER L 25 -20.10 16.16 101.22
N SER L 26 -21.34 15.81 101.54
CA SER L 26 -22.16 14.99 100.67
C SER L 26 -22.61 15.73 99.41
N ASN L 27 -22.49 17.06 99.39
CA ASN L 27 -22.94 17.85 98.25
C ASN L 27 -21.83 18.77 97.73
N ILE L 28 -21.41 19.76 98.50
CA ILE L 28 -20.39 20.69 98.01
C ILE L 28 -19.00 20.08 98.14
N GLY L 29 -18.80 19.21 99.12
CA GLY L 29 -17.48 18.69 99.42
C GLY L 29 -16.74 18.08 98.24
N ASN L 30 -17.34 17.11 97.56
CA ASN L 30 -16.72 16.45 96.43
C ASN L 30 -17.17 16.98 95.08
N ASN L 31 -18.06 17.98 95.04
CA ASN L 31 -18.71 18.38 93.81
C ASN L 31 -18.43 19.84 93.49
N TYR L 32 -18.55 20.17 92.21
CA TYR L 32 -18.36 21.54 91.76
C TYR L 32 -19.64 22.35 91.92
N VAL L 33 -19.47 23.65 92.14
CA VAL L 33 -20.56 24.55 92.50
C VAL L 33 -20.84 25.48 91.33
N SER L 34 -22.12 25.82 91.15
CA SER L 34 -22.56 26.79 90.16
C SER L 34 -23.38 27.87 90.84
N TRP L 35 -23.58 28.98 90.12
CA TRP L 35 -24.33 30.11 90.63
C TRP L 35 -25.15 30.73 89.51
N TYR L 36 -26.35 31.20 89.86
CA TYR L 36 -27.33 31.61 88.86
C TYR L 36 -27.95 32.94 89.27
N GLN L 37 -28.37 33.71 88.27
CA GLN L 37 -29.02 35.00 88.48
C GLN L 37 -30.32 35.05 87.69
N GLN L 38 -31.36 35.61 88.30
CA GLN L 38 -32.63 35.84 87.61
C GLN L 38 -33.17 37.20 88.03
N LEU L 39 -33.63 37.95 87.09
CA LEU L 39 -34.42 39.16 87.30
C LEU L 39 -35.89 38.78 87.45
N PRO L 40 -36.72 39.67 87.98
CA PRO L 40 -38.13 39.32 88.19
C PRO L 40 -38.79 38.86 86.90
N GLY L 41 -39.45 37.69 86.97
CA GLY L 41 -40.08 37.09 85.83
C GLY L 41 -39.19 36.91 84.61
N THR L 42 -37.93 36.52 84.78
CA THR L 42 -36.99 36.40 83.67
C THR L 42 -36.30 35.05 83.72
N ALA L 43 -35.31 34.90 82.86
CA ALA L 43 -34.55 33.70 82.61
C ALA L 43 -33.33 33.62 83.51
N PRO L 44 -33.30 32.64 84.44
CA PRO L 44 -32.17 32.56 85.37
C PRO L 44 -30.87 32.28 84.65
N LYS L 45 -29.90 33.16 84.89
CA LYS L 45 -28.67 33.20 84.12
C LYS L 45 -27.54 32.58 84.90
N LEU L 46 -26.81 31.67 84.27
CA LEU L 46 -25.61 31.12 84.88
C LEU L 46 -24.61 32.22 85.19
N LEU L 47 -24.17 32.27 86.45
CA LEU L 47 -23.22 33.28 86.90
C LEU L 47 -21.79 32.79 86.83
N ILE L 48 -21.43 31.80 87.63
CA ILE L 48 -20.09 31.23 87.69
C ILE L 48 -20.23 29.71 87.79
N TYR L 49 -19.43 28.99 87.00
CA TYR L 49 -19.45 27.50 87.08
C TYR L 49 -18.10 27.02 87.62
N ASP L 50 -18.09 25.94 88.42
CA ASP L 50 -16.85 25.43 89.07
C ASP L 50 -16.39 26.43 90.13
N ASN L 51 -16.93 27.66 90.09
CA ASN L 51 -16.61 28.72 91.09
C ASN L 51 -15.29 29.41 90.74
N ASN L 52 -14.62 28.97 89.67
CA ASN L 52 -13.38 29.65 89.22
C ASN L 52 -13.48 30.01 87.74
N LYS L 53 -14.57 29.59 87.07
CA LYS L 53 -14.68 29.82 85.60
C LYS L 53 -15.87 30.72 85.28
N ARG L 54 -15.68 31.73 84.44
CA ARG L 54 -16.76 32.70 84.09
C ARG L 54 -17.41 32.37 82.73
N PRO L 55 -18.76 32.19 82.60
CA PRO L 55 -19.39 32.00 81.29
C PRO L 55 -19.13 33.20 80.39
N SER L 56 -19.37 32.99 79.10
CA SER L 56 -19.18 34.07 78.14
C SER L 56 -20.17 35.19 78.40
N GLY L 57 -19.64 36.41 78.54
CA GLY L 57 -20.45 37.59 78.78
C GLY L 57 -20.55 38.00 80.23
N ILE L 58 -19.81 37.36 81.13
CA ILE L 58 -19.88 37.66 82.56
C ILE L 58 -18.80 38.70 82.88
N PRO L 59 -19.13 39.77 83.61
CA PRO L 59 -18.09 40.69 84.07
C PRO L 59 -17.03 39.95 84.90
N ASP L 60 -15.77 40.28 84.63
CA ASP L 60 -14.68 39.63 85.36
C ASP L 60 -14.72 39.95 86.85
N ARG L 61 -15.50 40.97 87.23
CA ARG L 61 -15.55 41.41 88.62
C ARG L 61 -16.11 40.36 89.55
N PHE L 62 -16.62 39.25 89.03
CA PHE L 62 -17.14 38.18 89.88
C PHE L 62 -16.07 37.11 90.06
N SER L 63 -15.98 36.59 91.28
CA SER L 63 -15.06 35.50 91.61
C SER L 63 -15.80 34.47 92.45
N GLY L 64 -15.07 33.48 92.95
CA GLY L 64 -15.67 32.47 93.78
C GLY L 64 -14.62 31.70 94.55
N SER L 65 -15.08 30.97 95.56
CA SER L 65 -14.21 30.15 96.38
C SER L 65 -15.01 29.01 96.99
N LYS L 66 -14.30 27.92 97.28
CA LYS L 66 -14.87 26.81 98.03
C LYS L 66 -13.94 26.48 99.18
N SER L 67 -14.41 26.72 100.41
CA SER L 67 -13.68 26.37 101.61
C SER L 67 -14.47 25.28 102.33
N GLY L 68 -13.95 24.05 102.29
CA GLY L 68 -14.65 22.93 102.88
C GLY L 68 -16.03 22.79 102.28
N THR L 69 -17.03 22.78 103.15
CA THR L 69 -18.44 22.68 102.75
C THR L 69 -19.03 24.05 102.44
N SER L 70 -18.24 25.11 102.52
CA SER L 70 -18.73 26.47 102.32
C SER L 70 -18.22 26.99 100.98
N ALA L 71 -19.13 27.59 100.21
CA ALA L 71 -18.80 28.15 98.91
C ALA L 71 -19.33 29.57 98.80
N THR L 72 -18.41 30.51 98.62
CA THR L 72 -18.74 31.92 98.52
C THR L 72 -18.74 32.34 97.06
N LEU L 73 -19.71 33.16 96.69
CA LEU L 73 -19.78 33.73 95.35
C LEU L 73 -19.25 35.15 95.43
N GLY L 74 -18.09 35.40 94.82
CA GLY L 74 -17.49 36.72 94.83
C GLY L 74 -18.34 37.70 94.04
N ILE L 75 -18.73 38.78 94.71
CA ILE L 75 -19.56 39.82 94.13
C ILE L 75 -18.89 41.15 94.40
N THR L 76 -18.45 41.82 93.34
CA THR L 76 -17.72 43.08 93.47
C THR L 76 -18.26 44.10 92.48
N GLY L 77 -17.94 45.36 92.73
CA GLY L 77 -18.34 46.43 91.84
C GLY L 77 -19.85 46.52 91.68
N LEU L 78 -20.55 46.68 92.80
CA LEU L 78 -22.01 46.66 92.78
C LEU L 78 -22.56 47.70 91.81
N GLN L 79 -23.59 47.31 91.08
CA GLN L 79 -24.26 48.16 90.13
C GLN L 79 -25.72 48.35 90.52
N THR L 80 -26.31 49.41 89.98
CA THR L 80 -27.74 49.64 90.20
C THR L 80 -28.58 48.55 89.57
N GLY L 81 -28.04 47.90 88.54
CA GLY L 81 -28.76 46.80 87.90
C GLY L 81 -28.38 45.44 88.42
N ASP L 82 -27.67 45.37 89.55
CA ASP L 82 -27.25 44.09 90.08
C ASP L 82 -28.23 43.51 91.10
N GLU L 83 -29.35 44.16 91.34
CA GLU L 83 -30.30 43.67 92.33
C GLU L 83 -31.12 42.53 91.74
N ALA L 84 -31.00 41.35 92.33
CA ALA L 84 -31.62 40.12 91.86
C ALA L 84 -31.24 39.02 92.85
N ASP L 85 -31.81 37.84 92.65
CA ASP L 85 -31.54 36.69 93.48
C ASP L 85 -30.45 35.83 92.87
N TYR L 86 -29.52 35.38 93.70
CA TYR L 86 -28.46 34.48 93.28
C TYR L 86 -28.64 33.12 93.94
N TYR L 87 -28.48 32.06 93.14
CA TYR L 87 -28.75 30.70 93.58
C TYR L 87 -27.48 29.87 93.54
N CYS L 88 -27.19 29.19 94.64
CA CYS L 88 -26.12 28.21 94.69
C CYS L 88 -26.63 26.84 94.29
N GLY L 89 -25.78 26.08 93.63
CA GLY L 89 -26.07 24.68 93.36
C GLY L 89 -24.79 23.89 93.19
N THR L 90 -24.88 22.59 93.45
CA THR L 90 -23.79 21.66 93.22
C THR L 90 -24.40 20.27 93.07
N TRP L 91 -23.63 19.36 92.49
CA TRP L 91 -24.13 18.01 92.27
C TRP L 91 -24.30 17.29 93.59
N ASP L 92 -25.37 16.50 93.68
CA ASP L 92 -25.67 15.72 94.87
C ASP L 92 -25.60 14.24 94.54
N SER L 93 -24.81 13.49 95.31
CA SER L 93 -24.85 12.04 95.20
C SER L 93 -25.77 11.43 96.24
N SER L 94 -26.20 12.22 97.23
CA SER L 94 -27.09 11.68 98.27
C SER L 94 -28.37 11.13 97.66
N LEU L 95 -29.21 12.02 97.13
CA LEU L 95 -30.34 11.57 96.33
C LEU L 95 -29.94 11.35 94.88
N SER L 96 -28.65 11.50 94.58
CA SER L 96 -28.11 11.36 93.22
C SER L 96 -28.88 12.24 92.25
N ALA L 97 -28.77 13.55 92.46
CA ALA L 97 -29.57 14.51 91.72
C ALA L 97 -28.91 15.88 91.76
N VAL L 98 -29.68 16.87 91.32
CA VAL L 98 -29.25 18.27 91.32
C VAL L 98 -30.01 19.01 92.42
N VAL L 99 -29.27 19.76 93.23
CA VAL L 99 -29.85 20.46 94.38
C VAL L 99 -29.55 21.95 94.28
N PHE L 100 -30.35 22.74 94.99
CA PHE L 100 -30.18 24.18 95.06
C PHE L 100 -30.54 24.68 96.45
N GLY L 101 -30.10 25.91 96.74
CA GLY L 101 -30.58 26.59 97.92
C GLY L 101 -31.81 27.42 97.65
N GLY L 102 -32.39 27.97 98.72
CA GLY L 102 -33.59 28.76 98.59
C GLY L 102 -33.43 30.02 97.77
N GLY L 103 -32.21 30.54 97.65
CA GLY L 103 -32.00 31.76 96.91
C GLY L 103 -31.88 32.97 97.82
N THR L 104 -31.05 33.92 97.39
CA THR L 104 -30.78 35.13 98.16
C THR L 104 -30.98 36.33 97.26
N LYS L 105 -31.96 37.16 97.59
CA LYS L 105 -32.28 38.31 96.76
C LYS L 105 -31.46 39.49 97.23
N LEU L 106 -30.49 39.89 96.41
CA LEU L 106 -29.62 41.00 96.72
C LEU L 106 -30.42 42.28 96.61
N THR L 107 -29.97 43.32 97.29
CA THR L 107 -30.53 44.66 97.16
C THR L 107 -29.38 45.65 97.15
N VAL L 108 -29.30 46.46 96.10
CA VAL L 108 -28.28 47.50 96.01
C VAL L 108 -28.86 48.79 96.59
N LEU L 109 -28.30 49.24 97.70
CA LEU L 109 -28.87 50.35 98.45
C LEU L 109 -28.57 51.69 97.79
N GLN M 1 -34.78 -54.12 -18.12
CA GLN M 1 -33.76 -55.09 -17.74
C GLN M 1 -33.54 -55.09 -16.23
N CYS M 2 -32.42 -54.50 -15.81
CA CYS M 2 -32.02 -54.44 -14.41
C CYS M 2 -31.97 -55.83 -13.77
N VAL M 3 -31.52 -56.82 -14.56
CA VAL M 3 -31.34 -58.19 -13.98
C VAL M 3 -30.32 -58.06 -12.84
N ASN M 4 -30.59 -58.69 -11.69
CA ASN M 4 -29.69 -58.46 -10.53
C ASN M 4 -29.06 -59.75 -10.00
N LEU M 5 -27.72 -59.78 -9.87
CA LEU M 5 -27.05 -60.93 -9.23
C LEU M 5 -26.22 -60.36 -8.07
N THR M 6 -26.54 -60.71 -6.82
CA THR M 6 -25.84 -60.08 -5.67
C THR M 6 -24.72 -60.98 -5.14
N THR M 7 -24.94 -62.30 -5.09
CA THR M 7 -23.95 -63.27 -4.55
C THR M 7 -23.87 -63.13 -3.02
N ARG M 8 -22.91 -63.81 -2.38
CA ARG M 8 -22.79 -63.77 -0.90
C ARG M 8 -21.34 -63.53 -0.48
N THR M 9 -20.64 -62.62 -1.17
CA THR M 9 -19.18 -62.46 -0.87
C THR M 9 -18.91 -61.24 0.02
N GLN M 10 -18.42 -61.47 1.25
CA GLN M 10 -17.99 -60.35 2.13
C GLN M 10 -16.58 -60.69 2.61
N LEU M 11 -15.60 -59.81 2.39
CA LEU M 11 -14.20 -60.18 2.72
C LEU M 11 -13.35 -58.94 3.07
N PRO M 12 -12.25 -59.05 3.87
CA PRO M 12 -11.37 -57.90 4.08
C PRO M 12 -10.73 -57.50 2.77
N PRO M 13 -10.83 -56.23 2.37
CA PRO M 13 -10.26 -55.83 1.08
C PRO M 13 -8.76 -56.08 1.08
N ALA M 14 -8.30 -56.82 0.07
CA ALA M 14 -6.88 -57.15 -0.01
C ALA M 14 -6.15 -55.89 -0.45
N TYR M 15 -5.23 -55.44 0.39
CA TYR M 15 -4.56 -54.18 0.10
C TYR M 15 -3.23 -54.44 -0.60
N THR M 16 -2.57 -53.35 -0.95
CA THR M 16 -1.28 -53.41 -1.61
C THR M 16 -0.59 -52.08 -1.42
N ASN M 17 0.60 -51.96 -1.99
CA ASN M 17 1.44 -50.79 -1.80
C ASN M 17 1.86 -50.30 -3.18
N SER M 18 1.38 -49.11 -3.56
CA SER M 18 1.83 -48.51 -4.80
C SER M 18 3.19 -47.88 -4.56
N PHE M 19 4.21 -48.39 -5.24
CA PHE M 19 5.57 -48.03 -4.91
C PHE M 19 5.91 -46.69 -5.51
N THR M 20 6.07 -46.68 -6.84
CA THR M 20 6.09 -45.45 -7.62
C THR M 20 4.98 -45.58 -8.65
N ARG M 21 3.92 -44.78 -8.48
CA ARG M 21 2.75 -45.02 -9.30
C ARG M 21 1.92 -43.75 -9.37
N GLY M 22 1.08 -43.68 -10.41
CA GLY M 22 0.12 -42.60 -10.54
C GLY M 22 0.71 -41.23 -10.75
N VAL M 23 1.79 -41.12 -11.53
CA VAL M 23 2.39 -39.84 -11.86
C VAL M 23 2.05 -39.54 -13.31
N TYR M 24 1.16 -38.56 -13.50
CA TYR M 24 0.74 -38.14 -14.82
C TYR M 24 1.43 -36.83 -15.15
N TYR M 25 1.14 -36.29 -16.33
CA TYR M 25 1.69 -35.01 -16.73
C TYR M 25 0.66 -33.92 -16.44
N PRO M 26 0.86 -33.09 -15.42
CA PRO M 26 -0.15 -32.07 -15.11
C PRO M 26 0.07 -30.77 -15.87
N ASP M 27 0.27 -30.84 -17.17
CA ASP M 27 0.39 -29.73 -18.12
C ASP M 27 0.66 -30.29 -19.50
N LYS M 28 0.43 -29.46 -20.51
CA LYS M 28 0.82 -29.75 -21.89
C LYS M 28 2.23 -29.28 -22.20
N VAL M 29 2.79 -28.45 -21.33
CA VAL M 29 4.04 -27.76 -21.61
C VAL M 29 5.17 -28.79 -21.69
N PHE M 30 5.92 -28.74 -22.78
CA PHE M 30 7.04 -29.64 -22.98
C PHE M 30 8.26 -29.14 -22.23
N ARG M 31 8.79 -29.97 -21.34
CA ARG M 31 10.00 -29.64 -20.60
C ARG M 31 11.00 -30.77 -20.76
N SER M 32 12.28 -30.42 -20.69
CA SER M 32 13.37 -31.35 -20.98
C SER M 32 14.38 -31.33 -19.84
N SER M 33 14.52 -32.47 -19.16
CA SER M 33 15.58 -32.68 -18.16
C SER M 33 15.64 -31.54 -17.14
N VAL M 34 14.50 -31.22 -16.55
CA VAL M 34 14.43 -30.20 -15.51
C VAL M 34 13.67 -30.78 -14.33
N LEU M 35 13.85 -30.21 -13.16
CA LEU M 35 13.08 -30.63 -11.99
C LEU M 35 11.97 -29.62 -11.71
N HIS M 36 10.74 -30.03 -12.01
CA HIS M 36 9.59 -29.15 -11.84
C HIS M 36 8.79 -29.62 -10.64
N SER M 37 8.23 -28.66 -9.91
CA SER M 37 7.55 -28.96 -8.64
C SER M 37 6.20 -28.27 -8.62
N THR M 38 5.14 -29.06 -8.50
CA THR M 38 3.79 -28.55 -8.28
C THR M 38 3.13 -29.32 -7.15
N GLN M 39 2.16 -28.67 -6.52
CA GLN M 39 1.33 -29.29 -5.50
C GLN M 39 -0.05 -29.51 -6.12
N ASP M 40 -0.38 -30.76 -6.39
CA ASP M 40 -1.60 -31.13 -7.10
C ASP M 40 -2.11 -32.45 -6.53
N LEU M 41 -3.34 -32.79 -6.90
CA LEU M 41 -3.91 -34.07 -6.52
C LEU M 41 -3.12 -35.21 -7.18
N PHE M 42 -2.64 -36.14 -6.36
CA PHE M 42 -1.98 -37.34 -6.85
C PHE M 42 -2.31 -38.49 -5.93
N LEU M 43 -1.85 -39.69 -6.31
CA LEU M 43 -1.84 -40.82 -5.40
C LEU M 43 -0.47 -40.89 -4.75
N PRO M 44 -0.33 -40.53 -3.48
CA PRO M 44 1.00 -40.45 -2.88
C PRO M 44 1.67 -41.82 -2.83
N PHE M 45 2.99 -41.78 -2.87
CA PHE M 45 3.75 -43.03 -2.97
C PHE M 45 3.55 -43.88 -1.73
N PHE M 46 3.76 -45.18 -1.89
CA PHE M 46 3.58 -46.13 -0.77
C PHE M 46 2.24 -45.85 -0.09
N SER M 47 1.15 -45.98 -0.84
CA SER M 47 -0.19 -45.76 -0.25
C SER M 47 -1.02 -47.05 -0.21
N ASN M 48 -2.12 -47.03 0.54
CA ASN M 48 -2.92 -48.27 0.66
C ASN M 48 -3.79 -48.34 -0.58
N VAL M 49 -3.57 -49.37 -1.39
CA VAL M 49 -4.34 -49.49 -2.64
C VAL M 49 -5.24 -50.71 -2.52
N THR M 50 -6.54 -50.49 -2.65
CA THR M 50 -7.52 -51.55 -2.33
C THR M 50 -7.69 -52.45 -3.54
N TRP M 51 -6.92 -53.54 -3.61
CA TRP M 51 -7.12 -54.50 -4.73
C TRP M 51 -8.56 -54.98 -4.59
N PHE M 52 -9.34 -54.93 -5.67
CA PHE M 52 -10.77 -55.31 -5.63
C PHE M 52 -11.10 -56.21 -6.82
N HIS M 53 -11.76 -57.35 -6.56
CA HIS M 53 -12.07 -58.31 -7.65
C HIS M 53 -13.55 -58.24 -8.00
N ALA M 54 -13.87 -57.83 -9.23
CA ALA M 54 -15.29 -57.79 -9.67
C ALA M 54 -15.86 -59.20 -9.74
N ILE M 55 -15.10 -60.15 -10.30
CA ILE M 55 -15.52 -61.59 -10.33
C ILE M 55 -14.37 -62.40 -9.73
N HIS M 56 -14.64 -63.28 -8.76
CA HIS M 56 -13.50 -63.96 -8.09
C HIS M 56 -13.76 -65.46 -7.86
N VAL M 57 -13.07 -66.33 -8.60
CA VAL M 57 -13.16 -67.75 -8.34
C VAL M 57 -12.20 -68.14 -7.23
N SER M 58 -12.76 -68.66 -6.13
CA SER M 58 -11.99 -69.34 -5.10
C SER M 58 -12.37 -70.81 -5.18
N GLY M 59 -11.44 -71.63 -5.65
CA GLY M 59 -11.78 -72.93 -6.18
C GLY M 59 -12.33 -73.98 -5.24
N THR M 60 -13.53 -74.45 -5.56
CA THR M 60 -14.00 -75.78 -5.20
C THR M 60 -14.58 -76.39 -6.48
N ASN M 61 -15.69 -75.86 -6.96
CA ASN M 61 -16.01 -75.85 -8.38
C ASN M 61 -16.75 -74.55 -8.66
N GLY M 62 -16.29 -73.81 -9.68
CA GLY M 62 -16.94 -72.55 -9.99
C GLY M 62 -16.76 -71.57 -8.85
N THR M 63 -17.89 -71.11 -8.28
CA THR M 63 -17.94 -70.13 -7.21
C THR M 63 -17.32 -68.79 -7.66
N LYS M 64 -18.03 -68.14 -8.57
CA LYS M 64 -17.68 -66.81 -9.04
C LYS M 64 -18.31 -65.77 -8.13
N ARG M 65 -17.48 -64.89 -7.56
CA ARG M 65 -17.90 -63.94 -6.53
C ARG M 65 -17.97 -62.54 -7.13
N PHE M 66 -19.19 -62.03 -7.27
CA PHE M 66 -19.43 -60.69 -7.81
C PHE M 66 -19.50 -59.74 -6.62
N ASP M 67 -18.40 -59.01 -6.37
CA ASP M 67 -18.32 -58.14 -5.20
C ASP M 67 -18.33 -56.64 -5.51
N ASN M 68 -18.26 -56.23 -6.76
CA ASN M 68 -17.80 -54.86 -7.00
C ASN M 68 -18.74 -53.82 -6.42
N PRO M 69 -18.34 -53.09 -5.39
CA PRO M 69 -19.26 -52.15 -4.73
C PRO M 69 -19.35 -50.82 -5.46
N VAL M 70 -20.45 -50.11 -5.19
CA VAL M 70 -20.45 -48.68 -5.45
C VAL M 70 -19.42 -48.02 -4.54
N LEU M 71 -18.55 -47.22 -5.13
CA LEU M 71 -17.46 -46.68 -4.34
C LEU M 71 -17.47 -45.17 -4.38
N PRO M 72 -17.20 -44.51 -3.25
CA PRO M 72 -17.15 -43.05 -3.25
C PRO M 72 -16.00 -42.55 -4.10
N PHE M 73 -16.16 -41.36 -4.67
CA PHE M 73 -15.09 -40.75 -5.43
C PHE M 73 -14.07 -40.08 -4.53
N ASN M 74 -14.51 -39.49 -3.41
CA ASN M 74 -13.67 -38.78 -2.46
C ASN M 74 -12.97 -37.65 -3.20
N ASP M 75 -11.67 -37.43 -2.99
CA ASP M 75 -10.93 -36.36 -3.64
C ASP M 75 -10.66 -36.65 -5.11
N GLY M 76 -9.91 -37.70 -5.40
CA GLY M 76 -9.72 -38.16 -6.76
C GLY M 76 -9.56 -39.65 -6.76
N VAL M 77 -9.55 -40.23 -7.96
CA VAL M 77 -9.58 -41.67 -8.12
C VAL M 77 -8.47 -42.12 -9.05
N TYR M 78 -7.81 -43.21 -8.68
CA TYR M 78 -6.83 -43.90 -9.51
C TYR M 78 -7.38 -45.28 -9.83
N PHE M 79 -6.94 -45.86 -10.94
CA PHE M 79 -7.42 -47.17 -11.35
C PHE M 79 -6.33 -47.93 -12.10
N ALA M 80 -6.30 -49.25 -11.90
CA ALA M 80 -5.31 -50.09 -12.56
C ALA M 80 -5.90 -51.48 -12.75
N SER M 81 -5.52 -52.13 -13.86
CA SER M 81 -6.00 -53.47 -14.14
C SER M 81 -5.06 -54.15 -15.12
N THR M 82 -5.14 -55.48 -15.18
CA THR M 82 -4.38 -56.26 -16.14
C THR M 82 -5.31 -56.77 -17.23
N GLU M 83 -6.11 -57.79 -16.90
CA GLU M 83 -7.25 -58.23 -17.71
C GLU M 83 -6.82 -58.56 -19.14
N LYS M 84 -5.98 -59.59 -19.26
CA LYS M 84 -5.59 -60.04 -20.63
C LYS M 84 -6.89 -60.20 -21.41
N SER M 85 -7.89 -60.87 -20.82
CA SER M 85 -9.22 -60.93 -21.47
C SER M 85 -10.05 -59.81 -20.86
N ASN M 86 -10.35 -58.77 -21.64
CA ASN M 86 -11.03 -57.60 -21.04
C ASN M 86 -12.42 -58.01 -20.56
N ILE M 87 -12.74 -57.65 -19.32
CA ILE M 87 -14.11 -57.92 -18.80
C ILE M 87 -14.55 -56.56 -18.31
N ILE M 88 -13.64 -55.58 -18.38
CA ILE M 88 -13.90 -54.24 -17.87
C ILE M 88 -14.05 -53.29 -19.03
N ARG M 89 -14.98 -52.36 -18.92
CA ARG M 89 -15.27 -51.46 -20.03
C ARG M 89 -15.21 -50.01 -19.58
N GLY M 90 -16.04 -49.63 -18.61
CA GLY M 90 -16.13 -48.25 -18.20
C GLY M 90 -16.61 -48.15 -16.76
N TRP M 91 -16.96 -46.93 -16.36
CA TRP M 91 -17.35 -46.66 -14.99
C TRP M 91 -18.61 -45.80 -14.99
N ILE M 92 -19.34 -45.81 -13.88
CA ILE M 92 -20.68 -45.25 -13.80
C ILE M 92 -20.68 -43.84 -13.24
N PHE M 93 -19.51 -43.19 -13.16
CA PHE M 93 -19.28 -42.09 -12.22
C PHE M 93 -20.46 -41.13 -12.14
N GLY M 94 -20.81 -40.77 -10.91
CA GLY M 94 -21.96 -39.92 -10.66
C GLY M 94 -22.05 -39.54 -9.21
N THR M 95 -23.25 -39.12 -8.80
CA THR M 95 -23.48 -38.78 -7.40
C THR M 95 -24.61 -39.61 -6.83
N THR M 96 -25.83 -39.40 -7.32
CA THR M 96 -26.96 -40.18 -6.87
C THR M 96 -26.95 -41.60 -7.46
N LEU M 97 -26.18 -41.81 -8.53
CA LEU M 97 -26.14 -43.07 -9.26
C LEU M 97 -27.55 -43.41 -9.79
N ASP M 98 -28.24 -42.35 -10.20
CA ASP M 98 -29.67 -42.36 -10.45
C ASP M 98 -29.96 -41.12 -11.30
N SER M 99 -31.24 -40.81 -11.49
CA SER M 99 -31.61 -39.50 -11.99
C SER M 99 -31.41 -38.46 -10.89
N LYS M 100 -31.84 -37.23 -11.16
CA LYS M 100 -31.72 -36.03 -10.32
C LYS M 100 -30.33 -35.43 -10.41
N THR M 101 -29.33 -36.15 -10.91
CA THR M 101 -28.02 -35.60 -11.20
C THR M 101 -27.61 -36.07 -12.59
N GLN M 102 -26.55 -35.49 -13.11
CA GLN M 102 -26.02 -36.02 -14.35
C GLN M 102 -25.38 -37.38 -14.08
N SER M 103 -24.88 -38.01 -15.15
CA SER M 103 -24.22 -39.29 -15.01
C SER M 103 -23.06 -39.35 -15.96
N LEU M 104 -21.89 -39.75 -15.45
CA LEU M 104 -20.77 -40.02 -16.32
C LEU M 104 -20.75 -41.50 -16.69
N LEU M 105 -21.01 -41.80 -17.96
CA LEU M 105 -20.96 -43.22 -18.43
C LEU M 105 -19.92 -43.35 -19.54
N ILE M 106 -18.66 -43.65 -19.19
CA ILE M 106 -17.58 -43.79 -20.20
C ILE M 106 -17.56 -45.22 -20.74
N VAL M 107 -18.50 -45.57 -21.62
CA VAL M 107 -18.59 -46.97 -22.14
C VAL M 107 -17.77 -47.10 -23.43
N ASN M 108 -16.75 -47.97 -23.44
CA ASN M 108 -15.97 -48.21 -24.67
C ASN M 108 -16.91 -48.79 -25.74
N ASN M 109 -17.78 -49.73 -25.35
CA ASN M 109 -18.72 -50.40 -26.30
C ASN M 109 -17.94 -51.43 -27.12
N ALA M 110 -16.64 -51.59 -26.85
CA ALA M 110 -15.78 -52.57 -27.56
C ALA M 110 -15.77 -52.29 -29.07
N THR M 111 -16.01 -51.04 -29.45
CA THR M 111 -15.62 -50.56 -30.80
C THR M 111 -14.90 -49.23 -30.64
N ASN M 112 -15.66 -48.14 -30.59
CA ASN M 112 -15.05 -46.82 -30.36
C ASN M 112 -15.66 -46.33 -29.04
N VAL M 113 -14.82 -45.89 -28.11
CA VAL M 113 -15.41 -45.54 -26.78
C VAL M 113 -16.48 -44.48 -27.01
N VAL M 114 -17.69 -44.71 -26.49
CA VAL M 114 -18.73 -43.64 -26.58
C VAL M 114 -18.84 -43.02 -25.18
N ILE M 115 -18.23 -41.87 -24.99
CA ILE M 115 -18.25 -41.23 -23.64
C ILE M 115 -19.60 -40.57 -23.48
N LYS M 116 -20.31 -40.95 -22.43
CA LYS M 116 -21.62 -40.35 -22.23
C LYS M 116 -21.67 -39.61 -20.91
N VAL M 117 -22.05 -38.34 -20.98
CA VAL M 117 -22.44 -37.57 -19.79
C VAL M 117 -23.91 -37.25 -19.97
N CYS M 118 -24.76 -37.92 -19.18
CA CYS M 118 -26.20 -37.86 -19.39
C CYS M 118 -26.88 -37.98 -18.04
N GLU M 119 -28.20 -38.16 -18.07
CA GLU M 119 -28.97 -38.56 -16.89
C GLU M 119 -29.55 -39.95 -17.15
N PHE M 120 -29.08 -40.94 -16.41
CA PHE M 120 -29.54 -42.32 -16.59
C PHE M 120 -30.30 -42.79 -15.36
N GLN M 121 -30.82 -44.01 -15.45
CA GLN M 121 -31.27 -44.76 -14.29
C GLN M 121 -30.39 -46.00 -14.19
N PHE M 122 -29.48 -45.99 -13.22
CA PHE M 122 -28.60 -47.14 -13.05
C PHE M 122 -29.25 -48.16 -12.11
N CYS M 123 -29.20 -49.42 -12.53
CA CYS M 123 -29.87 -50.48 -11.81
C CYS M 123 -29.14 -50.76 -10.50
N ASN M 124 -29.66 -51.72 -9.73
CA ASN M 124 -29.02 -52.12 -8.49
C ASN M 124 -27.74 -52.91 -8.72
N ASP M 125 -27.64 -53.65 -9.81
CA ASP M 125 -26.45 -54.43 -10.16
C ASP M 125 -26.08 -54.14 -11.61
N PRO M 126 -25.62 -52.92 -11.89
CA PRO M 126 -25.36 -52.55 -13.29
C PRO M 126 -24.09 -53.18 -13.84
N PHE M 127 -24.13 -53.53 -15.12
CA PHE M 127 -22.99 -54.00 -15.90
C PHE M 127 -23.48 -54.22 -17.32
N LEU M 128 -22.54 -54.24 -18.26
CA LEU M 128 -22.87 -54.40 -19.67
C LEU M 128 -23.07 -55.88 -19.98
N GLY M 129 -24.25 -56.23 -20.48
CA GLY M 129 -24.47 -57.58 -20.96
C GLY M 129 -23.98 -57.73 -22.38
N VAL M 130 -23.43 -58.91 -22.68
CA VAL M 130 -22.97 -59.26 -24.00
C VAL M 130 -23.64 -60.57 -24.38
N TYR M 131 -24.11 -60.65 -25.62
CA TYR M 131 -24.78 -61.84 -26.12
C TYR M 131 -24.37 -62.05 -27.56
N TYR M 132 -24.96 -63.06 -28.20
CA TYR M 132 -24.63 -63.40 -29.61
C TYR M 132 -25.80 -62.97 -30.49
N HIS M 133 -25.58 -62.07 -31.44
CA HIS M 133 -26.69 -61.52 -32.28
C HIS M 133 -27.23 -62.59 -33.22
N LYS M 134 -26.44 -63.62 -33.53
CA LYS M 134 -26.87 -64.76 -34.41
C LYS M 134 -26.76 -64.34 -35.88
N ASN M 135 -26.35 -63.10 -36.14
CA ASN M 135 -26.19 -62.61 -37.54
C ASN M 135 -24.71 -62.31 -37.77
N ASN M 136 -24.11 -62.94 -38.80
CA ASN M 136 -22.68 -62.72 -39.12
C ASN M 136 -21.81 -63.13 -37.92
N LYS M 137 -22.26 -64.10 -37.12
CA LYS M 137 -21.47 -64.61 -35.98
C LYS M 137 -21.02 -63.44 -35.10
N SER M 138 -21.92 -62.51 -34.76
CA SER M 138 -21.48 -61.29 -34.03
C SER M 138 -21.93 -61.29 -32.56
N TRP M 139 -21.12 -60.69 -31.68
CA TRP M 139 -21.44 -60.54 -30.27
C TRP M 139 -21.82 -59.09 -30.00
N MET M 140 -23.10 -58.83 -29.78
CA MET M 140 -23.51 -57.48 -29.42
C MET M 140 -23.29 -57.26 -27.93
N GLU M 141 -23.56 -56.04 -27.50
CA GLU M 141 -23.50 -55.67 -26.10
C GLU M 141 -24.83 -55.03 -25.74
N SER M 142 -25.58 -55.67 -24.86
CA SER M 142 -26.79 -55.07 -24.33
C SER M 142 -26.35 -54.06 -23.27
N GLU M 143 -26.62 -52.78 -23.54
CA GLU M 143 -26.14 -51.72 -22.67
C GLU M 143 -27.15 -51.33 -21.62
N PHE M 144 -28.38 -51.84 -21.69
CA PHE M 144 -29.38 -51.49 -20.71
C PHE M 144 -29.45 -52.49 -19.57
N ARG M 145 -28.56 -53.48 -19.57
CA ARG M 145 -28.35 -54.27 -18.36
C ARG M 145 -27.63 -53.43 -17.32
N VAL M 146 -26.96 -52.37 -17.76
CA VAL M 146 -26.40 -51.38 -16.86
C VAL M 146 -27.54 -50.53 -16.32
N TYR M 147 -28.16 -49.77 -17.22
CA TYR M 147 -29.09 -48.72 -16.86
C TYR M 147 -30.39 -48.87 -17.66
N SER M 148 -31.51 -48.56 -17.00
CA SER M 148 -32.79 -48.66 -17.70
C SER M 148 -32.99 -47.47 -18.62
N SER M 149 -33.15 -46.28 -18.05
CA SER M 149 -33.48 -45.08 -18.82
C SER M 149 -32.22 -44.39 -19.31
N ALA M 150 -32.31 -43.85 -20.52
CA ALA M 150 -31.33 -42.90 -21.05
C ALA M 150 -32.10 -41.73 -21.65
N ASN M 151 -31.95 -40.55 -21.05
CA ASN M 151 -32.70 -39.38 -21.48
C ASN M 151 -32.03 -38.13 -20.90
N ASN M 152 -32.56 -36.96 -21.28
CA ASN M 152 -32.12 -35.66 -20.76
C ASN M 152 -30.68 -35.33 -21.13
N CYS M 153 -29.99 -36.22 -21.84
CA CYS M 153 -28.54 -36.26 -21.86
C CYS M 153 -27.90 -34.91 -22.15
N THR M 154 -26.93 -34.53 -21.32
CA THR M 154 -26.19 -33.28 -21.45
C THR M 154 -25.05 -33.36 -22.46
N PHE M 155 -24.27 -34.44 -22.48
CA PHE M 155 -23.07 -34.47 -23.30
C PHE M 155 -22.85 -35.85 -23.88
N GLU M 156 -22.17 -35.89 -25.02
CA GLU M 156 -21.84 -37.11 -25.72
C GLU M 156 -20.50 -36.91 -26.43
N TYR M 157 -19.72 -37.99 -26.52
CA TYR M 157 -18.45 -37.93 -27.22
C TYR M 157 -18.03 -39.33 -27.64
N VAL M 158 -17.16 -39.39 -28.65
CA VAL M 158 -16.61 -40.65 -29.16
C VAL M 158 -15.13 -40.45 -29.44
N SER M 159 -14.35 -41.50 -29.22
CA SER M 159 -12.91 -41.43 -29.49
C SER M 159 -12.41 -42.84 -29.81
N GLN M 160 -11.11 -42.94 -30.11
CA GLN M 160 -10.44 -44.22 -30.27
C GLN M 160 -10.35 -44.95 -28.94
N PRO M 161 -10.46 -46.28 -28.95
CA PRO M 161 -10.64 -47.01 -27.70
C PRO M 161 -9.48 -46.82 -26.74
N PHE M 162 -9.82 -46.43 -25.51
CA PHE M 162 -8.83 -46.31 -24.45
C PHE M 162 -8.32 -47.68 -24.06
N LEU M 163 -9.25 -48.57 -23.73
CA LEU M 163 -8.96 -49.99 -23.56
C LEU M 163 -8.52 -50.55 -24.90
N MET M 164 -7.38 -51.22 -24.91
CA MET M 164 -6.83 -51.76 -26.14
C MET M 164 -6.11 -53.05 -25.81
N ASP M 165 -6.20 -54.04 -26.69
CA ASP M 165 -5.45 -55.26 -26.49
C ASP M 165 -4.25 -55.30 -27.42
N LEU M 166 -3.40 -56.30 -27.21
CA LEU M 166 -2.31 -56.66 -28.10
C LEU M 166 -2.32 -58.18 -28.21
N GLU M 167 -2.10 -58.82 -27.07
CA GLU M 167 -2.16 -60.25 -26.84
C GLU M 167 -1.20 -61.01 -27.75
N GLY M 168 -1.56 -62.23 -28.15
CA GLY M 168 -0.61 -63.16 -28.74
C GLY M 168 0.57 -63.51 -27.85
N LYS M 169 0.61 -63.00 -26.62
CA LYS M 169 1.80 -63.05 -25.78
C LYS M 169 1.76 -64.14 -24.71
N GLN M 170 0.70 -64.92 -24.65
CA GLN M 170 0.51 -65.98 -23.64
C GLN M 170 0.92 -65.50 -22.25
N GLY M 171 0.57 -64.26 -21.95
CA GLY M 171 1.00 -63.62 -20.72
C GLY M 171 2.29 -62.84 -20.90
N ASN M 172 3.03 -62.72 -19.80
CA ASN M 172 4.33 -62.04 -19.75
C ASN M 172 4.19 -60.54 -19.98
N PHE M 173 3.02 -60.11 -20.47
CA PHE M 173 2.62 -58.71 -20.45
C PHE M 173 1.54 -58.47 -19.41
N LYS M 174 0.41 -59.16 -19.54
CA LYS M 174 -0.81 -58.97 -18.76
C LYS M 174 -1.48 -57.67 -19.18
N ASN M 175 -0.77 -56.88 -19.98
CA ASN M 175 -1.24 -55.59 -20.47
C ASN M 175 -1.80 -54.77 -19.33
N LEU M 176 -0.93 -54.41 -18.39
CA LEU M 176 -1.37 -53.63 -17.24
C LEU M 176 -1.85 -52.27 -17.73
N ARG M 177 -3.08 -51.92 -17.34
CA ARG M 177 -3.75 -50.74 -17.86
C ARG M 177 -4.22 -49.90 -16.70
N GLU M 178 -3.87 -48.61 -16.73
CA GLU M 178 -4.15 -47.68 -15.65
C GLU M 178 -4.96 -46.51 -16.18
N PHE M 179 -5.88 -46.03 -15.35
CA PHE M 179 -6.68 -44.87 -15.73
C PHE M 179 -6.89 -44.00 -14.52
N VAL M 180 -6.53 -42.71 -14.67
CA VAL M 180 -6.68 -41.74 -13.59
C VAL M 180 -7.83 -40.80 -13.93
N PHE M 181 -8.63 -40.50 -12.92
CA PHE M 181 -9.85 -39.72 -13.10
C PHE M 181 -9.85 -38.61 -12.06
N LYS M 182 -9.77 -37.37 -12.52
CA LYS M 182 -9.69 -36.21 -11.63
C LYS M 182 -10.71 -35.17 -12.09
N ASN M 183 -11.58 -34.77 -11.17
CA ASN M 183 -12.69 -33.89 -11.48
C ASN M 183 -12.45 -32.54 -10.81
N ILE M 184 -12.13 -31.53 -11.62
CA ILE M 184 -11.83 -30.18 -11.13
C ILE M 184 -12.35 -29.18 -12.16
N ASP M 185 -12.61 -27.96 -11.68
CA ASP M 185 -12.74 -26.74 -12.47
C ASP M 185 -13.49 -26.92 -13.78
N GLY M 186 -14.56 -27.71 -13.76
CA GLY M 186 -15.32 -27.95 -14.97
C GLY M 186 -14.66 -28.90 -15.96
N TYR M 187 -13.41 -29.27 -15.73
CA TYR M 187 -12.71 -30.24 -16.58
C TYR M 187 -12.44 -31.51 -15.79
N PHE M 188 -13.16 -32.57 -16.14
CA PHE M 188 -12.84 -33.92 -15.69
C PHE M 188 -11.96 -34.53 -16.77
N LYS M 189 -10.70 -34.78 -16.43
CA LYS M 189 -9.70 -35.21 -17.39
C LYS M 189 -9.35 -36.67 -17.16
N ILE M 190 -9.12 -37.38 -18.26
CA ILE M 190 -8.84 -38.81 -18.23
C ILE M 190 -7.39 -39.03 -18.60
N TYR M 191 -6.76 -39.98 -17.93
CA TYR M 191 -5.37 -40.33 -18.17
C TYR M 191 -5.30 -41.83 -18.43
N SER M 192 -4.24 -42.28 -19.08
CA SER M 192 -4.16 -43.68 -19.46
C SER M 192 -2.70 -44.09 -19.54
N LYS M 193 -2.47 -45.37 -19.82
CA LYS M 193 -1.16 -45.97 -19.94
C LYS M 193 -1.37 -47.44 -20.28
N HIS M 194 -0.34 -48.06 -20.85
CA HIS M 194 -0.33 -49.50 -21.09
C HIS M 194 1.07 -50.01 -20.81
N THR M 195 1.16 -51.03 -19.97
CA THR M 195 2.47 -51.49 -19.54
C THR M 195 2.51 -53.01 -19.50
N PRO M 196 3.63 -53.61 -19.91
CA PRO M 196 3.85 -55.04 -19.66
C PRO M 196 4.18 -55.27 -18.19
N ILE M 197 3.67 -56.37 -17.64
CA ILE M 197 4.05 -56.81 -16.30
C ILE M 197 4.17 -58.33 -16.29
N ASN M 198 5.31 -58.82 -15.82
CA ASN M 198 5.53 -60.26 -15.70
C ASN M 198 5.18 -60.80 -14.32
N LEU M 199 4.92 -59.94 -13.34
CA LEU M 199 4.63 -60.40 -12.00
C LEU M 199 3.24 -61.02 -11.95
N VAL M 200 3.02 -61.88 -10.95
CA VAL M 200 1.77 -62.62 -10.88
C VAL M 200 0.58 -61.68 -10.78
N ARG M 201 0.61 -60.76 -9.83
CA ARG M 201 -0.50 -59.82 -9.67
C ARG M 201 -0.03 -58.38 -9.52
N ASP M 202 0.59 -58.07 -8.39
CA ASP M 202 0.74 -56.69 -7.94
C ASP M 202 1.80 -55.96 -8.78
N LEU M 203 2.02 -54.70 -8.44
CA LEU M 203 2.66 -53.71 -9.30
C LEU M 203 4.18 -53.72 -9.14
N PRO M 204 4.91 -53.33 -10.19
CA PRO M 204 6.38 -53.25 -10.08
C PRO M 204 6.85 -51.93 -9.49
N GLN M 205 8.17 -51.72 -9.54
CA GLN M 205 8.80 -50.51 -9.02
C GLN M 205 8.90 -49.40 -10.06
N GLY M 206 8.49 -49.65 -11.30
CA GLY M 206 8.66 -48.69 -12.37
C GLY M 206 7.70 -47.53 -12.29
N PHE M 207 8.07 -46.44 -12.96
CA PHE M 207 7.24 -45.24 -13.05
C PHE M 207 6.32 -45.33 -14.26
N SER M 208 5.09 -44.85 -14.08
CA SER M 208 4.10 -44.86 -15.13
C SER M 208 3.63 -43.43 -15.38
N ALA M 209 3.94 -42.91 -16.56
CA ALA M 209 3.50 -41.57 -16.91
C ALA M 209 2.20 -41.64 -17.72
N LEU M 210 1.23 -40.84 -17.33
CA LEU M 210 -0.11 -40.88 -17.90
C LEU M 210 -0.40 -39.56 -18.59
N GLU M 211 -0.62 -39.60 -19.88
CA GLU M 211 -0.96 -38.36 -20.56
C GLU M 211 -2.45 -38.09 -20.40
N PRO M 212 -2.87 -36.83 -20.41
CA PRO M 212 -4.30 -36.54 -20.46
C PRO M 212 -4.88 -36.97 -21.80
N LEU M 213 -5.97 -37.73 -21.76
CA LEU M 213 -6.62 -38.14 -23.00
C LEU M 213 -7.45 -37.00 -23.56
N VAL M 214 -8.55 -36.66 -22.88
CA VAL M 214 -9.42 -35.57 -23.26
C VAL M 214 -9.72 -34.74 -22.01
N ASP M 215 -9.71 -33.42 -22.20
CA ASP M 215 -10.10 -32.50 -21.14
C ASP M 215 -11.52 -32.04 -21.39
N LEU M 216 -12.49 -32.60 -20.65
CA LEU M 216 -13.90 -32.33 -21.04
C LEU M 216 -14.61 -31.28 -20.20
N PRO M 217 -15.41 -30.39 -20.83
CA PRO M 217 -16.23 -29.43 -20.09
C PRO M 217 -17.35 -30.24 -19.42
N ILE M 218 -17.13 -30.65 -18.18
CA ILE M 218 -18.11 -31.49 -17.50
C ILE M 218 -19.02 -30.67 -16.60
N GLY M 219 -18.51 -30.21 -15.47
CA GLY M 219 -19.27 -29.35 -14.60
C GLY M 219 -20.08 -30.01 -13.49
N ILE M 220 -19.99 -31.34 -13.34
CA ILE M 220 -20.68 -32.01 -12.24
C ILE M 220 -19.69 -32.48 -11.20
N ASN M 221 -20.11 -32.45 -9.94
CA ASN M 221 -19.38 -33.12 -8.86
C ASN M 221 -19.75 -34.59 -8.86
N ILE M 222 -18.75 -35.46 -8.84
CA ILE M 222 -18.94 -36.89 -8.77
C ILE M 222 -18.41 -37.35 -7.42
N THR M 223 -19.32 -37.77 -6.53
CA THR M 223 -18.91 -38.24 -5.22
C THR M 223 -18.88 -39.77 -5.09
N ARG M 224 -19.35 -40.51 -6.08
CA ARG M 224 -19.43 -41.97 -5.91
C ARG M 224 -19.53 -42.61 -7.29
N PHE M 225 -19.17 -43.90 -7.35
CA PHE M 225 -19.13 -44.59 -8.64
C PHE M 225 -19.06 -46.09 -8.41
N GLN M 226 -19.01 -46.83 -9.52
CA GLN M 226 -18.74 -48.26 -9.58
C GLN M 226 -18.25 -48.53 -11.00
N THR M 227 -17.55 -49.65 -11.19
CA THR M 227 -17.02 -50.01 -12.50
C THR M 227 -18.12 -50.69 -13.31
N LEU M 228 -17.77 -51.08 -14.54
CA LEU M 228 -18.68 -51.80 -15.42
C LEU M 228 -18.04 -53.11 -15.86
N LEU M 229 -18.87 -53.99 -16.39
CA LEU M 229 -18.47 -55.36 -16.65
C LEU M 229 -19.00 -55.80 -18.01
N ALA M 230 -18.39 -56.85 -18.54
CA ALA M 230 -18.85 -57.51 -19.75
C ALA M 230 -18.97 -58.99 -19.47
N LEU M 231 -20.20 -59.50 -19.50
CA LEU M 231 -20.49 -60.91 -19.22
C LEU M 231 -21.28 -61.43 -20.41
N HIS M 232 -21.60 -62.72 -20.40
CA HIS M 232 -22.29 -63.31 -21.53
C HIS M 232 -23.23 -64.42 -21.10
N ARG M 233 -23.74 -65.16 -22.08
CA ARG M 233 -24.65 -66.27 -21.80
C ARG M 233 -24.02 -67.59 -22.21
N SER M 234 -24.30 -68.65 -21.45
CA SER M 234 -23.90 -69.99 -21.84
C SER M 234 -25.14 -70.85 -22.04
N TYR M 235 -24.93 -72.09 -22.47
CA TYR M 235 -26.02 -72.99 -22.81
C TYR M 235 -25.68 -74.39 -22.32
N LEU M 236 -26.68 -75.28 -22.39
CA LEU M 236 -26.86 -76.28 -21.33
C LEU M 236 -25.57 -77.04 -21.03
N THR M 237 -25.15 -76.91 -19.77
CA THR M 237 -24.03 -77.60 -19.17
C THR M 237 -24.37 -77.80 -17.70
N PRO M 238 -23.80 -78.83 -17.05
CA PRO M 238 -24.10 -78.99 -15.62
C PRO M 238 -23.48 -77.90 -14.75
N SER M 243 -29.75 -68.35 -15.59
CA SER M 243 -29.20 -67.96 -16.91
C SER M 243 -27.68 -67.95 -16.84
N GLY M 244 -26.98 -68.20 -17.96
CA GLY M 244 -25.51 -68.16 -17.99
C GLY M 244 -24.99 -66.79 -17.61
N TRP M 245 -23.93 -66.73 -16.79
CA TRP M 245 -23.27 -65.43 -16.43
C TRP M 245 -21.83 -65.70 -15.94
N THR M 246 -21.24 -64.77 -15.16
CA THR M 246 -19.91 -65.00 -14.52
C THR M 246 -18.77 -65.43 -15.46
N ALA M 247 -18.40 -64.59 -16.45
CA ALA M 247 -17.35 -64.93 -17.43
C ALA M 247 -15.92 -64.82 -16.88
N GLY M 248 -15.03 -65.76 -17.21
CA GLY M 248 -13.60 -65.76 -16.82
C GLY M 248 -13.39 -65.23 -15.41
N ALA M 249 -12.43 -64.31 -15.25
CA ALA M 249 -12.13 -63.74 -13.92
C ALA M 249 -11.95 -62.22 -14.04
N ALA M 250 -11.88 -61.51 -12.92
CA ALA M 250 -11.77 -60.06 -12.94
C ALA M 250 -11.25 -59.54 -11.61
N ALA M 251 -10.21 -58.71 -11.68
CA ALA M 251 -9.69 -58.01 -10.51
C ALA M 251 -9.03 -56.72 -10.98
N TYR M 252 -9.05 -55.72 -10.11
CA TYR M 252 -8.44 -54.43 -10.46
C TYR M 252 -7.96 -53.74 -9.19
N TYR M 253 -7.35 -52.58 -9.39
CA TYR M 253 -6.73 -51.79 -8.34
C TYR M 253 -7.38 -50.41 -8.28
N VAL M 254 -7.60 -49.93 -7.07
CA VAL M 254 -8.18 -48.61 -6.85
C VAL M 254 -7.44 -47.94 -5.70
N GLY M 255 -7.20 -46.65 -5.86
CA GLY M 255 -6.65 -45.82 -4.81
C GLY M 255 -7.15 -44.40 -4.98
N TYR M 256 -7.15 -43.62 -3.90
CA TYR M 256 -7.72 -42.29 -3.93
C TYR M 256 -6.60 -41.26 -4.03
N LEU M 257 -6.89 -40.17 -4.74
CA LEU M 257 -5.91 -39.11 -4.92
C LEU M 257 -5.86 -38.22 -3.69
N GLN M 258 -5.00 -37.21 -3.75
CA GLN M 258 -4.66 -36.39 -2.59
C GLN M 258 -3.70 -35.28 -3.01
N PRO M 259 -3.86 -34.05 -2.51
CA PRO M 259 -2.89 -33.00 -2.86
C PRO M 259 -1.53 -33.30 -2.25
N ARG M 260 -0.51 -33.27 -3.10
CA ARG M 260 0.87 -33.47 -2.69
C ARG M 260 1.78 -32.71 -3.64
N THR M 261 2.95 -32.32 -3.16
CA THR M 261 3.93 -31.62 -3.96
C THR M 261 4.94 -32.63 -4.49
N PHE M 262 4.99 -32.81 -5.82
CA PHE M 262 5.88 -33.82 -6.42
C PHE M 262 7.07 -33.17 -7.13
N LEU M 263 8.18 -33.91 -7.33
CA LEU M 263 9.34 -33.38 -8.10
C LEU M 263 9.33 -34.06 -9.47
N LEU M 264 9.03 -33.30 -10.54
CA LEU M 264 8.90 -33.91 -11.90
C LEU M 264 10.22 -33.86 -12.66
N LYS M 265 10.98 -34.96 -12.71
CA LYS M 265 12.19 -34.99 -13.53
C LYS M 265 11.82 -35.41 -14.94
N TYR M 266 11.59 -34.35 -15.72
CA TYR M 266 11.21 -34.51 -17.13
C TYR M 266 12.50 -34.92 -17.82
N ASN M 267 12.42 -35.76 -18.83
CA ASN M 267 13.64 -36.26 -19.50
C ASN M 267 13.83 -35.36 -20.68
N GLU M 268 14.94 -35.50 -21.38
CA GLU M 268 15.25 -34.56 -22.48
C GLU M 268 14.10 -34.64 -23.47
N ASN M 269 13.55 -35.81 -23.64
CA ASN M 269 12.51 -35.99 -24.66
C ASN M 269 11.17 -35.55 -24.06
N GLY M 270 11.16 -35.05 -22.82
CA GLY M 270 9.91 -34.51 -22.26
C GLY M 270 9.13 -35.45 -21.38
N THR M 271 9.73 -36.57 -21.00
CA THR M 271 9.00 -37.67 -20.34
C THR M 271 9.49 -37.83 -18.92
N ILE M 272 8.61 -38.01 -17.94
CA ILE M 272 9.05 -38.04 -16.52
C ILE M 272 9.39 -39.45 -16.02
N THR M 273 10.62 -39.75 -15.58
CA THR M 273 10.89 -40.98 -14.84
C THR M 273 10.73 -40.76 -13.34
N ASP M 274 11.72 -40.13 -12.71
CA ASP M 274 11.73 -39.98 -11.27
C ASP M 274 10.80 -38.86 -10.83
N ALA M 275 9.85 -39.21 -9.97
CA ALA M 275 9.05 -38.25 -9.23
C ALA M 275 9.25 -38.54 -7.75
N VAL M 276 9.20 -37.48 -6.94
CA VAL M 276 9.42 -37.60 -5.50
C VAL M 276 8.35 -36.77 -4.78
N ASP M 277 7.66 -37.40 -3.83
CA ASP M 277 6.62 -36.70 -3.05
C ASP M 277 7.30 -36.08 -1.82
N CYS M 278 7.16 -34.75 -1.65
CA CYS M 278 7.80 -34.05 -0.51
C CYS M 278 7.23 -34.51 0.83
N ALA M 279 5.91 -34.70 0.92
CA ALA M 279 5.28 -35.05 2.21
C ALA M 279 5.30 -36.56 2.46
N LEU M 280 6.31 -37.26 1.93
CA LEU M 280 6.44 -38.69 2.17
C LEU M 280 7.07 -38.99 3.52
N ASP M 281 8.33 -38.67 3.69
CA ASP M 281 8.97 -38.81 4.99
C ASP M 281 9.79 -37.56 5.27
N PRO M 282 10.41 -37.43 6.45
CA PRO M 282 11.30 -36.28 6.66
C PRO M 282 12.49 -36.27 5.73
N LEU M 283 12.77 -37.39 5.05
CA LEU M 283 13.89 -37.48 4.07
C LEU M 283 13.50 -36.85 2.72
N SER M 284 12.35 -37.20 2.16
CA SER M 284 11.95 -36.73 0.80
C SER M 284 11.87 -35.20 0.75
N GLU M 285 11.51 -34.57 1.87
CA GLU M 285 11.43 -33.08 1.93
C GLU M 285 12.80 -32.49 1.60
N THR M 286 13.88 -33.16 2.02
CA THR M 286 15.26 -32.67 1.75
C THR M 286 15.49 -32.60 0.24
N LYS M 287 15.01 -33.60 -0.50
CA LYS M 287 15.20 -33.62 -1.98
C LYS M 287 14.50 -32.39 -2.58
N CYS M 288 13.30 -32.07 -2.09
CA CYS M 288 12.57 -30.87 -2.57
C CYS M 288 13.35 -29.60 -2.23
N THR M 289 13.87 -29.51 -1.01
CA THR M 289 14.67 -28.32 -0.60
C THR M 289 15.95 -28.23 -1.44
N LEU M 290 16.62 -29.37 -1.63
CA LEU M 290 17.87 -29.42 -2.44
C LEU M 290 17.54 -29.17 -3.91
N LYS M 291 16.33 -29.54 -4.35
CA LYS M 291 15.97 -29.43 -5.80
C LYS M 291 16.93 -30.27 -6.62
N SER M 292 17.27 -31.48 -6.13
CA SER M 292 18.16 -32.40 -6.89
C SER M 292 17.90 -33.84 -6.43
N PHE M 293 17.62 -34.75 -7.38
CA PHE M 293 17.42 -36.15 -7.03
C PHE M 293 18.64 -36.80 -6.40
N THR M 294 19.78 -36.14 -6.43
CA THR M 294 20.95 -36.62 -5.71
C THR M 294 21.29 -35.60 -4.65
N VAL M 295 21.04 -35.93 -3.39
CA VAL M 295 21.36 -35.04 -2.29
C VAL M 295 22.74 -35.43 -1.79
N GLU M 296 23.70 -34.55 -2.04
CA GLU M 296 25.06 -34.82 -1.65
C GLU M 296 25.21 -34.75 -0.14
N LYS M 297 26.33 -35.30 0.32
CA LYS M 297 26.60 -35.44 1.75
C LYS M 297 26.49 -34.12 2.47
N GLY M 298 26.13 -34.18 3.74
CA GLY M 298 26.01 -33.02 4.59
C GLY M 298 24.57 -32.76 5.01
N ILE M 299 24.44 -31.92 6.02
CA ILE M 299 23.19 -31.69 6.73
C ILE M 299 22.38 -30.62 6.03
N TYR M 300 21.07 -30.80 6.00
CA TYR M 300 20.17 -29.86 5.34
C TYR M 300 19.00 -29.55 6.25
N GLN M 301 18.74 -28.26 6.45
CA GLN M 301 17.51 -27.84 7.10
C GLN M 301 16.39 -27.95 6.08
N THR M 302 15.32 -28.65 6.46
CA THR M 302 14.21 -28.93 5.55
C THR M 302 12.94 -28.21 5.97
N SER M 303 12.41 -28.55 7.15
CA SER M 303 11.12 -28.04 7.59
C SER M 303 11.24 -27.57 9.03
N ASN M 304 10.09 -27.20 9.60
CA ASN M 304 9.99 -26.82 10.99
C ASN M 304 8.77 -27.50 11.57
N PHE M 305 8.82 -27.86 12.84
CA PHE M 305 7.66 -28.44 13.51
C PHE M 305 7.25 -27.53 14.65
N ARG M 306 5.96 -27.26 14.72
CA ARG M 306 5.39 -26.42 15.78
C ARG M 306 4.47 -27.32 16.59
N VAL M 307 4.88 -27.64 17.81
CA VAL M 307 4.07 -28.53 18.63
C VAL M 307 2.69 -27.90 18.80
N GLN M 308 1.69 -28.61 18.41
CA GLN M 308 0.37 -28.01 18.52
C GLN M 308 -0.17 -28.21 19.93
N PRO M 309 -1.05 -27.30 20.46
CA PRO M 309 -1.55 -27.42 21.84
C PRO M 309 -2.68 -28.45 22.02
N THR M 310 -2.66 -29.20 23.13
CA THR M 310 -3.67 -30.28 23.36
C THR M 310 -5.10 -29.72 23.52
N GLU M 311 -5.29 -28.66 24.31
CA GLU M 311 -6.67 -28.15 24.59
C GLU M 311 -6.62 -26.70 25.09
N SER M 312 -7.78 -26.05 25.24
CA SER M 312 -7.81 -24.61 25.62
C SER M 312 -8.10 -24.39 27.11
N ILE M 313 -7.46 -23.41 27.74
CA ILE M 313 -7.77 -23.05 29.12
C ILE M 313 -8.44 -21.69 29.11
N VAL M 314 -9.68 -21.64 29.53
CA VAL M 314 -10.35 -20.32 29.69
C VAL M 314 -10.48 -20.18 31.22
N ARG M 315 -9.72 -19.29 31.84
CA ARG M 315 -9.78 -19.26 33.33
C ARG M 315 -10.28 -17.90 33.79
N PHE M 316 -11.60 -17.68 33.73
CA PHE M 316 -12.21 -16.43 34.25
C PHE M 316 -12.16 -16.50 35.77
N PRO M 317 -12.14 -15.38 36.52
CA PRO M 317 -11.92 -15.43 37.96
C PRO M 317 -12.93 -16.21 38.81
N ASN M 318 -12.67 -16.33 40.11
CA ASN M 318 -13.55 -17.16 40.98
C ASN M 318 -14.80 -16.38 41.34
N ILE M 319 -15.98 -16.88 40.94
CA ILE M 319 -17.30 -16.24 41.27
C ILE M 319 -17.47 -14.95 40.45
N THR M 320 -16.57 -13.97 40.61
CA THR M 320 -16.68 -12.65 39.91
C THR M 320 -18.02 -12.02 40.29
N ASN M 321 -18.49 -12.24 41.53
CA ASN M 321 -19.77 -11.70 42.05
C ASN M 321 -20.95 -12.57 41.57
N LEU M 322 -22.12 -12.38 42.16
CA LEU M 322 -23.34 -13.11 41.71
C LEU M 322 -24.45 -12.07 41.57
N CYS M 323 -25.34 -12.22 40.58
CA CYS M 323 -26.37 -11.11 40.37
C CYS M 323 -27.45 -11.23 41.44
N PRO M 324 -27.57 -10.28 42.39
CA PRO M 324 -28.50 -10.40 43.53
C PRO M 324 -30.00 -10.13 43.33
N PHE M 325 -30.78 -11.13 42.90
CA PHE M 325 -32.24 -10.94 42.81
C PHE M 325 -32.92 -11.64 44.00
N GLY M 326 -32.10 -12.12 44.93
CA GLY M 326 -32.62 -12.82 46.12
C GLY M 326 -33.21 -11.80 47.07
N GLU M 327 -32.55 -10.65 47.22
CA GLU M 327 -33.13 -9.57 48.07
C GLU M 327 -34.33 -8.99 47.32
N VAL M 328 -34.51 -9.36 46.05
CA VAL M 328 -35.74 -8.92 45.32
C VAL M 328 -36.81 -10.00 45.48
N PHE M 329 -36.43 -11.29 45.45
CA PHE M 329 -37.44 -12.38 45.49
C PHE M 329 -37.79 -12.75 46.94
N ASN M 330 -36.80 -12.61 47.82
CA ASN M 330 -36.84 -13.11 49.23
C ASN M 330 -37.04 -11.93 50.17
N ALA M 331 -37.05 -10.70 49.64
CA ALA M 331 -37.18 -9.49 50.48
C ALA M 331 -38.33 -9.67 51.47
N THR M 332 -38.12 -9.32 52.74
CA THR M 332 -39.13 -9.68 53.74
C THR M 332 -40.44 -8.95 53.51
N ARG M 333 -40.39 -7.61 53.47
CA ARG M 333 -41.56 -6.78 53.22
C ARG M 333 -41.47 -6.34 51.77
N PHE M 334 -42.28 -6.94 50.90
CA PHE M 334 -42.37 -6.39 49.56
C PHE M 334 -43.14 -5.08 49.58
N ALA M 335 -42.65 -4.11 48.82
CA ALA M 335 -43.54 -3.07 48.35
C ALA M 335 -44.71 -3.73 47.63
N SER M 336 -45.88 -3.15 47.78
CA SER M 336 -47.08 -3.74 47.19
C SER M 336 -47.09 -3.58 45.68
N VAL M 337 -47.98 -4.31 45.01
CA VAL M 337 -48.13 -4.15 43.57
C VAL M 337 -48.30 -2.69 43.19
N TYR M 338 -49.11 -1.93 43.94
CA TYR M 338 -49.48 -0.59 43.50
C TYR M 338 -48.27 0.33 43.47
N ALA M 339 -47.27 0.08 44.30
CA ALA M 339 -45.97 0.73 44.17
C ALA M 339 -44.91 -0.36 44.14
N TRP M 340 -44.32 -0.57 42.98
CA TRP M 340 -43.44 -1.70 42.73
C TRP M 340 -41.99 -1.25 42.81
N ASN M 341 -41.13 -2.13 43.34
CA ASN M 341 -39.72 -1.81 43.39
C ASN M 341 -39.11 -1.86 41.99
N ARG M 342 -38.10 -1.02 41.79
CA ARG M 342 -37.28 -1.05 40.59
C ARG M 342 -35.83 -1.02 41.07
N LYS M 343 -35.08 -2.10 40.85
CA LYS M 343 -33.87 -2.37 41.64
C LYS M 343 -32.67 -2.69 40.77
N ARG M 344 -31.60 -1.90 40.91
CA ARG M 344 -30.37 -2.06 40.09
C ARG M 344 -29.54 -3.29 40.45
N ILE M 345 -29.52 -4.32 39.58
CA ILE M 345 -28.60 -5.48 39.78
C ILE M 345 -27.55 -5.28 38.69
N SER M 346 -26.28 -5.10 39.09
CA SER M 346 -25.25 -4.72 38.10
C SER M 346 -23.85 -5.25 38.44
N ASN M 347 -22.90 -5.14 37.50
CA ASN M 347 -21.49 -5.56 37.73
C ASN M 347 -21.43 -6.90 38.46
N CYS M 348 -22.04 -7.94 37.88
CA CYS M 348 -22.10 -9.25 38.58
C CYS M 348 -22.07 -10.40 37.56
N VAL M 349 -22.56 -11.58 37.95
CA VAL M 349 -22.61 -12.74 37.02
C VAL M 349 -24.02 -13.34 37.05
N ALA M 350 -24.63 -13.60 35.89
CA ALA M 350 -26.02 -14.08 35.86
C ALA M 350 -26.23 -15.13 36.94
N ASP M 351 -27.23 -14.93 37.80
CA ASP M 351 -27.40 -15.85 38.95
C ASP M 351 -28.74 -16.58 38.89
N TYR M 352 -28.84 -17.62 38.06
CA TYR M 352 -30.07 -18.44 38.12
C TYR M 352 -29.76 -19.61 39.07
N SER M 353 -28.56 -19.60 39.69
CA SER M 353 -28.25 -20.79 40.49
C SER M 353 -28.77 -20.74 41.93
N VAL M 354 -29.25 -19.60 42.42
CA VAL M 354 -29.95 -19.62 43.70
C VAL M 354 -31.39 -20.09 43.50
N LEU M 355 -31.92 -19.88 42.30
CA LEU M 355 -33.33 -20.07 41.99
C LEU M 355 -33.65 -21.53 41.68
N TYR M 356 -32.64 -22.39 41.69
CA TYR M 356 -32.86 -23.84 41.46
C TYR M 356 -33.43 -24.45 42.75
N ASN M 357 -32.75 -24.19 43.87
CA ASN M 357 -33.28 -24.68 45.18
C ASN M 357 -34.15 -23.57 45.76
N SER M 358 -35.47 -23.74 45.72
CA SER M 358 -36.40 -22.67 46.17
C SER M 358 -37.77 -23.28 46.50
N ALA M 359 -38.67 -22.51 47.11
CA ALA M 359 -40.04 -22.99 47.37
C ALA M 359 -40.71 -23.31 46.04
N SER M 360 -40.43 -22.53 44.98
CA SER M 360 -40.97 -22.70 43.59
C SER M 360 -41.89 -21.53 43.25
N PHE M 361 -41.44 -20.66 42.33
CA PHE M 361 -42.21 -19.48 41.98
C PHE M 361 -43.46 -19.92 41.23
N SER M 362 -44.64 -19.52 41.72
CA SER M 362 -45.89 -20.04 41.19
C SER M 362 -45.99 -19.93 39.68
N THR M 363 -45.33 -18.95 39.09
CA THR M 363 -45.01 -19.03 37.68
C THR M 363 -43.61 -18.50 37.49
N PHE M 364 -43.07 -18.78 36.33
CA PHE M 364 -41.83 -18.17 35.87
C PHE M 364 -42.09 -17.75 34.44
N LYS M 365 -42.15 -16.45 34.19
CA LYS M 365 -42.13 -15.97 32.83
C LYS M 365 -41.15 -14.81 32.77
N CYS M 366 -40.14 -14.96 31.93
CA CYS M 366 -39.21 -13.90 31.61
C CYS M 366 -39.18 -13.80 30.10
N TYR M 367 -39.56 -12.63 29.59
CA TYR M 367 -39.98 -12.50 28.20
C TYR M 367 -38.85 -12.76 27.23
N GLY M 368 -37.79 -11.95 27.30
CA GLY M 368 -37.03 -11.65 26.12
C GLY M 368 -36.43 -12.80 25.35
N VAL M 369 -35.58 -13.59 26.00
CA VAL M 369 -34.74 -14.59 25.35
C VAL M 369 -34.67 -15.84 26.21
N SER M 370 -34.09 -16.89 25.65
CA SER M 370 -34.15 -18.22 26.25
C SER M 370 -33.65 -18.22 27.69
N PRO M 371 -34.31 -18.95 28.59
CA PRO M 371 -33.88 -18.96 29.99
C PRO M 371 -32.50 -19.56 30.23
N THR M 372 -31.94 -20.28 29.26
CA THR M 372 -30.52 -20.61 29.36
C THR M 372 -29.64 -19.55 28.72
N LYS M 373 -30.26 -18.46 28.27
CA LYS M 373 -29.46 -17.31 27.80
C LYS M 373 -29.42 -16.39 29.02
N LEU M 374 -30.17 -16.73 30.07
CA LEU M 374 -30.04 -15.92 31.31
C LEU M 374 -28.60 -16.12 31.81
N ASN M 375 -28.10 -17.36 31.82
CA ASN M 375 -26.74 -17.67 32.32
C ASN M 375 -25.75 -17.61 31.16
N ASP M 376 -26.23 -17.34 29.95
CA ASP M 376 -25.36 -17.19 28.79
C ASP M 376 -25.34 -15.79 28.21
N LEU M 377 -26.22 -14.89 28.65
CA LEU M 377 -26.33 -13.58 28.03
C LEU M 377 -26.36 -12.50 29.09
N CYS M 378 -25.47 -11.51 28.95
CA CYS M 378 -25.39 -10.40 29.88
C CYS M 378 -26.45 -9.35 29.57
N PHE M 379 -26.85 -8.60 30.60
CA PHE M 379 -27.86 -7.55 30.47
C PHE M 379 -27.30 -6.21 30.94
N THR M 380 -28.16 -5.19 30.90
CA THR M 380 -27.66 -3.82 30.98
C THR M 380 -28.19 -3.09 32.21
N ASN M 381 -29.43 -2.62 32.15
CA ASN M 381 -30.08 -1.96 33.28
C ASN M 381 -31.03 -3.00 33.86
N VAL M 382 -30.67 -3.58 34.99
CA VAL M 382 -31.36 -4.75 35.50
C VAL M 382 -32.15 -4.36 36.73
N TYR M 383 -33.47 -4.30 36.58
CA TYR M 383 -34.36 -3.97 37.69
C TYR M 383 -35.34 -5.12 37.86
N ALA M 384 -35.13 -5.90 38.92
CA ALA M 384 -36.05 -6.95 39.30
C ALA M 384 -37.10 -6.33 40.21
N ASP M 385 -38.36 -6.37 39.79
CA ASP M 385 -39.39 -5.50 40.35
C ASP M 385 -40.06 -6.22 41.51
N SER M 386 -39.85 -5.71 42.72
CA SER M 386 -40.31 -6.40 43.93
C SER M 386 -41.67 -5.84 44.34
N PHE M 387 -42.70 -6.69 44.25
CA PHE M 387 -44.06 -6.28 44.58
C PHE M 387 -44.91 -7.51 44.89
N VAL M 388 -46.06 -7.26 45.52
CA VAL M 388 -47.05 -8.29 45.86
C VAL M 388 -48.32 -8.01 45.10
N ILE M 389 -48.83 -9.02 44.37
CA ILE M 389 -50.09 -8.87 43.66
C ILE M 389 -51.06 -9.95 44.14
N ARG M 390 -52.35 -9.69 43.93
CA ARG M 390 -53.36 -10.71 44.17
C ARG M 390 -53.24 -11.80 43.10
N GLY M 391 -53.81 -12.97 43.41
CA GLY M 391 -53.56 -14.16 42.63
C GLY M 391 -53.80 -14.09 41.13
N ASP M 392 -55.02 -13.78 40.68
CA ASP M 392 -55.28 -13.76 39.26
C ASP M 392 -54.49 -12.69 38.53
N GLU M 393 -53.76 -11.85 39.24
CA GLU M 393 -53.23 -10.64 38.66
C GLU M 393 -51.93 -10.85 37.91
N VAL M 394 -51.46 -12.10 37.80
CA VAL M 394 -50.28 -12.38 37.01
C VAL M 394 -50.57 -12.20 35.52
N ARG M 395 -51.75 -12.64 35.07
CA ARG M 395 -52.24 -12.20 33.78
C ARG M 395 -52.10 -10.70 33.64
N GLN M 396 -52.67 -9.96 34.59
CA GLN M 396 -52.74 -8.51 34.52
C GLN M 396 -51.37 -7.84 34.55
N ILE M 397 -50.31 -8.65 34.63
CA ILE M 397 -48.93 -8.11 34.56
C ILE M 397 -48.28 -8.68 33.29
N ALA M 398 -48.39 -7.95 32.17
CA ALA M 398 -47.81 -8.39 30.87
C ALA M 398 -47.97 -7.30 29.82
N PRO M 399 -47.18 -7.31 28.72
CA PRO M 399 -47.38 -6.35 27.62
C PRO M 399 -48.76 -6.51 26.97
N GLY M 400 -49.49 -5.41 26.81
CA GLY M 400 -50.75 -5.49 26.09
C GLY M 400 -51.91 -5.98 26.92
N GLN M 401 -51.76 -5.99 28.24
CA GLN M 401 -52.82 -6.43 29.14
C GLN M 401 -53.82 -5.31 29.35
N THR M 402 -55.07 -5.58 29.01
CA THR M 402 -56.18 -4.87 29.61
C THR M 402 -56.46 -5.53 30.94
N GLY M 403 -56.53 -4.73 32.00
CA GLY M 403 -56.75 -5.28 33.31
C GLY M 403 -56.59 -4.22 34.37
N LYS M 404 -56.91 -4.62 35.60
CA LYS M 404 -56.81 -3.71 36.74
C LYS M 404 -55.35 -3.42 37.10
N ILE M 405 -54.58 -4.48 37.27
CA ILE M 405 -53.13 -4.26 37.55
C ILE M 405 -52.56 -3.43 36.41
N ALA M 406 -52.59 -3.95 35.18
CA ALA M 406 -51.92 -3.20 34.09
C ALA M 406 -52.55 -1.82 33.87
N ASP M 407 -53.86 -1.74 33.74
CA ASP M 407 -54.42 -0.41 33.38
C ASP M 407 -54.27 0.58 34.54
N TYR M 408 -53.87 0.13 35.74
CA TYR M 408 -53.86 1.11 36.81
C TYR M 408 -52.60 1.09 37.69
N ASN M 409 -52.50 0.15 38.62
CA ASN M 409 -51.49 0.29 39.67
C ASN M 409 -50.11 -0.18 39.23
N TYR M 410 -50.03 -1.30 38.52
CA TYR M 410 -48.75 -1.80 38.02
C TYR M 410 -48.90 -2.06 36.53
N LYS M 411 -48.22 -1.25 35.72
CA LYS M 411 -48.36 -1.32 34.27
C LYS M 411 -46.98 -1.54 33.66
N LEU M 412 -46.89 -2.51 32.76
CA LEU M 412 -45.63 -2.80 32.08
C LEU M 412 -45.71 -2.49 30.60
N PRO M 413 -44.58 -2.22 29.96
CA PRO M 413 -44.59 -1.80 28.55
C PRO M 413 -44.92 -2.95 27.63
N ASP M 414 -45.26 -2.59 26.39
CA ASP M 414 -45.29 -3.59 25.31
C ASP M 414 -43.87 -3.95 24.86
N ASP M 415 -42.89 -3.07 25.12
CA ASP M 415 -41.50 -3.27 24.74
C ASP M 415 -40.62 -3.81 25.87
N PHE M 416 -41.21 -4.20 27.00
CA PHE M 416 -40.42 -4.70 28.13
C PHE M 416 -39.83 -6.07 27.88
N THR M 417 -38.52 -6.19 28.07
CA THR M 417 -37.82 -7.47 27.93
C THR M 417 -37.37 -7.95 29.30
N GLY M 418 -38.00 -9.02 29.78
CA GLY M 418 -37.75 -9.42 31.15
C GLY M 418 -38.90 -10.26 31.70
N CYS M 419 -39.08 -10.18 33.00
CA CYS M 419 -39.78 -11.20 33.75
C CYS M 419 -41.17 -10.76 34.17
N VAL M 420 -42.03 -11.76 34.34
CA VAL M 420 -43.15 -11.71 35.27
C VAL M 420 -43.20 -13.06 35.97
N ILE M 421 -43.13 -13.06 37.29
CA ILE M 421 -42.97 -14.29 38.06
C ILE M 421 -43.86 -14.25 39.28
N ALA M 422 -44.63 -15.32 39.50
CA ALA M 422 -45.60 -15.38 40.58
C ALA M 422 -45.18 -16.40 41.63
N TRP M 423 -45.60 -16.18 42.87
CA TRP M 423 -45.65 -17.22 43.88
C TRP M 423 -46.62 -16.78 44.97
N ASN M 424 -47.17 -17.75 45.70
CA ASN M 424 -48.16 -17.44 46.73
C ASN M 424 -47.46 -16.87 47.96
N SER M 425 -47.85 -15.66 48.36
CA SER M 425 -47.48 -15.13 49.66
C SER M 425 -48.59 -15.27 50.68
N ASN M 426 -49.72 -15.89 50.29
CA ASN M 426 -50.73 -16.25 51.28
C ASN M 426 -50.09 -17.04 52.42
N ASN M 427 -49.08 -17.84 52.10
CA ASN M 427 -48.29 -18.52 53.14
C ASN M 427 -47.56 -17.53 54.03
N LEU M 428 -47.37 -16.28 53.60
CA LEU M 428 -46.69 -15.30 54.44
C LEU M 428 -47.46 -13.97 54.52
N ASP M 429 -47.57 -13.26 53.40
CA ASP M 429 -48.12 -11.90 53.40
C ASP M 429 -49.53 -11.83 53.99
N SER M 430 -50.25 -12.95 54.00
CA SER M 430 -51.59 -12.94 54.55
C SER M 430 -51.56 -12.67 56.05
N LYS M 431 -52.62 -12.04 56.55
CA LYS M 431 -52.74 -11.80 57.97
C LYS M 431 -54.18 -12.02 58.44
N GLY M 434 -55.13 -9.50 59.83
CA GLY M 434 -55.70 -8.88 58.64
C GLY M 434 -54.87 -7.73 58.12
N ASN M 435 -54.29 -7.91 56.94
CA ASN M 435 -53.42 -6.91 56.32
C ASN M 435 -54.21 -6.15 55.26
N TYR M 436 -54.60 -4.92 55.60
CA TYR M 436 -55.18 -3.99 54.64
C TYR M 436 -54.17 -2.96 54.15
N ASN M 437 -52.95 -3.00 54.67
CA ASN M 437 -51.89 -2.14 54.17
C ASN M 437 -51.63 -2.41 52.69
N TYR M 438 -51.72 -3.68 52.29
CA TYR M 438 -51.73 -4.01 50.88
C TYR M 438 -52.88 -3.30 50.19
N LEU M 439 -52.61 -2.83 48.99
CA LEU M 439 -53.44 -1.83 48.34
C LEU M 439 -53.24 -2.00 46.84
N TYR M 440 -54.13 -1.38 46.08
CA TYR M 440 -54.05 -1.43 44.63
C TYR M 440 -54.76 -0.22 44.07
N ARG M 441 -54.45 0.10 42.82
CA ARG M 441 -55.18 1.16 42.14
C ARG M 441 -56.32 0.49 41.39
N LEU M 442 -57.52 0.68 41.91
CA LEU M 442 -58.69 0.08 41.27
C LEU M 442 -59.07 0.89 40.04
N PHE M 443 -58.84 2.20 40.07
CA PHE M 443 -59.14 3.05 38.93
C PHE M 443 -58.20 4.24 38.82
N ARG M 444 -57.92 4.60 37.57
CA ARG M 444 -56.98 5.61 37.10
C ARG M 444 -57.46 5.98 35.71
N LYS M 445 -57.07 7.15 35.23
CA LYS M 445 -57.68 7.69 34.02
C LYS M 445 -56.88 7.38 32.75
N SER M 446 -55.80 6.61 32.85
CA SER M 446 -55.04 6.19 31.68
C SER M 446 -54.20 4.98 32.07
N ASN M 447 -53.41 4.51 31.11
CA ASN M 447 -52.39 3.50 31.38
C ASN M 447 -51.09 4.20 31.79
N LEU M 448 -50.36 3.58 32.70
CA LEU M 448 -49.06 4.09 33.08
C LEU M 448 -48.08 3.99 31.91
N LYS M 449 -47.21 5.00 31.80
CA LYS M 449 -46.18 5.01 30.78
C LYS M 449 -45.20 3.87 31.09
N PRO M 450 -44.35 3.48 30.13
CA PRO M 450 -43.46 2.33 30.39
C PRO M 450 -42.64 2.48 31.66
N PHE M 451 -42.79 1.47 32.53
CA PHE M 451 -42.21 1.43 33.87
C PHE M 451 -42.61 2.62 34.74
N GLU M 452 -43.65 3.37 34.40
CA GLU M 452 -44.04 4.46 35.27
C GLU M 452 -44.97 3.94 36.36
N ARG M 453 -45.00 4.64 37.49
CA ARG M 453 -45.88 4.35 38.60
C ARG M 453 -46.84 5.50 38.80
N ASP M 454 -48.01 5.21 39.39
CA ASP M 454 -48.96 6.25 39.78
C ASP M 454 -49.11 6.20 41.30
N ILE M 455 -48.68 7.27 41.96
CA ILE M 455 -48.68 7.33 43.42
C ILE M 455 -49.92 7.98 43.99
N SER M 456 -50.89 8.34 43.15
CA SER M 456 -51.87 9.35 43.52
C SER M 456 -52.77 8.87 44.66
N THR M 457 -52.78 9.62 45.75
CA THR M 457 -53.81 9.56 46.77
C THR M 457 -54.91 10.56 46.51
N GLU M 458 -54.81 11.27 45.39
CA GLU M 458 -55.76 12.32 45.01
C GLU M 458 -57.16 11.73 44.87
N ILE M 459 -58.17 12.57 45.11
CA ILE M 459 -59.55 12.13 44.93
C ILE M 459 -59.77 11.71 43.48
N TYR M 460 -60.40 10.54 43.30
CA TYR M 460 -60.94 10.16 42.01
C TYR M 460 -62.27 10.88 41.83
N GLN M 461 -62.35 11.73 40.80
CA GLN M 461 -63.43 12.71 40.67
C GLN M 461 -64.37 12.21 39.58
N ALA M 462 -65.54 11.72 40.02
CA ALA M 462 -66.48 11.13 39.07
C ALA M 462 -67.32 12.20 38.37
N GLY M 463 -67.85 13.16 39.14
CA GLY M 463 -68.64 14.23 38.57
C GLY M 463 -67.89 15.56 38.54
N SER M 464 -68.47 16.50 37.79
CA SER M 464 -67.92 17.86 37.71
C SER M 464 -68.04 18.59 39.04
N THR M 465 -68.70 18.00 40.04
CA THR M 465 -68.76 18.55 41.39
C THR M 465 -67.46 18.27 42.12
N PRO M 466 -66.65 19.29 42.41
CA PRO M 466 -65.34 19.05 43.01
C PRO M 466 -65.49 18.54 44.43
N CYS M 467 -64.73 17.49 44.76
CA CYS M 467 -64.84 16.87 46.08
C CYS M 467 -64.05 17.65 47.12
N ASN M 468 -62.93 18.26 46.73
CA ASN M 468 -62.15 19.17 47.57
C ASN M 468 -61.54 18.51 48.80
N GLY M 469 -61.16 17.23 48.71
CA GLY M 469 -60.51 16.56 49.81
C GLY M 469 -61.42 15.96 50.86
N VAL M 470 -62.73 15.85 50.57
CA VAL M 470 -63.68 15.14 51.41
C VAL M 470 -64.54 14.25 50.52
N GLU M 471 -65.24 13.33 51.15
CA GLU M 471 -66.12 12.42 50.44
C GLU M 471 -67.50 13.06 50.18
N GLY M 472 -68.14 12.56 49.14
CA GLY M 472 -69.36 13.14 48.65
C GLY M 472 -70.03 12.20 47.66
N PHE M 473 -70.96 12.73 46.87
CA PHE M 473 -71.64 11.89 45.90
C PHE M 473 -70.66 11.49 44.81
N ASN M 474 -70.48 10.17 44.65
CA ASN M 474 -69.47 9.60 43.74
C ASN M 474 -68.12 10.28 43.90
N CYS M 475 -67.76 10.65 45.12
CA CYS M 475 -66.40 11.08 45.45
C CYS M 475 -65.61 9.86 45.88
N TYR M 476 -64.57 9.54 45.12
CA TYR M 476 -63.80 8.31 45.30
C TYR M 476 -62.35 8.62 45.62
N PHE M 477 -61.78 7.79 46.49
CA PHE M 477 -60.33 7.61 46.61
C PHE M 477 -59.98 6.43 45.71
N PRO M 478 -59.28 6.66 44.60
CA PRO M 478 -59.16 5.59 43.58
C PRO M 478 -58.40 4.36 44.04
N LEU M 479 -57.31 4.54 44.79
CA LEU M 479 -56.59 3.39 45.34
C LEU M 479 -57.50 2.63 46.31
N GLN M 480 -57.37 1.32 46.34
CA GLN M 480 -58.14 0.50 47.26
C GLN M 480 -57.25 -0.64 47.76
N SER M 481 -57.70 -1.34 48.80
CA SER M 481 -56.92 -2.36 49.48
C SER M 481 -57.54 -3.75 49.28
N TYR M 482 -56.69 -4.76 49.40
CA TYR M 482 -57.11 -6.16 49.42
C TYR M 482 -57.11 -6.62 50.87
N GLY M 483 -58.30 -6.90 51.40
CA GLY M 483 -58.40 -7.62 52.64
C GLY M 483 -57.91 -9.04 52.45
N PHE M 484 -56.93 -9.48 53.25
CA PHE M 484 -56.38 -10.82 53.13
C PHE M 484 -56.94 -11.69 54.25
N GLN M 485 -57.69 -12.70 53.85
CA GLN M 485 -58.43 -13.53 54.78
C GLN M 485 -57.67 -14.84 54.95
N PRO M 486 -57.11 -15.11 56.13
CA PRO M 486 -56.18 -16.25 56.27
C PRO M 486 -56.75 -17.58 55.81
N THR M 487 -58.03 -17.65 55.48
CA THR M 487 -58.61 -18.78 54.78
C THR M 487 -58.48 -18.64 53.26
N ASN M 488 -57.74 -17.65 52.77
CA ASN M 488 -57.62 -17.36 51.34
C ASN M 488 -57.36 -18.63 50.54
N GLY M 489 -58.05 -18.75 49.41
CA GLY M 489 -57.86 -19.82 48.47
C GLY M 489 -57.13 -19.38 47.21
N VAL M 490 -56.96 -20.35 46.30
CA VAL M 490 -56.04 -20.17 45.16
C VAL M 490 -56.40 -18.93 44.34
N GLY M 491 -57.68 -18.58 44.25
CA GLY M 491 -58.06 -17.34 43.60
C GLY M 491 -57.83 -16.11 44.46
N TYR M 492 -57.90 -16.25 45.78
CA TYR M 492 -57.77 -15.15 46.71
C TYR M 492 -56.39 -14.99 47.30
N GLN M 493 -55.44 -15.86 46.96
CA GLN M 493 -54.12 -15.77 47.52
C GLN M 493 -53.32 -14.65 46.84
N PRO M 494 -52.60 -13.85 47.61
CA PRO M 494 -51.68 -12.88 46.99
C PRO M 494 -50.55 -13.62 46.31
N TYR M 495 -50.10 -13.07 45.19
CA TYR M 495 -48.86 -13.51 44.57
C TYR M 495 -47.88 -12.36 44.58
N ARG M 496 -46.83 -12.49 45.36
CA ARG M 496 -45.67 -11.66 45.15
C ARG M 496 -45.20 -11.89 43.72
N VAL M 497 -44.97 -10.82 42.97
CA VAL M 497 -44.61 -10.97 41.56
C VAL M 497 -43.45 -10.04 41.22
N VAL M 498 -42.49 -10.56 40.45
CA VAL M 498 -41.27 -9.82 40.14
C VAL M 498 -41.04 -9.80 38.63
N VAL M 499 -40.40 -8.72 38.21
CA VAL M 499 -40.22 -8.32 36.82
C VAL M 499 -38.78 -7.80 36.67
N LEU M 500 -37.98 -8.45 35.81
CA LEU M 500 -36.61 -8.00 35.54
C LEU M 500 -36.59 -7.02 34.37
N SER M 501 -36.27 -5.77 34.67
CA SER M 501 -36.03 -4.78 33.63
C SER M 501 -34.65 -5.03 33.05
N PHE M 502 -34.55 -5.05 31.71
CA PHE M 502 -33.22 -5.18 31.04
C PHE M 502 -33.34 -4.88 29.54
N GLU M 503 -32.26 -4.40 28.93
CA GLU M 503 -32.27 -4.02 27.49
C GLU M 503 -31.53 -5.07 26.66
N LEU M 504 -31.27 -6.26 27.24
CA LEU M 504 -30.48 -7.30 26.53
C LEU M 504 -29.08 -6.76 26.24
N LEU M 505 -28.68 -6.67 24.97
CA LEU M 505 -27.37 -6.10 24.58
C LEU M 505 -27.49 -4.59 24.39
N HIS M 506 -26.49 -3.95 23.76
CA HIS M 506 -26.51 -2.49 23.45
C HIS M 506 -26.04 -1.64 24.64
N ALA M 507 -25.79 -2.27 25.79
CA ALA M 507 -25.24 -1.52 26.96
C ALA M 507 -24.30 -2.45 27.75
N PRO M 508 -23.40 -1.96 28.66
CA PRO M 508 -22.40 -2.84 29.28
C PRO M 508 -23.01 -3.96 30.09
N ALA M 509 -22.20 -5.02 30.25
CA ALA M 509 -22.67 -6.25 30.92
C ALA M 509 -22.79 -6.09 32.42
N THR M 510 -24.02 -6.06 32.94
CA THR M 510 -24.20 -6.03 34.40
C THR M 510 -24.53 -7.46 34.85
N VAL M 511 -25.47 -8.12 34.17
CA VAL M 511 -25.77 -9.56 34.47
C VAL M 511 -24.89 -10.41 33.54
N CYS M 512 -23.56 -10.25 33.64
CA CYS M 512 -22.64 -10.98 32.71
C CYS M 512 -22.79 -12.49 32.90
N GLY M 513 -23.26 -13.21 31.87
CA GLY M 513 -23.49 -14.66 32.05
C GLY M 513 -22.34 -15.36 32.75
N PRO M 514 -22.53 -16.27 33.74
CA PRO M 514 -21.42 -17.05 34.30
C PRO M 514 -20.59 -17.50 33.12
N LYS M 515 -19.35 -17.03 33.07
CA LYS M 515 -18.53 -17.31 31.91
C LYS M 515 -17.65 -18.51 32.23
N LYS M 516 -17.79 -19.51 31.36
CA LYS M 516 -17.17 -20.84 31.61
C LYS M 516 -15.68 -20.80 31.84
N SER M 517 -15.25 -21.31 32.99
CA SER M 517 -13.80 -21.43 33.22
C SER M 517 -13.46 -22.91 32.94
N THR M 518 -12.85 -23.21 31.79
CA THR M 518 -12.42 -24.62 31.54
C THR M 518 -11.47 -25.05 32.65
N ASN M 519 -11.43 -26.34 32.98
CA ASN M 519 -10.61 -26.81 34.13
C ASN M 519 -9.15 -26.43 33.87
N LEU M 520 -8.46 -25.91 34.89
CA LEU M 520 -7.05 -25.45 34.71
C LEU M 520 -6.15 -26.66 34.41
N VAL M 521 -5.46 -26.62 33.27
CA VAL M 521 -4.48 -27.70 32.94
C VAL M 521 -3.08 -27.18 33.28
N LYS M 522 -2.21 -28.03 33.84
CA LYS M 522 -0.85 -27.58 34.23
C LYS M 522 0.24 -28.49 33.65
N ASN M 523 1.41 -27.91 33.37
CA ASN M 523 2.60 -28.64 32.83
C ASN M 523 2.28 -29.30 31.49
N LYS M 524 1.47 -28.67 30.65
CA LYS M 524 1.14 -29.23 29.31
C LYS M 524 1.01 -28.10 28.28
N CYS M 525 1.33 -28.39 27.02
CA CYS M 525 1.19 -27.38 25.93
C CYS M 525 -0.31 -27.14 25.73
N VAL M 526 -0.80 -25.95 26.09
CA VAL M 526 -2.23 -25.68 26.00
C VAL M 526 -2.40 -24.35 25.30
N ASN M 527 -3.63 -24.05 24.94
CA ASN M 527 -3.96 -22.78 24.32
C ASN M 527 -4.84 -22.03 25.30
N PHE M 528 -4.28 -21.08 26.02
CA PHE M 528 -4.91 -20.61 27.24
C PHE M 528 -5.53 -19.23 27.05
N ASN M 529 -6.62 -19.01 27.79
CA ASN M 529 -7.20 -17.68 27.96
C ASN M 529 -7.37 -17.43 29.45
N PHE M 530 -6.72 -16.38 29.95
CA PHE M 530 -6.83 -15.98 31.35
C PHE M 530 -7.44 -14.59 31.41
N ASN M 531 -8.66 -14.50 31.92
CA ASN M 531 -9.34 -13.23 32.12
C ASN M 531 -9.24 -12.34 30.89
N GLY M 532 -9.52 -12.95 29.73
CA GLY M 532 -9.40 -12.27 28.47
C GLY M 532 -8.02 -12.28 27.86
N LEU M 533 -6.97 -12.54 28.63
CA LEU M 533 -5.64 -12.71 28.08
C LEU M 533 -5.54 -14.04 27.39
N THR M 534 -5.22 -14.05 26.10
CA THR M 534 -5.07 -15.28 25.34
C THR M 534 -3.61 -15.53 25.02
N GLY M 535 -3.25 -16.79 24.96
CA GLY M 535 -1.90 -17.17 24.61
C GLY M 535 -1.82 -18.67 24.59
N THR M 536 -0.76 -19.17 23.95
CA THR M 536 -0.51 -20.59 23.84
C THR M 536 0.90 -20.88 24.32
N GLY M 537 1.00 -21.68 25.38
CA GLY M 537 2.30 -21.96 25.92
C GLY M 537 2.24 -23.15 26.85
N VAL M 538 3.35 -23.36 27.56
CA VAL M 538 3.46 -24.42 28.56
C VAL M 538 3.32 -23.78 29.92
N LEU M 539 2.18 -24.00 30.56
CA LEU M 539 1.91 -23.40 31.86
C LEU M 539 2.55 -24.25 32.94
N THR M 540 3.38 -23.64 33.77
CA THR M 540 4.10 -24.35 34.81
C THR M 540 3.94 -23.61 36.12
N GLU M 541 4.31 -24.26 37.21
CA GLU M 541 4.48 -23.54 38.46
C GLU M 541 5.71 -22.65 38.36
N SER M 542 5.71 -21.57 39.13
CA SER M 542 6.80 -20.61 39.05
C SER M 542 6.98 -19.92 40.39
N ASN M 543 8.22 -19.57 40.69
CA ASN M 543 8.55 -18.98 41.97
C ASN M 543 8.54 -17.46 41.96
N LYS M 544 8.46 -16.83 40.79
CA LYS M 544 8.44 -15.37 40.75
C LYS M 544 7.20 -14.84 41.44
N LYS M 545 7.36 -13.76 42.20
CA LYS M 545 6.35 -13.31 43.15
C LYS M 545 5.81 -11.96 42.74
N PHE M 546 4.52 -11.91 42.41
CA PHE M 546 3.89 -10.66 41.99
C PHE M 546 3.67 -9.72 43.16
N LEU M 547 3.44 -8.47 42.83
CA LEU M 547 2.71 -7.60 43.72
C LEU M 547 1.22 -7.89 43.61
N PRO M 548 0.49 -7.74 44.70
CA PRO M 548 -0.91 -8.21 44.73
C PRO M 548 -1.82 -7.63 43.65
N PHE M 549 -1.73 -6.34 43.38
CA PHE M 549 -2.65 -5.72 42.43
C PHE M 549 -2.36 -6.09 40.99
N GLN M 550 -1.17 -6.61 40.73
CA GLN M 550 -0.67 -6.83 39.38
C GLN M 550 -1.45 -7.92 38.67
N GLN M 551 -1.29 -7.96 37.35
CA GLN M 551 -1.93 -8.99 36.53
C GLN M 551 -0.88 -9.80 35.76
N PHE M 552 -0.28 -9.24 34.73
CA PHE M 552 0.66 -9.97 33.89
C PHE M 552 2.08 -9.74 34.37
N GLY M 553 2.84 -10.81 34.48
CA GLY M 553 4.27 -10.68 34.38
C GLY M 553 4.67 -10.49 32.93
N ARG M 554 5.84 -9.90 32.71
CA ARG M 554 6.34 -9.75 31.35
C ARG M 554 7.85 -9.92 31.36
N ASP M 555 8.44 -9.62 30.21
CA ASP M 555 9.82 -9.92 29.93
C ASP M 555 10.39 -8.73 29.17
N ILE M 556 11.69 -8.82 28.83
CA ILE M 556 12.36 -7.72 28.16
C ILE M 556 11.69 -7.39 26.84
N ALA M 557 11.09 -8.39 26.19
CA ALA M 557 10.47 -8.21 24.89
C ALA M 557 9.03 -7.73 24.98
N ASP M 558 8.53 -7.48 26.20
CA ASP M 558 7.15 -7.08 26.46
C ASP M 558 6.23 -8.28 26.27
N THR M 559 6.76 -9.37 25.72
CA THR M 559 6.01 -10.60 25.57
C THR M 559 5.53 -11.11 26.92
N THR M 560 4.33 -11.67 26.94
CA THR M 560 3.76 -12.23 28.16
C THR M 560 4.68 -13.33 28.67
N ASP M 561 5.00 -13.29 29.97
CA ASP M 561 5.87 -14.31 30.54
C ASP M 561 5.19 -15.07 31.66
N ALA M 562 4.89 -14.39 32.76
CA ALA M 562 4.22 -15.03 33.88
C ALA M 562 2.82 -14.48 34.01
N VAL M 563 1.91 -15.31 34.52
CA VAL M 563 0.53 -14.91 34.74
C VAL M 563 0.09 -15.39 36.13
N ARG M 564 -1.03 -14.87 36.57
CA ARG M 564 -1.59 -15.21 37.86
C ARG M 564 -2.96 -15.83 37.66
N ASP M 565 -3.13 -17.03 38.16
CA ASP M 565 -4.39 -17.73 37.97
C ASP M 565 -5.45 -17.02 38.78
N PRO M 566 -6.48 -16.47 38.15
CA PRO M 566 -7.47 -15.72 38.93
C PRO M 566 -8.24 -16.54 39.96
N GLN M 567 -8.76 -17.72 39.60
CA GLN M 567 -9.64 -18.43 40.53
C GLN M 567 -8.91 -18.85 41.80
N THR M 568 -7.64 -19.19 41.69
CA THR M 568 -6.77 -19.31 42.85
C THR M 568 -5.44 -18.68 42.49
N LEU M 569 -5.02 -17.70 43.29
CA LEU M 569 -3.89 -16.90 42.89
C LEU M 569 -2.64 -17.76 42.92
N GLU M 570 -2.02 -17.92 41.77
CA GLU M 570 -0.77 -18.64 41.69
C GLU M 570 -0.05 -18.13 40.47
N ILE M 571 1.27 -18.21 40.49
CA ILE M 571 2.09 -17.55 39.49
C ILE M 571 2.52 -18.62 38.49
N LEU M 572 1.97 -18.55 37.30
CA LEU M 572 2.26 -19.53 36.27
C LEU M 572 3.24 -18.93 35.28
N ASP M 573 4.29 -19.68 34.95
CA ASP M 573 5.14 -19.28 33.83
C ASP M 573 4.42 -19.52 32.51
N ILE M 574 5.09 -19.12 31.45
CA ILE M 574 4.73 -19.47 30.09
C ILE M 574 6.02 -19.83 29.37
N THR M 575 5.93 -20.41 28.16
CA THR M 575 7.14 -20.87 27.42
C THR M 575 6.77 -21.14 25.96
N PRO M 576 7.72 -21.13 24.99
CA PRO M 576 7.42 -21.47 23.59
C PRO M 576 7.10 -22.96 23.45
N CYS M 577 6.53 -23.36 22.31
CA CYS M 577 6.38 -24.82 22.03
C CYS M 577 7.78 -25.31 21.63
N SER M 578 7.93 -26.58 21.24
CA SER M 578 9.30 -27.09 20.97
C SER M 578 9.98 -26.31 19.83
N PHE M 579 9.27 -26.03 18.73
CA PHE M 579 9.80 -25.22 17.60
C PHE M 579 11.12 -25.81 17.07
N GLY M 580 12.14 -24.96 16.85
CA GLY M 580 13.43 -25.42 16.29
C GLY M 580 13.30 -25.79 14.81
N GLY M 581 14.41 -26.14 14.15
CA GLY M 581 14.27 -26.59 12.78
C GLY M 581 14.56 -28.08 12.66
N VAL M 582 13.92 -28.70 11.69
CA VAL M 582 14.26 -30.07 11.35
C VAL M 582 15.52 -30.04 10.52
N SER M 583 16.38 -31.04 10.71
CA SER M 583 17.60 -31.11 9.92
C SER M 583 17.81 -32.56 9.54
N VAL M 584 18.02 -32.79 8.25
CA VAL M 584 18.20 -34.14 7.75
C VAL M 584 19.68 -34.36 7.55
N ILE M 585 20.27 -35.18 8.40
CA ILE M 585 21.66 -35.56 8.29
C ILE M 585 21.73 -36.75 7.35
N THR M 586 22.44 -36.59 6.24
CA THR M 586 22.55 -37.71 5.35
C THR M 586 23.96 -37.87 4.80
N PRO M 587 24.44 -39.09 4.69
CA PRO M 587 25.47 -39.38 3.71
C PRO M 587 24.90 -39.12 2.33
N GLY M 588 25.78 -38.97 1.36
CA GLY M 588 25.33 -38.75 0.00
C GLY M 588 24.31 -39.79 -0.41
N THR M 589 23.28 -39.36 -1.13
CA THR M 589 22.33 -40.32 -1.69
C THR M 589 23.03 -41.33 -2.57
N ASN M 590 24.30 -41.09 -2.92
CA ASN M 590 25.08 -42.06 -3.66
C ASN M 590 25.48 -43.23 -2.77
N THR M 591 25.73 -42.97 -1.49
CA THR M 591 26.07 -44.01 -0.53
C THR M 591 24.82 -44.72 -0.02
N SER M 592 23.95 -43.98 0.66
CA SER M 592 22.76 -44.55 1.26
C SER M 592 21.54 -43.69 0.97
N ASN M 593 20.38 -44.32 1.11
CA ASN M 593 19.12 -43.63 1.20
C ASN M 593 18.67 -43.43 2.64
N GLN M 594 19.47 -43.86 3.60
CA GLN M 594 19.13 -43.72 5.00
C GLN M 594 19.52 -42.34 5.51
N VAL M 595 18.68 -41.76 6.35
CA VAL M 595 18.95 -40.45 6.91
C VAL M 595 18.70 -40.48 8.40
N ALA M 596 19.40 -39.62 9.12
CA ALA M 596 19.17 -39.40 10.54
C ALA M 596 18.65 -37.98 10.72
N VAL M 597 17.47 -37.86 11.30
CA VAL M 597 16.81 -36.59 11.48
C VAL M 597 17.27 -35.97 12.79
N LEU M 598 17.66 -34.71 12.74
CA LEU M 598 17.95 -33.93 13.94
C LEU M 598 16.84 -32.93 14.15
N TYR M 599 16.10 -33.07 15.24
CA TYR M 599 15.24 -32.01 15.72
C TYR M 599 16.07 -31.07 16.57
N GLN M 600 16.13 -29.81 16.17
CA GLN M 600 17.03 -28.86 16.82
C GLN M 600 16.38 -28.23 18.03
N ASP M 601 17.14 -28.14 19.11
CA ASP M 601 16.77 -27.36 20.28
C ASP M 601 15.40 -27.79 20.82
N VAL M 602 15.25 -29.08 21.08
CA VAL M 602 14.04 -29.60 21.71
C VAL M 602 14.45 -30.66 22.71
N ASN M 603 13.48 -31.04 23.54
CA ASN M 603 13.64 -32.16 24.44
C ASN M 603 12.93 -33.34 23.80
N CYS M 604 13.46 -34.55 23.98
CA CYS M 604 12.87 -35.66 23.25
C CYS M 604 11.69 -36.14 24.06
N THR M 605 10.52 -35.61 23.74
CA THR M 605 9.23 -36.12 24.14
C THR M 605 8.27 -35.95 22.96
N GLU M 606 8.02 -34.69 22.59
CA GLU M 606 6.97 -34.32 21.64
C GLU M 606 7.12 -34.97 20.28
N VAL M 607 8.25 -35.60 20.02
CA VAL M 607 8.42 -36.33 18.78
C VAL M 607 7.31 -37.37 18.60
N ASN M 628 15.11 -45.36 17.21
CA ASN M 628 16.35 -45.20 17.96
C ASN M 628 16.69 -43.75 18.21
N VAL M 629 16.46 -43.30 19.44
CA VAL M 629 16.51 -41.88 19.77
C VAL M 629 17.70 -41.62 20.67
N PHE M 630 18.25 -40.42 20.56
CA PHE M 630 19.36 -39.95 21.36
C PHE M 630 19.17 -38.47 21.62
N GLN M 631 19.51 -38.03 22.82
CA GLN M 631 19.44 -36.63 23.19
C GLN M 631 20.83 -36.01 23.09
N THR M 632 20.90 -34.82 22.50
CA THR M 632 22.16 -34.16 22.23
C THR M 632 22.21 -32.84 22.98
N ARG M 633 23.30 -32.09 22.74
CA ARG M 633 23.31 -30.69 23.10
C ARG M 633 22.52 -29.86 22.13
N ALA M 634 22.51 -30.24 20.85
CA ALA M 634 21.90 -29.40 19.82
C ALA M 634 20.43 -29.72 19.61
N GLY M 635 19.95 -30.81 20.16
CA GLY M 635 18.54 -31.13 20.04
C GLY M 635 18.33 -32.63 20.04
N CYS M 636 17.13 -33.01 19.59
CA CYS M 636 16.71 -34.40 19.61
C CYS M 636 17.09 -35.04 18.28
N LEU M 637 17.99 -36.01 18.34
CA LEU M 637 18.48 -36.69 17.16
C LEU M 637 17.79 -38.04 17.06
N ILE M 638 17.49 -38.46 15.83
CA ILE M 638 16.73 -39.67 15.59
C ILE M 638 17.39 -40.44 14.45
N GLY M 639 17.58 -41.73 14.65
CA GLY M 639 18.05 -42.58 13.59
C GLY M 639 19.54 -42.57 13.40
N ALA M 640 20.30 -42.21 14.42
CA ALA M 640 21.74 -42.39 14.39
C ALA M 640 22.21 -42.90 15.74
N GLU M 641 22.88 -44.04 15.72
CA GLU M 641 23.30 -44.70 16.94
C GLU M 641 24.48 -43.94 17.53
N HIS M 642 24.32 -43.52 18.79
CA HIS M 642 25.40 -42.87 19.52
C HIS M 642 26.63 -43.76 19.53
N VAL M 643 27.81 -43.14 19.56
CA VAL M 643 29.07 -43.85 19.63
C VAL M 643 29.95 -43.19 20.67
N ASN M 644 30.35 -43.96 21.68
CA ASN M 644 31.28 -43.44 22.68
C ASN M 644 32.64 -43.13 22.09
N ASN M 645 33.04 -43.80 21.03
CA ASN M 645 34.29 -43.46 20.36
C ASN M 645 34.19 -42.08 19.76
N SER M 646 35.33 -41.48 19.46
CA SER M 646 35.40 -40.12 18.97
C SER M 646 36.35 -40.06 17.77
N TYR M 647 35.84 -39.56 16.65
CA TYR M 647 36.60 -39.55 15.40
C TYR M 647 36.64 -38.14 14.85
N GLU M 648 37.19 -37.96 13.65
CA GLU M 648 37.23 -36.64 13.04
C GLU M 648 35.84 -36.16 12.71
N CYS M 649 35.61 -34.86 12.88
CA CYS M 649 34.33 -34.29 12.53
C CYS M 649 34.13 -34.39 11.03
N ASP M 650 32.97 -34.91 10.64
CA ASP M 650 32.74 -35.29 9.26
C ASP M 650 31.55 -34.54 8.69
N ILE M 651 30.37 -34.77 9.24
CA ILE M 651 29.21 -33.94 8.95
C ILE M 651 28.93 -33.10 10.19
N PRO M 652 29.22 -31.80 10.18
CA PRO M 652 29.05 -31.00 11.39
C PRO M 652 27.59 -30.82 11.72
N ILE M 653 27.26 -30.98 13.00
CA ILE M 653 25.87 -30.90 13.44
C ILE M 653 25.72 -29.70 14.35
N GLY M 654 26.17 -29.84 15.59
CA GLY M 654 26.22 -28.73 16.50
C GLY M 654 26.93 -29.13 17.76
N ALA M 655 27.50 -28.13 18.43
CA ALA M 655 28.10 -28.30 19.75
C ALA M 655 29.01 -29.51 19.81
N GLY M 656 29.79 -29.73 18.76
CA GLY M 656 30.76 -30.80 18.74
C GLY M 656 30.23 -32.12 18.22
N ILE M 657 28.92 -32.33 18.18
CA ILE M 657 28.37 -33.55 17.63
C ILE M 657 28.62 -33.56 16.13
N CYS M 658 29.26 -34.62 15.64
CA CYS M 658 29.54 -34.76 14.23
C CYS M 658 29.24 -36.17 13.80
N ALA M 659 28.51 -36.30 12.69
CA ALA M 659 28.00 -37.57 12.22
C ALA M 659 28.76 -38.06 11.01
N SER M 660 28.88 -39.38 10.89
CA SER M 660 29.47 -40.01 9.72
C SER M 660 28.73 -41.31 9.46
N TYR M 661 28.90 -41.83 8.25
CA TYR M 661 28.04 -42.93 7.80
C TYR M 661 28.50 -44.30 8.28
N GLN M 662 29.79 -44.54 8.40
CA GLN M 662 30.30 -45.91 8.48
C GLN M 662 29.82 -46.62 9.74
N THR M 663 29.92 -47.94 9.71
CA THR M 663 29.75 -48.76 10.93
C THR M 663 30.53 -48.18 12.11
N SER M 676 24.38 -53.54 7.43
CA SER M 676 25.15 -53.39 8.65
C SER M 676 25.25 -51.94 9.07
N GLN M 677 25.66 -51.11 8.11
CA GLN M 677 26.06 -49.75 8.42
C GLN M 677 24.89 -48.90 8.87
N SER M 678 25.21 -47.88 9.66
CA SER M 678 24.23 -46.94 10.18
C SER M 678 24.91 -45.61 10.40
N ILE M 679 24.15 -44.54 10.20
CA ILE M 679 24.62 -43.21 10.55
C ILE M 679 24.92 -43.16 12.03
N ILE M 680 26.07 -42.62 12.41
CA ILE M 680 26.43 -42.53 13.81
C ILE M 680 26.48 -41.07 14.22
N ALA M 681 26.65 -40.85 15.52
CA ALA M 681 26.82 -39.51 16.05
C ALA M 681 27.76 -39.63 17.23
N TYR M 682 28.73 -38.72 17.30
CA TYR M 682 29.78 -38.87 18.29
C TYR M 682 30.37 -37.50 18.55
N THR M 683 30.99 -37.36 19.72
CA THR M 683 31.70 -36.14 20.02
C THR M 683 32.92 -36.06 19.12
N MET M 684 33.01 -34.98 18.35
CA MET M 684 34.13 -34.85 17.43
C MET M 684 35.43 -34.75 18.21
N SER M 685 36.41 -35.55 17.81
CA SER M 685 37.76 -35.34 18.28
C SER M 685 38.34 -34.19 17.48
N LEU M 686 38.73 -33.13 18.16
CA LEU M 686 39.46 -32.09 17.47
C LEU M 686 40.87 -32.64 17.32
N GLY M 687 41.27 -32.89 16.08
CA GLY M 687 42.61 -33.36 15.81
C GLY M 687 42.88 -34.75 16.36
N ALA M 688 43.99 -35.34 15.94
CA ALA M 688 44.61 -36.42 16.67
C ALA M 688 45.48 -35.85 17.78
N GLU M 689 45.69 -36.64 18.83
CA GLU M 689 46.42 -36.17 19.98
C GLU M 689 47.90 -36.48 19.84
N ASN M 690 48.73 -35.55 20.30
CA ASN M 690 50.17 -35.74 20.41
C ASN M 690 50.63 -35.03 21.68
N SER M 691 51.73 -35.53 22.24
CA SER M 691 52.43 -34.83 23.32
C SER M 691 53.88 -34.78 22.94
N VAL M 692 54.40 -33.57 22.70
CA VAL M 692 55.78 -33.43 22.31
C VAL M 692 56.67 -33.89 23.43
N ALA M 693 57.72 -34.63 23.10
CA ALA M 693 58.64 -35.14 24.11
C ALA M 693 59.70 -34.07 24.30
N TYR M 694 59.65 -33.40 25.44
CA TYR M 694 60.34 -32.13 25.62
C TYR M 694 61.22 -32.19 26.84
N SER M 695 62.47 -31.80 26.67
CA SER M 695 63.34 -31.60 27.80
C SER M 695 64.36 -30.54 27.43
N ASN M 696 64.77 -29.78 28.43
CA ASN M 696 65.51 -28.55 28.22
C ASN M 696 66.77 -28.72 27.39
N ASN M 697 67.28 -29.93 27.24
CA ASN M 697 68.37 -30.16 26.31
C ASN M 697 67.94 -30.85 25.02
N SER M 698 66.65 -31.09 24.81
CA SER M 698 66.19 -31.93 23.72
C SER M 698 65.78 -31.11 22.51
N ILE M 699 66.45 -31.36 21.39
CA ILE M 699 66.12 -30.72 20.11
C ILE M 699 65.97 -31.79 19.04
N ALA M 700 65.08 -31.53 18.08
CA ALA M 700 64.85 -32.44 16.97
C ALA M 700 64.98 -31.65 15.68
N ILE M 701 66.00 -31.97 14.90
CA ILE M 701 66.34 -31.25 13.68
C ILE M 701 66.05 -32.16 12.48
N PRO M 702 65.25 -31.72 11.52
CA PRO M 702 64.89 -32.60 10.41
C PRO M 702 66.09 -32.92 9.55
N THR M 703 66.22 -34.20 9.19
CA THR M 703 67.30 -34.68 8.36
C THR M 703 66.96 -34.70 6.89
N ASN M 704 65.70 -34.52 6.54
CA ASN M 704 65.25 -34.72 5.19
C ASN M 704 63.94 -33.99 5.02
N PHE M 705 63.56 -33.75 3.78
CA PHE M 705 62.44 -32.88 3.51
C PHE M 705 61.60 -33.43 2.37
N THR M 706 60.44 -32.82 2.20
CA THR M 706 59.64 -32.99 1.02
C THR M 706 59.38 -31.62 0.41
N ILE M 707 59.01 -31.63 -0.86
CA ILE M 707 58.56 -30.44 -1.56
C ILE M 707 57.12 -30.71 -1.98
N SER M 708 56.19 -30.04 -1.35
CA SER M 708 54.78 -30.30 -1.62
C SER M 708 54.21 -29.14 -2.41
N VAL M 709 53.30 -29.46 -3.31
CA VAL M 709 52.60 -28.46 -4.10
C VAL M 709 51.15 -28.48 -3.66
N THR M 710 50.74 -27.43 -2.97
CA THR M 710 49.39 -27.34 -2.43
C THR M 710 48.59 -26.31 -3.22
N THR M 711 47.59 -26.79 -3.94
CA THR M 711 46.69 -25.92 -4.67
C THR M 711 45.99 -24.98 -3.70
N GLU M 712 45.89 -23.72 -4.06
CA GLU M 712 45.10 -22.75 -3.33
C GLU M 712 44.29 -21.95 -4.33
N ILE M 713 43.00 -21.76 -4.04
CA ILE M 713 42.05 -21.31 -5.03
C ILE M 713 41.27 -20.13 -4.48
N LEU M 714 41.14 -19.07 -5.28
CA LEU M 714 40.51 -17.85 -4.85
C LEU M 714 39.66 -17.29 -5.96
N PRO M 715 38.50 -16.72 -5.65
CA PRO M 715 37.77 -15.96 -6.65
C PRO M 715 38.52 -14.69 -6.99
N VAL M 716 38.21 -14.13 -8.14
CA VAL M 716 38.80 -12.87 -8.55
C VAL M 716 37.67 -11.93 -8.95
N SER M 717 36.94 -12.31 -9.98
CA SER M 717 35.80 -11.54 -10.43
C SER M 717 34.56 -12.43 -10.43
N MET M 718 33.41 -11.79 -10.51
CA MET M 718 32.14 -12.46 -10.62
C MET M 718 31.44 -11.99 -11.89
N THR M 719 30.43 -12.73 -12.30
CA THR M 719 29.77 -12.45 -13.57
C THR M 719 29.18 -11.05 -13.57
N LYS M 720 29.58 -10.25 -14.54
CA LYS M 720 29.10 -8.89 -14.66
C LYS M 720 27.68 -8.90 -15.20
N THR M 721 26.84 -8.00 -14.69
CA THR M 721 25.49 -7.88 -15.20
C THR M 721 25.10 -6.41 -15.26
N SER M 722 24.07 -6.16 -16.05
CA SER M 722 23.31 -4.93 -16.00
C SER M 722 21.86 -5.29 -16.18
N VAL M 723 20.99 -4.57 -15.50
CA VAL M 723 19.57 -4.87 -15.49
C VAL M 723 18.82 -3.58 -15.76
N ASP M 724 17.94 -3.61 -16.75
CA ASP M 724 17.18 -2.43 -17.10
C ASP M 724 15.92 -2.41 -16.26
N CYS M 725 15.89 -1.48 -15.30
CA CYS M 725 14.74 -1.34 -14.43
C CYS M 725 13.46 -1.13 -15.22
N THR M 726 13.46 -0.19 -16.15
CA THR M 726 12.25 0.14 -16.87
C THR M 726 11.65 -1.08 -17.53
N MET M 727 12.47 -1.87 -18.23
CA MET M 727 11.94 -3.04 -18.91
C MET M 727 11.65 -4.16 -17.93
N TYR M 728 12.54 -4.36 -16.94
CA TYR M 728 12.34 -5.44 -15.99
C TYR M 728 11.03 -5.26 -15.24
N ILE M 729 10.89 -4.14 -14.55
CA ILE M 729 9.68 -3.88 -13.77
C ILE M 729 8.47 -3.87 -14.69
N CYS M 730 8.49 -3.00 -15.68
CA CYS M 730 7.36 -2.78 -16.56
C CYS M 730 7.68 -3.44 -17.89
N GLY M 731 7.04 -4.56 -18.18
CA GLY M 731 7.36 -5.15 -19.45
C GLY M 731 6.82 -4.30 -20.57
N ASP M 732 7.72 -3.67 -21.32
CA ASP M 732 7.44 -3.04 -22.62
C ASP M 732 6.09 -2.33 -22.69
N SER M 733 5.67 -1.70 -21.60
CA SER M 733 4.32 -1.12 -21.55
C SER M 733 4.36 0.22 -20.86
N THR M 734 3.87 1.25 -21.54
CA THR M 734 3.97 2.60 -21.00
C THR M 734 3.08 2.79 -19.78
N GLU M 735 1.95 2.09 -19.72
CA GLU M 735 1.07 2.18 -18.57
C GLU M 735 1.85 2.03 -17.28
N CYS M 736 2.71 1.03 -17.22
CA CYS M 736 3.58 0.87 -16.07
C CYS M 736 4.76 1.82 -16.14
N SER M 737 5.22 2.17 -17.33
CA SER M 737 6.38 3.05 -17.45
C SER M 737 6.10 4.42 -16.85
N ASN M 738 4.88 4.93 -17.04
CA ASN M 738 4.54 6.22 -16.46
C ASN M 738 4.70 6.21 -14.96
N LEU M 739 4.08 5.23 -14.29
CA LEU M 739 4.15 5.17 -12.84
C LEU M 739 5.59 5.11 -12.34
N LEU M 740 6.44 4.37 -13.05
CA LEU M 740 7.83 4.25 -12.62
C LEU M 740 8.50 5.61 -12.54
N LEU M 741 8.06 6.57 -13.35
CA LEU M 741 8.61 7.91 -13.29
C LEU M 741 8.37 8.56 -11.93
N GLN M 742 7.36 8.10 -11.21
CA GLN M 742 7.03 8.72 -9.94
C GLN M 742 7.94 8.26 -8.81
N TYR M 743 8.61 7.13 -8.97
CA TYR M 743 9.59 6.69 -7.99
C TYR M 743 10.97 7.28 -8.26
N GLY M 744 11.10 8.12 -9.27
CA GLY M 744 12.31 8.87 -9.48
C GLY M 744 13.52 8.04 -9.83
N SER M 745 14.58 8.20 -9.04
CA SER M 745 15.87 7.62 -9.35
C SER M 745 15.96 6.14 -9.09
N PHE M 746 14.98 5.55 -8.39
CA PHE M 746 15.02 4.12 -8.10
C PHE M 746 15.35 3.33 -9.35
N CYS M 747 14.79 3.72 -10.48
CA CYS M 747 15.12 3.04 -11.73
C CYS M 747 16.59 3.27 -12.06
N THR M 748 17.03 4.52 -12.10
CA THR M 748 18.38 4.80 -12.57
C THR M 748 19.42 4.35 -11.56
N GLN M 749 19.30 4.77 -10.31
CA GLN M 749 20.39 4.55 -9.36
C GLN M 749 20.76 3.09 -9.23
N LEU M 750 19.84 2.18 -9.53
CA LEU M 750 20.21 0.78 -9.58
C LEU M 750 21.27 0.54 -10.65
N ASN M 751 21.02 1.03 -11.85
CA ASN M 751 22.02 0.95 -12.90
C ASN M 751 23.33 1.53 -12.42
N ARG M 752 23.28 2.68 -11.75
CA ARG M 752 24.50 3.25 -11.19
C ARG M 752 25.15 2.28 -10.21
N ALA M 753 24.34 1.59 -9.40
CA ALA M 753 24.89 0.61 -8.50
C ALA M 753 25.50 -0.55 -9.27
N LEU M 754 24.72 -1.15 -10.17
CA LEU M 754 25.22 -2.30 -10.92
C LEU M 754 26.43 -1.92 -11.75
N THR M 755 26.33 -0.83 -12.51
CA THR M 755 27.51 -0.34 -13.22
C THR M 755 28.66 -0.13 -12.25
N GLY M 756 28.38 0.42 -11.07
CA GLY M 756 29.41 0.56 -10.07
C GLY M 756 30.09 -0.76 -9.77
N ILE M 757 29.31 -1.84 -9.71
CA ILE M 757 29.89 -3.16 -9.56
C ILE M 757 30.67 -3.56 -10.81
N ALA M 758 29.98 -3.57 -11.95
CA ALA M 758 30.58 -4.14 -13.15
C ALA M 758 31.83 -3.38 -13.59
N VAL M 759 31.87 -2.08 -13.32
CA VAL M 759 33.08 -1.33 -13.64
C VAL M 759 34.27 -1.90 -12.89
N GLU M 760 34.15 -2.02 -11.57
CA GLU M 760 35.30 -2.49 -10.81
C GLU M 760 35.55 -3.97 -10.99
N GLN M 761 34.55 -4.74 -11.41
CA GLN M 761 34.78 -6.16 -11.65
C GLN M 761 35.94 -6.39 -12.58
N ASP M 762 36.16 -5.48 -13.53
CA ASP M 762 37.35 -5.56 -14.35
C ASP M 762 38.55 -4.94 -13.67
N LYS M 763 38.36 -4.07 -12.69
CA LYS M 763 39.51 -3.60 -11.92
C LYS M 763 40.09 -4.73 -11.09
N ASN M 764 39.23 -5.60 -10.56
CA ASN M 764 39.71 -6.78 -9.87
C ASN M 764 40.65 -7.57 -10.77
N THR M 765 40.11 -8.11 -11.87
CA THR M 765 40.92 -8.85 -12.82
C THR M 765 42.11 -8.02 -13.30
N GLN M 766 41.95 -6.70 -13.33
CA GLN M 766 43.05 -5.85 -13.76
C GLN M 766 44.25 -6.00 -12.85
N GLU M 767 44.06 -5.76 -11.55
CA GLU M 767 45.18 -5.75 -10.63
C GLU M 767 45.67 -7.14 -10.31
N VAL M 768 44.77 -8.12 -10.25
CA VAL M 768 45.20 -9.47 -9.94
C VAL M 768 46.12 -10.01 -11.03
N PHE M 769 45.60 -10.08 -12.25
CA PHE M 769 46.34 -10.77 -13.30
C PHE M 769 47.38 -9.89 -13.96
N ALA M 770 47.06 -8.63 -14.27
CA ALA M 770 48.05 -7.81 -14.94
C ALA M 770 48.69 -6.91 -13.89
N GLN M 771 49.78 -7.41 -13.32
CA GLN M 771 50.77 -6.62 -12.65
C GLN M 771 52.03 -6.51 -13.48
N VAL M 772 52.07 -7.17 -14.62
CA VAL M 772 53.29 -7.39 -15.36
C VAL M 772 53.36 -6.40 -16.50
N LYS M 773 54.52 -5.78 -16.66
CA LYS M 773 54.68 -4.74 -17.67
C LYS M 773 54.67 -5.32 -19.08
N GLN M 774 55.32 -6.46 -19.27
CA GLN M 774 55.53 -7.02 -20.58
C GLN M 774 55.09 -8.47 -20.57
N ILE M 775 54.73 -9.00 -21.73
CA ILE M 775 54.34 -10.39 -21.84
C ILE M 775 55.58 -11.19 -22.16
N TYR M 776 56.07 -11.92 -21.18
CA TYR M 776 57.19 -12.82 -21.39
C TYR M 776 56.72 -14.09 -22.06
N LYS M 777 57.67 -14.80 -22.66
CA LYS M 777 57.40 -16.16 -23.08
C LYS M 777 58.67 -16.98 -22.88
N THR M 778 58.48 -18.22 -22.48
CA THR M 778 59.60 -19.10 -22.20
C THR M 778 60.47 -19.24 -23.45
N PRO M 779 61.73 -19.59 -23.29
CA PRO M 779 62.56 -19.89 -24.44
C PRO M 779 62.02 -21.12 -25.14
N PRO M 780 62.45 -21.37 -26.38
CA PRO M 780 61.94 -22.55 -27.08
C PRO M 780 62.30 -23.85 -26.39
N ILE M 781 63.47 -23.91 -25.75
CA ILE M 781 63.99 -25.15 -25.18
C ILE M 781 64.01 -25.02 -23.66
N LYS M 782 63.65 -26.10 -22.99
CA LYS M 782 63.56 -26.13 -21.54
C LYS M 782 64.64 -27.07 -20.99
N ASP M 783 65.66 -26.50 -20.35
CA ASP M 783 66.41 -27.25 -19.34
C ASP M 783 66.33 -26.45 -18.04
N PHE M 784 65.50 -26.91 -17.13
CA PHE M 784 65.37 -26.29 -15.83
C PHE M 784 66.10 -27.07 -14.75
N GLY M 785 66.83 -28.09 -15.12
CA GLY M 785 67.45 -28.97 -14.15
C GLY M 785 66.64 -30.19 -13.82
N GLY M 786 65.70 -30.56 -14.66
CA GLY M 786 64.84 -31.69 -14.38
C GLY M 786 63.48 -31.33 -13.86
N PHE M 787 63.13 -30.06 -13.79
CA PHE M 787 61.83 -29.63 -13.33
C PHE M 787 60.94 -29.53 -14.55
N ASN M 788 59.93 -30.39 -14.61
CA ASN M 788 59.11 -30.49 -15.81
C ASN M 788 57.90 -29.59 -15.63
N PHE M 789 57.88 -28.48 -16.37
CA PHE M 789 56.77 -27.56 -16.30
C PHE M 789 55.77 -27.75 -17.43
N SER M 790 55.98 -28.72 -18.30
CA SER M 790 55.13 -28.87 -19.47
C SER M 790 53.68 -29.05 -19.09
N GLN M 791 53.38 -29.32 -17.82
CA GLN M 791 52.00 -29.27 -17.38
C GLN M 791 51.51 -27.84 -17.27
N ILE M 792 52.26 -26.99 -16.56
CA ILE M 792 51.80 -25.64 -16.26
C ILE M 792 52.02 -24.64 -17.38
N LEU M 793 52.93 -24.90 -18.29
CA LEU M 793 53.18 -23.93 -19.34
C LEU M 793 52.04 -23.95 -20.34
N PRO M 794 51.88 -22.90 -21.14
CA PRO M 794 50.80 -22.89 -22.12
C PRO M 794 50.91 -24.06 -23.06
N ASP M 795 49.79 -24.69 -23.33
CA ASP M 795 49.79 -25.76 -24.32
C ASP M 795 49.89 -25.14 -25.70
N PRO M 796 50.97 -25.35 -26.44
CA PRO M 796 51.09 -24.72 -27.76
C PRO M 796 50.06 -25.21 -28.74
N SER M 797 49.61 -26.44 -28.57
CA SER M 797 48.69 -27.08 -29.54
C SER M 797 47.23 -26.66 -29.34
N LYS M 798 46.75 -26.58 -28.11
CA LYS M 798 45.37 -26.09 -27.93
C LYS M 798 45.15 -24.75 -28.66
N PRO M 799 44.04 -24.51 -29.40
CA PRO M 799 43.79 -23.20 -30.02
C PRO M 799 43.93 -22.06 -29.04
N SER M 800 43.30 -22.18 -27.87
CA SER M 800 43.58 -21.29 -26.76
C SER M 800 44.76 -21.88 -26.00
N LYS M 801 45.86 -21.14 -25.94
CA LYS M 801 47.04 -21.69 -25.30
C LYS M 801 46.82 -21.59 -23.80
N ARG M 802 46.73 -22.75 -23.16
CA ARG M 802 46.39 -22.88 -21.75
C ARG M 802 47.09 -24.10 -21.23
N SER M 803 47.59 -24.02 -20.00
CA SER M 803 48.28 -25.16 -19.43
C SER M 803 47.36 -26.36 -19.41
N PHE M 804 47.95 -27.54 -19.52
CA PHE M 804 47.16 -28.75 -19.38
C PHE M 804 46.32 -28.71 -18.11
N ILE M 805 46.86 -28.09 -17.06
CA ILE M 805 46.13 -28.00 -15.81
C ILE M 805 44.89 -27.13 -15.98
N GLU M 806 45.07 -25.92 -16.52
CA GLU M 806 43.95 -24.99 -16.61
C GLU M 806 42.74 -25.64 -17.26
N ASP M 807 42.95 -26.46 -18.28
CA ASP M 807 41.81 -27.06 -18.96
C ASP M 807 41.05 -28.01 -18.03
N LEU M 808 41.74 -28.67 -17.11
CA LEU M 808 41.05 -29.45 -16.10
C LEU M 808 40.04 -28.58 -15.37
N LEU M 809 40.47 -27.37 -15.00
CA LEU M 809 39.58 -26.46 -14.30
C LEU M 809 38.37 -26.11 -15.15
N PHE M 810 38.61 -25.67 -16.39
CA PHE M 810 37.50 -25.26 -17.24
C PHE M 810 36.51 -26.39 -17.47
N ASN M 811 36.93 -27.64 -17.27
CA ASN M 811 35.96 -28.73 -17.25
C ASN M 811 35.16 -28.71 -15.96
N LYS M 812 35.85 -28.63 -14.82
CA LYS M 812 35.19 -28.86 -13.54
C LYS M 812 34.20 -27.75 -13.22
N VAL M 813 34.53 -26.52 -13.53
CA VAL M 813 33.57 -25.44 -13.41
C VAL M 813 32.66 -25.44 -14.63
N THR M 814 31.45 -24.94 -14.46
CA THR M 814 30.53 -24.79 -15.57
C THR M 814 30.09 -23.34 -15.75
N ASP M 835 17.71 -21.63 -22.55
CA ASP M 835 18.87 -21.68 -21.62
C ASP M 835 18.65 -20.66 -20.50
N LEU M 836 19.40 -20.79 -19.40
CA LEU M 836 19.21 -19.88 -18.24
C LEU M 836 19.49 -18.45 -18.70
N ILE M 837 20.59 -18.27 -19.42
CA ILE M 837 20.97 -16.91 -19.91
C ILE M 837 19.83 -16.40 -20.78
N CYS M 838 19.22 -17.26 -21.59
CA CYS M 838 18.20 -16.75 -22.55
C CYS M 838 17.03 -16.08 -21.80
N ALA M 839 16.44 -16.71 -20.79
CA ALA M 839 15.27 -16.11 -20.12
C ALA M 839 15.72 -14.81 -19.46
N GLN M 840 16.86 -14.84 -18.78
CA GLN M 840 17.50 -13.66 -18.24
C GLN M 840 17.66 -12.59 -19.31
N LYS M 841 18.30 -12.97 -20.42
CA LYS M 841 18.47 -12.06 -21.55
C LYS M 841 17.12 -11.50 -21.98
N PHE M 842 16.04 -12.19 -21.66
CA PHE M 842 14.73 -11.80 -22.16
C PHE M 842 13.99 -10.80 -21.27
N ASN M 843 14.34 -10.68 -20.00
CA ASN M 843 13.63 -9.78 -19.11
C ASN M 843 14.34 -8.46 -18.88
N GLY M 844 15.45 -8.21 -19.54
CA GLY M 844 16.27 -7.07 -19.24
C GLY M 844 17.52 -7.40 -18.47
N LEU M 845 17.75 -8.66 -18.19
CA LEU M 845 18.95 -9.10 -17.48
C LEU M 845 20.01 -9.45 -18.51
N THR M 846 21.06 -8.67 -18.56
CA THR M 846 22.12 -8.86 -19.54
C THR M 846 23.41 -9.21 -18.83
N VAL M 847 24.28 -9.97 -19.48
CA VAL M 847 25.51 -10.37 -18.76
C VAL M 847 26.65 -9.84 -19.59
N LEU M 848 27.15 -8.68 -19.24
CA LEU M 848 28.17 -8.03 -20.08
C LEU M 848 29.44 -8.90 -20.19
N PRO M 849 30.27 -8.83 -21.26
CA PRO M 849 31.40 -9.72 -21.40
C PRO M 849 32.54 -9.26 -20.51
N PRO M 850 33.24 -10.19 -19.87
CA PRO M 850 34.43 -9.80 -19.09
C PRO M 850 35.45 -9.17 -20.01
N LEU M 851 35.94 -8.00 -19.61
CA LEU M 851 36.82 -7.22 -20.48
C LEU M 851 37.97 -8.04 -21.01
N LEU M 852 38.50 -8.95 -20.21
CA LEU M 852 39.60 -9.79 -20.61
C LEU M 852 39.07 -11.19 -20.92
N THR M 853 39.19 -11.60 -22.18
CA THR M 853 38.82 -12.95 -22.53
C THR M 853 39.77 -13.96 -21.90
N ASP M 854 39.31 -15.20 -21.81
CA ASP M 854 40.13 -16.24 -21.20
C ASP M 854 41.45 -16.40 -21.92
N GLU M 855 41.46 -16.20 -23.23
CA GLU M 855 42.73 -16.28 -23.95
C GLU M 855 43.67 -15.18 -23.53
N MET M 856 43.14 -14.04 -23.08
CA MET M 856 44.01 -12.98 -22.60
C MET M 856 44.55 -13.31 -21.22
N ILE M 857 43.66 -13.71 -20.31
CA ILE M 857 44.09 -14.15 -18.99
C ILE M 857 45.20 -15.17 -19.12
N ALA M 858 45.06 -16.09 -20.06
CA ALA M 858 46.05 -17.13 -20.27
C ALA M 858 47.36 -16.59 -20.81
N GLN M 859 47.39 -15.36 -21.33
CA GLN M 859 48.69 -14.78 -21.62
C GLN M 859 49.35 -14.23 -20.36
N TYR M 860 48.60 -13.51 -19.53
CA TYR M 860 49.14 -13.04 -18.26
C TYR M 860 49.65 -14.20 -17.43
N THR M 861 48.76 -15.11 -17.05
CA THR M 861 49.18 -16.26 -16.26
C THR M 861 50.21 -17.10 -16.99
N SER M 862 50.43 -16.86 -18.28
CA SER M 862 51.64 -17.36 -18.92
C SER M 862 52.83 -16.48 -18.63
N ALA M 863 52.66 -15.16 -18.75
CA ALA M 863 53.79 -14.25 -18.58
C ALA M 863 54.35 -14.32 -17.17
N LEU M 864 53.50 -14.06 -16.17
CA LEU M 864 53.92 -14.21 -14.78
C LEU M 864 54.57 -15.56 -14.56
N LEU M 865 53.95 -16.61 -15.08
CA LEU M 865 54.51 -17.93 -14.93
C LEU M 865 55.78 -18.09 -15.73
N ALA M 866 55.88 -17.46 -16.90
CA ALA M 866 57.11 -17.56 -17.65
C ALA M 866 58.18 -16.62 -17.14
N GLY M 867 57.81 -15.58 -16.44
CA GLY M 867 58.80 -14.70 -15.87
C GLY M 867 59.41 -15.32 -14.64
N THR M 868 58.55 -15.89 -13.79
CA THR M 868 59.02 -16.49 -12.56
C THR M 868 60.00 -17.61 -12.82
N ILE M 869 59.77 -18.38 -13.88
CA ILE M 869 60.66 -19.49 -14.20
C ILE M 869 62.05 -18.97 -14.54
N THR M 870 62.14 -18.16 -15.58
CA THR M 870 63.43 -17.73 -16.09
C THR M 870 64.05 -16.65 -15.21
N SER M 871 63.32 -15.58 -14.98
CA SER M 871 63.89 -14.33 -14.52
C SER M 871 63.98 -14.23 -13.01
N GLY M 872 63.64 -15.29 -12.29
CA GLY M 872 63.59 -15.10 -10.86
C GLY M 872 62.40 -14.24 -10.51
N TRP M 873 62.48 -13.56 -9.37
CA TRP M 873 61.43 -12.67 -8.95
C TRP M 873 61.65 -11.24 -9.43
N THR M 874 62.80 -10.95 -10.01
CA THR M 874 63.20 -9.57 -10.25
C THR M 874 62.32 -8.84 -11.24
N PHE M 875 61.42 -9.52 -11.93
CA PHE M 875 60.61 -8.78 -12.89
C PHE M 875 59.49 -8.00 -12.23
N GLY M 876 59.14 -8.33 -10.98
CA GLY M 876 58.23 -7.48 -10.26
C GLY M 876 58.82 -6.19 -9.79
N ALA M 877 60.14 -6.16 -9.59
CA ALA M 877 60.86 -4.99 -9.12
C ALA M 877 61.50 -4.20 -10.25
N GLY M 878 61.33 -4.61 -11.49
CA GLY M 878 62.03 -3.93 -12.57
C GLY M 878 62.22 -4.85 -13.76
N ALA M 879 63.27 -4.57 -14.52
CA ALA M 879 63.56 -5.38 -15.70
C ALA M 879 63.86 -6.81 -15.31
N ALA M 880 63.19 -7.74 -15.98
CA ALA M 880 63.42 -9.16 -15.72
C ALA M 880 64.87 -9.51 -16.01
N LEU M 881 65.42 -10.38 -15.17
CA LEU M 881 66.84 -10.75 -15.26
C LEU M 881 66.92 -12.26 -15.46
N GLN M 882 67.34 -12.68 -16.65
CA GLN M 882 67.51 -14.10 -16.86
C GLN M 882 68.54 -14.63 -15.87
N ILE M 883 68.17 -15.69 -15.17
CA ILE M 883 69.02 -16.33 -14.18
C ILE M 883 68.78 -17.82 -14.29
N PRO M 884 69.79 -18.67 -14.16
CA PRO M 884 69.54 -20.10 -14.24
C PRO M 884 68.56 -20.51 -13.17
N PHE M 885 67.51 -21.24 -13.58
CA PHE M 885 66.50 -21.59 -12.61
C PHE M 885 67.10 -22.35 -11.44
N ALA M 886 67.93 -23.36 -11.75
CA ALA M 886 68.56 -24.14 -10.69
C ALA M 886 69.38 -23.27 -9.76
N MET M 887 69.74 -22.07 -10.17
CA MET M 887 70.28 -21.11 -9.22
C MET M 887 69.18 -20.39 -8.48
N GLN M 888 68.10 -20.02 -9.19
CA GLN M 888 67.01 -19.32 -8.53
C GLN M 888 66.54 -20.06 -7.29
N MET M 889 66.57 -21.38 -7.33
CA MET M 889 66.21 -22.14 -6.14
C MET M 889 67.26 -21.98 -5.06
N ALA M 890 68.54 -21.90 -5.43
CA ALA M 890 69.55 -21.68 -4.42
C ALA M 890 69.32 -20.39 -3.67
N TYR M 891 68.58 -19.45 -4.25
CA TYR M 891 68.14 -18.31 -3.46
C TYR M 891 66.96 -18.70 -2.59
N ARG M 892 65.86 -19.09 -3.23
CA ARG M 892 64.62 -19.28 -2.51
C ARG M 892 64.76 -20.22 -1.32
N PHE M 893 65.84 -21.00 -1.25
CA PHE M 893 66.14 -21.67 0.00
C PHE M 893 66.70 -20.71 1.03
N ASN M 894 67.63 -19.85 0.65
CA ASN M 894 68.09 -18.84 1.59
C ASN M 894 66.93 -18.02 2.14
N GLY M 895 65.86 -17.91 1.36
CA GLY M 895 64.68 -17.25 1.87
C GLY M 895 64.02 -18.01 3.00
N ILE M 896 64.12 -19.34 2.99
CA ILE M 896 63.55 -20.14 4.08
C ILE M 896 64.59 -20.53 5.10
N GLY M 897 65.83 -20.08 4.96
CA GLY M 897 66.84 -20.36 5.94
C GLY M 897 67.65 -21.60 5.67
N VAL M 898 67.34 -22.36 4.64
CA VAL M 898 68.11 -23.54 4.27
C VAL M 898 69.28 -23.10 3.41
N THR M 899 70.49 -23.40 3.86
CA THR M 899 71.66 -23.04 3.07
C THR M 899 71.63 -23.75 1.72
N GLN M 900 72.00 -23.00 0.68
CA GLN M 900 71.86 -23.47 -0.69
C GLN M 900 72.66 -24.74 -0.97
N ASN M 901 73.70 -25.03 -0.20
CA ASN M 901 74.44 -26.25 -0.46
C ASN M 901 73.56 -27.47 -0.36
N VAL M 902 72.37 -27.33 0.21
CA VAL M 902 71.43 -28.48 0.21
C VAL M 902 70.94 -28.71 -1.22
N LEU M 903 70.51 -27.66 -1.91
CA LEU M 903 69.89 -27.83 -3.26
C LEU M 903 70.85 -28.40 -4.31
N TYR M 904 72.08 -27.90 -4.44
CA TYR M 904 72.96 -28.36 -5.54
C TYR M 904 73.26 -29.84 -5.36
N GLU M 905 73.29 -30.31 -4.12
CA GLU M 905 73.54 -31.69 -3.77
C GLU M 905 72.29 -32.53 -3.93
N ASN M 906 71.15 -32.01 -3.49
CA ASN M 906 69.89 -32.73 -3.55
C ASN M 906 69.08 -32.39 -4.80
N GLN M 907 69.67 -31.68 -5.75
CA GLN M 907 68.93 -31.16 -6.90
C GLN M 907 68.05 -32.23 -7.54
N LYS M 908 68.64 -33.37 -7.91
CA LYS M 908 67.88 -34.42 -8.54
C LYS M 908 66.70 -34.85 -7.68
N LEU M 909 66.99 -35.22 -6.43
CA LEU M 909 65.94 -35.64 -5.51
C LEU M 909 64.85 -34.59 -5.38
N ILE M 910 65.22 -33.31 -5.46
CA ILE M 910 64.20 -32.28 -5.39
C ILE M 910 63.41 -32.24 -6.68
N ALA M 911 64.03 -32.60 -7.79
CA ALA M 911 63.32 -32.58 -9.06
C ALA M 911 62.15 -33.54 -9.03
N ASN M 912 62.42 -34.81 -8.74
CA ASN M 912 61.36 -35.80 -8.75
C ASN M 912 60.30 -35.46 -7.72
N GLN M 913 60.71 -35.00 -6.53
CA GLN M 913 59.74 -34.56 -5.56
C GLN M 913 58.87 -33.45 -6.09
N PHE M 914 59.47 -32.51 -6.83
CA PHE M 914 58.65 -31.49 -7.47
C PHE M 914 57.80 -32.11 -8.57
N ASN M 915 58.44 -32.78 -9.54
CA ASN M 915 57.71 -33.28 -10.69
C ASN M 915 56.57 -34.20 -10.28
N SER M 916 56.85 -35.14 -9.38
CA SER M 916 55.79 -36.02 -8.92
C SER M 916 54.69 -35.24 -8.22
N ALA M 917 55.05 -34.31 -7.35
CA ALA M 917 54.04 -33.51 -6.66
C ALA M 917 53.16 -32.77 -7.63
N ILE M 918 53.67 -32.42 -8.81
CA ILE M 918 52.82 -31.88 -9.85
C ILE M 918 51.83 -32.94 -10.30
N GLY M 919 52.32 -34.14 -10.58
CA GLY M 919 51.45 -35.19 -11.07
C GLY M 919 50.29 -35.47 -10.14
N LYS M 920 50.52 -35.35 -8.83
CA LYS M 920 49.42 -35.53 -7.88
C LYS M 920 48.34 -34.50 -8.09
N ILE M 921 48.71 -33.28 -8.45
CA ILE M 921 47.71 -32.23 -8.62
C ILE M 921 46.71 -32.62 -9.68
N GLN M 922 47.20 -33.10 -10.82
CA GLN M 922 46.32 -33.39 -11.94
C GLN M 922 45.42 -34.57 -11.68
N ASP M 923 45.86 -35.48 -10.81
CA ASP M 923 45.01 -36.63 -10.42
C ASP M 923 43.90 -36.08 -9.54
N SER M 924 44.27 -35.25 -8.56
CA SER M 924 43.26 -34.62 -7.67
C SER M 924 42.18 -33.99 -8.54
N LEU M 925 42.56 -33.04 -9.39
CA LEU M 925 41.53 -32.30 -10.18
C LEU M 925 40.74 -33.30 -11.03
N SER M 926 41.40 -34.28 -11.63
CA SER M 926 40.72 -35.30 -12.48
C SER M 926 39.44 -35.81 -11.81
N SER M 927 39.45 -36.02 -10.49
CA SER M 927 38.26 -36.58 -9.85
C SER M 927 37.66 -35.66 -8.80
N THR M 928 38.25 -34.50 -8.53
CA THR M 928 37.81 -33.62 -7.47
C THR M 928 36.87 -32.57 -8.05
N ALA M 929 35.60 -32.65 -7.71
CA ALA M 929 34.68 -31.54 -7.93
C ALA M 929 34.75 -30.49 -6.82
N SER M 930 35.18 -30.88 -5.62
CA SER M 930 35.03 -30.04 -4.44
C SER M 930 36.10 -28.95 -4.34
N ALA M 931 37.35 -29.25 -4.72
CA ALA M 931 38.43 -28.29 -4.53
C ALA M 931 38.11 -26.95 -5.20
N LEU M 932 37.26 -26.96 -6.21
CA LEU M 932 36.79 -25.74 -6.84
C LEU M 932 35.53 -25.21 -6.19
N GLY M 933 35.11 -25.81 -5.08
CA GLY M 933 33.89 -25.37 -4.41
C GLY M 933 33.83 -23.88 -4.21
N LYS M 934 34.97 -23.26 -3.90
CA LYS M 934 35.00 -21.81 -3.73
C LYS M 934 34.52 -21.12 -4.99
N LEU M 935 35.09 -21.48 -6.13
CA LEU M 935 34.63 -20.94 -7.41
C LEU M 935 33.21 -21.38 -7.71
N GLN M 936 32.96 -22.70 -7.65
CA GLN M 936 31.66 -23.21 -8.02
C GLN M 936 30.55 -22.58 -7.20
N ASP M 937 30.84 -22.26 -5.93
CA ASP M 937 29.85 -21.57 -5.10
C ASP M 937 29.57 -20.18 -5.63
N VAL M 938 30.61 -19.43 -5.98
CA VAL M 938 30.44 -18.06 -6.45
C VAL M 938 29.58 -18.03 -7.71
N VAL M 939 29.89 -18.92 -8.66
CA VAL M 939 29.08 -18.99 -9.87
C VAL M 939 27.66 -19.37 -9.52
N ASN M 940 27.48 -20.34 -8.63
CA ASN M 940 26.14 -20.71 -8.20
C ASN M 940 25.39 -19.53 -7.62
N GLN M 941 25.90 -18.97 -6.52
CA GLN M 941 25.15 -17.97 -5.77
C GLN M 941 24.65 -16.83 -6.64
N ASN M 942 25.38 -16.50 -7.69
CA ASN M 942 24.92 -15.46 -8.60
C ASN M 942 23.71 -15.94 -9.40
N ALA M 943 23.88 -17.05 -10.11
CA ALA M 943 22.76 -17.62 -10.85
C ALA M 943 21.59 -17.93 -9.93
N GLN M 944 21.87 -18.28 -8.68
CA GLN M 944 20.81 -18.44 -7.70
C GLN M 944 20.00 -17.16 -7.58
N ALA M 945 20.62 -16.11 -7.05
CA ALA M 945 19.92 -14.84 -6.93
C ALA M 945 19.42 -14.33 -8.26
N LEU M 946 20.12 -14.66 -9.35
CA LEU M 946 19.59 -14.33 -10.66
C LEU M 946 18.30 -15.08 -10.94
N ASN M 947 18.28 -16.40 -10.69
CA ASN M 947 17.03 -17.14 -10.79
C ASN M 947 15.94 -16.49 -9.96
N THR M 948 16.15 -16.45 -8.64
CA THR M 948 15.17 -15.87 -7.74
C THR M 948 14.71 -14.50 -8.20
N LEU M 949 15.63 -13.70 -8.72
CA LEU M 949 15.22 -12.42 -9.30
C LEU M 949 14.19 -12.63 -10.40
N VAL M 950 14.38 -13.67 -11.22
CA VAL M 950 13.45 -13.90 -12.32
C VAL M 950 12.12 -14.40 -11.81
N LYS M 951 12.14 -15.42 -10.94
CA LYS M 951 10.89 -15.94 -10.40
C LYS M 951 10.02 -14.85 -9.81
N GLN M 952 10.64 -13.82 -9.23
CA GLN M 952 9.85 -12.73 -8.69
C GLN M 952 9.01 -12.03 -9.74
N LEU M 953 9.23 -12.30 -11.02
CA LEU M 953 8.33 -11.78 -12.03
C LEU M 953 7.03 -12.56 -12.12
N SER M 954 6.96 -13.73 -11.51
CA SER M 954 5.75 -14.53 -11.53
C SER M 954 4.89 -14.37 -10.29
N SER M 955 5.29 -13.52 -9.35
CA SER M 955 4.59 -13.42 -8.07
C SER M 955 3.54 -12.34 -8.10
N ASN M 956 2.43 -12.60 -7.43
CA ASN M 956 1.31 -11.66 -7.42
C ASN M 956 1.68 -10.38 -6.68
N PHE M 957 2.42 -10.51 -5.58
CA PHE M 957 2.73 -9.38 -4.71
C PHE M 957 1.48 -8.74 -4.14
N GLY M 958 0.39 -9.49 -4.08
CA GLY M 958 -0.89 -8.96 -3.67
C GLY M 958 -1.77 -8.49 -4.79
N ALA M 959 -1.20 -8.13 -5.94
CA ALA M 959 -2.00 -7.72 -7.08
C ALA M 959 -2.70 -8.93 -7.70
N ILE M 960 -3.73 -8.65 -8.48
CA ILE M 960 -4.62 -9.72 -8.94
C ILE M 960 -3.94 -10.66 -9.92
N SER M 961 -2.83 -10.27 -10.52
CA SER M 961 -2.08 -11.20 -11.36
C SER M 961 -0.65 -10.71 -11.50
N SER M 962 0.23 -11.62 -11.90
CA SER M 962 1.63 -11.31 -12.09
C SER M 962 1.96 -10.99 -13.54
N VAL M 963 0.99 -11.05 -14.44
CA VAL M 963 1.18 -10.59 -15.80
C VAL M 963 0.78 -9.12 -15.87
N LEU M 964 1.64 -8.29 -16.45
CA LEU M 964 1.38 -6.87 -16.45
C LEU M 964 0.14 -6.53 -17.27
N ASN M 965 0.09 -7.02 -18.52
CA ASN M 965 -1.01 -6.66 -19.40
C ASN M 965 -2.32 -7.27 -18.97
N ASP M 966 -2.28 -8.48 -18.40
CA ASP M 966 -3.51 -9.17 -18.06
C ASP M 966 -4.25 -8.47 -16.92
N ILE M 967 -3.55 -7.64 -16.16
CA ILE M 967 -4.27 -6.75 -15.25
C ILE M 967 -4.96 -5.66 -16.02
N LEU M 968 -4.26 -5.09 -17.00
CA LEU M 968 -4.82 -4.02 -17.81
C LEU M 968 -6.10 -4.46 -18.50
N SER M 969 -5.99 -5.37 -19.47
CA SER M 969 -7.13 -5.72 -20.30
C SER M 969 -8.29 -6.28 -19.50
N ARG M 970 -8.07 -6.65 -18.24
CA ARG M 970 -9.19 -7.06 -17.41
C ARG M 970 -9.97 -5.88 -16.84
N LEU M 971 -9.29 -4.77 -16.55
CA LEU M 971 -9.89 -3.70 -15.78
C LEU M 971 -9.72 -2.36 -16.48
N ASP M 972 -10.54 -1.42 -16.09
CA ASP M 972 -10.31 -0.09 -16.64
C ASP M 972 -9.17 0.59 -15.90
N LYS M 973 -8.28 1.23 -16.66
CA LYS M 973 -6.95 1.60 -16.15
C LYS M 973 -6.98 2.31 -14.80
N VAL M 974 -7.90 3.23 -14.54
CA VAL M 974 -7.89 3.90 -13.23
C VAL M 974 -7.84 2.92 -12.06
N GLU M 975 -8.29 1.68 -12.27
CA GLU M 975 -8.02 0.63 -11.28
C GLU M 975 -6.61 0.06 -11.44
N ALA M 976 -6.17 -0.13 -12.68
CA ALA M 976 -4.85 -0.70 -12.91
C ALA M 976 -3.75 0.15 -12.29
N GLU M 977 -3.93 1.48 -12.30
CA GLU M 977 -2.97 2.35 -11.64
C GLU M 977 -2.77 1.94 -10.19
N VAL M 978 -3.83 1.44 -9.56
CA VAL M 978 -3.71 0.96 -8.19
C VAL M 978 -2.97 -0.37 -8.15
N GLN M 979 -3.40 -1.32 -8.96
CA GLN M 979 -2.80 -2.64 -8.94
C GLN M 979 -1.33 -2.58 -9.31
N ILE M 980 -1.02 -1.95 -10.44
CA ILE M 980 0.35 -1.92 -10.94
C ILE M 980 1.30 -1.38 -9.89
N ASP M 981 0.81 -0.59 -8.93
CA ASP M 981 1.61 -0.31 -7.75
C ASP M 981 2.11 -1.59 -7.11
N ARG M 982 1.17 -2.41 -6.63
CA ARG M 982 1.55 -3.64 -5.95
C ARG M 982 2.42 -4.54 -6.82
N LEU M 983 2.35 -4.39 -8.14
CA LEU M 983 3.38 -5.01 -8.96
C LEU M 983 4.70 -4.27 -8.84
N ILE M 984 4.68 -2.96 -9.10
CA ILE M 984 5.92 -2.20 -9.07
C ILE M 984 6.52 -2.22 -7.68
N THR M 985 5.72 -1.87 -6.67
CA THR M 985 6.19 -1.92 -5.30
C THR M 985 6.80 -3.27 -4.98
N GLY M 986 6.23 -4.33 -5.51
CA GLY M 986 6.83 -5.63 -5.35
C GLY M 986 8.13 -5.78 -6.12
N ARG M 987 8.07 -5.58 -7.43
CA ARG M 987 9.24 -5.83 -8.25
C ARG M 987 10.38 -4.88 -7.91
N LEU M 988 10.06 -3.58 -7.79
CA LEU M 988 11.07 -2.60 -7.43
C LEU M 988 11.80 -3.03 -6.17
N GLN M 989 11.05 -3.47 -5.17
CA GLN M 989 11.68 -4.02 -3.97
C GLN M 989 12.58 -5.18 -4.33
N SER M 990 12.03 -6.17 -5.04
CA SER M 990 12.79 -7.37 -5.37
C SER M 990 14.09 -7.05 -6.07
N LEU M 991 14.14 -5.99 -6.85
CA LEU M 991 15.41 -5.51 -7.35
C LEU M 991 16.30 -5.06 -6.20
N GLN M 992 15.81 -4.12 -5.40
CA GLN M 992 16.66 -3.57 -4.35
C GLN M 992 17.14 -4.64 -3.41
N THR M 993 16.36 -5.69 -3.20
CA THR M 993 16.89 -6.86 -2.53
C THR M 993 18.05 -7.43 -3.31
N TYR M 994 17.80 -7.78 -4.57
CA TYR M 994 18.84 -8.39 -5.40
C TYR M 994 20.05 -7.47 -5.53
N VAL M 995 19.81 -6.18 -5.76
CA VAL M 995 20.91 -5.26 -5.93
C VAL M 995 21.75 -5.19 -4.67
N THR M 996 21.09 -4.86 -3.55
CA THR M 996 21.80 -4.77 -2.28
C THR M 996 22.54 -6.06 -1.96
N GLN M 997 22.01 -7.20 -2.38
CA GLN M 997 22.79 -8.43 -2.31
C GLN M 997 24.08 -8.28 -3.06
N GLN M 998 23.99 -8.03 -4.37
CA GLN M 998 25.18 -7.98 -5.21
C GLN M 998 26.26 -7.08 -4.62
N LEU M 999 25.87 -5.88 -4.18
CA LEU M 999 26.84 -4.99 -3.56
C LEU M 999 27.57 -5.68 -2.43
N ILE M 1000 26.83 -6.30 -1.52
CA ILE M 1000 27.46 -7.04 -0.43
C ILE M 1000 28.32 -8.16 -1.00
N ARG M 1001 27.75 -8.95 -1.90
CA ARG M 1001 28.51 -10.05 -2.48
C ARG M 1001 29.69 -9.53 -3.27
N ALA M 1002 29.53 -8.39 -3.94
CA ALA M 1002 30.65 -7.81 -4.67
C ALA M 1002 31.82 -7.53 -3.75
N ALA M 1003 31.55 -6.90 -2.62
CA ALA M 1003 32.62 -6.61 -1.67
C ALA M 1003 33.27 -7.90 -1.19
N GLU M 1004 32.49 -8.96 -1.01
CA GLU M 1004 33.06 -10.23 -0.61
C GLU M 1004 34.09 -10.71 -1.62
N ILE M 1005 33.75 -10.64 -2.91
CA ILE M 1005 34.73 -10.93 -3.95
C ILE M 1005 35.84 -9.90 -3.91
N ARG M 1006 35.45 -8.63 -3.72
CA ARG M 1006 36.38 -7.48 -3.63
C ARG M 1006 37.53 -7.79 -2.67
N ALA M 1007 37.21 -8.20 -1.44
CA ALA M 1007 38.25 -8.54 -0.43
C ALA M 1007 39.06 -9.74 -0.93
N SER M 1008 38.37 -10.73 -1.53
CA SER M 1008 39.04 -11.93 -2.08
C SER M 1008 40.00 -11.53 -3.21
N ALA M 1009 39.56 -10.59 -4.07
CA ALA M 1009 40.37 -10.08 -5.19
C ALA M 1009 41.61 -9.38 -4.63
N ASN M 1010 41.43 -8.61 -3.54
CA ASN M 1010 42.56 -7.90 -2.89
C ASN M 1010 43.54 -8.96 -2.38
N LEU M 1011 43.03 -10.05 -1.79
CA LEU M 1011 43.88 -11.14 -1.26
C LEU M 1011 44.66 -11.78 -2.41
N ALA M 1012 43.98 -11.98 -3.55
CA ALA M 1012 44.61 -12.58 -4.75
C ALA M 1012 45.74 -11.67 -5.25
N ALA M 1013 45.50 -10.36 -5.25
CA ALA M 1013 46.53 -9.38 -5.68
C ALA M 1013 47.71 -9.46 -4.72
N THR M 1014 47.40 -9.57 -3.42
CA THR M 1014 48.42 -9.69 -2.35
C THR M 1014 49.23 -10.97 -2.58
N LYS M 1015 48.55 -12.10 -2.87
CA LYS M 1015 49.30 -13.33 -3.08
C LYS M 1015 50.05 -13.27 -4.40
N MET M 1016 49.35 -12.84 -5.45
CA MET M 1016 50.01 -12.66 -6.74
C MET M 1016 51.24 -11.79 -6.60
N SER M 1017 51.12 -10.69 -5.87
CA SER M 1017 52.25 -9.78 -5.69
C SER M 1017 53.32 -10.43 -4.84
N GLU M 1018 52.97 -10.86 -3.63
CA GLU M 1018 53.98 -11.30 -2.68
C GLU M 1018 54.43 -12.72 -2.94
N CYS M 1019 53.49 -13.62 -3.20
CA CYS M 1019 53.84 -15.04 -3.23
C CYS M 1019 54.55 -15.29 -4.55
N VAL M 1020 53.85 -15.04 -5.66
CA VAL M 1020 54.45 -15.37 -6.99
C VAL M 1020 55.64 -14.46 -7.30
N LEU M 1021 55.45 -13.13 -7.23
CA LEU M 1021 56.51 -12.18 -7.68
C LEU M 1021 57.63 -12.07 -6.66
N GLY M 1022 57.34 -12.44 -5.41
CA GLY M 1022 58.37 -12.47 -4.39
C GLY M 1022 58.63 -13.87 -3.86
N GLN M 1023 59.13 -13.91 -2.63
CA GLN M 1023 59.07 -15.09 -1.78
C GLN M 1023 58.57 -14.64 -0.42
N SER M 1024 57.47 -15.22 0.04
CA SER M 1024 56.77 -14.66 1.19
C SER M 1024 57.41 -15.15 2.47
N LYS M 1025 57.97 -14.22 3.24
CA LYS M 1025 58.42 -14.54 4.58
C LYS M 1025 57.25 -14.79 5.52
N ARG M 1026 56.08 -14.26 5.19
CA ARG M 1026 54.88 -14.53 5.98
C ARG M 1026 54.67 -16.03 6.07
N VAL M 1027 54.22 -16.48 7.23
CA VAL M 1027 54.05 -17.92 7.48
C VAL M 1027 52.62 -18.32 7.19
N ASP M 1028 52.46 -19.40 6.45
CA ASP M 1028 51.16 -19.98 6.12
C ASP M 1028 50.25 -18.98 5.41
N PHE M 1029 50.85 -17.96 4.83
CA PHE M 1029 50.11 -17.13 3.89
C PHE M 1029 50.05 -17.80 2.54
N CYS M 1030 51.14 -18.43 2.14
CA CYS M 1030 51.23 -19.18 0.91
C CYS M 1030 50.97 -20.67 1.10
N GLY M 1031 50.54 -21.10 2.27
CA GLY M 1031 50.27 -22.49 2.54
C GLY M 1031 51.29 -23.11 3.47
N LYS M 1032 50.92 -24.26 4.03
CA LYS M 1032 51.72 -24.89 5.06
C LYS M 1032 53.13 -25.16 4.55
N GLY M 1033 54.10 -25.06 5.44
CA GLY M 1033 55.49 -25.20 5.08
C GLY M 1033 56.10 -23.87 4.70
N TYR M 1034 57.42 -23.85 4.68
CA TYR M 1034 58.13 -22.69 4.18
C TYR M 1034 57.95 -22.60 2.68
N HIS M 1035 57.75 -21.38 2.19
CA HIS M 1035 57.34 -21.19 0.81
C HIS M 1035 58.53 -20.96 -0.10
N LEU M 1036 58.51 -21.63 -1.25
CA LEU M 1036 59.51 -21.44 -2.29
C LEU M 1036 59.01 -20.56 -3.42
N MET M 1037 57.99 -21.01 -4.15
CA MET M 1037 57.44 -20.17 -5.19
C MET M 1037 56.01 -20.62 -5.44
N SER M 1038 55.27 -19.77 -6.15
CA SER M 1038 53.92 -20.11 -6.55
C SER M 1038 53.77 -19.92 -8.05
N PHE M 1039 52.94 -20.77 -8.64
CA PHE M 1039 52.61 -20.70 -10.05
C PHE M 1039 51.13 -20.42 -10.20
N PRO M 1040 50.72 -19.24 -10.61
CA PRO M 1040 49.29 -18.99 -10.78
C PRO M 1040 48.75 -19.75 -11.98
N GLN M 1041 47.47 -20.07 -11.91
CA GLN M 1041 46.78 -20.70 -13.03
C GLN M 1041 45.39 -20.10 -13.10
N SER M 1042 44.97 -19.67 -14.28
CA SER M 1042 43.66 -19.07 -14.41
C SER M 1042 42.58 -20.12 -14.22
N ALA M 1043 41.43 -19.68 -13.76
CA ALA M 1043 40.23 -20.49 -13.68
C ALA M 1043 39.04 -19.58 -13.89
N PRO M 1044 37.89 -20.09 -14.30
CA PRO M 1044 36.79 -19.21 -14.65
C PRO M 1044 36.42 -18.36 -13.46
N HIS M 1045 36.44 -17.05 -13.64
CA HIS M 1045 36.14 -16.11 -12.57
C HIS M 1045 36.92 -16.44 -11.32
N GLY M 1046 38.23 -16.55 -11.48
CA GLY M 1046 39.08 -16.85 -10.33
C GLY M 1046 40.49 -17.11 -10.76
N VAL M 1047 41.31 -17.44 -9.78
CA VAL M 1047 42.72 -17.75 -10.00
C VAL M 1047 43.08 -18.93 -9.11
N VAL M 1048 44.05 -19.72 -9.54
CA VAL M 1048 44.50 -20.90 -8.81
C VAL M 1048 46.01 -20.85 -8.72
N PHE M 1049 46.51 -20.77 -7.50
CA PHE M 1049 47.94 -20.80 -7.26
C PHE M 1049 48.37 -22.23 -7.00
N LEU M 1050 49.54 -22.58 -7.47
CA LEU M 1050 50.19 -23.82 -7.07
C LEU M 1050 51.36 -23.41 -6.20
N HIS M 1051 51.24 -23.61 -4.90
CA HIS M 1051 52.27 -23.18 -3.96
C HIS M 1051 53.27 -24.30 -3.82
N VAL M 1052 54.53 -24.00 -4.10
CA VAL M 1052 55.59 -24.97 -3.93
C VAL M 1052 56.26 -24.66 -2.61
N THR M 1053 56.07 -25.53 -1.63
CA THR M 1053 56.47 -25.27 -0.25
C THR M 1053 57.42 -26.35 0.23
N TYR M 1054 58.32 -25.96 1.11
CA TYR M 1054 59.39 -26.83 1.60
C TYR M 1054 59.02 -27.35 2.98
N VAL M 1055 58.71 -28.63 3.07
CA VAL M 1055 58.25 -29.24 4.32
C VAL M 1055 59.31 -30.23 4.78
N PRO M 1056 59.85 -30.07 5.99
CA PRO M 1056 60.80 -31.05 6.52
C PRO M 1056 60.11 -32.37 6.83
N ALA M 1057 60.92 -33.42 6.95
CA ALA M 1057 60.34 -34.75 7.05
C ALA M 1057 60.85 -35.59 8.22
N GLN M 1058 62.10 -36.05 8.16
CA GLN M 1058 62.61 -37.04 9.09
C GLN M 1058 63.43 -36.37 10.17
N GLU M 1059 63.11 -36.67 11.42
CA GLU M 1059 63.72 -36.00 12.57
C GLU M 1059 64.53 -36.98 13.38
N LYS M 1060 65.50 -36.45 14.12
CA LYS M 1060 66.32 -37.26 15.00
C LYS M 1060 66.55 -36.52 16.30
N ASN M 1061 66.16 -37.13 17.42
CA ASN M 1061 66.34 -36.53 18.72
C ASN M 1061 67.81 -36.24 18.97
N PHE M 1062 68.11 -35.00 19.35
CA PHE M 1062 69.48 -34.56 19.56
C PHE M 1062 69.60 -33.89 20.91
N THR M 1063 70.65 -34.26 21.65
CA THR M 1063 71.06 -33.45 22.78
C THR M 1063 71.66 -32.17 22.25
N THR M 1064 71.30 -31.05 22.85
CA THR M 1064 71.75 -29.75 22.39
C THR M 1064 72.27 -28.93 23.56
N ALA M 1065 73.00 -27.87 23.24
CA ALA M 1065 73.36 -26.91 24.25
C ALA M 1065 73.33 -25.51 23.66
N PRO M 1066 72.85 -24.51 24.39
CA PRO M 1066 72.84 -23.15 23.88
C PRO M 1066 74.21 -22.54 23.76
N ALA M 1067 75.22 -23.12 24.38
CA ALA M 1067 76.53 -22.49 24.39
C ALA M 1067 77.60 -23.53 24.61
N ILE M 1068 78.84 -23.14 24.35
CA ILE M 1068 79.98 -24.02 24.57
C ILE M 1068 81.13 -23.22 25.17
N CYS M 1069 81.55 -23.58 26.37
CA CYS M 1069 82.80 -23.04 26.89
C CYS M 1069 83.96 -23.55 26.09
N HIS M 1070 84.99 -22.73 25.95
CA HIS M 1070 86.24 -23.30 25.50
C HIS M 1070 87.32 -23.06 26.54
N ASP M 1071 87.83 -21.85 26.58
CA ASP M 1071 88.83 -21.46 27.55
C ASP M 1071 88.21 -20.76 28.75
N GLY M 1072 86.90 -20.74 28.83
CA GLY M 1072 86.18 -19.84 29.70
C GLY M 1072 85.46 -18.75 28.94
N LYS M 1073 85.87 -18.48 27.71
CA LYS M 1073 85.01 -17.73 26.82
C LYS M 1073 83.78 -18.57 26.50
N ALA M 1074 82.71 -17.91 26.11
CA ALA M 1074 81.55 -18.61 25.61
C ALA M 1074 81.54 -18.53 24.09
N HIS M 1075 81.08 -19.59 23.46
CA HIS M 1075 80.96 -19.63 22.01
C HIS M 1075 79.52 -19.87 21.65
N PHE M 1076 78.97 -19.02 20.80
CA PHE M 1076 77.62 -19.17 20.32
C PHE M 1076 77.64 -19.33 18.81
N PRO M 1077 76.69 -20.05 18.25
CA PRO M 1077 76.68 -20.24 16.79
C PRO M 1077 76.30 -18.95 16.11
N ARG M 1078 76.93 -18.68 14.96
CA ARG M 1078 76.44 -17.57 14.15
C ARG M 1078 75.04 -17.87 13.64
N GLU M 1079 74.87 -19.01 12.99
CA GLU M 1079 73.56 -19.43 12.53
C GLU M 1079 73.42 -20.91 12.81
N GLY M 1080 72.31 -21.31 13.38
CA GLY M 1080 72.11 -22.69 13.77
C GLY M 1080 72.37 -22.89 15.24
N VAL M 1081 72.49 -24.16 15.61
CA VAL M 1081 72.62 -24.51 17.01
C VAL M 1081 73.62 -25.61 17.22
N PHE M 1082 74.24 -25.57 18.39
CA PHE M 1082 75.09 -26.65 18.84
C PHE M 1082 74.25 -27.86 19.13
N VAL M 1083 74.59 -28.99 18.52
CA VAL M 1083 73.94 -30.24 18.82
C VAL M 1083 75.01 -31.28 19.03
N SER M 1084 74.60 -32.41 19.56
CA SER M 1084 75.42 -33.60 19.49
C SER M 1084 74.51 -34.80 19.50
N ASN M 1085 75.00 -35.86 18.88
CA ASN M 1085 74.35 -37.16 18.91
C ASN M 1085 74.69 -37.89 20.21
N GLY M 1086 75.33 -37.20 21.14
CA GLY M 1086 75.74 -37.75 22.42
C GLY M 1086 77.23 -37.78 22.65
N THR M 1087 78.08 -37.48 21.68
CA THR M 1087 79.49 -37.33 22.03
C THR M 1087 80.08 -36.05 21.45
N HIS M 1088 80.15 -35.98 20.14
CA HIS M 1088 80.85 -34.89 19.46
C HIS M 1088 79.88 -33.76 19.19
N TRP M 1089 80.22 -32.58 19.69
CA TRP M 1089 79.33 -31.45 19.53
C TRP M 1089 79.43 -30.90 18.12
N PHE M 1090 78.30 -30.80 17.46
CA PHE M 1090 78.21 -30.29 16.12
C PHE M 1090 77.30 -29.09 16.10
N VAL M 1091 77.69 -28.07 15.36
CA VAL M 1091 76.82 -26.96 15.04
C VAL M 1091 76.22 -27.23 13.67
N THR M 1092 74.92 -27.00 13.54
CA THR M 1092 74.24 -27.26 12.30
C THR M 1092 73.20 -26.19 12.04
N GLN M 1093 72.88 -26.00 10.77
CA GLN M 1093 71.80 -25.13 10.38
C GLN M 1093 70.48 -25.69 10.91
N ARG M 1094 69.49 -24.82 11.05
CA ARG M 1094 68.33 -25.22 11.83
C ARG M 1094 67.37 -26.11 11.05
N ASN M 1095 67.00 -25.72 9.84
CA ASN M 1095 65.90 -26.39 9.16
C ASN M 1095 66.33 -27.63 8.41
N PHE M 1096 67.59 -28.02 8.51
CA PHE M 1096 68.07 -29.23 7.87
C PHE M 1096 69.24 -29.73 8.69
N TYR M 1097 69.43 -31.04 8.74
CA TYR M 1097 70.48 -31.59 9.58
C TYR M 1097 71.75 -31.72 8.75
N GLU M 1098 72.73 -30.87 9.04
CA GLU M 1098 73.97 -30.82 8.27
C GLU M 1098 75.09 -30.53 9.26
N PRO M 1099 75.52 -31.53 10.00
CA PRO M 1099 76.49 -31.29 11.06
C PRO M 1099 77.84 -30.86 10.53
N GLN M 1100 78.48 -29.98 11.27
CA GLN M 1100 79.81 -29.48 10.94
C GLN M 1100 80.61 -29.33 12.22
N ILE M 1101 81.92 -29.61 12.12
CA ILE M 1101 82.77 -29.46 13.28
C ILE M 1101 82.80 -27.99 13.68
N ILE M 1102 83.01 -27.74 14.95
CA ILE M 1102 82.81 -26.41 15.53
C ILE M 1102 84.14 -25.69 15.55
N THR M 1103 84.24 -24.62 14.77
CA THR M 1103 85.42 -23.78 14.72
C THR M 1103 84.99 -22.33 14.85
N THR M 1104 85.98 -21.45 15.05
CA THR M 1104 85.66 -20.04 15.23
C THR M 1104 84.83 -19.48 14.09
N ASP M 1105 85.03 -19.98 12.86
CA ASP M 1105 84.19 -19.48 11.78
C ASP M 1105 82.74 -19.85 11.99
N ASN M 1106 82.47 -20.89 12.77
CA ASN M 1106 81.09 -21.23 13.11
C ASN M 1106 80.55 -20.39 14.25
N THR M 1107 81.42 -19.95 15.17
CA THR M 1107 80.98 -19.45 16.46
C THR M 1107 81.62 -18.12 16.77
N PHE M 1108 80.86 -17.27 17.45
CA PHE M 1108 81.40 -16.01 17.93
C PHE M 1108 81.45 -16.01 19.44
N VAL M 1109 82.36 -15.20 19.98
CA VAL M 1109 82.65 -15.18 21.40
C VAL M 1109 81.87 -14.06 22.06
N SER M 1110 81.24 -14.34 23.19
CA SER M 1110 80.57 -13.31 23.97
C SER M 1110 80.57 -13.73 25.43
N GLY M 1111 80.73 -12.76 26.32
CA GLY M 1111 80.63 -13.04 27.74
C GLY M 1111 81.68 -14.03 28.22
N ASN M 1112 81.31 -14.82 29.22
CA ASN M 1112 82.15 -15.92 29.68
C ASN M 1112 81.24 -16.99 30.28
N CYS M 1113 81.85 -18.00 30.90
CA CYS M 1113 81.17 -19.24 31.19
C CYS M 1113 80.22 -19.20 32.38
N ASP M 1114 80.16 -18.11 33.12
CA ASP M 1114 79.30 -18.13 34.30
C ASP M 1114 77.83 -18.02 33.92
N VAL M 1115 77.49 -17.08 33.07
CA VAL M 1115 76.12 -16.58 33.01
C VAL M 1115 75.22 -17.56 32.29
N VAL M 1116 75.67 -18.08 31.15
CA VAL M 1116 74.80 -18.92 30.32
C VAL M 1116 74.27 -20.08 31.15
N ILE M 1117 72.99 -20.37 30.95
CA ILE M 1117 72.33 -21.49 31.61
C ILE M 1117 72.25 -22.62 30.61
N GLY M 1118 73.03 -23.67 30.83
CA GLY M 1118 73.10 -24.78 29.91
C GLY M 1118 74.35 -24.89 29.09
N ILE M 1119 75.31 -24.01 29.30
CA ILE M 1119 76.56 -24.15 28.59
C ILE M 1119 77.24 -25.45 28.99
N VAL M 1120 77.94 -26.07 28.04
CA VAL M 1120 78.63 -27.37 28.33
C VAL M 1120 80.14 -27.17 28.22
N ASN M 1121 80.92 -28.21 28.53
CA ASN M 1121 82.40 -28.16 28.44
C ASN M 1121 82.83 -28.86 27.15
N ASN M 1122 83.52 -28.14 26.27
CA ASN M 1122 83.96 -28.72 24.96
C ASN M 1122 85.17 -27.95 24.45
N THR M 1123 85.69 -28.37 23.29
CA THR M 1123 86.85 -27.74 22.67
C THR M 1123 86.48 -27.33 21.26
N VAL M 1124 86.54 -26.04 20.98
CA VAL M 1124 86.20 -25.52 19.66
C VAL M 1124 87.48 -25.51 18.84
N TYR M 1125 87.53 -26.39 17.85
CA TYR M 1125 88.71 -26.50 17.01
C TYR M 1125 88.98 -25.18 16.32
N ASP M 1126 90.26 -24.91 16.06
CA ASP M 1126 90.68 -23.68 15.44
C ASP M 1126 91.18 -23.94 14.03
N PRO M 1127 90.62 -23.27 13.02
CA PRO M 1127 91.21 -23.38 11.69
C PRO M 1127 92.67 -22.98 11.68
N LEU M 1128 93.00 -21.91 12.39
CA LEU M 1128 94.28 -21.25 12.20
C LEU M 1128 95.42 -22.00 12.87
N GLN M 1129 95.22 -22.46 14.10
CA GLN M 1129 96.28 -23.12 14.87
C GLN M 1129 97.07 -24.16 14.08
N PRO M 1130 96.46 -25.14 13.43
CA PRO M 1130 97.28 -26.07 12.63
C PRO M 1130 98.02 -25.38 11.50
N GLU M 1131 97.34 -24.44 10.83
CA GLU M 1131 97.95 -23.73 9.72
C GLU M 1131 99.29 -23.15 10.10
N LEU M 1132 99.43 -22.75 11.36
CA LEU M 1132 100.71 -22.25 11.84
C LEU M 1132 101.79 -23.33 11.74
N ASP M 1133 101.51 -24.51 12.28
CA ASP M 1133 102.57 -25.29 12.92
C ASP M 1133 103.80 -25.48 12.05
N SER M 1134 103.65 -25.40 10.74
CA SER M 1134 104.84 -25.37 9.91
C SER M 1134 105.53 -24.02 10.04
N GLN N 1 -14.46 46.17 -46.03
CA GLN N 1 -13.17 46.11 -46.71
C GLN N 1 -12.97 44.75 -47.37
N CYS N 2 -12.11 43.93 -46.76
CA CYS N 2 -11.77 42.61 -47.28
C CYS N 2 -11.25 42.68 -48.71
N VAL N 3 -10.54 43.76 -49.04
CA VAL N 3 -9.87 43.83 -50.32
C VAL N 3 -8.84 42.71 -50.39
N ASN N 4 -8.80 42.02 -51.53
CA ASN N 4 -7.95 40.79 -51.58
C ASN N 4 -7.12 40.66 -52.85
N LEU N 5 -5.86 40.22 -52.72
CA LEU N 5 -4.98 39.98 -53.90
C LEU N 5 -4.20 38.68 -53.65
N THR N 6 -4.77 37.53 -54.01
CA THR N 6 -4.12 36.24 -53.68
C THR N 6 -2.75 36.11 -54.35
N THR N 7 -2.64 36.42 -55.64
CA THR N 7 -1.31 36.40 -56.33
C THR N 7 -0.56 35.10 -56.01
N ARG N 8 -1.22 33.94 -56.18
CA ARG N 8 -0.60 32.65 -55.79
C ARG N 8 0.68 32.40 -56.60
N THR N 9 1.71 31.84 -55.96
CA THR N 9 3.01 31.60 -56.65
C THR N 9 3.45 30.15 -56.44
N GLN N 10 4.19 29.58 -57.39
CA GLN N 10 4.64 28.17 -57.32
C GLN N 10 6.01 28.06 -56.64
N LEU N 11 6.70 26.91 -56.78
CA LEU N 11 8.07 26.66 -56.21
C LEU N 11 7.99 26.02 -54.83
N PRO N 12 9.00 25.22 -54.40
CA PRO N 12 8.96 24.53 -53.11
C PRO N 12 9.30 25.43 -51.90
N PRO N 13 8.75 25.25 -50.67
CA PRO N 13 9.15 26.10 -49.55
C PRO N 13 10.64 25.97 -49.31
N ALA N 14 11.33 27.10 -49.29
CA ALA N 14 12.77 27.10 -49.11
C ALA N 14 13.05 26.78 -47.65
N TYR N 15 13.76 25.69 -47.40
CA TYR N 15 13.96 25.25 -46.03
C TYR N 15 15.30 25.77 -45.52
N THR N 16 15.56 25.47 -44.25
CA THR N 16 16.80 25.86 -43.61
C THR N 16 16.99 24.97 -42.40
N ASN N 17 18.07 25.22 -41.68
CA ASN N 17 18.47 24.38 -40.55
C ASN N 17 18.70 25.30 -39.35
N SER N 18 17.85 25.16 -38.34
CA SER N 18 18.08 25.90 -37.11
C SER N 18 19.15 25.18 -36.31
N PHE N 19 20.28 25.84 -36.09
CA PHE N 19 21.45 25.16 -35.57
C PHE N 19 21.30 25.03 -34.06
N THR N 20 21.46 26.15 -33.37
CA THR N 20 21.07 26.28 -31.97
C THR N 20 20.06 27.41 -31.91
N ARG N 21 18.80 27.08 -31.64
CA ARG N 21 17.78 28.09 -31.78
C ARG N 21 16.57 27.71 -30.94
N GLY N 22 15.77 28.72 -30.64
CA GLY N 22 14.50 28.52 -29.96
C GLY N 22 14.60 27.97 -28.56
N VAL N 23 15.57 28.43 -27.78
CA VAL N 23 15.70 28.04 -26.38
C VAL N 23 15.28 29.22 -25.52
N TYR N 24 14.12 29.09 -24.89
CA TYR N 24 13.58 30.12 -24.02
C TYR N 24 13.80 29.69 -22.58
N TYR N 25 13.34 30.53 -21.65
CA TYR N 25 13.43 30.21 -20.24
C TYR N 25 12.09 29.63 -19.79
N PRO N 26 12.00 28.33 -19.54
CA PRO N 26 10.70 27.76 -19.15
C PRO N 26 10.47 27.79 -17.65
N ASP N 27 10.68 28.93 -17.02
CA ASP N 27 10.42 29.23 -15.60
C ASP N 27 10.88 30.65 -15.31
N LYS N 28 10.38 31.20 -14.21
CA LYS N 28 10.85 32.47 -13.67
C LYS N 28 12.01 32.29 -12.72
N VAL N 29 12.27 31.06 -12.29
CA VAL N 29 13.22 30.78 -11.22
C VAL N 29 14.62 31.13 -11.69
N PHE N 30 15.32 31.94 -10.90
CA PHE N 30 16.67 32.34 -11.22
C PHE N 30 17.65 31.25 -10.81
N ARG N 31 18.44 30.77 -11.77
CA ARG N 31 19.45 29.77 -11.50
C ARG N 31 20.77 30.26 -12.06
N SER N 32 21.87 29.82 -11.43
CA SER N 32 23.20 30.32 -11.75
C SER N 32 24.14 29.15 -11.98
N SER N 33 24.67 29.05 -13.21
CA SER N 33 25.72 28.10 -13.56
C SER N 33 25.40 26.68 -13.10
N VAL N 34 24.21 26.19 -13.45
CA VAL N 34 23.80 24.83 -13.13
C VAL N 34 23.28 24.20 -14.41
N LEU N 35 23.24 22.87 -14.45
CA LEU N 35 22.67 22.18 -15.59
C LEU N 35 21.29 21.66 -15.22
N HIS N 36 20.26 22.31 -15.77
CA HIS N 36 18.88 21.96 -15.47
C HIS N 36 18.29 21.24 -16.67
N SER N 37 17.43 20.27 -16.41
CA SER N 37 16.89 19.40 -17.45
C SER N 37 15.38 19.30 -17.30
N THR N 38 14.65 19.72 -18.32
CA THR N 38 13.22 19.53 -18.40
C THR N 38 12.83 18.99 -19.78
N GLN N 39 11.71 18.31 -19.84
CA GLN N 39 11.13 17.84 -21.09
C GLN N 39 9.91 18.71 -21.36
N ASP N 40 10.03 19.57 -22.38
CA ASP N 40 9.01 20.55 -22.69
C ASP N 40 8.97 20.75 -24.20
N LEU N 41 7.92 21.43 -24.66
CA LEU N 41 7.82 21.79 -26.06
C LEU N 41 8.94 22.73 -26.45
N PHE N 42 9.71 22.37 -27.47
CA PHE N 42 10.73 23.24 -28.03
C PHE N 42 10.81 23.02 -29.53
N LEU N 43 11.65 23.80 -30.19
CA LEU N 43 12.02 23.53 -31.57
C LEU N 43 13.34 22.77 -31.52
N PRO N 44 13.35 21.47 -31.81
CA PRO N 44 14.59 20.70 -31.64
C PRO N 44 15.66 21.16 -32.61
N PHE N 45 16.91 21.07 -32.14
CA PHE N 45 18.07 21.58 -32.91
C PHE N 45 18.26 20.83 -34.23
N PHE N 46 19.01 21.43 -35.16
CA PHE N 46 19.23 20.80 -36.49
C PHE N 46 17.87 20.48 -37.09
N SER N 47 16.93 21.43 -36.98
CA SER N 47 15.55 21.17 -37.47
C SER N 47 15.29 21.81 -38.83
N ASN N 48 14.26 21.34 -39.52
CA ASN N 48 13.86 21.89 -40.83
C ASN N 48 12.96 23.07 -40.57
N VAL N 49 13.40 24.25 -40.98
CA VAL N 49 12.64 25.49 -40.73
C VAL N 49 12.32 26.13 -42.07
N THR N 50 11.09 26.52 -42.30
CA THR N 50 10.73 27.01 -43.64
C THR N 50 11.00 28.51 -43.74
N TRP N 51 11.97 28.92 -44.56
CA TRP N 51 12.22 30.37 -44.79
C TRP N 51 11.16 30.83 -45.78
N PHE N 52 10.02 31.31 -45.27
CA PHE N 52 8.87 31.75 -46.13
C PHE N 52 9.08 33.21 -46.53
N HIS N 53 8.41 33.66 -47.60
CA HIS N 53 8.45 35.10 -47.97
C HIS N 53 7.02 35.63 -48.10
N ALA N 54 6.62 36.57 -47.25
CA ALA N 54 5.27 37.19 -47.38
C ALA N 54 5.18 37.97 -48.69
N ILE N 55 6.21 38.76 -49.00
CA ILE N 55 6.26 39.51 -50.30
C ILE N 55 7.61 39.17 -50.94
N HIS N 56 7.64 38.75 -52.20
CA HIS N 56 8.94 38.29 -52.77
C HIS N 56 9.20 38.82 -54.18
N VAL N 57 10.07 39.82 -54.32
CA VAL N 57 10.45 40.25 -55.65
C VAL N 57 11.49 39.30 -56.23
N SER N 58 11.14 38.67 -57.35
CA SER N 58 12.08 37.94 -58.18
C SER N 58 12.22 38.75 -59.46
N GLY N 59 13.38 39.38 -59.64
CA GLY N 59 13.51 40.49 -60.55
C GLY N 59 13.33 40.24 -62.04
N THR N 60 12.35 40.93 -62.62
CA THR N 60 12.37 41.31 -64.02
C THR N 60 12.03 42.79 -64.08
N ASN N 61 10.81 43.16 -63.73
CA ASN N 61 10.51 44.45 -63.13
C ASN N 61 9.38 44.23 -62.14
N GLY N 62 9.56 44.70 -60.91
CA GLY N 62 8.53 44.50 -59.91
C GLY N 62 8.36 43.02 -59.60
N THR N 63 7.14 42.52 -59.83
CA THR N 63 6.76 41.13 -59.55
C THR N 63 6.90 40.82 -58.06
N LYS N 64 6.00 41.44 -57.29
CA LYS N 64 5.89 41.18 -55.86
C LYS N 64 4.94 40.01 -55.62
N ARG N 65 5.42 38.98 -54.94
CA ARG N 65 4.71 37.72 -54.77
C ARG N 65 4.17 37.61 -53.36
N PHE N 66 2.85 37.70 -53.21
CA PHE N 66 2.17 37.61 -51.92
C PHE N 66 1.78 36.14 -51.74
N ASP N 67 2.57 35.41 -50.94
CA ASP N 67 2.36 33.98 -50.76
C ASP N 67 1.84 33.57 -49.38
N ASN N 68 1.77 34.47 -48.41
CA ASN N 68 1.74 33.98 -47.04
C ASN N 68 0.50 33.15 -46.73
N PRO N 69 0.63 31.84 -46.51
CA PRO N 69 -0.54 30.99 -46.33
C PRO N 69 -1.08 31.04 -44.91
N VAL N 70 -2.35 30.66 -44.78
CA VAL N 70 -2.84 30.24 -43.48
C VAL N 70 -2.10 28.98 -43.08
N LEU N 71 -1.53 28.98 -41.87
CA LEU N 71 -0.70 27.86 -41.49
C LEU N 71 -1.22 27.21 -40.23
N PRO N 72 -1.19 25.88 -40.16
CA PRO N 72 -1.64 25.19 -38.94
C PRO N 72 -0.72 25.52 -37.78
N PHE N 73 -1.27 25.50 -36.57
CA PHE N 73 -0.47 25.72 -35.38
C PHE N 73 0.27 24.45 -34.96
N ASN N 74 -0.36 23.29 -35.15
CA ASN N 74 0.19 21.98 -34.79
C ASN N 74 0.48 22.01 -33.28
N ASP N 75 1.62 21.50 -32.83
CA ASP N 75 1.96 21.46 -31.41
C ASP N 75 2.32 22.84 -30.87
N GLY N 76 3.40 23.44 -31.36
CA GLY N 76 3.72 24.81 -31.02
C GLY N 76 4.39 25.46 -32.21
N VAL N 77 4.58 26.77 -32.10
CA VAL N 77 5.04 27.57 -33.22
C VAL N 77 6.24 28.42 -32.81
N TYR N 78 7.23 28.48 -33.69
CA TYR N 78 8.39 29.35 -33.57
C TYR N 78 8.32 30.36 -34.72
N PHE N 79 8.95 31.51 -34.53
CA PHE N 79 8.94 32.55 -35.55
C PHE N 79 10.22 33.38 -35.49
N ALA N 80 10.69 33.79 -36.66
CA ALA N 80 11.91 34.59 -36.75
C ALA N 80 11.83 35.49 -37.97
N SER N 81 12.39 36.68 -37.85
CA SER N 81 12.41 37.63 -38.97
C SER N 81 13.52 38.64 -38.77
N THR N 82 13.89 39.30 -39.86
CA THR N 82 14.87 40.38 -39.82
C THR N 82 14.17 41.72 -39.99
N GLU N 83 13.76 42.03 -41.22
CA GLU N 83 12.84 43.13 -41.53
C GLU N 83 13.37 44.45 -40.97
N LYS N 84 14.52 44.88 -41.49
CA LYS N 84 15.08 46.19 -41.06
C LYS N 84 13.93 47.20 -41.17
N SER N 85 13.19 47.17 -42.27
CA SER N 85 11.98 48.02 -42.39
C SER N 85 10.79 47.13 -42.04
N ASN N 86 10.08 47.44 -40.96
CA ASN N 86 9.01 46.52 -40.52
C ASN N 86 7.92 46.44 -41.57
N ILE N 87 7.45 45.23 -41.85
CA ILE N 87 6.28 45.07 -42.76
C ILE N 87 5.41 44.08 -42.01
N ILE N 88 5.93 43.56 -40.90
CA ILE N 88 5.23 42.55 -40.13
C ILE N 88 4.78 43.17 -38.81
N ARG N 89 3.59 42.79 -38.37
CA ARG N 89 3.01 43.39 -37.18
C ARG N 89 2.59 42.33 -36.19
N GLY N 90 1.67 41.44 -36.58
CA GLY N 90 1.11 40.47 -35.68
C GLY N 90 0.63 39.25 -36.43
N TRP N 91 -0.11 38.40 -35.72
CA TRP N 91 -0.57 37.14 -36.28
C TRP N 91 -2.05 36.96 -35.93
N ILE N 92 -2.73 36.12 -36.70
CA ILE N 92 -4.19 36.01 -36.67
C ILE N 92 -4.67 34.88 -35.79
N PHE N 93 -3.79 34.32 -34.94
CA PHE N 93 -3.94 32.96 -34.42
C PHE N 93 -5.37 32.65 -34.02
N GLY N 94 -5.84 31.46 -34.42
CA GLY N 94 -7.20 31.06 -34.18
C GLY N 94 -7.42 29.62 -34.60
N THR N 95 -8.68 29.28 -34.80
CA THR N 95 -9.02 27.94 -35.26
C THR N 95 -9.81 28.00 -36.56
N THR N 96 -11.02 28.53 -36.51
CA THR N 96 -11.83 28.69 -37.71
C THR N 96 -11.34 29.84 -38.58
N LEU N 97 -10.55 30.75 -38.00
CA LEU N 97 -10.08 31.96 -38.68
C LEU N 97 -11.29 32.81 -39.10
N ASP N 98 -12.30 32.79 -38.24
CA ASP N 98 -13.63 33.25 -38.55
C ASP N 98 -14.32 33.48 -37.21
N SER N 99 -15.64 33.71 -37.23
CA SER N 99 -16.42 33.62 -36.01
C SER N 99 -16.58 32.15 -35.63
N LYS N 100 -17.40 31.90 -34.61
CA LYS N 100 -17.70 30.61 -34.00
C LYS N 100 -16.59 30.17 -33.06
N THR N 101 -15.41 30.77 -33.11
CA THR N 101 -14.35 30.55 -32.13
C THR N 101 -13.82 31.92 -31.73
N GLN N 102 -13.00 31.94 -30.68
CA GLN N 102 -12.33 33.17 -30.37
C GLN N 102 -11.26 33.46 -31.42
N SER N 103 -10.59 34.59 -31.28
CA SER N 103 -9.53 34.94 -32.22
C SER N 103 -8.40 35.62 -31.46
N LEU N 104 -7.18 35.14 -31.70
CA LEU N 104 -6.03 35.85 -31.16
C LEU N 104 -5.51 36.84 -32.20
N LEU N 105 -5.68 38.12 -31.89
CA LEU N 105 -5.31 39.15 -32.84
C LEU N 105 -4.25 40.03 -32.21
N ILE N 106 -3.02 39.83 -32.66
CA ILE N 106 -1.92 40.64 -32.09
C ILE N 106 -1.70 41.79 -33.07
N VAL N 107 -2.00 43.02 -32.66
CA VAL N 107 -1.64 44.14 -33.57
C VAL N 107 -0.61 45.01 -32.88
N ASN N 108 0.59 45.06 -33.43
CA ASN N 108 1.59 46.00 -32.87
C ASN N 108 1.40 47.32 -33.62
N ASN N 109 0.18 47.88 -33.56
CA ASN N 109 -0.04 49.19 -34.20
C ASN N 109 0.87 50.18 -33.47
N ALA N 110 1.63 50.99 -34.21
CA ALA N 110 2.58 51.87 -33.52
C ALA N 110 1.79 52.85 -32.64
N THR N 111 2.31 53.17 -31.46
CA THR N 111 3.38 52.37 -30.82
C THR N 111 2.76 51.39 -29.83
N ASN N 112 1.48 51.56 -29.53
CA ASN N 112 0.87 50.71 -28.48
C ASN N 112 0.31 49.45 -29.13
N VAL N 113 1.04 48.34 -28.98
CA VAL N 113 0.48 47.07 -29.49
C VAL N 113 -0.80 46.86 -28.70
N VAL N 114 -1.91 46.58 -29.37
CA VAL N 114 -3.15 46.27 -28.59
C VAL N 114 -3.45 44.79 -28.78
N ILE N 115 -2.80 43.93 -27.98
CA ILE N 115 -3.18 42.53 -28.13
C ILE N 115 -4.69 42.42 -28.02
N LYS N 116 -5.28 41.54 -28.83
CA LYS N 116 -6.70 41.31 -28.82
C LYS N 116 -7.00 39.83 -28.86
N VAL N 117 -7.79 39.37 -27.89
CA VAL N 117 -8.41 38.05 -27.95
C VAL N 117 -9.91 38.30 -28.04
N CYS N 118 -10.49 38.06 -29.21
CA CYS N 118 -11.86 38.45 -29.49
C CYS N 118 -12.47 37.43 -30.44
N GLU N 119 -13.65 37.76 -30.98
CA GLU N 119 -14.24 37.04 -32.10
C GLU N 119 -14.32 38.01 -33.28
N PHE N 120 -13.54 37.73 -34.32
CA PHE N 120 -13.51 38.59 -35.50
C PHE N 120 -14.07 37.85 -36.71
N GLN N 121 -14.15 38.57 -37.82
CA GLN N 121 -14.33 37.98 -39.14
C GLN N 121 -13.09 38.30 -39.95
N PHE N 122 -12.22 37.30 -40.14
CA PHE N 122 -11.02 37.53 -40.92
C PHE N 122 -11.28 37.28 -42.40
N CYS N 123 -10.81 38.21 -43.22
CA CYS N 123 -11.08 38.18 -44.65
C CYS N 123 -10.30 37.04 -45.29
N ASN N 124 -10.48 36.89 -46.60
CA ASN N 124 -9.74 35.88 -47.34
C ASN N 124 -8.26 36.23 -47.51
N ASP N 125 -7.92 37.52 -47.57
CA ASP N 125 -6.54 37.97 -47.69
C ASP N 125 -6.29 39.04 -46.64
N PRO N 126 -6.26 38.66 -45.36
CA PRO N 126 -6.14 39.67 -44.30
C PRO N 126 -4.73 40.22 -44.18
N PHE N 127 -4.65 41.52 -43.85
CA PHE N 127 -3.41 42.22 -43.54
C PHE N 127 -3.79 43.65 -43.18
N LEU N 128 -2.90 44.33 -42.46
CA LEU N 128 -3.16 45.69 -42.00
C LEU N 128 -2.84 46.66 -43.12
N GLY N 129 -3.84 47.45 -43.52
CA GLY N 129 -3.58 48.52 -44.47
C GLY N 129 -3.06 49.76 -43.75
N VAL N 130 -2.15 50.45 -44.42
CA VAL N 130 -1.59 51.71 -43.94
C VAL N 130 -1.79 52.75 -45.03
N TYR N 131 -2.19 53.94 -44.63
CA TYR N 131 -2.43 55.02 -45.58
C TYR N 131 -1.96 56.32 -44.92
N TYR N 132 -2.23 57.43 -45.58
CA TYR N 132 -1.80 58.75 -45.13
C TYR N 132 -3.02 59.61 -44.83
N HIS N 133 -3.14 60.09 -43.60
CA HIS N 133 -4.39 60.78 -43.16
C HIS N 133 -4.59 62.18 -43.74
N LYS N 134 -3.53 62.95 -44.00
CA LYS N 134 -3.61 64.32 -44.60
C LYS N 134 -4.06 65.28 -43.49
N ASN N 135 -4.59 64.72 -42.40
CA ASN N 135 -4.97 65.54 -41.22
C ASN N 135 -3.92 65.24 -40.15
N ASN N 136 -3.06 66.21 -39.82
CA ASN N 136 -1.94 66.00 -38.84
C ASN N 136 -0.79 65.30 -39.56
N LYS N 137 -0.91 65.08 -40.88
CA LYS N 137 0.19 64.48 -41.69
C LYS N 137 0.70 63.17 -41.07
N SER N 138 -0.22 62.27 -40.68
CA SER N 138 0.20 61.02 -39.99
C SER N 138 -0.21 59.78 -40.79
N TRP N 139 0.65 58.76 -40.85
CA TRP N 139 0.29 57.51 -41.51
C TRP N 139 -0.55 56.68 -40.56
N MET N 140 -1.85 56.58 -40.82
CA MET N 140 -2.69 55.72 -40.01
C MET N 140 -2.55 54.28 -40.47
N GLU N 141 -3.23 53.39 -39.76
CA GLU N 141 -3.30 51.98 -40.13
C GLU N 141 -4.76 51.60 -40.16
N SER N 142 -5.26 51.24 -41.33
CA SER N 142 -6.61 50.72 -41.45
C SER N 142 -6.54 49.26 -41.00
N GLU N 143 -7.22 48.96 -39.90
CA GLU N 143 -7.12 47.63 -39.30
C GLU N 143 -8.20 46.70 -39.80
N PHE N 144 -9.19 47.21 -40.53
CA PHE N 144 -10.27 46.34 -41.01
C PHE N 144 -9.98 45.82 -42.40
N ARG N 145 -8.81 46.12 -42.96
CA ARG N 145 -8.36 45.39 -44.14
C ARG N 145 -7.96 43.97 -43.75
N VAL N 146 -7.69 43.76 -42.46
CA VAL N 146 -7.50 42.43 -41.91
C VAL N 146 -8.85 41.76 -41.81
N TYR N 147 -9.70 42.30 -40.93
CA TYR N 147 -10.93 41.66 -40.51
C TYR N 147 -12.09 42.65 -40.64
N SER N 148 -13.26 42.13 -41.02
CA SER N 148 -14.43 42.98 -41.15
C SER N 148 -15.02 43.29 -39.77
N SER N 149 -15.56 42.27 -39.10
CA SER N 149 -16.28 42.44 -37.86
C SER N 149 -15.32 42.35 -36.68
N ALA N 150 -15.60 43.18 -35.67
CA ALA N 150 -14.99 43.04 -34.35
C ALA N 150 -16.10 43.16 -33.32
N ASN N 151 -16.36 42.09 -32.58
CA ASN N 151 -17.47 42.03 -31.64
C ASN N 151 -17.25 40.86 -30.69
N ASN N 152 -18.14 40.74 -29.70
CA ASN N 152 -18.18 39.63 -28.75
C ASN N 152 -16.93 39.56 -27.88
N CYS N 153 -15.98 40.48 -28.06
CA CYS N 153 -14.60 40.27 -27.66
C CYS N 153 -14.46 39.80 -26.21
N THR N 154 -13.66 38.74 -26.03
CA THR N 154 -13.39 38.17 -24.72
C THR N 154 -12.28 38.90 -23.96
N PHE N 155 -11.19 39.27 -24.61
CA PHE N 155 -10.05 39.81 -23.88
C PHE N 155 -9.38 40.91 -24.69
N GLU N 156 -8.72 41.80 -23.95
CA GLU N 156 -7.99 42.93 -24.52
C GLU N 156 -6.81 43.23 -23.62
N TYR N 157 -5.71 43.67 -24.24
CA TYR N 157 -4.52 44.04 -23.48
C TYR N 157 -3.66 44.98 -24.30
N VAL N 158 -2.82 45.75 -23.62
CA VAL N 158 -1.88 46.68 -24.24
C VAL N 158 -0.55 46.58 -23.50
N SER N 159 0.55 46.74 -24.24
CA SER N 159 1.89 46.71 -23.64
C SER N 159 2.83 47.55 -24.49
N GLN N 160 4.09 47.64 -24.05
CA GLN N 160 5.14 48.26 -24.83
C GLN N 160 5.48 47.41 -26.05
N PRO N 161 5.82 48.04 -27.17
CA PRO N 161 5.89 47.31 -28.44
C PRO N 161 6.92 46.19 -28.41
N PHE N 162 6.47 45.00 -28.78
CA PHE N 162 7.36 43.86 -28.89
C PHE N 162 8.29 44.05 -30.08
N LEU N 163 7.72 44.32 -31.24
CA LEU N 163 8.47 44.77 -32.41
C LEU N 163 9.07 46.13 -32.08
N MET N 164 10.38 46.25 -32.29
CA MET N 164 11.08 47.48 -31.98
C MET N 164 12.20 47.66 -33.00
N ASP N 165 12.44 48.90 -33.41
CA ASP N 165 13.55 49.16 -34.30
C ASP N 165 14.71 49.79 -33.52
N LEU N 166 15.84 49.91 -34.20
CA LEU N 166 16.98 50.68 -33.75
C LEU N 166 17.49 51.47 -34.94
N GLU N 167 17.91 50.72 -35.96
CA GLU N 167 18.34 51.19 -37.28
C GLU N 167 19.50 52.18 -37.17
N GLY N 168 19.57 53.14 -38.09
CA GLY N 168 20.78 53.92 -38.28
C GLY N 168 22.00 53.12 -38.67
N LYS N 169 21.88 51.79 -38.83
CA LYS N 169 23.01 50.88 -38.93
C LYS N 169 23.33 50.45 -40.35
N GLN N 170 22.60 50.93 -41.35
CA GLN N 170 22.78 50.56 -42.75
C GLN N 170 22.99 49.06 -42.91
N GLY N 171 22.25 48.28 -42.14
CA GLY N 171 22.43 46.84 -42.08
C GLY N 171 23.39 46.45 -40.97
N ASN N 172 24.04 45.30 -41.18
CA ASN N 172 25.03 44.73 -40.28
C ASN N 172 24.40 44.27 -38.97
N PHE N 173 23.16 44.69 -38.73
CA PHE N 173 22.30 44.11 -37.70
C PHE N 173 21.19 43.27 -38.32
N LYS N 174 20.37 43.89 -39.17
CA LYS N 174 19.15 43.31 -39.74
C LYS N 174 18.09 43.20 -38.66
N ASN N 175 18.50 43.43 -37.40
CA ASN N 175 17.62 43.35 -36.24
C ASN N 175 16.81 42.06 -36.29
N LEU N 176 17.51 40.94 -36.19
CA LEU N 176 16.83 39.66 -36.24
C LEU N 176 15.91 39.53 -35.03
N ARG N 177 14.64 39.24 -35.28
CA ARG N 177 13.61 39.26 -34.26
C ARG N 177 12.88 37.93 -34.26
N GLU N 178 12.78 37.32 -33.08
CA GLU N 178 12.20 36.00 -32.92
C GLU N 178 11.04 36.07 -31.93
N PHE N 179 10.01 35.28 -32.21
CA PHE N 179 8.87 35.22 -31.32
C PHE N 179 8.38 33.79 -31.24
N VAL N 180 8.27 33.27 -30.01
CA VAL N 180 7.81 31.91 -29.77
C VAL N 180 6.42 31.98 -29.17
N PHE N 181 5.56 31.09 -29.64
CA PHE N 181 4.14 31.09 -29.28
C PHE N 181 3.76 29.67 -28.87
N LYS N 182 3.43 29.50 -27.59
CA LYS N 182 3.10 28.19 -27.05
C LYS N 182 1.80 28.27 -26.28
N ASN N 183 0.84 27.43 -26.63
CA ASN N 183 -0.50 27.49 -26.08
C ASN N 183 -0.73 26.24 -25.23
N ILE N 184 -0.77 26.43 -23.92
CA ILE N 184 -0.94 25.35 -22.95
C ILE N 184 -1.77 25.88 -21.78
N ASP N 185 -2.43 24.95 -21.08
CA ASP N 185 -2.96 25.10 -19.72
C ASP N 185 -3.60 26.47 -19.46
N GLY N 186 -4.34 26.98 -20.44
CA GLY N 186 -4.97 28.27 -20.27
C GLY N 186 -4.03 29.45 -20.38
N TYR N 187 -2.72 29.21 -20.44
CA TYR N 187 -1.74 30.28 -20.62
C TYR N 187 -1.05 30.13 -21.96
N PHE N 188 -1.37 31.04 -22.88
CA PHE N 188 -0.62 31.20 -24.11
C PHE N 188 0.42 32.29 -23.84
N LYS N 189 1.69 31.89 -23.83
CA LYS N 189 2.77 32.76 -23.43
C LYS N 189 3.60 33.18 -24.64
N ILE N 190 4.05 34.42 -24.63
CA ILE N 190 4.79 35.00 -25.75
C ILE N 190 6.24 35.18 -25.31
N TYR N 191 7.16 34.92 -26.24
CA TYR N 191 8.58 35.06 -26.00
C TYR N 191 9.14 35.96 -27.09
N SER N 192 10.30 36.55 -26.84
CA SER N 192 10.86 37.51 -27.79
C SER N 192 12.37 37.53 -27.64
N LYS N 193 13.01 38.31 -28.50
CA LYS N 193 14.46 38.49 -28.55
C LYS N 193 14.74 39.49 -29.66
N HIS N 194 15.92 40.10 -29.59
CA HIS N 194 16.42 40.95 -30.66
C HIS N 194 17.91 40.71 -30.81
N THR N 195 18.34 40.43 -32.03
CA THR N 195 19.73 40.05 -32.24
C THR N 195 20.28 40.70 -33.50
N PRO N 196 21.53 41.15 -33.46
CA PRO N 196 22.22 41.54 -34.69
C PRO N 196 22.60 40.31 -35.50
N ILE N 197 22.49 40.41 -36.83
CA ILE N 197 22.99 39.38 -37.72
C ILE N 197 23.62 40.04 -38.93
N ASN N 198 24.86 39.67 -39.24
CA ASN N 198 25.56 40.18 -40.42
C ASN N 198 25.40 39.27 -41.64
N LEU N 199 24.86 38.07 -41.48
CA LEU N 199 24.74 37.15 -42.59
C LEU N 199 23.64 37.63 -43.53
N VAL N 200 23.72 37.18 -44.79
CA VAL N 200 22.80 37.66 -45.81
C VAL N 200 21.35 37.34 -45.44
N ARG N 201 21.07 36.08 -45.12
CA ARG N 201 19.71 35.70 -44.76
C ARG N 201 19.67 34.84 -43.49
N ASP N 202 20.14 33.61 -43.61
CA ASP N 202 19.82 32.56 -42.65
C ASP N 202 20.57 32.77 -41.33
N LEU N 203 20.35 31.87 -40.38
CA LEU N 203 20.62 32.07 -38.97
C LEU N 203 22.05 31.68 -38.61
N PRO N 204 22.62 32.30 -37.57
CA PRO N 204 23.97 31.93 -37.12
C PRO N 204 23.98 30.74 -36.18
N GLN N 205 25.14 30.46 -35.60
CA GLN N 205 25.33 29.35 -34.67
C GLN N 205 25.05 29.74 -33.22
N GLY N 206 24.75 31.01 -32.94
CA GLY N 206 24.60 31.47 -31.59
C GLY N 206 23.29 31.03 -30.95
N PHE N 207 23.27 31.07 -29.62
CA PHE N 207 22.10 30.74 -28.84
C PHE N 207 21.26 31.99 -28.59
N SER N 208 19.95 31.82 -28.65
CA SER N 208 19.01 32.90 -28.43
C SER N 208 18.09 32.55 -27.27
N ALA N 209 18.21 33.28 -26.17
CA ALA N 209 17.34 33.06 -25.03
C ALA N 209 16.16 34.01 -25.08
N LEU N 210 14.96 33.46 -24.89
CA LEU N 210 13.72 34.21 -25.04
C LEU N 210 13.00 34.25 -23.70
N GLU N 211 12.81 35.44 -23.17
CA GLU N 211 12.08 35.52 -21.92
C GLU N 211 10.58 35.51 -22.22
N PRO N 212 9.76 35.00 -21.29
CA PRO N 212 8.31 35.16 -21.47
C PRO N 212 7.91 36.62 -21.32
N LEU N 213 7.15 37.11 -22.29
CA LEU N 213 6.68 38.48 -22.21
C LEU N 213 5.51 38.59 -21.25
N VAL N 214 4.37 38.03 -21.63
CA VAL N 214 3.18 38.01 -20.81
C VAL N 214 2.61 36.60 -20.80
N ASP N 215 2.17 36.15 -19.63
CA ASP N 215 1.49 34.87 -19.50
C ASP N 215 0.00 35.12 -19.41
N LEU N 216 -0.73 34.90 -20.51
CA LEU N 216 -2.14 35.37 -20.50
C LEU N 216 -3.20 34.28 -20.46
N PRO N 217 -4.34 34.52 -19.79
CA PRO N 217 -5.46 33.58 -19.79
C PRO N 217 -6.03 33.61 -21.21
N ILE N 218 -5.85 32.52 -21.95
CA ILE N 218 -6.31 32.47 -23.36
C ILE N 218 -7.43 31.44 -23.43
N GLY N 219 -7.21 30.26 -22.84
CA GLY N 219 -8.22 29.23 -22.77
C GLY N 219 -8.76 28.71 -24.09
N ILE N 220 -8.23 29.15 -25.23
CA ILE N 220 -8.66 28.62 -26.52
C ILE N 220 -7.56 27.76 -27.11
N ASN N 221 -7.97 26.71 -27.83
CA ASN N 221 -7.07 25.95 -28.68
C ASN N 221 -6.93 26.68 -30.01
N ILE N 222 -5.69 26.88 -30.44
CA ILE N 222 -5.38 27.53 -31.72
C ILE N 222 -4.73 26.46 -32.59
N THR N 223 -5.45 26.02 -33.64
CA THR N 223 -4.90 25.03 -34.54
C THR N 223 -4.36 25.60 -35.85
N ARG N 224 -4.55 26.88 -36.12
CA ARG N 224 -4.14 27.42 -37.42
C ARG N 224 -4.01 28.93 -37.32
N PHE N 225 -3.24 29.51 -38.24
CA PHE N 225 -2.96 30.94 -38.18
C PHE N 225 -2.39 31.42 -39.50
N GLN N 226 -2.09 32.71 -39.56
CA GLN N 226 -1.35 33.38 -40.62
C GLN N 226 -0.80 34.67 -40.02
N THR N 227 0.24 35.22 -40.64
CA THR N 227 0.85 36.45 -40.14
C THR N 227 0.05 37.65 -40.63
N LEU N 228 0.52 38.84 -40.26
CA LEU N 228 -0.09 40.09 -40.69
C LEU N 228 0.95 40.95 -41.37
N LEU N 229 0.46 41.97 -42.08
CA LEU N 229 1.30 42.75 -42.96
C LEU N 229 0.97 44.23 -42.83
N ALA N 230 1.89 45.06 -43.25
CA ALA N 230 1.68 46.51 -43.34
C ALA N 230 2.07 46.95 -44.75
N LEU N 231 1.08 47.41 -45.51
CA LEU N 231 1.28 47.86 -46.88
C LEU N 231 0.71 49.27 -46.98
N HIS N 232 0.85 49.90 -48.13
CA HIS N 232 0.40 51.28 -48.27
C HIS N 232 -0.10 51.56 -49.67
N ARG N 233 -0.33 52.84 -49.96
CA ARG N 233 -0.82 53.25 -51.27
C ARG N 233 0.22 54.11 -51.98
N SER N 234 0.31 53.96 -53.30
CA SER N 234 1.14 54.85 -54.09
C SER N 234 0.26 55.63 -55.08
N TYR N 235 0.88 56.53 -55.82
CA TYR N 235 0.16 57.42 -56.72
C TYR N 235 0.94 57.58 -58.02
N LEU N 236 0.32 58.21 -59.01
CA LEU N 236 0.47 57.77 -60.39
C LEU N 236 1.93 57.63 -60.79
N THR N 237 2.29 56.41 -61.17
CA THR N 237 3.58 56.01 -61.70
C THR N 237 3.32 54.88 -62.68
N PRO N 238 4.19 54.68 -63.68
CA PRO N 238 3.96 53.55 -64.59
C PRO N 238 4.19 52.19 -63.92
N SER N 243 -3.25 50.15 -57.65
CA SER N 243 -2.58 51.14 -56.76
C SER N 243 -1.28 50.54 -56.21
N GLY N 244 -0.45 51.35 -55.55
CA GLY N 244 0.80 50.86 -54.95
C GLY N 244 0.53 49.88 -53.83
N TRP N 245 1.38 48.85 -53.67
CA TRP N 245 1.19 47.80 -52.64
C TRP N 245 2.54 47.14 -52.35
N THR N 246 2.58 46.19 -51.40
CA THR N 246 3.81 45.39 -51.15
C THR N 246 5.05 46.24 -50.85
N ALA N 247 4.96 47.18 -49.91
CA ALA N 247 6.13 48.00 -49.49
C ALA N 247 7.35 47.10 -49.22
N GLY N 248 8.51 47.43 -49.81
CA GLY N 248 9.72 46.67 -49.59
C GLY N 248 9.58 45.17 -49.87
N ALA N 249 10.46 44.42 -49.22
CA ALA N 249 10.45 42.97 -49.31
C ALA N 249 10.13 42.40 -47.94
N ALA N 250 9.57 41.19 -47.91
CA ALA N 250 9.19 40.54 -46.67
C ALA N 250 9.50 39.05 -46.74
N ALA N 251 10.20 38.57 -45.71
CA ALA N 251 10.44 37.13 -45.54
C ALA N 251 10.64 36.85 -44.07
N TYR N 252 10.28 35.63 -43.66
CA TYR N 252 10.42 35.25 -42.26
C TYR N 252 10.64 33.75 -42.17
N TYR N 253 10.82 33.29 -40.93
CA TYR N 253 11.14 31.91 -40.61
C TYR N 253 10.06 31.34 -39.69
N VAL N 254 9.68 30.09 -39.95
CA VAL N 254 8.70 29.40 -39.14
C VAL N 254 9.15 27.97 -38.92
N GLY N 255 8.95 27.47 -37.71
CA GLY N 255 9.18 26.09 -37.38
C GLY N 255 8.24 25.67 -36.27
N TYR N 256 7.98 24.37 -36.16
CA TYR N 256 7.00 23.89 -35.20
C TYR N 256 7.69 23.32 -33.98
N LEU N 257 7.06 23.50 -32.83
CA LEU N 257 7.63 23.01 -31.58
C LEU N 257 7.38 21.50 -31.44
N GLN N 258 7.83 20.96 -30.32
CA GLN N 258 7.88 19.52 -30.10
C GLN N 258 8.41 19.23 -28.70
N PRO N 259 7.85 18.25 -27.99
CA PRO N 259 8.40 17.92 -26.66
C PRO N 259 9.78 17.29 -26.80
N ARG N 260 10.73 17.85 -26.06
CA ARG N 260 12.10 17.36 -26.03
C ARG N 260 12.70 17.70 -24.67
N THR N 261 13.67 16.90 -24.24
CA THR N 261 14.36 17.13 -22.98
C THR N 261 15.65 17.88 -23.27
N PHE N 262 15.73 19.11 -22.79
CA PHE N 262 16.95 19.90 -22.90
C PHE N 262 17.67 19.98 -21.56
N LEU N 263 19.00 19.92 -21.62
CA LEU N 263 19.82 20.31 -20.48
C LEU N 263 20.17 21.78 -20.65
N LEU N 264 19.92 22.56 -19.60
CA LEU N 264 20.01 24.01 -19.66
C LEU N 264 21.18 24.46 -18.80
N LYS N 265 22.15 25.14 -19.43
CA LYS N 265 23.30 25.65 -18.70
C LYS N 265 23.10 27.15 -18.47
N TYR N 266 22.77 27.52 -17.24
CA TYR N 266 22.70 28.91 -16.86
C TYR N 266 24.11 29.47 -16.70
N ASN N 267 24.21 30.80 -16.75
CA ASN N 267 25.49 31.45 -16.51
C ASN N 267 25.52 31.99 -15.07
N GLU N 268 26.65 32.56 -14.67
CA GLU N 268 26.71 33.19 -13.32
C GLU N 268 25.58 34.21 -13.18
N ASN N 269 25.16 34.82 -14.30
CA ASN N 269 24.07 35.83 -14.28
C ASN N 269 22.73 35.20 -14.71
N GLY N 270 22.71 33.87 -14.91
CA GLY N 270 21.46 33.18 -15.28
C GLY N 270 21.17 33.23 -16.77
N THR N 271 22.11 33.75 -17.56
CA THR N 271 21.92 33.82 -19.04
C THR N 271 22.28 32.46 -19.66
N ILE N 272 21.27 31.69 -20.10
CA ILE N 272 21.52 30.38 -20.67
C ILE N 272 22.27 30.53 -21.99
N THR N 273 23.42 29.88 -22.09
CA THR N 273 24.09 29.76 -23.38
C THR N 273 23.87 28.36 -23.97
N ASP N 274 24.58 27.37 -23.47
CA ASP N 274 24.54 26.03 -24.04
C ASP N 274 23.28 25.30 -23.60
N ALA N 275 22.51 24.85 -24.58
CA ALA N 275 21.44 23.90 -24.39
C ALA N 275 21.71 22.70 -25.28
N VAL N 276 21.31 21.52 -24.82
CA VAL N 276 21.55 20.29 -25.56
C VAL N 276 20.27 19.46 -25.53
N ASP N 277 19.82 19.03 -26.71
CA ASP N 277 18.72 18.08 -26.79
C ASP N 277 19.23 16.68 -26.48
N CYS N 278 18.42 15.91 -25.76
CA CYS N 278 18.79 14.54 -25.45
C CYS N 278 18.56 13.56 -26.59
N ALA N 279 17.41 13.70 -27.27
CA ALA N 279 17.06 12.75 -28.35
C ALA N 279 17.72 13.12 -29.69
N LEU N 280 18.52 14.18 -29.77
CA LEU N 280 19.02 14.63 -31.09
C LEU N 280 19.78 13.51 -31.81
N ASP N 281 20.75 12.91 -31.13
CA ASP N 281 21.51 11.79 -31.77
C ASP N 281 21.89 10.82 -30.65
N PRO N 282 22.40 9.60 -30.92
CA PRO N 282 22.85 8.74 -29.81
C PRO N 282 23.97 9.35 -29.01
N LEU N 283 24.65 10.36 -29.55
CA LEU N 283 25.70 11.03 -28.80
C LEU N 283 25.09 12.05 -27.83
N SER N 284 24.04 12.74 -28.25
CA SER N 284 23.42 13.77 -27.44
C SER N 284 22.69 13.22 -26.23
N GLU N 285 22.27 11.96 -26.27
CA GLU N 285 21.48 11.39 -25.18
C GLU N 285 22.32 11.00 -23.98
N THR N 286 23.62 10.78 -24.22
CA THR N 286 24.57 10.43 -23.14
C THR N 286 24.95 11.69 -22.35
N LYS N 287 25.08 12.81 -23.04
CA LYS N 287 25.45 14.08 -22.36
C LYS N 287 24.32 14.46 -21.40
N CYS N 288 23.15 13.83 -21.55
CA CYS N 288 22.01 14.22 -20.73
C CYS N 288 22.12 13.29 -19.55
N THR N 289 22.82 12.18 -19.73
CA THR N 289 23.03 11.27 -18.59
C THR N 289 24.10 11.83 -17.65
N LEU N 290 25.19 12.37 -18.19
CA LEU N 290 26.20 12.99 -17.31
C LEU N 290 25.80 14.40 -16.88
N LYS N 291 24.77 15.01 -17.46
CA LYS N 291 24.34 16.37 -17.15
C LYS N 291 25.42 17.38 -17.49
N SER N 292 26.58 16.97 -17.99
CA SER N 292 27.68 17.87 -18.25
C SER N 292 27.84 18.15 -19.73
N PHE N 293 28.30 19.36 -20.06
CA PHE N 293 28.72 19.65 -21.42
C PHE N 293 30.11 19.14 -21.73
N THR N 294 30.90 18.85 -20.72
CA THR N 294 32.18 18.16 -20.90
C THR N 294 31.95 16.68 -20.70
N VAL N 295 32.40 15.88 -21.66
CA VAL N 295 32.24 14.43 -21.63
C VAL N 295 33.64 13.84 -21.60
N GLU N 296 33.98 13.22 -20.48
CA GLU N 296 35.31 12.70 -20.30
C GLU N 296 35.55 11.50 -21.18
N LYS N 297 36.81 11.33 -21.59
CA LYS N 297 37.17 10.20 -22.43
C LYS N 297 36.79 8.89 -21.77
N GLY N 298 36.01 8.08 -22.49
CA GLY N 298 35.58 6.81 -21.96
C GLY N 298 34.29 6.37 -22.62
N ILE N 299 33.74 5.29 -22.08
CA ILE N 299 32.50 4.69 -22.58
C ILE N 299 31.41 4.93 -21.55
N TYR N 300 30.25 5.36 -22.04
CA TYR N 300 29.11 5.68 -21.20
C TYR N 300 27.90 4.93 -21.73
N GLN N 301 27.01 4.54 -20.82
CA GLN N 301 25.87 3.73 -21.23
C GLN N 301 24.65 4.64 -21.33
N THR N 302 24.27 4.92 -22.58
CA THR N 302 23.05 5.61 -22.96
C THR N 302 21.86 4.66 -22.85
N SER N 303 20.66 5.25 -22.86
CA SER N 303 19.44 4.48 -22.70
C SER N 303 19.37 3.31 -23.68
N ASN N 304 18.74 2.24 -23.22
CA ASN N 304 18.67 1.00 -23.96
C ASN N 304 17.81 1.17 -25.20
N PHE N 305 17.97 0.26 -26.15
CA PHE N 305 17.11 0.21 -27.30
C PHE N 305 16.41 -1.13 -27.35
N ARG N 306 15.28 -1.17 -28.04
CA ARG N 306 14.51 -2.38 -28.23
C ARG N 306 14.16 -2.52 -29.69
N VAL N 307 14.01 -3.78 -30.06
CA VAL N 307 13.55 -4.04 -31.43
C VAL N 307 12.06 -4.01 -31.24
N GLN N 308 11.34 -3.57 -32.24
CA GLN N 308 9.91 -3.40 -32.03
C GLN N 308 9.16 -4.36 -32.95
N PRO N 309 7.89 -4.70 -32.68
CA PRO N 309 7.20 -5.75 -33.45
C PRO N 309 6.65 -5.23 -34.76
N THR N 310 6.77 -6.05 -35.79
CA THR N 310 6.22 -5.71 -37.09
C THR N 310 4.72 -5.85 -37.13
N GLU N 311 4.19 -6.95 -36.61
CA GLU N 311 2.78 -7.30 -36.80
C GLU N 311 2.33 -8.21 -35.68
N SER N 312 1.01 -8.38 -35.60
CA SER N 312 0.41 -9.34 -34.69
C SER N 312 0.09 -10.61 -35.46
N ILE N 313 0.24 -11.74 -34.79
CA ILE N 313 -0.06 -13.04 -35.38
C ILE N 313 -1.12 -13.70 -34.52
N VAL N 314 -2.37 -13.76 -34.99
CA VAL N 314 -3.38 -14.52 -34.20
C VAL N 314 -3.41 -15.93 -34.81
N ARG N 315 -3.32 -16.97 -33.98
CA ARG N 315 -3.42 -18.36 -34.53
C ARG N 315 -4.38 -19.21 -33.70
N PHE N 316 -5.40 -19.78 -34.35
CA PHE N 316 -6.36 -20.68 -33.66
C PHE N 316 -6.37 -21.97 -34.47
N PRO N 317 -6.51 -23.16 -33.85
CA PRO N 317 -6.39 -24.43 -34.57
C PRO N 317 -7.20 -24.50 -35.87
N ASN N 318 -6.84 -25.44 -36.77
CA ASN N 318 -7.65 -25.57 -38.01
C ASN N 318 -8.99 -26.24 -37.70
N ILE N 319 -10.08 -25.79 -38.34
CA ILE N 319 -11.44 -26.41 -38.18
C ILE N 319 -12.03 -26.08 -36.80
N THR N 320 -11.38 -26.50 -35.71
CA THR N 320 -11.91 -26.29 -34.33
C THR N 320 -13.33 -26.88 -34.23
N ASN N 321 -13.54 -28.08 -34.80
CA ASN N 321 -14.86 -28.78 -34.76
C ASN N 321 -15.79 -28.19 -35.84
N LEU N 322 -16.96 -28.82 -36.05
CA LEU N 322 -17.92 -28.33 -37.09
C LEU N 322 -19.36 -28.30 -36.57
N CYS N 323 -20.05 -27.16 -36.73
CA CYS N 323 -21.43 -27.05 -36.28
C CYS N 323 -22.31 -27.53 -37.40
N PRO N 324 -23.03 -28.68 -37.25
CA PRO N 324 -23.75 -29.36 -38.36
C PRO N 324 -25.16 -28.91 -38.77
N PHE N 325 -25.21 -27.78 -39.44
CA PHE N 325 -26.50 -27.27 -39.89
C PHE N 325 -27.03 -28.06 -41.08
N GLY N 326 -26.17 -28.88 -41.68
CA GLY N 326 -26.61 -29.70 -42.79
C GLY N 326 -27.62 -30.73 -42.37
N GLU N 327 -27.24 -31.59 -41.42
CA GLU N 327 -28.16 -32.61 -40.93
C GLU N 327 -29.36 -31.98 -40.23
N VAL N 328 -29.36 -30.66 -40.08
CA VAL N 328 -30.56 -29.86 -39.88
C VAL N 328 -31.19 -29.54 -41.22
N PHE N 329 -30.46 -28.84 -42.11
CA PHE N 329 -31.07 -28.20 -43.32
C PHE N 329 -31.29 -29.21 -44.44
N ASN N 330 -30.36 -30.15 -44.59
CA ASN N 330 -30.31 -31.16 -45.68
C ASN N 330 -30.96 -32.46 -45.21
N ALA N 331 -31.27 -32.58 -43.91
CA ALA N 331 -31.74 -33.85 -43.32
C ALA N 331 -32.81 -34.47 -44.22
N THR N 332 -32.74 -35.78 -44.47
CA THR N 332 -33.55 -36.33 -45.55
C THR N 332 -35.04 -36.26 -45.22
N ARG N 333 -35.43 -36.83 -44.08
CA ARG N 333 -36.82 -36.80 -43.62
C ARG N 333 -36.89 -35.74 -42.53
N PHE N 334 -37.45 -34.58 -42.85
CA PHE N 334 -37.72 -33.65 -41.77
C PHE N 334 -38.89 -34.12 -40.93
N ALA N 335 -38.76 -33.99 -39.62
CA ALA N 335 -39.94 -33.91 -38.79
C ALA N 335 -40.82 -32.78 -39.33
N SER N 336 -42.13 -32.98 -39.28
CA SER N 336 -43.05 -32.01 -39.84
C SER N 336 -43.12 -30.76 -38.97
N VAL N 337 -43.70 -29.70 -39.52
CA VAL N 337 -43.89 -28.48 -38.74
C VAL N 337 -44.54 -28.79 -37.39
N TYR N 338 -45.56 -29.65 -37.38
CA TYR N 338 -46.37 -29.83 -36.17
C TYR N 338 -45.55 -30.41 -35.03
N ALA N 339 -44.52 -31.18 -35.35
CA ALA N 339 -43.51 -31.58 -34.37
C ALA N 339 -42.15 -31.23 -34.94
N TRP N 340 -41.52 -30.22 -34.37
CA TRP N 340 -40.31 -29.63 -34.91
C TRP N 340 -39.09 -30.14 -34.17
N ASN N 341 -38.00 -30.34 -34.89
CA ASN N 341 -36.77 -30.76 -34.23
C ASN N 341 -36.18 -29.62 -33.42
N ARG N 342 -35.50 -29.98 -32.33
CA ARG N 342 -34.72 -29.06 -31.52
C ARG N 342 -33.37 -29.73 -31.30
N LYS N 343 -32.30 -29.16 -31.87
CA LYS N 343 -31.08 -29.93 -32.12
C LYS N 343 -29.84 -29.22 -31.61
N ARG N 344 -29.17 -29.83 -30.63
CA ARG N 344 -28.08 -29.21 -29.89
C ARG N 344 -26.76 -29.27 -30.67
N ILE N 345 -26.06 -28.14 -30.72
CA ILE N 345 -24.85 -27.98 -31.51
C ILE N 345 -23.86 -27.19 -30.67
N SER N 346 -22.62 -27.69 -30.57
CA SER N 346 -21.77 -27.24 -29.48
C SER N 346 -20.28 -27.39 -29.81
N ASN N 347 -19.46 -26.73 -28.99
CA ASN N 347 -17.99 -26.78 -28.99
C ASN N 347 -17.43 -26.53 -30.37
N CYS N 348 -18.09 -25.69 -31.13
CA CYS N 348 -17.83 -25.64 -32.54
C CYS N 348 -17.94 -24.21 -33.02
N VAL N 349 -17.97 -24.05 -34.33
CA VAL N 349 -17.64 -22.79 -34.96
C VAL N 349 -18.70 -22.50 -36.01
N ALA N 350 -19.18 -21.25 -36.03
CA ALA N 350 -20.31 -20.93 -36.89
C ALA N 350 -19.99 -21.31 -38.32
N ASP N 351 -20.71 -22.31 -38.83
CA ASP N 351 -20.40 -22.85 -40.18
C ASP N 351 -21.36 -22.31 -41.25
N TYR N 352 -21.37 -20.99 -41.46
CA TYR N 352 -22.19 -20.43 -42.58
C TYR N 352 -21.50 -20.80 -43.90
N SER N 353 -20.21 -21.17 -43.82
CA SER N 353 -19.44 -21.55 -45.03
C SER N 353 -20.21 -22.54 -45.91
N VAL N 354 -20.92 -23.51 -45.33
CA VAL N 354 -21.56 -24.51 -46.17
C VAL N 354 -22.75 -23.89 -46.89
N LEU N 355 -23.34 -22.85 -46.28
CA LEU N 355 -24.59 -22.26 -46.71
C LEU N 355 -24.42 -21.27 -47.85
N TYR N 356 -23.19 -21.11 -48.34
CA TYR N 356 -22.92 -20.11 -49.41
C TYR N 356 -23.36 -20.60 -50.79
N ASN N 357 -22.63 -21.54 -51.39
CA ASN N 357 -22.95 -21.97 -52.78
C ASN N 357 -23.97 -23.11 -52.78
N SER N 358 -25.26 -22.81 -52.99
CA SER N 358 -26.26 -23.90 -53.11
C SER N 358 -27.56 -23.37 -53.72
N ALA N 359 -28.60 -24.20 -53.76
CA ALA N 359 -29.93 -23.70 -54.20
C ALA N 359 -30.31 -22.63 -53.19
N SER N 360 -29.82 -22.76 -51.94
CA SER N 360 -30.05 -21.75 -50.88
C SER N 360 -31.43 -21.92 -50.24
N PHE N 361 -31.89 -20.91 -49.50
CA PHE N 361 -33.16 -21.08 -48.75
C PHE N 361 -34.18 -20.03 -49.17
N SER N 362 -35.42 -20.43 -49.47
CA SER N 362 -36.43 -19.52 -50.01
C SER N 362 -36.55 -18.24 -49.22
N THR N 363 -36.26 -18.27 -47.93
CA THR N 363 -35.95 -17.06 -47.21
C THR N 363 -34.80 -17.36 -46.27
N PHE N 364 -34.20 -16.30 -45.78
CA PHE N 364 -33.24 -16.38 -44.69
C PHE N 364 -33.63 -15.28 -43.73
N LYS N 365 -34.11 -15.64 -42.57
CA LYS N 365 -34.26 -14.68 -41.49
C LYS N 365 -33.74 -15.31 -40.22
N CYS N 366 -32.73 -14.67 -39.64
CA CYS N 366 -32.21 -15.03 -38.33
C CYS N 366 -32.22 -13.76 -37.51
N TYR N 367 -32.97 -13.78 -36.42
CA TYR N 367 -33.40 -12.56 -35.76
C TYR N 367 -32.26 -11.77 -35.16
N GLY N 368 -31.53 -12.38 -34.24
CA GLY N 368 -30.92 -11.60 -33.19
C GLY N 368 -29.97 -10.51 -33.58
N VAL N 369 -28.90 -10.86 -34.29
CA VAL N 369 -27.78 -9.97 -34.55
C VAL N 369 -27.29 -10.17 -35.98
N SER N 370 -26.39 -9.29 -36.40
CA SER N 370 -25.99 -9.19 -37.81
C SER N 370 -25.53 -10.53 -38.36
N PRO N 371 -25.90 -10.89 -39.59
CA PRO N 371 -25.49 -12.18 -40.14
C PRO N 371 -23.99 -12.33 -40.35
N THR N 372 -23.21 -11.25 -40.31
CA THR N 372 -21.77 -11.42 -40.21
C THR N 372 -21.31 -11.48 -38.77
N LYS N 373 -22.25 -11.47 -37.84
CA LYS N 373 -21.89 -11.71 -36.43
C LYS N 373 -22.13 -13.20 -36.25
N LEU N 374 -22.73 -13.86 -37.23
CA LEU N 374 -22.83 -15.33 -37.10
C LEU N 374 -21.41 -15.87 -37.11
N ASN N 375 -20.57 -15.41 -38.05
CA ASN N 375 -19.17 -15.91 -38.18
C ASN N 375 -18.26 -15.09 -37.26
N ASP N 376 -18.83 -14.12 -36.53
CA ASP N 376 -18.07 -13.32 -35.59
C ASP N 376 -18.52 -13.47 -34.15
N LEU N 377 -19.65 -14.10 -33.88
CA LEU N 377 -20.20 -14.14 -32.53
C LEU N 377 -20.59 -15.56 -32.17
N CYS N 378 -20.09 -16.03 -31.03
CA CYS N 378 -20.39 -17.37 -30.54
C CYS N 378 -21.74 -17.40 -29.83
N PHE N 379 -22.36 -18.58 -29.84
CA PHE N 379 -23.67 -18.78 -29.22
C PHE N 379 -23.60 -19.88 -28.16
N THR N 380 -24.74 -20.18 -27.56
CA THR N 380 -24.74 -20.95 -26.33
C THR N 380 -25.49 -22.28 -26.47
N ASN N 381 -26.81 -22.24 -26.41
CA ASN N 381 -27.65 -23.42 -26.63
C ASN N 381 -28.19 -23.30 -28.03
N VAL N 382 -27.65 -24.08 -28.95
CA VAL N 382 -27.90 -23.88 -30.37
C VAL N 382 -28.78 -25.01 -30.88
N TYR N 383 -30.05 -24.69 -31.15
CA TYR N 383 -31.00 -25.66 -31.67
C TYR N 383 -31.54 -25.14 -32.99
N ALA N 384 -31.07 -25.74 -34.08
CA ALA N 384 -31.59 -25.44 -35.40
C ALA N 384 -32.79 -26.35 -35.64
N ASP N 385 -33.96 -25.75 -35.84
CA ASP N 385 -35.22 -26.47 -35.71
C ASP N 385 -35.60 -27.06 -37.06
N SER N 386 -35.58 -28.39 -37.16
CA SER N 386 -35.78 -29.05 -38.45
C SER N 386 -37.25 -29.44 -38.59
N PHE N 387 -37.93 -28.80 -39.54
CA PHE N 387 -39.34 -29.06 -39.78
C PHE N 387 -39.73 -28.63 -41.18
N VAL N 388 -40.90 -29.11 -41.62
CA VAL N 388 -41.48 -28.78 -42.93
C VAL N 388 -42.78 -28.02 -42.71
N ILE N 389 -42.91 -26.85 -43.34
CA ILE N 389 -44.15 -26.10 -43.25
C ILE N 389 -44.70 -25.86 -44.64
N ARG N 390 -46.00 -25.58 -44.71
CA ARG N 390 -46.62 -25.17 -45.96
C ARG N 390 -46.13 -23.75 -46.32
N GLY N 391 -46.27 -23.39 -47.59
CA GLY N 391 -45.64 -22.21 -48.12
C GLY N 391 -45.88 -20.89 -47.42
N ASP N 392 -47.14 -20.45 -47.30
CA ASP N 392 -47.39 -19.16 -46.67
C ASP N 392 -47.01 -19.14 -45.20
N GLU N 393 -46.61 -20.27 -44.64
CA GLU N 393 -46.51 -20.40 -43.20
C GLU N 393 -45.22 -19.84 -42.63
N VAL N 394 -44.36 -19.26 -43.47
CA VAL N 394 -43.14 -18.64 -42.97
C VAL N 394 -43.48 -17.37 -42.18
N ARG N 395 -44.44 -16.60 -42.67
CA ARG N 395 -45.05 -15.57 -41.84
C ARG N 395 -45.42 -16.15 -40.49
N GLN N 396 -46.21 -17.24 -40.52
CA GLN N 396 -46.77 -17.82 -39.30
C GLN N 396 -45.70 -18.38 -38.37
N ILE N 397 -44.45 -18.32 -38.80
CA ILE N 397 -43.32 -18.76 -37.92
C ILE N 397 -42.52 -17.50 -37.54
N ALA N 398 -43.04 -16.72 -36.59
CA ALA N 398 -42.32 -15.52 -36.11
C ALA N 398 -42.85 -15.13 -34.72
N PRO N 399 -42.15 -14.31 -33.92
CA PRO N 399 -42.68 -13.84 -32.64
C PRO N 399 -43.95 -13.02 -32.80
N GLY N 400 -44.93 -13.20 -31.91
CA GLY N 400 -46.17 -12.38 -31.93
C GLY N 400 -46.87 -12.47 -33.28
N GLN N 401 -46.94 -13.67 -33.86
CA GLN N 401 -47.53 -13.80 -35.22
C GLN N 401 -48.82 -14.61 -35.18
N THR N 402 -49.96 -13.96 -34.91
CA THR N 402 -51.24 -14.62 -34.93
C THR N 402 -51.28 -15.44 -36.21
N GLY N 403 -51.61 -16.71 -36.08
CA GLY N 403 -51.64 -17.59 -37.24
C GLY N 403 -51.84 -19.03 -36.84
N LYS N 404 -52.01 -19.87 -37.85
CA LYS N 404 -52.22 -21.29 -37.62
C LYS N 404 -50.95 -21.97 -37.12
N ILE N 405 -49.86 -21.77 -37.86
CA ILE N 405 -48.58 -22.35 -37.37
C ILE N 405 -48.32 -21.82 -35.96
N ALA N 406 -48.16 -20.51 -35.80
CA ALA N 406 -47.77 -20.00 -34.46
C ALA N 406 -48.83 -20.35 -33.41
N ASP N 407 -50.10 -20.05 -33.65
CA ASP N 407 -51.08 -20.28 -32.55
C ASP N 407 -51.20 -21.77 -32.20
N TYR N 408 -50.88 -22.67 -33.14
CA TYR N 408 -51.19 -24.09 -32.85
C TYR N 408 -50.04 -25.11 -32.92
N ASN N 409 -49.46 -25.40 -34.09
CA ASN N 409 -48.56 -26.54 -34.17
C ASN N 409 -47.10 -26.16 -33.94
N TYR N 410 -46.64 -25.05 -34.50
CA TYR N 410 -45.27 -24.60 -34.29
C TYR N 410 -45.34 -23.15 -33.82
N LYS N 411 -44.97 -22.92 -32.57
CA LYS N 411 -45.07 -21.60 -31.97
C LYS N 411 -43.71 -21.19 -31.44
N LEU N 412 -43.28 -19.97 -31.78
CA LEU N 412 -42.01 -19.45 -31.33
C LEU N 412 -42.18 -18.28 -30.37
N PRO N 413 -41.21 -18.03 -29.51
CA PRO N 413 -41.37 -16.99 -28.48
C PRO N 413 -41.29 -15.60 -29.08
N ASP N 414 -41.73 -14.62 -28.28
CA ASP N 414 -41.41 -13.23 -28.59
C ASP N 414 -39.96 -12.90 -28.25
N ASP N 415 -39.34 -13.68 -27.37
CA ASP N 415 -37.95 -13.49 -26.94
C ASP N 415 -36.94 -14.37 -27.67
N PHE N 416 -37.37 -15.10 -28.71
CA PHE N 416 -36.46 -15.99 -29.43
C PHE N 416 -35.44 -15.23 -30.27
N THR N 417 -34.17 -15.55 -30.06
CA THR N 417 -33.08 -14.97 -30.85
C THR N 417 -32.49 -16.02 -31.78
N GLY N 418 -32.72 -15.85 -33.07
CA GLY N 418 -32.35 -16.91 -33.99
C GLY N 418 -33.14 -16.81 -35.28
N CYS N 419 -33.34 -17.97 -35.91
CA CYS N 419 -33.66 -18.04 -37.32
C CYS N 419 -35.12 -18.38 -37.56
N VAL N 420 -35.59 -17.94 -38.73
CA VAL N 420 -36.67 -18.58 -39.47
C VAL N 420 -36.25 -18.57 -40.94
N ILE N 421 -36.19 -19.74 -41.56
CA ILE N 421 -35.62 -19.87 -42.89
C ILE N 421 -36.47 -20.82 -43.72
N ALA N 422 -36.84 -20.40 -44.93
CA ALA N 422 -37.73 -21.16 -45.79
C ALA N 422 -36.99 -21.67 -47.01
N TRP N 423 -37.46 -22.79 -47.55
CA TRP N 423 -37.17 -23.21 -48.92
C TRP N 423 -38.23 -24.20 -49.36
N ASN N 424 -38.41 -24.30 -50.68
CA ASN N 424 -39.44 -25.19 -51.21
C ASN N 424 -38.97 -26.63 -51.14
N SER N 425 -39.75 -27.47 -50.46
CA SER N 425 -39.57 -28.91 -50.53
C SER N 425 -40.58 -29.55 -51.46
N ASN N 426 -41.43 -28.76 -52.12
CA ASN N 426 -42.26 -29.29 -53.20
C ASN N 426 -41.40 -30.04 -54.20
N ASN N 427 -40.17 -29.56 -54.42
CA ASN N 427 -39.21 -30.28 -55.25
C ASN N 427 -38.85 -31.63 -54.64
N LEU N 428 -39.09 -31.85 -53.35
CA LEU N 428 -38.78 -33.14 -52.74
C LEU N 428 -39.95 -33.70 -51.92
N ASP N 429 -40.30 -33.02 -50.83
CA ASP N 429 -41.27 -33.56 -49.87
C ASP N 429 -42.62 -33.87 -50.52
N SER N 430 -42.92 -33.25 -51.64
CA SER N 430 -44.20 -33.52 -52.31
C SER N 430 -44.25 -34.96 -52.80
N LYS N 431 -45.46 -35.51 -52.85
CA LYS N 431 -45.66 -36.85 -53.37
C LYS N 431 -46.94 -36.93 -54.20
N GLY N 434 -48.68 -39.13 -53.07
CA GLY N 434 -49.42 -38.28 -52.15
C GLY N 434 -49.03 -38.48 -50.71
N ASN N 435 -48.43 -37.45 -50.11
CA ASN N 435 -47.95 -37.53 -48.74
C ASN N 435 -48.95 -36.81 -47.84
N TYR N 436 -49.74 -37.60 -47.10
CA TYR N 436 -50.59 -37.08 -46.04
C TYR N 436 -49.99 -37.29 -44.66
N ASN N 437 -48.82 -37.93 -44.58
CA ASN N 437 -48.11 -38.06 -43.31
C ASN N 437 -47.78 -36.68 -42.75
N TYR N 438 -47.44 -35.74 -43.63
CA TYR N 438 -47.33 -34.35 -43.22
C TYR N 438 -48.66 -33.89 -42.64
N LEU N 439 -48.56 -33.09 -41.59
CA LEU N 439 -49.67 -32.85 -40.69
C LEU N 439 -49.43 -31.49 -40.05
N TYR N 440 -50.47 -30.96 -39.43
CA TYR N 440 -50.39 -29.68 -38.76
C TYR N 440 -51.46 -29.62 -37.69
N ARG N 441 -51.28 -28.73 -36.73
CA ARG N 441 -52.32 -28.50 -35.75
C ARG N 441 -53.17 -27.36 -36.27
N LEU N 442 -54.38 -27.69 -36.73
CA LEU N 442 -55.26 -26.67 -37.25
C LEU N 442 -55.90 -25.91 -36.10
N PHE N 443 -56.12 -26.58 -34.96
CA PHE N 443 -56.70 -25.91 -33.80
C PHE N 443 -56.20 -26.50 -32.49
N ARG N 444 -56.07 -25.62 -31.51
CA ARG N 444 -55.52 -25.83 -30.18
C ARG N 444 -56.10 -24.70 -29.33
N LYS N 445 -56.13 -24.88 -28.02
CA LYS N 445 -56.88 -23.96 -27.17
C LYS N 445 -56.03 -22.84 -26.58
N SER N 446 -54.75 -22.75 -26.94
CA SER N 446 -53.89 -21.66 -26.50
C SER N 446 -52.69 -21.59 -27.43
N ASN N 447 -51.79 -20.67 -27.13
CA ASN N 447 -50.49 -20.61 -27.78
C ASN N 447 -49.51 -21.50 -27.03
N LEU N 448 -48.60 -22.12 -27.76
CA LEU N 448 -47.55 -22.91 -27.14
C LEU N 448 -46.60 -21.99 -26.37
N LYS N 449 -46.12 -22.50 -25.23
CA LYS N 449 -45.15 -21.78 -24.42
C LYS N 449 -43.85 -21.70 -25.22
N PRO N 450 -42.91 -20.82 -24.82
CA PRO N 450 -41.70 -20.66 -25.63
C PRO N 450 -40.96 -21.98 -25.89
N PHE N 451 -40.77 -22.26 -27.17
CA PHE N 451 -40.21 -23.50 -27.69
C PHE N 451 -40.98 -24.75 -27.25
N GLU N 452 -42.21 -24.62 -26.77
CA GLU N 452 -42.96 -25.81 -26.42
C GLU N 452 -43.65 -26.37 -27.65
N ARG N 453 -43.92 -27.68 -27.62
CA ARG N 453 -44.64 -28.37 -28.66
C ARG N 453 -45.95 -28.91 -28.09
N ASP N 454 -46.94 -29.11 -28.96
CA ASP N 454 -48.18 -29.77 -28.57
C ASP N 454 -48.31 -31.05 -29.39
N ILE N 455 -48.28 -32.19 -28.71
CA ILE N 455 -48.28 -33.49 -29.37
C ILE N 455 -49.67 -34.08 -29.47
N SER N 456 -50.71 -33.35 -29.05
CA SER N 456 -51.98 -33.98 -28.69
C SER N 456 -52.65 -34.61 -29.91
N THR N 457 -52.92 -35.91 -29.81
CA THR N 457 -53.87 -36.60 -30.67
C THR N 457 -55.24 -36.65 -30.03
N GLU N 458 -55.39 -36.01 -28.87
CA GLU N 458 -56.64 -36.01 -28.12
C GLU N 458 -57.75 -35.39 -28.94
N ILE N 459 -58.99 -35.81 -28.67
CA ILE N 459 -60.14 -35.23 -29.34
C ILE N 459 -60.21 -33.74 -29.06
N TYR N 460 -60.41 -32.95 -30.12
CA TYR N 460 -60.78 -31.54 -29.96
C TYR N 460 -62.28 -31.50 -29.68
N GLN N 461 -62.65 -30.98 -28.51
CA GLN N 461 -63.98 -31.14 -27.96
C GLN N 461 -64.71 -29.80 -28.12
N ALA N 462 -65.64 -29.76 -29.08
CA ALA N 462 -66.33 -28.51 -29.37
C ALA N 462 -67.47 -28.25 -28.41
N GLY N 463 -68.30 -29.27 -28.15
CA GLY N 463 -69.40 -29.14 -27.23
C GLY N 463 -69.15 -29.84 -25.89
N SER N 464 -70.01 -29.51 -24.92
CA SER N 464 -69.95 -30.16 -23.61
C SER N 464 -70.30 -31.64 -23.68
N THR N 465 -70.73 -32.13 -24.85
CA THR N 465 -70.98 -33.55 -25.06
C THR N 465 -69.65 -34.27 -25.26
N PRO N 466 -69.25 -35.13 -24.33
CA PRO N 466 -67.93 -35.76 -24.43
C PRO N 466 -67.90 -36.75 -25.58
N CYS N 467 -66.83 -36.68 -26.38
CA CYS N 467 -66.72 -37.53 -27.56
C CYS N 467 -66.25 -38.93 -27.19
N ASN N 468 -65.39 -39.05 -26.18
CA ASN N 468 -64.97 -40.33 -25.59
C ASN N 468 -64.16 -41.20 -26.56
N GLY N 469 -63.37 -40.59 -27.45
CA GLY N 469 -62.54 -41.36 -28.35
C GLY N 469 -63.20 -41.85 -29.61
N VAL N 470 -64.38 -41.34 -29.96
CA VAL N 470 -65.04 -41.60 -31.23
C VAL N 470 -65.54 -40.27 -31.78
N GLU N 471 -65.90 -40.29 -33.06
CA GLU N 471 -66.44 -39.11 -33.72
C GLU N 471 -67.93 -38.94 -33.47
N GLY N 472 -68.37 -37.70 -33.56
CA GLY N 472 -69.73 -37.34 -33.21
C GLY N 472 -70.02 -35.94 -33.71
N PHE N 473 -71.08 -35.34 -33.16
CA PHE N 473 -71.45 -33.99 -33.58
C PHE N 473 -70.38 -33.02 -33.11
N ASN N 474 -69.76 -32.31 -34.06
CA ASN N 474 -68.63 -31.42 -33.78
C ASN N 474 -67.58 -32.08 -32.90
N CYS N 475 -67.36 -33.39 -33.09
CA CYS N 475 -66.24 -34.08 -32.49
C CYS N 475 -65.08 -34.03 -33.48
N TYR N 476 -63.98 -33.39 -33.06
CA TYR N 476 -62.86 -33.12 -33.93
C TYR N 476 -61.59 -33.77 -33.39
N PHE N 477 -60.77 -34.24 -34.33
CA PHE N 477 -59.36 -34.51 -34.12
C PHE N 477 -58.62 -33.24 -34.56
N PRO N 478 -58.04 -32.49 -33.62
CA PRO N 478 -57.57 -31.13 -33.95
C PRO N 478 -56.44 -31.10 -34.98
N LEU N 479 -55.46 -32.01 -34.87
CA LEU N 479 -54.41 -32.08 -35.87
C LEU N 479 -55.00 -32.44 -37.23
N GLN N 480 -54.45 -31.89 -38.30
CA GLN N 480 -54.89 -32.19 -39.65
C GLN N 480 -53.66 -32.26 -40.56
N SER N 481 -53.85 -32.78 -41.78
CA SER N 481 -52.78 -33.04 -42.72
C SER N 481 -52.89 -32.13 -43.94
N TYR N 482 -51.74 -31.90 -44.59
CA TYR N 482 -51.68 -31.22 -45.86
C TYR N 482 -51.53 -32.27 -46.95
N GLY N 483 -52.55 -32.42 -47.79
CA GLY N 483 -52.39 -33.17 -49.02
C GLY N 483 -51.45 -32.42 -49.94
N PHE N 484 -50.38 -33.09 -50.39
CA PHE N 484 -49.41 -32.46 -51.29
C PHE N 484 -49.64 -32.95 -52.71
N GLN N 485 -50.02 -32.02 -53.58
CA GLN N 485 -50.44 -32.33 -54.93
C GLN N 485 -49.28 -32.02 -55.86
N PRO N 486 -48.65 -33.02 -56.50
CA PRO N 486 -47.39 -32.78 -57.22
C PRO N 486 -47.48 -31.67 -58.27
N THR N 487 -48.67 -31.15 -58.54
CA THR N 487 -48.82 -29.91 -59.30
C THR N 487 -48.76 -28.67 -58.42
N ASN N 488 -48.38 -28.82 -57.14
CA ASN N 488 -48.38 -27.72 -56.18
C ASN N 488 -47.71 -26.47 -56.76
N GLY N 489 -48.31 -25.31 -56.51
CA GLY N 489 -47.77 -24.03 -56.88
C GLY N 489 -47.23 -23.26 -55.70
N VAL N 490 -46.74 -22.04 -56.00
CA VAL N 490 -45.94 -21.27 -55.03
C VAL N 490 -46.69 -21.08 -53.71
N GLY N 491 -48.03 -20.94 -53.77
CA GLY N 491 -48.81 -20.88 -52.55
C GLY N 491 -49.00 -22.23 -51.87
N TYR N 492 -49.01 -23.31 -52.65
CA TYR N 492 -49.26 -24.65 -52.15
C TYR N 492 -48.01 -25.45 -51.90
N GLN N 493 -46.84 -24.91 -52.18
CA GLN N 493 -45.61 -25.67 -51.98
C GLN N 493 -45.25 -25.71 -50.50
N PRO N 494 -44.83 -26.88 -50.00
CA PRO N 494 -44.30 -26.92 -48.63
C PRO N 494 -42.99 -26.17 -48.57
N TYR N 495 -42.75 -25.51 -47.45
CA TYR N 495 -41.43 -24.97 -47.15
C TYR N 495 -40.90 -25.66 -45.91
N ARG N 496 -39.87 -26.46 -46.09
CA ARG N 496 -39.05 -26.85 -44.96
C ARG N 496 -38.52 -25.57 -44.31
N VAL N 497 -38.68 -25.43 -43.00
CA VAL N 497 -38.29 -24.19 -42.34
C VAL N 497 -37.51 -24.50 -41.07
N VAL N 498 -36.42 -23.75 -40.84
CA VAL N 498 -35.53 -24.01 -39.71
C VAL N 498 -35.31 -22.75 -38.90
N VAL N 499 -35.07 -22.96 -37.62
CA VAL N 499 -35.05 -21.97 -36.56
C VAL N 499 -33.87 -22.30 -35.65
N LEU N 500 -32.90 -21.39 -35.51
CA LEU N 500 -31.76 -21.57 -34.61
C LEU N 500 -32.06 -21.02 -33.23
N SER N 501 -32.20 -21.89 -32.25
CA SER N 501 -32.30 -21.47 -30.87
C SER N 501 -30.92 -21.07 -30.38
N PHE N 502 -30.82 -19.90 -29.76
CA PHE N 502 -29.65 -19.59 -28.94
C PHE N 502 -29.99 -18.41 -28.04
N GLU N 503 -29.19 -18.26 -26.97
CA GLU N 503 -29.42 -17.16 -25.99
C GLU N 503 -28.50 -15.99 -26.37
N LEU N 504 -27.76 -16.11 -27.49
CA LEU N 504 -26.86 -15.03 -27.98
C LEU N 504 -25.60 -14.91 -27.10
N LEU N 505 -25.76 -14.66 -25.80
CA LEU N 505 -24.60 -14.45 -24.90
C LEU N 505 -24.95 -14.94 -23.48
N HIS N 506 -23.99 -14.84 -22.55
CA HIS N 506 -24.21 -15.24 -21.12
C HIS N 506 -24.02 -16.75 -20.92
N ALA N 507 -23.57 -17.47 -21.95
CA ALA N 507 -23.27 -18.91 -21.77
C ALA N 507 -22.05 -19.32 -22.64
N PRO N 508 -21.35 -20.47 -22.41
CA PRO N 508 -20.12 -20.78 -23.13
C PRO N 508 -20.33 -20.87 -24.63
N ALA N 509 -19.22 -20.74 -25.36
CA ALA N 509 -19.28 -20.80 -26.80
C ALA N 509 -19.40 -22.25 -27.18
N THR N 510 -20.53 -22.60 -27.77
CA THR N 510 -20.77 -23.94 -28.28
C THR N 510 -20.67 -23.93 -29.79
N VAL N 511 -21.60 -23.25 -30.46
CA VAL N 511 -21.31 -22.70 -31.77
C VAL N 511 -20.54 -21.42 -31.53
N CYS N 512 -19.31 -21.38 -32.00
CA CYS N 512 -18.53 -20.17 -31.88
C CYS N 512 -18.51 -19.45 -33.21
N GLY N 513 -17.76 -18.36 -33.27
CA GLY N 513 -17.38 -17.81 -34.55
C GLY N 513 -16.07 -18.40 -34.98
N PRO N 514 -15.76 -18.51 -36.29
CA PRO N 514 -14.41 -18.87 -36.72
C PRO N 514 -13.49 -17.76 -36.20
N LYS N 515 -12.71 -18.04 -35.15
CA LYS N 515 -11.88 -16.98 -34.53
C LYS N 515 -10.82 -16.55 -35.55
N LYS N 516 -10.34 -15.31 -35.45
CA LYS N 516 -9.39 -14.80 -36.48
C LYS N 516 -8.10 -15.64 -36.51
N SER N 517 -7.60 -15.95 -37.71
CA SER N 517 -6.31 -16.65 -37.84
C SER N 517 -5.42 -15.81 -38.78
N THR N 518 -4.21 -15.42 -38.36
CA THR N 518 -3.39 -14.51 -39.21
C THR N 518 -2.10 -15.20 -39.63
N ASN N 519 -1.64 -14.92 -40.85
CA ASN N 519 -0.44 -15.64 -41.39
C ASN N 519 0.71 -15.55 -40.41
N LEU N 520 1.38 -16.66 -40.17
CA LEU N 520 2.49 -16.76 -39.19
C LEU N 520 3.72 -16.03 -39.74
N VAL N 521 4.52 -15.44 -38.85
CA VAL N 521 5.76 -14.70 -39.26
C VAL N 521 6.98 -15.50 -38.78
N LYS N 522 7.94 -15.74 -39.68
CA LYS N 522 9.15 -16.53 -39.35
C LYS N 522 10.40 -15.68 -39.52
N ASN N 523 11.30 -15.72 -38.51
CA ASN N 523 12.59 -14.97 -38.51
C ASN N 523 12.33 -13.46 -38.62
N LYS N 524 11.39 -12.93 -37.82
CA LYS N 524 11.09 -11.52 -37.83
C LYS N 524 10.32 -11.20 -36.56
N CYS N 525 10.73 -10.12 -35.88
CA CYS N 525 10.06 -9.74 -34.63
C CYS N 525 8.59 -9.53 -34.88
N VAL N 526 7.76 -10.23 -34.12
CA VAL N 526 6.31 -10.17 -34.29
C VAL N 526 5.65 -10.25 -32.92
N ASN N 527 4.65 -9.41 -32.72
CA ASN N 527 3.68 -9.71 -31.68
C ASN N 527 2.90 -10.94 -32.11
N PHE N 528 2.37 -11.68 -31.15
CA PHE N 528 1.71 -12.92 -31.52
C PHE N 528 0.65 -13.30 -30.51
N ASN N 529 -0.26 -14.16 -30.97
CA ASN N 529 -1.13 -14.93 -30.11
C ASN N 529 -1.24 -16.33 -30.69
N PHE N 530 -1.02 -17.34 -29.85
CA PHE N 530 -1.28 -18.74 -30.18
C PHE N 530 -2.27 -19.28 -29.16
N ASN N 531 -3.46 -19.66 -29.63
CA ASN N 531 -4.43 -20.33 -28.79
C ASN N 531 -4.78 -19.52 -27.55
N GLY N 532 -4.65 -18.20 -27.66
CA GLY N 532 -4.81 -17.31 -26.53
C GLY N 532 -3.52 -16.98 -25.81
N LEU N 533 -2.52 -17.84 -25.90
CA LEU N 533 -1.21 -17.50 -25.37
C LEU N 533 -0.65 -16.30 -26.13
N THR N 534 -0.24 -15.28 -25.41
CA THR N 534 0.25 -14.06 -26.04
C THR N 534 1.63 -13.70 -25.54
N GLY N 535 2.41 -13.10 -26.43
CA GLY N 535 3.72 -12.58 -26.09
C GLY N 535 4.32 -11.91 -27.30
N THR N 536 5.60 -11.60 -27.22
CA THR N 536 6.29 -11.02 -28.36
C THR N 536 7.67 -11.64 -28.48
N GLY N 537 7.98 -12.16 -29.66
CA GLY N 537 9.25 -12.84 -29.82
C GLY N 537 9.61 -12.99 -31.27
N VAL N 538 10.65 -13.79 -31.50
CA VAL N 538 11.12 -14.13 -32.83
C VAL N 538 10.85 -15.61 -33.04
N LEU N 539 9.89 -15.92 -33.89
CA LEU N 539 9.46 -17.30 -34.09
C LEU N 539 10.35 -17.96 -35.13
N THR N 540 10.86 -19.15 -34.80
CA THR N 540 11.77 -19.86 -35.66
C THR N 540 11.36 -21.33 -35.72
N GLU N 541 11.96 -22.06 -36.67
CA GLU N 541 11.86 -23.51 -36.67
C GLU N 541 12.76 -24.08 -35.58
N SER N 542 12.27 -25.08 -34.88
CA SER N 542 13.01 -25.66 -33.76
C SER N 542 12.79 -27.16 -33.72
N ASN N 543 13.84 -27.87 -33.31
CA ASN N 543 13.86 -29.33 -33.34
C ASN N 543 13.51 -29.98 -32.03
N LYS N 544 13.24 -29.22 -30.97
CA LYS N 544 12.77 -29.84 -29.75
C LYS N 544 11.44 -30.53 -29.99
N LYS N 545 11.25 -31.68 -29.34
CA LYS N 545 10.24 -32.65 -29.75
C LYS N 545 9.21 -32.82 -28.66
N PHE N 546 7.99 -32.37 -28.91
CA PHE N 546 6.92 -32.47 -27.92
C PHE N 546 6.37 -33.88 -27.81
N LEU N 547 5.68 -34.11 -26.71
CA LEU N 547 4.69 -35.17 -26.65
C LEU N 547 3.37 -34.65 -27.20
N PRO N 548 2.60 -35.51 -27.88
CA PRO N 548 1.48 -35.02 -28.70
C PRO N 548 0.48 -34.14 -27.98
N PHE N 549 0.01 -34.54 -26.80
CA PHE N 549 -1.04 -33.77 -26.13
C PHE N 549 -0.57 -32.40 -25.71
N GLN N 550 0.73 -32.17 -25.67
CA GLN N 550 1.29 -30.97 -25.08
C GLN N 550 0.95 -29.73 -25.87
N GLN N 551 1.12 -28.58 -25.22
CA GLN N 551 0.94 -27.31 -25.89
C GLN N 551 2.22 -26.50 -25.86
N PHE N 552 2.51 -25.90 -24.72
CA PHE N 552 3.69 -25.05 -24.56
C PHE N 552 4.95 -25.89 -24.44
N GLY N 553 6.07 -25.24 -24.68
CA GLY N 553 7.29 -25.55 -23.98
C GLY N 553 7.57 -24.45 -22.95
N ARG N 554 8.52 -24.72 -22.05
CA ARG N 554 8.95 -23.72 -21.11
C ARG N 554 10.42 -23.91 -20.78
N ASP N 555 11.00 -22.86 -20.23
CA ASP N 555 12.41 -22.83 -19.86
C ASP N 555 12.50 -22.88 -18.33
N ILE N 556 13.74 -22.82 -17.83
CA ILE N 556 13.98 -22.88 -16.39
C ILE N 556 13.24 -21.77 -15.67
N ALA N 557 13.08 -20.62 -16.32
CA ALA N 557 12.64 -19.39 -15.67
C ALA N 557 11.13 -19.21 -15.68
N ASP N 558 10.37 -20.21 -16.12
CA ASP N 558 8.92 -20.12 -16.26
C ASP N 558 8.51 -19.10 -17.33
N THR N 559 9.42 -18.76 -18.22
CA THR N 559 9.08 -18.06 -19.45
C THR N 559 8.41 -19.02 -20.40
N THR N 560 7.76 -18.48 -21.44
CA THR N 560 7.25 -19.34 -22.50
C THR N 560 8.32 -19.41 -23.59
N ASP N 561 9.05 -20.53 -23.63
CA ASP N 561 10.20 -20.65 -24.52
C ASP N 561 9.84 -21.11 -25.92
N ALA N 562 8.98 -22.12 -26.04
CA ALA N 562 8.72 -22.76 -27.32
C ALA N 562 7.25 -23.12 -27.37
N VAL N 563 6.63 -22.86 -28.51
CA VAL N 563 5.21 -23.15 -28.68
C VAL N 563 5.04 -23.92 -29.98
N ARG N 564 3.92 -24.61 -30.07
CA ARG N 564 3.59 -25.40 -31.23
C ARG N 564 2.48 -24.72 -32.01
N ASP N 565 2.69 -24.55 -33.30
CA ASP N 565 1.70 -23.90 -34.13
C ASP N 565 0.45 -24.78 -34.14
N PRO N 566 -0.73 -24.32 -33.65
CA PRO N 566 -1.94 -25.16 -33.74
C PRO N 566 -2.31 -25.67 -35.14
N GLN N 567 -2.45 -24.79 -36.14
CA GLN N 567 -2.94 -25.23 -37.47
C GLN N 567 -1.98 -26.23 -38.14
N THR N 568 -0.68 -25.94 -38.19
CA THR N 568 0.30 -26.89 -38.76
C THR N 568 1.24 -27.26 -37.62
N LEU N 569 1.17 -28.49 -37.12
CA LEU N 569 1.96 -28.77 -35.94
C LEU N 569 3.43 -28.59 -36.26
N GLU N 570 4.07 -27.66 -35.58
CA GLU N 570 5.50 -27.47 -35.72
C GLU N 570 6.00 -26.82 -34.44
N ILE N 571 7.26 -27.07 -34.13
CA ILE N 571 7.83 -26.61 -32.87
C ILE N 571 8.49 -25.27 -33.13
N LEU N 572 7.91 -24.22 -32.58
CA LEU N 572 8.35 -22.87 -32.84
C LEU N 572 8.98 -22.29 -31.59
N ASP N 573 10.25 -21.94 -31.67
CA ASP N 573 10.87 -21.23 -30.57
C ASP N 573 10.25 -19.84 -30.42
N ILE N 574 10.42 -19.28 -29.24
CA ILE N 574 10.11 -17.89 -28.99
C ILE N 574 11.35 -17.28 -28.37
N THR N 575 12.01 -16.41 -29.12
CA THR N 575 13.07 -15.56 -28.59
C THR N 575 12.59 -14.14 -28.71
N PRO N 576 12.32 -13.44 -27.60
CA PRO N 576 11.90 -12.05 -27.72
C PRO N 576 12.98 -11.23 -28.39
N CYS N 577 12.55 -10.22 -29.12
CA CYS N 577 13.45 -9.47 -29.97
C CYS N 577 14.62 -8.96 -29.16
N SER N 578 15.79 -8.98 -29.78
CA SER N 578 17.02 -8.64 -29.08
C SER N 578 16.97 -7.21 -28.58
N PHE N 579 17.71 -6.96 -27.51
CA PHE N 579 17.86 -5.61 -27.00
C PHE N 579 19.15 -5.55 -26.21
N GLY N 580 19.65 -4.34 -26.01
CA GLY N 580 20.90 -4.18 -25.31
C GLY N 580 21.16 -2.73 -25.01
N GLY N 581 22.10 -2.51 -24.10
CA GLY N 581 22.48 -1.15 -23.75
C GLY N 581 23.21 -0.49 -24.90
N VAL N 582 22.75 0.69 -25.30
CA VAL N 582 23.58 1.54 -26.14
C VAL N 582 24.76 2.04 -25.32
N SER N 583 25.94 2.00 -25.91
CA SER N 583 27.13 2.55 -25.26
C SER N 583 27.75 3.54 -26.21
N VAL N 584 27.87 4.78 -25.78
CA VAL N 584 28.48 5.82 -26.60
C VAL N 584 29.96 5.85 -26.27
N ILE N 585 30.77 5.39 -27.20
CA ILE N 585 32.22 5.42 -27.03
C ILE N 585 32.71 6.74 -27.59
N THR N 586 33.38 7.52 -26.75
CA THR N 586 33.89 8.78 -27.19
C THR N 586 35.24 9.05 -26.56
N PRO N 587 36.15 9.69 -27.29
CA PRO N 587 37.24 10.37 -26.61
C PRO N 587 36.65 11.54 -25.87
N GLY N 588 37.44 12.30 -25.12
CA GLY N 588 36.89 13.47 -24.46
C GLY N 588 36.24 14.39 -25.48
N THR N 589 35.12 14.98 -25.08
CA THR N 589 34.54 16.01 -25.93
C THR N 589 35.54 17.11 -26.21
N ASN N 590 36.58 17.18 -25.38
CA ASN N 590 37.71 18.05 -25.62
C ASN N 590 38.32 17.82 -26.98
N THR N 591 38.70 16.58 -27.28
CA THR N 591 39.44 16.29 -28.50
C THR N 591 38.54 16.21 -29.72
N SER N 592 37.29 15.77 -29.55
CA SER N 592 36.44 15.62 -30.72
C SER N 592 34.98 15.63 -30.32
N ASN N 593 34.14 15.88 -31.32
CA ASN N 593 32.70 15.70 -31.22
C ASN N 593 32.25 14.37 -31.79
N GLN N 594 33.18 13.53 -32.23
CA GLN N 594 32.84 12.31 -32.94
C GLN N 594 32.66 11.17 -31.95
N VAL N 595 31.61 10.40 -32.13
CA VAL N 595 31.33 9.27 -31.25
C VAL N 595 31.22 8.01 -32.09
N ALA N 596 31.52 6.88 -31.46
CA ALA N 596 31.34 5.57 -32.06
C ALA N 596 30.40 4.79 -31.15
N VAL N 597 29.22 4.50 -31.64
CA VAL N 597 28.22 3.87 -30.79
C VAL N 597 28.42 2.37 -30.82
N LEU N 598 28.27 1.75 -29.66
CA LEU N 598 28.30 0.30 -29.53
C LEU N 598 26.92 -0.16 -29.10
N TYR N 599 26.21 -0.86 -29.98
CA TYR N 599 25.02 -1.59 -29.57
C TYR N 599 25.48 -2.91 -28.96
N GLN N 600 25.16 -3.13 -27.70
CA GLN N 600 25.66 -4.31 -27.03
C GLN N 600 24.78 -5.51 -27.32
N ASP N 601 25.45 -6.62 -27.65
CA ASP N 601 24.81 -7.94 -27.70
C ASP N 601 23.64 -7.97 -28.69
N VAL N 602 23.90 -7.52 -29.90
CA VAL N 602 22.98 -7.74 -31.01
C VAL N 602 23.81 -8.12 -32.22
N ASN N 603 23.24 -8.97 -33.07
CA ASN N 603 23.82 -9.18 -34.38
C ASN N 603 23.59 -7.91 -35.18
N CYS N 604 24.46 -7.62 -36.16
CA CYS N 604 24.28 -6.34 -36.82
C CYS N 604 23.31 -6.54 -37.97
N THR N 605 22.05 -6.25 -37.70
CA THR N 605 21.00 -6.01 -38.68
C THR N 605 20.13 -4.88 -38.15
N GLU N 606 19.54 -5.11 -36.97
CA GLU N 606 18.46 -4.30 -36.40
C GLU N 606 18.79 -2.83 -36.27
N VAL N 607 20.04 -2.46 -36.46
CA VAL N 607 20.41 -1.07 -36.65
C VAL N 607 19.46 -0.35 -37.59
N ASN N 628 29.73 3.48 -40.97
CA ASN N 628 30.56 2.26 -41.00
C ASN N 628 30.15 1.31 -39.89
N VAL N 629 30.08 0.02 -40.20
CA VAL N 629 29.62 -0.99 -39.27
C VAL N 629 30.68 -2.05 -39.10
N PHE N 630 30.92 -2.45 -37.86
CA PHE N 630 31.87 -3.50 -37.52
C PHE N 630 31.25 -4.40 -36.47
N GLN N 631 31.05 -5.66 -36.82
CA GLN N 631 30.55 -6.65 -35.87
C GLN N 631 31.68 -7.03 -34.91
N THR N 632 31.31 -7.32 -33.67
CA THR N 632 32.28 -7.61 -32.63
C THR N 632 31.89 -8.86 -31.88
N ARG N 633 32.68 -9.19 -30.87
CA ARG N 633 32.27 -10.18 -29.90
C ARG N 633 31.34 -9.57 -28.86
N ALA N 634 31.52 -8.29 -28.55
CA ALA N 634 30.71 -7.65 -27.52
C ALA N 634 29.35 -7.25 -28.04
N GLY N 635 29.29 -6.72 -29.25
CA GLY N 635 28.04 -6.25 -29.81
C GLY N 635 28.25 -5.63 -31.15
N CYS N 636 27.28 -4.84 -31.59
CA CYS N 636 27.33 -4.21 -32.90
C CYS N 636 27.91 -2.82 -32.71
N LEU N 637 29.11 -2.59 -33.24
CA LEU N 637 29.86 -1.36 -33.04
C LEU N 637 29.77 -0.53 -34.31
N ILE N 638 29.17 0.65 -34.20
CA ILE N 638 28.94 1.53 -35.33
C ILE N 638 29.83 2.76 -35.20
N GLY N 639 30.53 3.09 -36.27
CA GLY N 639 31.20 4.37 -36.34
C GLY N 639 32.68 4.34 -36.05
N ALA N 640 33.28 3.17 -35.94
CA ALA N 640 34.73 3.09 -35.76
C ALA N 640 35.28 2.04 -36.69
N GLU N 641 36.17 2.45 -37.57
CA GLU N 641 36.78 1.50 -38.50
C GLU N 641 37.65 0.52 -37.73
N HIS N 642 37.56 -0.74 -38.12
CA HIS N 642 38.37 -1.78 -37.51
C HIS N 642 39.84 -1.54 -37.79
N VAL N 643 40.70 -1.98 -36.89
CA VAL N 643 42.15 -1.91 -37.09
C VAL N 643 42.74 -3.25 -36.71
N ASN N 644 43.68 -3.75 -37.52
CA ASN N 644 44.40 -4.96 -37.15
C ASN N 644 45.44 -4.71 -36.09
N ASN N 645 46.48 -3.95 -36.40
CA ASN N 645 47.65 -3.82 -35.52
C ASN N 645 47.20 -3.33 -34.16
N SER N 646 47.50 -4.12 -33.14
CA SER N 646 46.91 -3.96 -31.83
C SER N 646 47.82 -3.16 -30.92
N TYR N 647 47.24 -2.27 -30.15
CA TYR N 647 47.99 -1.35 -29.31
C TYR N 647 47.55 -1.56 -27.87
N GLU N 648 48.19 -0.85 -26.94
CA GLU N 648 47.77 -1.00 -25.57
C GLU N 648 46.37 -0.44 -25.39
N CYS N 649 45.65 -0.97 -24.41
CA CYS N 649 44.25 -0.62 -24.27
C CYS N 649 44.12 0.84 -23.91
N ASP N 650 42.99 1.41 -24.34
CA ASP N 650 42.77 2.84 -24.17
C ASP N 650 41.41 3.08 -23.53
N ILE N 651 40.35 2.79 -24.28
CA ILE N 651 38.99 2.79 -23.76
C ILE N 651 38.49 1.35 -23.81
N PRO N 652 38.38 0.66 -22.69
CA PRO N 652 37.89 -0.71 -22.72
C PRO N 652 36.45 -0.75 -23.22
N ILE N 653 36.10 -1.85 -23.87
CA ILE N 653 34.76 -2.02 -24.41
C ILE N 653 34.22 -3.37 -23.94
N GLY N 654 34.83 -4.44 -24.41
CA GLY N 654 34.50 -5.77 -23.95
C GLY N 654 35.23 -6.79 -24.78
N ALA N 655 35.36 -8.02 -24.26
CA ALA N 655 36.01 -9.11 -24.98
C ALA N 655 37.36 -8.69 -25.54
N GLY N 656 38.06 -7.82 -24.82
CA GLY N 656 39.36 -7.37 -25.27
C GLY N 656 39.33 -6.56 -26.54
N ILE N 657 38.40 -5.62 -26.64
CA ILE N 657 38.32 -4.68 -27.75
C ILE N 657 38.46 -3.29 -27.14
N CYS N 658 39.54 -2.60 -27.47
CA CYS N 658 39.80 -1.29 -26.89
C CYS N 658 39.88 -0.26 -28.00
N ALA N 659 39.13 0.83 -27.84
CA ALA N 659 39.02 1.87 -28.84
C ALA N 659 39.84 3.08 -28.42
N SER N 660 40.55 3.67 -29.37
CA SER N 660 41.29 4.90 -29.15
C SER N 660 41.03 5.83 -30.32
N TYR N 661 41.37 7.10 -30.13
CA TYR N 661 40.88 8.12 -31.05
C TYR N 661 41.71 8.24 -32.32
N GLN N 662 43.02 8.13 -32.22
CA GLN N 662 43.90 8.58 -33.30
C GLN N 662 43.69 7.75 -34.56
N THR N 663 44.14 8.32 -35.69
CA THR N 663 44.24 7.58 -36.96
C THR N 663 44.74 6.15 -36.76
N SER N 676 41.27 13.86 -40.83
CA SER N 676 42.34 12.90 -40.56
C SER N 676 41.87 11.82 -39.61
N GLN N 677 41.98 12.08 -38.32
CA GLN N 677 41.74 11.06 -37.32
C GLN N 677 40.29 10.61 -37.27
N SER N 678 40.09 9.37 -36.84
CA SER N 678 38.78 8.79 -36.66
C SER N 678 38.87 7.75 -35.55
N ILE N 679 37.78 7.60 -34.80
CA ILE N 679 37.74 6.59 -33.75
C ILE N 679 37.97 5.23 -34.35
N ILE N 680 38.90 4.47 -33.77
CA ILE N 680 39.14 3.12 -34.26
C ILE N 680 38.75 2.13 -33.17
N ALA N 681 38.84 0.85 -33.49
CA ALA N 681 38.62 -0.21 -32.51
C ALA N 681 39.47 -1.39 -32.92
N TYR N 682 40.04 -2.07 -31.94
CA TYR N 682 40.99 -3.13 -32.25
C TYR N 682 41.03 -4.10 -31.09
N THR N 683 41.53 -5.29 -31.38
CA THR N 683 41.73 -6.27 -30.32
C THR N 683 42.75 -5.75 -29.34
N MET N 684 42.39 -5.73 -28.07
CA MET N 684 43.29 -5.20 -27.05
C MET N 684 44.58 -5.98 -27.04
N SER N 685 45.69 -5.28 -27.18
CA SER N 685 46.99 -5.90 -27.04
C SER N 685 47.38 -5.87 -25.57
N LEU N 686 47.99 -6.94 -25.11
CA LEU N 686 48.36 -7.07 -23.70
C LEU N 686 49.83 -6.73 -23.60
N GLY N 687 50.13 -5.59 -23.00
CA GLY N 687 51.50 -5.21 -22.81
C GLY N 687 52.29 -5.18 -24.11
N ALA N 688 53.60 -5.25 -23.97
CA ALA N 688 54.51 -5.35 -25.09
C ALA N 688 55.28 -6.65 -24.96
N GLU N 689 55.30 -7.43 -26.03
CA GLU N 689 55.91 -8.76 -25.95
C GLU N 689 57.39 -8.67 -25.63
N ASN N 690 57.86 -9.62 -24.83
CA ASN N 690 59.27 -9.85 -24.60
C ASN N 690 59.51 -11.34 -24.49
N SER N 691 60.67 -11.79 -24.94
CA SER N 691 61.10 -13.16 -24.74
C SER N 691 62.47 -13.08 -24.09
N VAL N 692 62.57 -13.50 -22.84
CA VAL N 692 63.81 -13.35 -22.11
C VAL N 692 64.82 -14.34 -22.66
N ALA N 693 65.96 -13.83 -23.08
CA ALA N 693 67.00 -14.74 -23.55
C ALA N 693 67.51 -15.51 -22.35
N TYR N 694 67.38 -16.82 -22.41
CA TYR N 694 67.54 -17.65 -21.23
C TYR N 694 68.42 -18.84 -21.55
N SER N 695 69.35 -19.14 -20.66
CA SER N 695 70.05 -20.39 -20.76
C SER N 695 70.60 -20.72 -19.39
N ASN N 696 70.89 -22.00 -19.19
CA ASN N 696 71.19 -22.54 -17.88
C ASN N 696 72.46 -21.93 -17.26
N ASN N 697 73.34 -21.35 -18.07
CA ASN N 697 74.48 -20.63 -17.53
C ASN N 697 74.32 -19.12 -17.56
N SER N 698 73.19 -18.60 -18.00
CA SER N 698 73.06 -17.18 -18.28
C SER N 698 72.44 -16.44 -17.11
N ILE N 699 73.17 -15.48 -16.55
CA ILE N 699 72.64 -14.62 -15.50
C ILE N 699 72.80 -13.17 -15.91
N ALA N 700 71.88 -12.32 -15.46
CA ALA N 700 71.89 -10.90 -15.77
C ALA N 700 71.82 -10.12 -14.48
N ILE N 701 72.90 -9.43 -14.14
CA ILE N 701 73.02 -8.66 -12.90
C ILE N 701 72.93 -7.18 -13.26
N PRO N 702 72.06 -6.42 -12.62
CA PRO N 702 72.04 -4.98 -12.86
C PRO N 702 73.27 -4.33 -12.29
N THR N 703 73.87 -3.45 -13.09
CA THR N 703 75.04 -2.70 -12.64
C THR N 703 74.69 -1.36 -12.03
N ASN N 704 73.44 -0.94 -12.12
CA ASN N 704 73.11 0.41 -11.76
C ASN N 704 71.61 0.48 -11.49
N PHE N 705 71.20 1.52 -10.78
CA PHE N 705 69.85 1.57 -10.26
C PHE N 705 69.25 2.94 -10.47
N THR N 706 67.96 3.03 -10.23
CA THR N 706 67.27 4.30 -10.14
C THR N 706 66.43 4.30 -8.88
N ILE N 707 66.16 5.49 -8.38
CA ILE N 707 65.34 5.68 -7.19
C ILE N 707 64.09 6.40 -7.62
N SER N 708 62.97 5.69 -7.63
CA SER N 708 61.71 6.27 -8.07
C SER N 708 60.84 6.58 -6.87
N VAL N 709 60.09 7.67 -6.96
CA VAL N 709 59.12 8.04 -5.94
C VAL N 709 57.75 7.92 -6.57
N THR N 710 56.93 7.02 -6.04
CA THR N 710 55.64 6.72 -6.62
C THR N 710 54.53 7.08 -5.65
N THR N 711 53.74 8.08 -6.01
CA THR N 711 52.56 8.43 -5.24
C THR N 711 51.60 7.26 -5.16
N GLU N 712 51.06 7.02 -3.97
CA GLU N 712 50.01 6.04 -3.77
C GLU N 712 48.92 6.68 -2.94
N ILE N 713 47.69 6.59 -3.42
CA ILE N 713 46.59 7.39 -2.91
C ILE N 713 45.53 6.47 -2.36
N LEU N 714 45.04 6.77 -1.16
CA LEU N 714 44.07 5.93 -0.50
C LEU N 714 43.01 6.79 0.15
N PRO N 715 41.75 6.37 0.11
CA PRO N 715 40.76 6.98 0.98
C PRO N 715 40.99 6.51 2.40
N VAL N 716 40.59 7.34 3.36
CA VAL N 716 40.74 6.99 4.76
C VAL N 716 39.40 7.15 5.45
N SER N 717 38.86 8.35 5.43
CA SER N 717 37.55 8.60 5.98
C SER N 717 36.63 9.12 4.88
N MET N 718 35.35 9.03 5.14
CA MET N 718 34.33 9.60 4.27
C MET N 718 33.56 10.64 5.07
N THR N 719 32.91 11.54 4.35
CA THR N 719 32.21 12.64 5.00
C THR N 719 31.19 12.10 6.01
N LYS N 720 31.31 12.55 7.25
CA LYS N 720 30.42 12.10 8.30
C LYS N 720 29.09 12.82 8.17
N THR N 721 28.03 12.07 7.94
CA THR N 721 26.70 12.64 7.82
C THR N 721 25.78 12.00 8.84
N SER N 722 24.81 12.78 9.30
CA SER N 722 23.79 12.30 10.20
C SER N 722 22.48 12.91 9.75
N VAL N 723 21.47 12.08 9.56
CA VAL N 723 20.20 12.49 9.00
C VAL N 723 19.16 12.46 10.09
N ASP N 724 18.27 13.45 10.09
CA ASP N 724 17.16 13.51 11.03
C ASP N 724 15.99 12.79 10.40
N CYS N 725 15.66 11.61 10.93
CA CYS N 725 14.68 10.77 10.27
C CYS N 725 13.29 11.36 10.36
N THR N 726 12.88 11.83 11.53
CA THR N 726 11.53 12.37 11.67
C THR N 726 11.34 13.60 10.80
N MET N 727 12.34 14.47 10.76
CA MET N 727 12.18 15.66 9.93
C MET N 727 12.27 15.33 8.45
N TYR N 728 13.31 14.60 8.04
CA TYR N 728 13.47 14.30 6.62
C TYR N 728 12.22 13.67 6.05
N ILE N 729 11.61 12.76 6.80
CA ILE N 729 10.38 12.15 6.33
C ILE N 729 9.23 13.14 6.43
N CYS N 730 8.92 13.56 7.64
CA CYS N 730 7.81 14.48 7.87
C CYS N 730 8.38 15.86 8.14
N GLY N 731 8.29 16.75 7.15
CA GLY N 731 8.64 18.13 7.38
C GLY N 731 7.54 18.83 8.16
N ASP N 732 7.89 19.44 9.30
CA ASP N 732 7.03 20.42 9.98
C ASP N 732 5.56 20.03 10.06
N SER N 733 5.27 18.74 10.19
CA SER N 733 3.89 18.28 10.27
C SER N 733 3.79 17.24 11.36
N THR N 734 3.00 17.55 12.39
CA THR N 734 2.69 16.54 13.37
C THR N 734 1.83 15.44 12.77
N GLU N 735 0.96 15.83 11.83
CA GLU N 735 0.10 14.86 11.15
C GLU N 735 0.92 13.71 10.61
N CYS N 736 1.92 14.03 9.80
CA CYS N 736 2.84 13.01 9.32
C CYS N 736 3.66 12.44 10.46
N SER N 737 4.08 13.30 11.39
CA SER N 737 4.96 12.84 12.47
C SER N 737 4.30 11.76 13.30
N ASN N 738 2.99 11.89 13.55
CA ASN N 738 2.31 10.86 14.31
C ASN N 738 2.28 9.54 13.56
N LEU N 739 2.00 9.58 12.26
CA LEU N 739 1.99 8.36 11.47
C LEU N 739 3.31 7.63 11.55
N LEU N 740 4.42 8.37 11.55
CA LEU N 740 5.72 7.75 11.59
C LEU N 740 5.88 6.86 12.81
N LEU N 741 5.24 7.23 13.92
CA LEU N 741 5.31 6.41 15.12
C LEU N 741 4.76 5.02 14.90
N GLN N 742 3.93 4.83 13.90
CA GLN N 742 3.34 3.53 13.66
C GLN N 742 4.27 2.60 12.91
N TYR N 743 5.41 3.10 12.42
CA TYR N 743 6.46 2.25 11.91
C TYR N 743 7.52 1.96 12.96
N GLY N 744 7.31 2.43 14.18
CA GLY N 744 8.17 2.03 15.28
C GLY N 744 9.58 2.57 15.18
N SER N 745 10.54 1.66 15.26
CA SER N 745 11.93 2.00 15.52
C SER N 745 12.73 2.27 14.26
N PHE N 746 12.10 2.27 13.08
CA PHE N 746 12.81 2.64 11.87
C PHE N 746 13.54 3.96 12.06
N CYS N 747 12.81 4.99 12.49
CA CYS N 747 13.41 6.31 12.63
C CYS N 747 14.64 6.25 13.53
N THR N 748 14.54 5.57 14.68
CA THR N 748 15.66 5.53 15.60
C THR N 748 16.78 4.65 15.08
N GLN N 749 16.47 3.47 14.57
CA GLN N 749 17.52 2.56 14.15
C GLN N 749 18.32 3.11 12.98
N LEU N 750 17.78 4.07 12.23
CA LEU N 750 18.57 4.70 11.20
C LEU N 750 19.67 5.56 11.82
N ASN N 751 19.32 6.38 12.81
CA ASN N 751 20.33 7.13 13.53
C ASN N 751 21.35 6.20 14.17
N ARG N 752 20.88 5.11 14.79
CA ARG N 752 21.81 4.13 15.32
C ARG N 752 22.71 3.58 14.23
N ALA N 753 22.19 3.42 13.02
CA ALA N 753 23.01 2.95 11.91
C ALA N 753 24.04 3.99 11.52
N LEU N 754 23.59 5.21 11.19
CA LEU N 754 24.51 6.21 10.67
C LEU N 754 25.53 6.61 11.70
N THR N 755 25.15 6.63 12.98
CA THR N 755 26.12 6.96 14.01
C THR N 755 27.23 5.93 14.03
N GLY N 756 26.90 4.65 13.87
CA GLY N 756 27.93 3.63 13.78
C GLY N 756 28.95 3.95 12.71
N ILE N 757 28.48 4.35 11.53
CA ILE N 757 29.38 4.88 10.52
C ILE N 757 30.14 6.08 11.05
N ALA N 758 29.40 7.15 11.40
CA ALA N 758 30.01 8.40 11.76
C ALA N 758 31.04 8.24 12.87
N VAL N 759 30.81 7.34 13.80
CA VAL N 759 31.78 7.10 14.86
C VAL N 759 33.08 6.56 14.29
N GLU N 760 32.99 5.44 13.56
CA GLU N 760 34.21 4.77 13.14
C GLU N 760 34.98 5.56 12.10
N GLN N 761 34.35 6.52 11.44
CA GLN N 761 35.10 7.39 10.54
C GLN N 761 36.22 8.09 11.29
N ASP N 762 35.91 8.65 12.44
CA ASP N 762 36.95 9.23 13.27
C ASP N 762 37.78 8.18 13.98
N LYS N 763 37.37 6.91 13.92
CA LYS N 763 38.26 5.83 14.33
C LYS N 763 39.23 5.48 13.23
N ASN N 764 38.76 5.46 11.99
CA ASN N 764 39.65 5.24 10.86
C ASN N 764 40.77 6.28 10.86
N THR N 765 40.40 7.55 10.73
CA THR N 765 41.38 8.63 10.77
C THR N 765 42.25 8.53 12.01
N GLN N 766 41.72 7.96 13.09
CA GLN N 766 42.51 7.79 14.30
C GLN N 766 43.54 6.70 14.11
N GLU N 767 43.12 5.55 13.57
CA GLU N 767 44.04 4.43 13.42
C GLU N 767 45.16 4.78 12.46
N VAL N 768 44.80 5.33 11.30
CA VAL N 768 45.77 5.65 10.27
C VAL N 768 46.81 6.63 10.79
N PHE N 769 46.37 7.86 11.07
CA PHE N 769 47.32 8.95 11.21
C PHE N 769 48.07 8.90 12.53
N ALA N 770 47.36 8.69 13.64
CA ALA N 770 48.05 8.74 14.92
C ALA N 770 48.32 7.31 15.33
N GLN N 771 49.50 6.83 14.97
CA GLN N 771 50.12 5.66 15.55
C GLN N 771 51.29 6.02 16.43
N VAL N 772 51.63 7.30 16.51
CA VAL N 772 52.84 7.76 17.14
C VAL N 772 52.49 8.39 18.48
N LYS N 773 53.27 8.07 19.50
CA LYS N 773 52.95 8.53 20.84
C LYS N 773 53.13 10.03 20.98
N GLN N 774 54.19 10.58 20.42
CA GLN N 774 54.55 11.97 20.59
C GLN N 774 54.51 12.68 19.25
N ILE N 775 54.43 14.01 19.30
CA ILE N 775 54.59 14.82 18.10
C ILE N 775 56.05 15.23 18.00
N TYR N 776 56.76 14.63 17.06
CA TYR N 776 58.10 15.05 16.74
C TYR N 776 58.05 16.24 15.79
N LYS N 777 59.10 17.04 15.81
CA LYS N 777 59.22 18.08 14.82
C LYS N 777 60.63 18.12 14.29
N THR N 778 60.77 18.41 13.01
CA THR N 778 62.06 18.44 12.36
C THR N 778 63.00 19.39 13.10
N PRO N 779 64.29 19.13 13.06
CA PRO N 779 65.24 20.05 13.66
C PRO N 779 65.21 21.38 12.94
N PRO N 780 65.76 22.44 13.55
CA PRO N 780 65.72 23.74 12.89
C PRO N 780 66.45 23.77 11.56
N ILE N 781 67.60 23.11 11.47
CA ILE N 781 68.45 23.18 10.29
C ILE N 781 68.42 21.83 9.57
N LYS N 782 68.31 21.88 8.25
CA LYS N 782 68.17 20.69 7.42
C LYS N 782 69.51 20.39 6.78
N ASP N 783 70.20 19.36 7.28
CA ASP N 783 71.27 18.71 6.53
C ASP N 783 71.00 17.22 6.55
N PHE N 784 70.51 16.70 5.43
CA PHE N 784 70.23 15.29 5.29
C PHE N 784 71.24 14.54 4.45
N GLY N 785 72.29 15.21 4.00
CA GLY N 785 73.22 14.60 3.08
C GLY N 785 72.93 14.89 1.64
N GLY N 786 72.15 15.92 1.35
CA GLY N 786 71.76 16.26 0.01
C GLY N 786 70.32 15.99 -0.35
N PHE N 787 69.57 15.29 0.50
CA PHE N 787 68.18 15.02 0.20
C PHE N 787 67.38 16.24 0.61
N ASN N 788 66.53 16.74 -0.27
CA ASN N 788 65.84 17.99 -0.04
C ASN N 788 64.38 17.69 0.32
N PHE N 789 64.03 17.85 1.58
CA PHE N 789 62.69 17.58 2.04
C PHE N 789 61.82 18.81 2.15
N SER N 790 62.33 19.99 1.78
CA SER N 790 61.50 21.19 1.85
C SER N 790 60.22 21.01 1.06
N GLN N 791 60.25 20.16 0.05
CA GLN N 791 59.02 19.78 -0.64
C GLN N 791 58.01 19.20 0.33
N ILE N 792 58.41 18.13 1.03
CA ILE N 792 57.47 17.33 1.82
C ILE N 792 57.36 17.77 3.26
N LEU N 793 58.23 18.62 3.74
CA LEU N 793 58.09 18.98 5.14
C LEU N 793 57.14 20.14 5.32
N PRO N 794 56.55 20.28 6.51
CA PRO N 794 55.59 21.36 6.75
C PRO N 794 56.18 22.70 6.34
N ASP N 795 55.34 23.54 5.76
CA ASP N 795 55.77 24.83 5.26
C ASP N 795 55.67 25.83 6.41
N PRO N 796 56.79 26.32 6.93
CA PRO N 796 56.72 27.22 8.10
C PRO N 796 55.99 28.51 7.81
N SER N 797 55.85 28.90 6.55
CA SER N 797 55.25 30.18 6.19
C SER N 797 53.78 30.08 5.83
N LYS N 798 53.22 28.92 5.87
CA LYS N 798 51.77 28.95 5.67
C LYS N 798 51.06 29.11 7.00
N PRO N 799 49.91 29.79 7.01
CA PRO N 799 49.17 29.91 8.28
C PRO N 799 48.73 28.57 8.83
N SER N 800 48.15 27.72 8.00
CA SER N 800 47.98 26.31 8.32
C SER N 800 49.20 25.60 7.75
N LYS N 801 50.04 25.07 8.63
CA LYS N 801 51.30 24.55 8.15
C LYS N 801 51.05 23.21 7.49
N ARG N 802 51.28 23.16 6.19
CA ARG N 802 51.09 21.97 5.38
C ARG N 802 52.17 21.99 4.30
N SER N 803 52.79 20.84 4.09
CA SER N 803 53.91 20.77 3.16
C SER N 803 53.49 21.24 1.78
N PHE N 804 54.46 21.78 1.05
CA PHE N 804 54.19 22.36 -0.26
C PHE N 804 53.34 21.45 -1.11
N ILE N 805 53.61 20.14 -1.04
CA ILE N 805 52.85 19.18 -1.86
C ILE N 805 51.39 19.17 -1.45
N GLU N 806 51.12 19.08 -0.15
CA GLU N 806 49.75 18.90 0.30
C GLU N 806 48.83 19.98 -0.23
N ASP N 807 49.35 21.19 -0.47
CA ASP N 807 48.52 22.24 -1.04
C ASP N 807 48.09 21.88 -2.45
N LEU N 808 48.99 21.26 -3.23
CA LEU N 808 48.59 20.80 -4.55
C LEU N 808 47.40 19.86 -4.45
N LEU N 809 47.35 19.06 -3.39
CA LEU N 809 46.26 18.10 -3.24
C LEU N 809 44.96 18.78 -2.86
N PHE N 810 45.00 19.66 -1.85
CA PHE N 810 43.78 20.30 -1.39
C PHE N 810 43.15 21.19 -2.45
N ASN N 811 43.91 21.57 -3.47
CA ASN N 811 43.30 22.34 -4.55
C ASN N 811 42.57 21.42 -5.52
N LYS N 812 43.16 20.27 -5.84
CA LYS N 812 42.54 19.35 -6.77
C LYS N 812 41.20 18.87 -6.25
N VAL N 813 41.19 18.27 -5.05
CA VAL N 813 39.95 17.81 -4.46
C VAL N 813 39.08 19.01 -4.09
N THR N 814 37.78 18.79 -4.09
CA THR N 814 36.84 19.83 -3.69
C THR N 814 35.91 19.34 -2.59
N ASP N 835 24.12 25.63 -2.89
CA ASP N 835 25.15 24.62 -3.06
C ASP N 835 24.81 23.36 -2.28
N LEU N 836 25.79 22.48 -2.06
CA LEU N 836 25.55 21.31 -1.18
C LEU N 836 25.82 21.79 0.25
N ILE N 837 26.24 23.04 0.41
CA ILE N 837 26.62 23.59 1.75
C ILE N 837 25.43 23.64 2.70
N CYS N 838 24.24 24.07 2.26
CA CYS N 838 23.10 24.24 3.21
C CYS N 838 21.85 23.53 2.68
N ALA N 839 21.74 23.33 1.37
CA ALA N 839 20.62 22.64 0.74
C ALA N 839 20.30 21.33 1.45
N GLN N 840 21.26 20.40 1.45
CA GLN N 840 21.13 19.20 2.27
C GLN N 840 20.71 19.58 3.68
N LYS N 841 21.40 20.56 4.26
CA LYS N 841 21.16 20.98 5.63
C LYS N 841 19.78 21.59 5.82
N PHE N 842 19.04 21.81 4.73
CA PHE N 842 17.64 22.20 4.88
C PHE N 842 16.85 21.09 5.58
N ASN N 843 16.88 19.90 5.00
CA ASN N 843 15.89 18.86 5.31
C ASN N 843 16.31 17.95 6.45
N GLY N 844 17.41 18.25 7.11
CA GLY N 844 17.91 17.37 8.14
C GLY N 844 19.07 16.51 7.70
N LEU N 845 19.65 16.79 6.55
CA LEU N 845 20.88 16.13 6.14
C LEU N 845 22.02 17.00 6.63
N THR N 846 22.74 16.51 7.62
CA THR N 846 23.77 17.28 8.28
C THR N 846 25.12 16.69 7.98
N VAL N 847 26.13 17.55 7.89
CA VAL N 847 27.50 17.13 7.72
C VAL N 847 28.22 17.47 9.02
N LEU N 848 28.55 16.46 9.78
CA LEU N 848 29.22 16.73 11.03
C LEU N 848 30.70 16.97 10.79
N PRO N 849 31.33 17.82 11.58
CA PRO N 849 32.74 18.09 11.38
C PRO N 849 33.56 16.87 11.76
N PRO N 850 34.55 16.51 10.95
CA PRO N 850 35.46 15.43 11.34
C PRO N 850 36.20 15.82 12.61
N LEU N 851 36.28 14.86 13.54
CA LEU N 851 36.87 15.15 14.84
C LEU N 851 38.21 15.85 14.72
N LEU N 852 39.03 15.44 13.77
CA LEU N 852 40.37 15.98 13.60
C LEU N 852 40.35 17.02 12.50
N THR N 853 40.68 18.25 12.84
CA THR N 853 40.82 19.27 11.83
C THR N 853 41.99 18.95 10.90
N ASP N 854 41.91 19.46 9.68
CA ASP N 854 42.98 19.23 8.71
C ASP N 854 44.32 19.69 9.25
N GLU N 855 44.34 20.79 10.00
CA GLU N 855 45.60 21.26 10.56
C GLU N 855 46.19 20.24 11.52
N MET N 856 45.34 19.49 12.21
CA MET N 856 45.85 18.43 13.07
C MET N 856 46.39 17.28 12.26
N ILE N 857 45.66 16.87 11.24
CA ILE N 857 46.12 15.80 10.35
C ILE N 857 47.51 16.14 9.83
N ALA N 858 47.74 17.41 9.51
CA ALA N 858 49.04 17.84 9.06
C ALA N 858 50.08 17.87 10.17
N GLN N 859 49.68 17.83 11.43
CA GLN N 859 50.69 17.68 12.48
C GLN N 859 51.12 16.24 12.65
N TYR N 860 50.17 15.31 12.64
CA TYR N 860 50.54 13.90 12.59
C TYR N 860 51.49 13.63 11.43
N THR N 861 51.00 13.82 10.20
CA THR N 861 51.84 13.57 9.05
C THR N 861 53.10 14.41 9.05
N SER N 862 53.20 15.42 9.91
CA SER N 862 54.50 16.01 10.19
C SER N 862 55.30 15.14 11.15
N ALA N 863 54.68 14.72 12.24
CA ALA N 863 55.36 13.86 13.21
C ALA N 863 55.88 12.61 12.53
N LEU N 864 54.98 11.79 11.99
CA LEU N 864 55.37 10.59 11.29
C LEU N 864 56.48 10.86 10.31
N LEU N 865 56.40 11.98 9.62
CA LEU N 865 57.46 12.34 8.69
C LEU N 865 58.66 12.95 9.40
N ALA N 866 58.47 13.55 10.57
CA ALA N 866 59.64 14.06 11.28
C ALA N 866 60.44 12.92 11.91
N GLY N 867 59.76 11.92 12.46
CA GLY N 867 60.47 10.81 13.05
C GLY N 867 61.09 9.90 12.01
N THR N 868 60.39 9.70 10.88
CA THR N 868 60.93 8.88 9.81
C THR N 868 62.28 9.41 9.36
N ILE N 869 62.39 10.72 9.24
CA ILE N 869 63.61 11.32 8.72
C ILE N 869 64.73 11.23 9.74
N THR N 870 64.48 11.73 10.94
CA THR N 870 65.54 11.79 11.94
C THR N 870 65.79 10.44 12.58
N SER N 871 64.74 9.79 13.06
CA SER N 871 64.85 8.66 13.97
C SER N 871 64.83 7.31 13.29
N GLY N 872 64.81 7.27 11.97
CA GLY N 872 64.74 5.98 11.30
C GLY N 872 63.39 5.34 11.50
N TRP N 873 63.38 4.02 11.67
CA TRP N 873 62.14 3.31 11.93
C TRP N 873 61.90 3.05 13.40
N THR N 874 62.83 3.41 14.27
CA THR N 874 62.72 3.00 15.67
C THR N 874 61.62 3.71 16.41
N PHE N 875 61.12 4.84 15.90
CA PHE N 875 60.12 5.57 16.68
C PHE N 875 58.80 4.82 16.74
N GLY N 876 58.57 3.91 15.80
CA GLY N 876 57.38 3.08 15.89
C GLY N 876 57.48 1.99 16.93
N ALA N 877 58.70 1.59 17.29
CA ALA N 877 58.93 0.54 18.27
C ALA N 877 59.19 1.07 19.67
N GLY N 878 59.12 2.37 19.88
CA GLY N 878 59.45 2.90 21.18
C GLY N 878 59.91 4.35 21.06
N ALA N 879 60.73 4.74 22.02
CA ALA N 879 61.32 6.08 21.97
C ALA N 879 62.13 6.26 20.71
N ALA N 880 61.91 7.37 20.02
CA ALA N 880 62.65 7.64 18.79
C ALA N 880 64.14 7.75 19.08
N LEU N 881 64.95 7.27 18.13
CA LEU N 881 66.39 7.27 18.29
C LEU N 881 67.00 8.08 17.16
N GLN N 882 67.58 9.23 17.48
CA GLN N 882 68.20 10.02 16.43
C GLN N 882 69.31 9.22 15.79
N ILE N 883 69.32 9.20 14.46
CA ILE N 883 70.34 8.49 13.71
C ILE N 883 70.65 9.32 12.47
N PRO N 884 71.90 9.40 12.04
CA PRO N 884 72.20 10.19 10.85
C PRO N 884 71.44 9.65 9.65
N PHE N 885 70.76 10.53 8.95
CA PHE N 885 69.88 10.07 7.89
C PHE N 885 70.65 9.26 6.86
N ALA N 886 71.84 9.70 6.49
CA ALA N 886 72.65 8.94 5.57
C ALA N 886 73.03 7.59 6.13
N MET N 887 73.10 7.46 7.46
CA MET N 887 73.29 6.16 8.07
C MET N 887 71.98 5.42 8.27
N GLN N 888 70.85 6.09 8.09
CA GLN N 888 69.60 5.36 7.98
C GLN N 888 69.56 4.61 6.67
N MET N 889 69.78 5.31 5.56
CA MET N 889 69.68 4.70 4.25
C MET N 889 70.69 3.58 4.03
N ALA N 890 71.73 3.49 4.86
CA ALA N 890 72.58 2.31 4.75
C ALA N 890 71.83 1.08 5.21
N TYR N 891 70.97 1.22 6.21
CA TYR N 891 70.18 0.08 6.63
C TYR N 891 69.16 -0.28 5.57
N ARG N 892 68.37 0.70 5.14
CA ARG N 892 67.30 0.42 4.20
C ARG N 892 67.80 -0.18 2.91
N PHE N 893 69.10 -0.07 2.61
CA PHE N 893 69.65 -0.90 1.54
C PHE N 893 69.91 -2.32 2.01
N ASN N 894 70.48 -2.49 3.20
CA ASN N 894 70.61 -3.85 3.73
C ASN N 894 69.27 -4.55 3.78
N GLY N 895 68.18 -3.79 3.99
CA GLY N 895 66.88 -4.40 3.97
C GLY N 895 66.55 -5.04 2.64
N ILE N 896 66.92 -4.38 1.55
CA ILE N 896 66.62 -4.87 0.20
C ILE N 896 67.77 -5.68 -0.38
N GLY N 897 68.81 -5.92 0.40
CA GLY N 897 69.88 -6.78 -0.06
C GLY N 897 71.03 -6.09 -0.75
N VAL N 898 70.95 -4.79 -0.94
CA VAL N 898 72.06 -4.02 -1.50
C VAL N 898 72.99 -3.65 -0.35
N THR N 899 74.23 -4.10 -0.42
CA THR N 899 75.17 -3.80 0.65
C THR N 899 75.37 -2.30 0.77
N GLN N 900 75.48 -1.84 2.02
CA GLN N 900 75.54 -0.42 2.32
C GLN N 900 76.69 0.29 1.64
N ASN N 901 77.75 -0.42 1.27
CA ASN N 901 78.85 0.27 0.59
C ASN N 901 78.42 0.90 -0.71
N VAL N 902 77.24 0.51 -1.22
CA VAL N 902 76.74 1.19 -2.45
C VAL N 902 76.39 2.65 -2.09
N LEU N 903 75.59 2.86 -1.05
CA LEU N 903 75.13 4.24 -0.70
C LEU N 903 76.30 5.13 -0.29
N TYR N 904 77.22 4.64 0.54
CA TYR N 904 78.31 5.51 1.06
C TYR N 904 79.16 6.00 -0.12
N GLU N 905 79.10 5.29 -1.25
CA GLU N 905 79.86 5.65 -2.43
C GLU N 905 79.00 6.42 -3.43
N ASN N 906 77.73 6.09 -3.54
CA ASN N 906 76.85 6.73 -4.49
C ASN N 906 76.00 7.84 -3.90
N GLN N 907 76.28 8.24 -2.66
CA GLN N 907 75.39 9.13 -1.94
C GLN N 907 75.01 10.35 -2.77
N LYS N 908 76.00 11.07 -3.28
CA LYS N 908 75.72 12.28 -4.06
C LYS N 908 74.78 11.99 -5.20
N LEU N 909 75.06 10.94 -5.96
CA LEU N 909 74.18 10.55 -7.05
C LEU N 909 72.78 10.27 -6.51
N ILE N 910 72.68 9.43 -5.50
CA ILE N 910 71.37 9.06 -4.97
C ILE N 910 70.64 10.30 -4.48
N ALA N 911 71.37 11.28 -3.99
CA ALA N 911 70.74 12.54 -3.59
C ALA N 911 69.98 13.15 -4.75
N ASN N 912 70.66 13.35 -5.88
CA ASN N 912 70.02 14.01 -7.02
C ASN N 912 68.83 13.20 -7.52
N GLN N 913 69.02 11.90 -7.69
CA GLN N 913 67.92 11.06 -8.15
C GLN N 913 66.73 11.20 -7.23
N PHE N 914 66.96 11.27 -5.93
CA PHE N 914 65.86 11.48 -5.01
C PHE N 914 65.19 12.82 -5.29
N ASN N 915 65.96 13.91 -5.20
CA ASN N 915 65.40 15.24 -5.34
C ASN N 915 64.67 15.40 -6.66
N SER N 916 65.34 15.05 -7.75
CA SER N 916 64.71 15.16 -9.06
C SER N 916 63.48 14.28 -9.16
N ALA N 917 63.44 13.21 -8.37
CA ALA N 917 62.21 12.41 -8.33
C ALA N 917 61.12 13.15 -7.59
N ILE N 918 61.45 13.82 -6.48
CA ILE N 918 60.44 14.55 -5.74
C ILE N 918 59.83 15.65 -6.62
N GLY N 919 60.67 16.34 -7.39
CA GLY N 919 60.17 17.41 -8.21
C GLY N 919 59.04 16.96 -9.11
N LYS N 920 59.25 15.88 -9.86
CA LYS N 920 58.24 15.39 -10.78
C LYS N 920 56.96 14.99 -10.08
N ILE N 921 57.01 14.72 -8.78
CA ILE N 921 55.78 14.41 -8.06
C ILE N 921 54.87 15.61 -8.05
N GLN N 922 55.44 16.81 -7.99
CA GLN N 922 54.65 18.03 -8.08
C GLN N 922 53.85 18.04 -9.37
N ASP N 923 54.54 17.94 -10.50
CA ASP N 923 53.87 18.06 -11.79
C ASP N 923 52.96 16.87 -12.06
N SER N 924 53.37 15.68 -11.60
CA SER N 924 52.48 14.52 -11.67
C SER N 924 51.13 14.85 -11.07
N LEU N 925 51.13 15.56 -9.94
CA LEU N 925 49.90 16.06 -9.35
C LEU N 925 49.47 17.35 -10.03
N SER N 926 50.42 18.24 -10.30
CA SER N 926 50.06 19.58 -10.74
C SER N 926 49.39 19.58 -12.10
N SER N 927 49.90 18.76 -13.02
CA SER N 927 49.49 18.82 -14.42
C SER N 927 48.37 17.84 -14.77
N THR N 928 47.95 16.99 -13.85
CA THR N 928 46.89 16.03 -14.13
C THR N 928 45.97 15.93 -12.91
N ALA N 929 44.66 16.06 -13.15
CA ALA N 929 43.67 16.03 -12.09
C ALA N 929 43.06 14.65 -11.86
N SER N 930 43.47 13.64 -12.63
CA SER N 930 42.89 12.31 -12.50
C SER N 930 43.64 11.42 -11.51
N ALA N 931 44.81 11.85 -11.02
CA ALA N 931 45.55 11.02 -10.07
C ALA N 931 44.77 10.83 -8.78
N LEU N 932 44.02 11.85 -8.37
CA LEU N 932 43.28 11.83 -7.13
C LEU N 932 41.89 11.25 -7.29
N GLY N 933 41.59 10.67 -8.44
CA GLY N 933 40.25 10.15 -8.67
C GLY N 933 39.72 9.30 -7.53
N LYS N 934 40.58 8.48 -6.94
CA LYS N 934 40.16 7.64 -5.82
C LYS N 934 39.49 8.46 -4.74
N LEU N 935 40.18 9.49 -4.26
CA LEU N 935 39.56 10.44 -3.35
C LEU N 935 38.37 11.11 -4.01
N GLN N 936 38.57 11.64 -5.21
CA GLN N 936 37.51 12.39 -5.88
C GLN N 936 36.26 11.55 -6.06
N ASP N 937 36.44 10.24 -6.28
CA ASP N 937 35.28 9.37 -6.42
C ASP N 937 34.53 9.23 -5.11
N VAL N 938 35.27 9.08 -4.00
CA VAL N 938 34.62 8.97 -2.71
C VAL N 938 33.78 10.20 -2.42
N VAL N 939 34.37 11.38 -2.58
CA VAL N 939 33.66 12.62 -2.27
C VAL N 939 32.42 12.76 -3.15
N ASN N 940 32.57 12.44 -4.43
CA ASN N 940 31.43 12.54 -5.34
C ASN N 940 30.30 11.62 -4.93
N GLN N 941 30.61 10.33 -4.75
CA GLN N 941 29.57 9.36 -4.44
C GLN N 941 28.80 9.75 -3.19
N ASN N 942 29.49 10.31 -2.20
CA ASN N 942 28.80 10.81 -1.02
C ASN N 942 27.86 11.94 -1.40
N ALA N 943 28.39 12.99 -2.02
CA ALA N 943 27.55 14.08 -2.48
C ALA N 943 26.54 13.60 -3.51
N GLN N 944 26.88 12.55 -4.25
CA GLN N 944 25.92 11.96 -5.18
C GLN N 944 24.66 11.52 -4.47
N ALA N 945 24.78 10.52 -3.60
CA ALA N 945 23.60 9.93 -2.98
C ALA N 945 22.81 10.98 -2.22
N LEU N 946 23.49 11.95 -1.62
CA LEU N 946 22.77 13.03 -0.95
C LEU N 946 21.85 13.76 -1.92
N ASN N 947 22.37 14.15 -3.08
CA ASN N 947 21.50 14.73 -4.10
C ASN N 947 20.33 13.80 -4.39
N THR N 948 20.62 12.55 -4.71
CA THR N 948 19.56 11.58 -4.95
C THR N 948 18.61 11.52 -3.76
N LEU N 949 19.15 11.44 -2.55
CA LEU N 949 18.31 11.37 -1.37
C LEU N 949 17.42 12.60 -1.26
N VAL N 950 17.96 13.77 -1.61
CA VAL N 950 17.14 14.97 -1.59
C VAL N 950 16.08 14.92 -2.67
N LYS N 951 16.47 14.64 -3.90
CA LYS N 951 15.52 14.61 -4.99
C LYS N 951 14.38 13.65 -4.73
N GLN N 952 14.58 12.64 -3.89
CA GLN N 952 13.48 11.76 -3.53
C GLN N 952 12.39 12.48 -2.78
N LEU N 953 12.69 13.64 -2.18
CA LEU N 953 11.64 14.40 -1.52
C LEU N 953 10.60 14.91 -2.51
N SER N 954 11.01 15.17 -3.74
CA SER N 954 10.13 15.77 -4.72
C SER N 954 9.35 14.74 -5.54
N SER N 955 9.46 13.46 -5.21
CA SER N 955 8.77 12.44 -5.98
C SER N 955 7.43 12.12 -5.36
N ASN N 956 6.45 11.84 -6.22
CA ASN N 956 5.08 11.62 -5.75
C ASN N 956 4.96 10.32 -4.98
N PHE N 957 5.68 9.28 -5.41
CA PHE N 957 5.57 7.96 -4.81
C PHE N 957 4.14 7.46 -4.82
N GLY N 958 3.37 7.87 -5.81
CA GLY N 958 1.98 7.53 -5.90
C GLY N 958 1.05 8.47 -5.17
N ALA N 959 1.56 9.27 -4.24
CA ALA N 959 0.74 10.25 -3.57
C ALA N 959 0.41 11.39 -4.53
N ILE N 960 -0.61 12.16 -4.17
CA ILE N 960 -1.11 13.22 -5.04
C ILE N 960 -0.10 14.34 -5.24
N SER N 961 0.79 14.57 -4.27
CA SER N 961 1.82 15.58 -4.45
C SER N 961 2.98 15.29 -3.53
N SER N 962 4.12 15.89 -3.83
CA SER N 962 5.33 15.70 -3.04
C SER N 962 5.48 16.71 -1.93
N VAL N 963 4.62 17.70 -1.85
CA VAL N 963 4.63 18.65 -0.74
C VAL N 963 3.74 18.09 0.36
N LEU N 964 4.34 17.82 1.52
CA LEU N 964 3.62 17.14 2.58
C LEU N 964 2.42 17.94 3.05
N ASN N 965 2.47 19.26 2.91
CA ASN N 965 1.36 20.08 3.38
C ASN N 965 0.21 20.11 2.38
N ASP N 966 0.51 20.04 1.09
CA ASP N 966 -0.56 20.09 0.09
C ASP N 966 -1.55 18.95 0.27
N ILE N 967 -1.05 17.75 0.53
CA ILE N 967 -1.94 16.64 0.83
C ILE N 967 -2.79 16.98 2.05
N LEU N 968 -2.21 17.67 3.03
CA LEU N 968 -3.00 18.09 4.17
C LEU N 968 -3.90 19.25 3.82
N SER N 969 -3.47 20.13 2.91
CA SER N 969 -4.29 21.29 2.59
C SER N 969 -5.50 20.90 1.77
N ARG N 970 -5.29 20.15 0.69
CA ARG N 970 -6.39 19.86 -0.21
C ARG N 970 -7.40 18.92 0.43
N LEU N 971 -6.92 17.82 0.98
CA LEU N 971 -7.79 16.72 1.36
C LEU N 971 -8.10 16.74 2.84
N ASP N 972 -9.31 16.32 3.18
CA ASP N 972 -9.62 16.02 4.56
C ASP N 972 -8.72 14.90 5.05
N LYS N 973 -8.26 14.98 6.31
CA LYS N 973 -7.25 14.04 6.81
C LYS N 973 -7.62 12.58 6.58
N VAL N 974 -8.86 12.15 6.88
CA VAL N 974 -9.12 10.70 6.86
C VAL N 974 -8.67 10.00 5.59
N GLU N 975 -8.81 10.65 4.45
CA GLU N 975 -8.23 10.11 3.23
C GLU N 975 -6.75 10.45 3.14
N ALA N 976 -6.38 11.69 3.50
CA ALA N 976 -5.00 12.11 3.41
C ALA N 976 -4.06 11.20 4.19
N GLU N 977 -4.58 10.49 5.19
CA GLU N 977 -3.78 9.50 5.89
C GLU N 977 -3.18 8.50 4.90
N VAL N 978 -4.03 7.91 4.06
CA VAL N 978 -3.56 6.90 3.12
C VAL N 978 -2.56 7.51 2.15
N GLN N 979 -2.79 8.75 1.73
CA GLN N 979 -1.84 9.42 0.85
C GLN N 979 -0.47 9.52 1.50
N ILE N 980 -0.42 10.10 2.70
CA ILE N 980 0.87 10.35 3.34
C ILE N 980 1.64 9.06 3.55
N ASP N 981 0.93 7.93 3.69
CA ASP N 981 1.61 6.64 3.72
C ASP N 981 2.50 6.49 2.50
N ARG N 982 1.94 6.66 1.31
CA ARG N 982 2.73 6.50 0.10
C ARG N 982 3.91 7.44 0.09
N LEU N 983 3.79 8.64 0.67
CA LEU N 983 4.97 9.46 0.86
C LEU N 983 5.90 8.82 1.88
N ILE N 984 5.39 8.53 3.06
CA ILE N 984 6.24 7.99 4.11
C ILE N 984 6.85 6.68 3.65
N THR N 985 6.02 5.71 3.29
CA THR N 985 6.53 4.44 2.81
C THR N 985 7.57 4.64 1.73
N GLY N 986 7.32 5.56 0.81
CA GLY N 986 8.30 5.87 -0.19
C GLY N 986 9.55 6.48 0.41
N ARG N 987 9.40 7.57 1.16
CA ARG N 987 10.56 8.24 1.71
C ARG N 987 11.27 7.35 2.72
N LEU N 988 10.52 6.80 3.68
CA LEU N 988 11.12 5.96 4.69
C LEU N 988 11.92 4.83 4.07
N GLN N 989 11.37 4.21 3.04
CA GLN N 989 12.18 3.27 2.26
C GLN N 989 13.40 3.97 1.68
N SER N 990 13.20 5.14 1.09
CA SER N 990 14.29 5.81 0.40
C SER N 990 15.44 6.14 1.33
N LEU N 991 15.18 6.26 2.63
CA LEU N 991 16.29 6.37 3.57
C LEU N 991 17.04 5.06 3.68
N GLN N 992 16.32 3.97 3.92
CA GLN N 992 16.99 2.68 4.08
C GLN N 992 17.85 2.36 2.88
N THR N 993 17.39 2.74 1.68
CA THR N 993 18.27 2.65 0.53
C THR N 993 19.54 3.44 0.76
N TYR N 994 19.39 4.72 1.11
CA TYR N 994 20.58 5.56 1.33
C TYR N 994 21.42 5.02 2.46
N VAL N 995 20.79 4.66 3.58
CA VAL N 995 21.55 4.17 4.71
C VAL N 995 22.31 2.92 4.33
N THR N 996 21.63 1.96 3.70
CA THR N 996 22.30 0.73 3.33
C THR N 996 23.48 1.00 2.42
N GLN N 997 23.33 1.93 1.49
CA GLN N 997 24.46 2.29 0.65
C GLN N 997 25.63 2.77 1.48
N GLN N 998 25.38 3.67 2.42
CA GLN N 998 26.46 4.21 3.23
C GLN N 998 27.14 3.09 4.01
N LEU N 999 26.36 2.22 4.64
CA LEU N 999 26.92 1.09 5.36
C LEU N 999 27.84 0.28 4.46
N ILE N 1000 27.35 -0.09 3.28
CA ILE N 1000 28.17 -0.86 2.35
C ILE N 1000 29.38 -0.04 1.94
N ARG N 1001 29.16 1.21 1.57
CA ARG N 1001 30.27 2.04 1.11
C ARG N 1001 31.28 2.27 2.22
N ALA N 1002 30.80 2.51 3.44
CA ALA N 1002 31.72 2.68 4.56
C ALA N 1002 32.53 1.41 4.78
N ALA N 1003 31.90 0.25 4.63
CA ALA N 1003 32.62 -1.00 4.81
C ALA N 1003 33.75 -1.13 3.81
N GLU N 1004 33.61 -0.52 2.63
CA GLU N 1004 34.74 -0.45 1.72
C GLU N 1004 35.83 0.45 2.26
N ILE N 1005 35.47 1.67 2.64
CA ILE N 1005 36.42 2.58 3.23
C ILE N 1005 37.08 1.95 4.44
N ARG N 1006 36.27 1.33 5.30
CA ARG N 1006 36.81 0.62 6.44
C ARG N 1006 37.87 -0.38 6.03
N ALA N 1007 37.70 -1.02 4.87
CA ALA N 1007 38.72 -1.91 4.37
C ALA N 1007 39.91 -1.12 3.84
N SER N 1008 39.64 -0.02 3.13
CA SER N 1008 40.73 0.80 2.62
C SER N 1008 41.50 1.46 3.76
N ALA N 1009 40.80 1.83 4.84
CA ALA N 1009 41.48 2.45 5.96
C ALA N 1009 42.52 1.51 6.56
N ASN N 1010 42.15 0.24 6.74
CA ASN N 1010 43.11 -0.72 7.26
C ASN N 1010 44.30 -0.87 6.34
N LEU N 1011 44.04 -0.85 5.03
CA LEU N 1011 45.15 -0.91 4.09
C LEU N 1011 46.12 0.24 4.31
N ALA N 1012 45.59 1.44 4.55
CA ALA N 1012 46.45 2.56 4.91
C ALA N 1012 47.16 2.29 6.22
N ALA N 1013 46.37 2.04 7.28
CA ALA N 1013 46.96 1.79 8.59
C ALA N 1013 47.97 0.65 8.53
N THR N 1014 47.79 -0.29 7.62
CA THR N 1014 48.79 -1.32 7.42
C THR N 1014 50.04 -0.72 6.78
N LYS N 1015 49.86 0.02 5.69
CA LYS N 1015 51.01 0.66 5.06
C LYS N 1015 51.67 1.63 6.02
N MET N 1016 50.88 2.52 6.62
CA MET N 1016 51.43 3.49 7.55
C MET N 1016 52.29 2.82 8.60
N SER N 1017 51.84 1.69 9.13
CA SER N 1017 52.62 0.98 10.13
C SER N 1017 53.81 0.30 9.49
N GLU N 1018 53.57 -0.51 8.47
CA GLU N 1018 54.65 -1.32 7.92
C GLU N 1018 55.55 -0.50 7.02
N CYS N 1019 54.94 0.26 6.10
CA CYS N 1019 55.73 0.90 5.05
C CYS N 1019 56.42 2.15 5.61
N VAL N 1020 55.65 3.11 6.10
CA VAL N 1020 56.23 4.33 6.67
C VAL N 1020 57.07 4.00 7.90
N LEU N 1021 56.44 3.44 8.93
CA LEU N 1021 57.13 3.30 10.20
C LEU N 1021 58.23 2.26 10.13
N GLY N 1022 58.05 1.19 9.37
CA GLY N 1022 59.11 0.22 9.21
C GLY N 1022 59.68 0.25 7.81
N GLN N 1023 60.25 -0.87 7.39
CA GLN N 1023 60.58 -1.08 5.98
C GLN N 1023 59.95 -2.38 5.55
N SER N 1024 59.23 -2.35 4.44
CA SER N 1024 58.42 -3.49 4.03
C SER N 1024 59.23 -4.47 3.20
N LYS N 1025 59.12 -5.75 3.55
CA LYS N 1025 59.67 -6.82 2.75
C LYS N 1025 58.64 -7.43 1.81
N ARG N 1026 57.42 -6.92 1.82
CA ARG N 1026 56.34 -7.48 1.01
C ARG N 1026 56.45 -6.89 -0.39
N VAL N 1027 56.66 -7.76 -1.37
CA VAL N 1027 56.93 -7.28 -2.71
C VAL N 1027 55.70 -6.58 -3.26
N ASP N 1028 55.89 -5.35 -3.74
CA ASP N 1028 54.86 -4.56 -4.38
C ASP N 1028 53.67 -4.31 -3.49
N PHE N 1029 53.86 -4.38 -2.18
CA PHE N 1029 52.86 -3.86 -1.27
C PHE N 1029 53.00 -2.35 -1.14
N CYS N 1030 54.22 -1.86 -1.08
CA CYS N 1030 54.50 -0.43 -1.04
C CYS N 1030 54.64 0.17 -2.42
N GLY N 1031 54.36 -0.57 -3.47
CA GLY N 1031 54.55 -0.04 -4.81
C GLY N 1031 55.77 -0.62 -5.48
N LYS N 1032 55.73 -0.61 -6.81
CA LYS N 1032 56.67 -1.39 -7.61
C LYS N 1032 58.11 -1.07 -7.25
N GLY N 1033 58.91 -2.11 -7.10
CA GLY N 1033 60.31 -1.99 -6.79
C GLY N 1033 60.61 -2.40 -5.36
N TYR N 1034 61.90 -2.57 -5.09
CA TYR N 1034 62.35 -2.74 -3.72
C TYR N 1034 62.11 -1.47 -2.95
N HIS N 1035 61.53 -1.58 -1.77
CA HIS N 1035 61.07 -0.42 -1.03
C HIS N 1035 62.13 0.08 -0.06
N LEU N 1036 62.34 1.39 -0.05
CA LEU N 1036 63.26 2.00 0.89
C LEU N 1036 62.50 2.65 2.04
N MET N 1037 61.72 3.70 1.75
CA MET N 1037 60.99 4.38 2.80
C MET N 1037 59.76 5.00 2.19
N SER N 1038 58.80 5.37 3.04
CA SER N 1038 57.59 6.01 2.57
C SER N 1038 57.33 7.28 3.36
N PHE N 1039 56.75 8.25 2.68
CA PHE N 1039 56.45 9.54 3.26
C PHE N 1039 54.95 9.77 3.22
N PRO N 1040 54.26 9.75 4.35
CA PRO N 1040 52.82 10.01 4.31
C PRO N 1040 52.56 11.46 4.01
N GLN N 1041 51.46 11.71 3.32
CA GLN N 1041 50.98 13.06 3.06
C GLN N 1041 49.47 13.05 3.14
N SER N 1042 48.91 14.03 3.84
CA SER N 1042 47.47 14.04 4.00
C SER N 1042 46.82 14.58 2.73
N ALA N 1043 45.59 14.13 2.51
CA ALA N 1043 44.75 14.63 1.44
C ALA N 1043 43.31 14.55 1.92
N PRO N 1044 42.41 15.36 1.37
CA PRO N 1044 41.09 15.50 2.00
C PRO N 1044 40.40 14.14 2.09
N HIS N 1045 40.00 13.78 3.30
CA HIS N 1045 39.36 12.51 3.55
C HIS N 1045 40.16 11.36 2.94
N GLY N 1046 41.48 11.44 3.05
CA GLY N 1046 42.32 10.43 2.47
C GLY N 1046 43.74 10.59 2.93
N VAL N 1047 44.63 9.80 2.34
CA VAL N 1047 46.06 9.90 2.64
C VAL N 1047 46.82 9.53 1.39
N VAL N 1048 48.01 10.10 1.25
CA VAL N 1048 48.85 9.90 0.08
C VAL N 1048 50.25 9.57 0.55
N PHE N 1049 50.78 8.46 0.05
CA PHE N 1049 52.12 8.00 0.41
C PHE N 1049 53.06 8.28 -0.74
N LEU N 1050 54.25 8.71 -0.42
CA LEU N 1050 55.32 8.84 -1.40
C LEU N 1050 56.30 7.71 -1.11
N HIS N 1051 56.30 6.70 -1.96
CA HIS N 1051 57.12 5.52 -1.74
C HIS N 1051 58.45 5.73 -2.45
N VAL N 1052 59.54 5.76 -1.68
CA VAL N 1052 60.86 5.88 -2.27
C VAL N 1052 61.38 4.47 -2.47
N THR N 1053 61.49 4.05 -3.72
CA THR N 1053 61.78 2.66 -4.04
C THR N 1053 63.04 2.57 -4.87
N TYR N 1054 63.61 1.37 -4.88
CA TYR N 1054 64.90 1.10 -5.48
C TYR N 1054 64.69 0.21 -6.69
N VAL N 1055 64.87 0.75 -7.88
CA VAL N 1055 64.64 0.00 -9.11
C VAL N 1055 65.97 -0.15 -9.85
N PRO N 1056 66.45 -1.37 -10.07
CA PRO N 1056 67.69 -1.54 -10.82
C PRO N 1056 67.53 -1.15 -12.28
N ALA N 1057 68.66 -0.89 -12.93
CA ALA N 1057 68.61 -0.36 -14.28
C ALA N 1057 69.34 -1.18 -15.32
N GLN N 1058 70.67 -1.08 -15.34
CA GLN N 1058 71.47 -1.50 -16.48
C GLN N 1058 72.01 -2.91 -16.26
N GLU N 1059 71.82 -3.78 -17.24
CA GLU N 1059 72.15 -5.19 -17.12
C GLU N 1059 73.40 -5.51 -17.92
N LYS N 1060 74.14 -6.51 -17.47
CA LYS N 1060 75.23 -7.07 -18.25
C LYS N 1060 75.17 -8.58 -18.20
N ASN N 1061 74.95 -9.20 -19.36
CA ASN N 1061 74.94 -10.65 -19.44
C ASN N 1061 76.22 -11.22 -18.89
N PHE N 1062 76.11 -12.19 -17.98
CA PHE N 1062 77.25 -12.84 -17.38
C PHE N 1062 77.06 -14.36 -17.43
N THR N 1063 78.09 -15.05 -17.86
CA THR N 1063 78.14 -16.48 -17.64
C THR N 1063 78.29 -16.74 -16.15
N THR N 1064 77.46 -17.63 -15.62
CA THR N 1064 77.44 -17.90 -14.20
C THR N 1064 77.69 -19.38 -13.95
N ALA N 1065 78.04 -19.69 -12.70
CA ALA N 1065 78.13 -21.06 -12.27
C ALA N 1065 77.63 -21.14 -10.84
N PRO N 1066 76.90 -22.19 -10.49
CA PRO N 1066 76.39 -22.30 -9.12
C PRO N 1066 77.46 -22.59 -8.10
N ALA N 1067 78.62 -23.08 -8.51
CA ALA N 1067 79.64 -23.50 -7.56
C ALA N 1067 80.98 -23.51 -8.27
N ILE N 1068 82.05 -23.60 -7.49
CA ILE N 1068 83.38 -23.64 -8.05
C ILE N 1068 84.18 -24.73 -7.37
N CYS N 1069 84.64 -25.73 -8.13
CA CYS N 1069 85.60 -26.68 -7.61
C CYS N 1069 86.92 -25.98 -7.36
N HIS N 1070 87.51 -26.20 -6.20
CA HIS N 1070 88.88 -25.75 -6.07
C HIS N 1070 89.81 -26.94 -6.03
N ASP N 1071 89.87 -27.61 -4.90
CA ASP N 1071 90.70 -28.79 -4.75
C ASP N 1071 89.93 -30.08 -5.00
N GLY N 1072 88.70 -29.96 -5.44
CA GLY N 1072 87.74 -31.04 -5.38
C GLY N 1072 86.67 -30.82 -4.36
N LYS N 1073 86.93 -29.95 -3.38
CA LYS N 1073 85.85 -29.39 -2.60
C LYS N 1073 85.05 -28.46 -3.49
N ALA N 1074 83.83 -28.18 -3.05
CA ALA N 1074 82.98 -27.21 -3.73
C ALA N 1074 82.92 -25.95 -2.90
N HIS N 1075 82.87 -24.80 -3.55
CA HIS N 1075 82.76 -23.52 -2.87
C HIS N 1075 81.48 -22.83 -3.31
N PHE N 1076 80.64 -22.50 -2.36
CA PHE N 1076 79.45 -21.82 -2.83
C PHE N 1076 79.45 -20.39 -2.30
N PRO N 1077 78.85 -19.45 -3.02
CA PRO N 1077 78.87 -18.06 -2.56
C PRO N 1077 78.16 -17.93 -1.23
N ARG N 1078 78.82 -17.28 -0.27
CA ARG N 1078 78.16 -17.09 1.02
C ARG N 1078 76.91 -16.23 0.85
N GLU N 1079 77.03 -15.12 0.14
CA GLU N 1079 75.91 -14.26 -0.17
C GLU N 1079 76.08 -13.75 -1.58
N GLY N 1080 75.00 -13.73 -2.35
CA GLY N 1080 75.11 -13.42 -3.74
C GLY N 1080 75.49 -14.67 -4.54
N VAL N 1081 76.11 -14.44 -5.69
CA VAL N 1081 76.43 -15.53 -6.61
C VAL N 1081 77.75 -15.30 -7.34
N PHE N 1082 78.26 -16.39 -7.90
CA PHE N 1082 79.41 -16.34 -8.78
C PHE N 1082 78.99 -15.86 -10.15
N VAL N 1083 79.84 -15.05 -10.77
CA VAL N 1083 79.70 -14.71 -12.18
C VAL N 1083 81.09 -14.60 -12.77
N SER N 1084 81.13 -14.62 -14.10
CA SER N 1084 82.30 -14.14 -14.80
C SER N 1084 81.85 -13.40 -16.04
N ASN N 1085 82.67 -12.45 -16.45
CA ASN N 1085 82.51 -11.78 -17.72
C ASN N 1085 83.10 -12.59 -18.85
N GLY N 1086 83.52 -13.83 -18.56
CA GLY N 1086 84.11 -14.72 -19.53
C GLY N 1086 85.56 -15.07 -19.28
N THR N 1087 86.23 -14.44 -18.32
CA THR N 1087 87.59 -14.81 -17.98
C THR N 1087 87.75 -15.12 -16.51
N HIS N 1088 87.53 -14.14 -15.64
CA HIS N 1088 87.79 -14.28 -14.22
C HIS N 1088 86.48 -14.43 -13.48
N TRP N 1089 86.42 -15.41 -12.60
CA TRP N 1089 85.19 -15.66 -11.88
C TRP N 1089 85.07 -14.70 -10.72
N PHE N 1090 83.89 -14.09 -10.61
CA PHE N 1090 83.63 -13.06 -9.62
C PHE N 1090 82.41 -13.44 -8.82
N VAL N 1091 82.55 -13.45 -7.52
CA VAL N 1091 81.42 -13.49 -6.62
C VAL N 1091 80.92 -12.06 -6.45
N THR N 1092 79.61 -11.90 -6.36
CA THR N 1092 79.08 -10.56 -6.19
C THR N 1092 77.71 -10.66 -5.56
N GLN N 1093 77.26 -9.53 -5.02
CA GLN N 1093 75.92 -9.44 -4.48
C GLN N 1093 74.90 -9.46 -5.61
N ARG N 1094 73.68 -9.85 -5.27
CA ARG N 1094 72.70 -10.16 -6.30
C ARG N 1094 72.21 -8.91 -7.02
N ASN N 1095 71.70 -7.93 -6.28
CA ASN N 1095 70.91 -6.85 -6.86
C ASN N 1095 71.73 -5.66 -7.32
N PHE N 1096 73.05 -5.73 -7.23
CA PHE N 1096 73.90 -4.68 -7.76
C PHE N 1096 75.21 -5.32 -8.14
N TYR N 1097 75.86 -4.79 -9.16
CA TYR N 1097 77.06 -5.41 -9.68
C TYR N 1097 78.27 -4.79 -9.01
N GLU N 1098 78.94 -5.56 -8.17
CA GLU N 1098 80.18 -5.15 -7.54
C GLU N 1098 81.10 -6.35 -7.53
N PRO N 1099 81.81 -6.59 -8.61
CA PRO N 1099 82.62 -7.80 -8.71
C PRO N 1099 83.72 -7.81 -7.65
N GLN N 1100 84.00 -8.99 -7.12
CA GLN N 1100 84.98 -9.13 -6.07
C GLN N 1100 85.77 -10.41 -6.30
N ILE N 1101 87.09 -10.33 -6.11
CA ILE N 1101 87.90 -11.53 -6.23
C ILE N 1101 87.40 -12.57 -5.25
N ILE N 1102 87.43 -13.81 -5.67
CA ILE N 1102 86.87 -14.90 -4.88
C ILE N 1102 87.88 -15.36 -3.86
N THR N 1103 87.54 -15.26 -2.58
CA THR N 1103 88.37 -15.78 -1.51
C THR N 1103 87.49 -16.57 -0.57
N THR N 1104 88.13 -17.40 0.25
CA THR N 1104 87.39 -18.28 1.14
C THR N 1104 86.47 -17.51 2.07
N ASP N 1105 86.74 -16.23 2.32
CA ASP N 1105 85.81 -15.46 3.13
C ASP N 1105 84.57 -15.09 2.35
N ASN N 1106 84.54 -15.31 1.04
CA ASN N 1106 83.32 -15.14 0.28
C ASN N 1106 82.53 -16.42 0.12
N THR N 1107 83.11 -17.57 0.45
CA THR N 1107 82.53 -18.85 0.08
C THR N 1107 82.69 -19.86 1.20
N PHE N 1108 81.64 -20.64 1.43
CA PHE N 1108 81.70 -21.75 2.36
C PHE N 1108 81.77 -23.05 1.58
N VAL N 1109 82.54 -23.99 2.11
CA VAL N 1109 82.75 -25.26 1.44
C VAL N 1109 81.61 -26.21 1.78
N SER N 1110 81.21 -27.04 0.82
CA SER N 1110 80.25 -28.09 1.11
C SER N 1110 80.45 -29.25 0.16
N GLY N 1111 80.24 -30.45 0.67
CA GLY N 1111 80.32 -31.66 -0.13
C GLY N 1111 81.61 -31.74 -0.91
N ASN N 1112 81.49 -32.19 -2.16
CA ASN N 1112 82.60 -32.16 -3.10
C ASN N 1112 82.02 -32.12 -4.51
N CYS N 1113 82.88 -32.27 -5.51
CA CYS N 1113 82.54 -31.83 -6.86
C CYS N 1113 81.53 -32.70 -7.59
N ASP N 1114 81.64 -34.01 -7.51
CA ASP N 1114 80.95 -34.87 -8.46
C ASP N 1114 79.44 -34.70 -8.48
N VAL N 1115 78.86 -34.03 -7.50
CA VAL N 1115 77.42 -33.91 -7.38
C VAL N 1115 76.90 -32.66 -8.07
N VAL N 1116 77.34 -31.48 -7.61
CA VAL N 1116 76.73 -30.23 -8.03
C VAL N 1116 76.74 -30.11 -9.54
N ILE N 1117 75.56 -29.88 -10.11
CA ILE N 1117 75.46 -29.75 -11.57
C ILE N 1117 76.06 -28.42 -12.00
N GLY N 1118 76.87 -28.46 -13.05
CA GLY N 1118 77.35 -27.22 -13.62
C GLY N 1118 78.44 -26.52 -12.84
N ILE N 1119 79.04 -27.20 -11.87
CA ILE N 1119 80.16 -26.60 -11.17
C ILE N 1119 81.33 -26.45 -12.14
N VAL N 1120 82.14 -25.42 -11.93
CA VAL N 1120 83.21 -25.09 -12.88
C VAL N 1120 84.54 -25.02 -12.15
N ASN N 1121 85.62 -25.13 -12.90
CA ASN N 1121 86.95 -25.02 -12.33
C ASN N 1121 87.31 -23.57 -12.09
N ASN N 1122 88.08 -23.34 -11.04
CA ASN N 1122 88.74 -22.07 -10.79
C ASN N 1122 89.68 -22.29 -9.60
N THR N 1123 90.38 -21.24 -9.21
CA THR N 1123 91.21 -21.24 -8.01
C THR N 1123 90.67 -20.16 -7.09
N VAL N 1124 90.23 -20.57 -5.90
CA VAL N 1124 89.70 -19.62 -4.93
C VAL N 1124 90.86 -19.11 -4.11
N TYR N 1125 91.15 -17.82 -4.27
CA TYR N 1125 92.30 -17.22 -3.63
C TYR N 1125 92.17 -17.30 -2.12
N ASP N 1126 93.30 -17.46 -1.45
CA ASP N 1126 93.32 -17.50 0.00
C ASP N 1126 93.75 -16.15 0.54
N PRO N 1127 92.98 -15.56 1.47
CA PRO N 1127 93.50 -14.41 2.21
C PRO N 1127 94.75 -14.76 2.99
N LEU N 1128 94.75 -15.92 3.64
CA LEU N 1128 95.79 -16.24 4.60
C LEU N 1128 97.11 -16.58 3.93
N GLN N 1129 97.09 -17.47 2.95
CA GLN N 1129 98.30 -17.97 2.30
C GLN N 1129 99.34 -16.90 1.97
N PRO N 1130 99.00 -15.77 1.36
CA PRO N 1130 100.03 -14.75 1.12
C PRO N 1130 100.60 -14.18 2.40
N GLU N 1131 99.74 -13.96 3.39
CA GLU N 1131 100.19 -13.42 4.67
C GLU N 1131 101.32 -14.26 5.24
N LEU N 1132 101.32 -15.55 4.94
CA LEU N 1132 102.32 -16.44 5.51
C LEU N 1132 103.74 -16.01 5.18
N ASP N 1133 104.09 -16.04 3.88
CA ASP N 1133 105.42 -16.51 3.49
C ASP N 1133 106.54 -15.84 4.28
N SER N 1134 106.33 -14.62 4.73
CA SER N 1134 107.31 -14.04 5.62
C SER N 1134 107.17 -14.68 7.00
N GLN O 1 -29.11 21.53 56.22
CA GLN O 1 -27.88 21.94 56.88
C GLN O 1 -27.23 23.11 56.14
N CYS O 2 -26.15 22.80 55.42
CA CYS O 2 -25.37 23.80 54.69
C CYS O 2 -24.91 24.94 55.61
N VAL O 3 -24.60 24.61 56.86
CA VAL O 3 -23.99 25.58 57.74
C VAL O 3 -22.64 25.99 57.15
N ASN O 4 -22.40 27.29 57.07
CA ASN O 4 -21.28 27.84 56.30
C ASN O 4 -20.42 28.70 57.20
N LEU O 5 -19.10 28.52 57.10
CA LEU O 5 -18.13 29.47 57.63
C LEU O 5 -17.07 29.66 56.56
N THR O 6 -16.87 30.90 56.11
CA THR O 6 -15.95 31.13 54.95
C THR O 6 -14.72 31.98 55.33
N THR O 7 -14.79 32.72 56.45
CA THR O 7 -13.67 33.60 56.90
C THR O 7 -13.30 34.62 55.82
N ARG O 8 -12.01 34.81 55.54
CA ARG O 8 -11.55 35.82 54.58
C ARG O 8 -10.38 35.38 53.71
N THR O 9 -9.24 35.12 54.33
CA THR O 9 -7.96 35.28 53.65
C THR O 9 -7.63 34.10 52.75
N GLN O 10 -6.78 34.37 51.76
CA GLN O 10 -6.13 33.36 50.95
C GLN O 10 -4.67 33.19 51.38
N LEU O 11 -3.91 34.29 51.35
CA LEU O 11 -2.45 34.36 51.47
C LEU O 11 -1.84 33.89 50.15
N PRO O 12 -0.63 34.30 49.82
CA PRO O 12 0.07 33.66 48.72
C PRO O 12 0.22 32.17 49.00
N PRO O 13 -0.20 31.31 48.08
CA PRO O 13 -0.10 29.87 48.36
C PRO O 13 1.35 29.47 48.57
N ALA O 14 1.61 28.82 49.70
CA ALA O 14 2.97 28.43 50.03
C ALA O 14 3.32 27.25 49.14
N TYR O 15 4.36 27.42 48.33
CA TYR O 15 4.71 26.39 47.37
C TYR O 15 5.79 25.49 47.93
N THR O 16 6.13 24.48 47.15
CA THR O 16 7.16 23.52 47.52
C THR O 16 7.64 22.84 46.25
N ASN O 17 8.57 21.91 46.42
CA ASN O 17 9.23 21.25 45.31
C ASN O 17 9.13 19.76 45.54
N SER O 18 8.38 19.07 44.69
CA SER O 18 8.35 17.62 44.76
C SER O 18 9.59 17.08 44.10
N PHE O 19 10.43 16.39 44.87
CA PHE O 19 11.75 16.05 44.39
C PHE O 19 11.66 14.82 43.50
N THR O 20 11.42 13.67 44.13
CA THR O 20 11.03 12.46 43.45
C THR O 20 9.69 12.05 44.05
N ARG O 21 8.62 12.18 43.28
CA ARG O 21 7.30 12.01 43.89
C ARG O 21 6.29 11.65 42.81
N GLY O 22 5.19 11.05 43.25
CA GLY O 22 4.07 10.78 42.38
C GLY O 22 4.34 9.78 41.28
N VAL O 23 5.11 8.73 41.56
CA VAL O 23 5.35 7.67 40.61
C VAL O 23 4.57 6.44 41.03
N TYR O 24 3.51 6.14 40.28
CA TYR O 24 2.65 5.00 40.54
C TYR O 24 3.00 3.89 39.56
N TYR O 25 2.28 2.78 39.65
CA TYR O 25 2.47 1.68 38.72
C TYR O 25 1.41 1.77 37.64
N PRO O 26 1.76 2.18 36.42
CA PRO O 26 0.74 2.30 35.38
C PRO O 26 0.50 1.02 34.61
N ASP O 27 0.31 -0.10 35.31
CA ASP O 27 -0.03 -1.42 34.78
C ASP O 27 -0.08 -2.40 35.95
N LYS O 28 -0.75 -3.53 35.71
CA LYS O 28 -0.73 -4.65 36.63
C LYS O 28 0.43 -5.60 36.36
N VAL O 29 1.08 -5.46 35.22
CA VAL O 29 2.07 -6.43 34.75
C VAL O 29 3.26 -6.41 35.67
N PHE O 30 3.64 -7.58 36.16
CA PHE O 30 4.79 -7.71 37.04
C PHE O 30 6.08 -7.73 36.24
N ARG O 31 6.97 -6.80 36.54
CA ARG O 31 8.27 -6.75 35.88
C ARG O 31 9.36 -6.70 36.94
N SER O 32 10.53 -7.23 36.60
CA SER O 32 11.62 -7.42 37.56
C SER O 32 12.90 -6.83 36.98
N SER O 33 13.42 -5.79 37.66
CA SER O 33 14.74 -5.23 37.35
C SER O 33 14.91 -4.93 35.86
N VAL O 34 13.96 -4.20 35.29
CA VAL O 34 14.03 -3.79 33.89
C VAL O 34 13.76 -2.29 33.85
N LEU O 35 14.18 -1.65 32.76
CA LEU O 35 13.87 -0.24 32.57
C LEU O 35 12.74 -0.09 31.57
N HIS O 36 11.56 0.27 32.05
CA HIS O 36 10.37 0.39 31.23
C HIS O 36 10.06 1.86 31.04
N SER O 37 9.59 2.23 29.86
CA SER O 37 9.37 3.62 29.50
C SER O 37 7.99 3.78 28.90
N THR O 38 7.16 4.60 29.53
CA THR O 38 5.87 5.01 28.98
C THR O 38 5.70 6.50 29.11
N GLN O 39 4.87 7.07 28.24
CA GLN O 39 4.48 8.46 28.30
C GLN O 39 3.04 8.52 28.78
N ASP O 40 2.87 8.98 30.02
CA ASP O 40 1.58 8.98 30.68
C ASP O 40 1.47 10.21 31.57
N LEU O 41 0.26 10.47 32.03
CA LEU O 41 0.05 11.56 32.99
C LEU O 41 0.78 11.27 34.28
N PHE O 42 1.63 12.20 34.71
CA PHE O 42 2.30 12.12 35.99
C PHE O 42 2.45 13.52 36.56
N LEU O 43 2.98 13.60 37.78
CA LEU O 43 3.43 14.86 38.34
C LEU O 43 4.92 14.96 38.07
N PRO O 44 5.37 15.81 37.15
CA PRO O 44 6.79 15.81 36.80
C PRO O 44 7.66 16.25 37.96
N PHE O 45 8.86 15.66 38.04
CA PHE O 45 9.77 15.91 39.20
C PHE O 45 10.24 17.36 39.26
N PHE O 46 10.73 17.78 40.42
CA PHE O 46 11.25 19.17 40.60
C PHE O 46 10.14 20.13 40.17
N SER O 47 8.91 19.86 40.58
CA SER O 47 7.76 20.71 40.15
C SER O 47 7.24 21.56 41.31
N ASN O 48 6.30 22.46 41.01
CA ASN O 48 5.72 23.37 42.00
C ASN O 48 4.48 22.71 42.58
N VAL O 49 4.50 22.48 43.89
CA VAL O 49 3.34 21.86 44.57
C VAL O 49 2.85 22.84 45.60
N THR O 50 1.55 23.13 45.61
CA THR O 50 1.05 24.12 46.58
C THR O 50 0.79 23.47 47.93
N TRP O 51 1.58 23.82 48.95
CA TRP O 51 1.32 23.31 50.32
C TRP O 51 0.16 24.14 50.88
N PHE O 52 -1.06 23.60 50.86
CA PHE O 52 -2.27 24.38 51.25
C PHE O 52 -2.48 24.48 52.77
N HIS O 53 -3.47 25.27 53.20
CA HIS O 53 -3.78 25.44 54.65
C HIS O 53 -5.29 25.34 54.89
N ALA O 54 -5.71 24.70 55.99
CA ALA O 54 -7.15 24.65 56.37
C ALA O 54 -7.22 24.56 57.90
N ILE O 55 -8.27 25.06 58.55
CA ILE O 55 -8.27 25.05 60.05
C ILE O 55 -6.83 25.37 60.47
N HIS O 56 -6.30 26.49 59.95
CA HIS O 56 -4.91 26.87 60.18
C HIS O 56 -4.83 27.84 61.35
N VAL O 57 -3.87 27.61 62.23
CA VAL O 57 -3.64 28.51 63.35
C VAL O 57 -2.34 29.28 63.15
N SER O 58 -2.46 30.60 63.08
CA SER O 58 -1.32 31.51 63.17
C SER O 58 -1.46 32.23 64.50
N GLY O 59 -0.58 31.90 65.44
CA GLY O 59 -0.84 32.18 66.84
C GLY O 59 -0.92 33.61 67.31
N THR O 60 -2.06 33.97 67.86
CA THR O 60 -2.17 35.03 68.86
C THR O 60 -2.99 34.46 70.02
N ASN O 61 -4.27 34.18 69.78
CA ASN O 61 -4.99 33.12 70.47
C ASN O 61 -5.98 32.54 69.47
N GLY O 62 -5.97 31.21 69.32
CA GLY O 62 -6.88 30.61 68.36
C GLY O 62 -6.54 31.04 66.95
N THR O 63 -7.51 31.67 66.28
CA THR O 63 -7.41 32.12 64.89
C THR O 63 -7.17 30.94 63.94
N LYS O 64 -8.23 30.14 63.82
CA LYS O 64 -8.25 29.03 62.88
C LYS O 64 -8.76 29.52 61.52
N ARG O 65 -7.94 29.30 60.48
CA ARG O 65 -8.20 29.86 59.16
C ARG O 65 -8.67 28.75 58.22
N PHE O 66 -9.95 28.80 57.84
CA PHE O 66 -10.55 27.84 56.94
C PHE O 66 -10.43 28.41 55.53
N ASP O 67 -9.44 27.93 54.77
CA ASP O 67 -9.16 28.45 53.44
C ASP O 67 -9.51 27.53 52.28
N ASN O 68 -9.88 26.28 52.52
CA ASN O 68 -9.73 25.29 51.44
C ASN O 68 -10.63 25.63 50.25
N PRO O 69 -10.08 26.01 49.11
CA PRO O 69 -10.88 26.44 47.97
C PRO O 69 -11.41 25.26 47.16
N VAL O 70 -12.48 25.53 46.42
CA VAL O 70 -12.80 24.67 45.28
C VAL O 70 -11.68 24.77 44.27
N LEU O 71 -11.15 23.62 43.85
CA LEU O 71 -9.98 23.67 43.00
C LEU O 71 -10.25 22.94 41.69
N PRO O 72 -9.79 23.50 40.57
CA PRO O 72 -9.98 22.82 39.28
C PRO O 72 -9.22 21.50 39.26
N PHE O 73 -9.75 20.54 38.49
CA PHE O 73 -9.07 19.27 38.33
C PHE O 73 -7.95 19.35 37.30
N ASN O 74 -8.14 20.16 36.25
CA ASN O 74 -7.18 20.34 35.16
C ASN O 74 -6.91 18.97 34.52
N ASP O 75 -5.67 18.62 34.22
CA ASP O 75 -5.35 17.35 33.61
C ASP O 75 -5.48 16.18 34.58
N GLY O 76 -4.67 16.16 35.63
CA GLY O 76 -4.82 15.17 36.69
C GLY O 76 -4.42 15.81 38.00
N VAL O 77 -4.67 15.07 39.08
CA VAL O 77 -4.51 15.62 40.42
C VAL O 77 -3.67 14.67 41.27
N TYR O 78 -2.76 15.26 42.04
CA TYR O 78 -1.96 14.56 43.04
C TYR O 78 -2.35 15.10 44.40
N PHE O 79 -2.16 14.31 45.44
CA PHE O 79 -2.51 14.72 46.79
C PHE O 79 -1.58 14.09 47.81
N ALA O 80 -1.27 14.84 48.87
CA ALA O 80 -0.40 14.34 49.93
C ALA O 80 -0.78 15.02 51.24
N SER O 81 -0.64 14.28 52.33
CA SER O 81 -0.96 14.82 53.65
C SER O 81 -0.24 14.00 54.71
N THR O 82 -0.12 14.58 55.90
CA THR O 82 0.44 13.88 57.05
C THR O 82 -0.67 13.54 58.03
N GLU O 83 -1.16 14.54 58.76
CA GLU O 83 -2.39 14.45 59.55
C GLU O 83 -2.35 13.28 60.52
N LYS O 84 -1.42 13.37 61.48
CA LYS O 84 -1.38 12.31 62.53
C LYS O 84 -2.80 12.19 63.08
N SER O 85 -3.44 13.32 63.39
CA SER O 85 -4.87 13.28 63.79
C SER O 85 -5.66 13.56 62.51
N ASN O 86 -6.36 12.56 61.99
CA ASN O 86 -7.03 12.77 60.68
C ASN O 86 -8.10 13.85 60.80
N ILE O 87 -8.13 14.76 59.84
CA ILE O 87 -9.21 15.78 59.81
C ILE O 87 -9.71 15.69 58.38
N ILE O 88 -9.05 14.86 57.58
CA ILE O 88 -9.36 14.76 56.16
C ILE O 88 -10.00 13.41 55.88
N ARG O 89 -11.01 13.40 55.01
CA ARG O 89 -11.75 12.17 54.77
C ARG O 89 -11.79 11.86 53.27
N GLY O 90 -12.35 12.76 52.47
CA GLY O 90 -12.55 12.51 51.07
C GLY O 90 -12.60 13.81 50.29
N TRP O 91 -13.01 13.70 49.03
CA TRP O 91 -13.02 14.85 48.13
C TRP O 91 -14.35 14.88 47.38
N ILE O 92 -14.70 16.04 46.87
CA ILE O 92 -16.03 16.30 46.34
C ILE O 92 -16.11 16.12 44.81
N PHE O 93 -15.09 15.50 44.21
CA PHE O 93 -14.78 15.69 42.79
C PHE O 93 -16.02 15.72 41.92
N GLY O 94 -16.05 16.69 41.00
CA GLY O 94 -17.21 16.89 40.15
C GLY O 94 -16.92 17.95 39.11
N THR O 95 -18.00 18.49 38.55
CA THR O 95 -17.86 19.57 37.58
C THR O 95 -18.62 20.81 38.03
N THR O 96 -19.95 20.71 38.09
CA THR O 96 -20.76 21.83 38.56
C THR O 96 -20.69 21.98 40.08
N LEU O 97 -20.24 20.93 40.78
CA LEU O 97 -20.21 20.89 42.24
C LEU O 97 -21.63 21.07 42.79
N ASP O 98 -22.57 20.50 42.06
CA ASP O 98 -24.00 20.78 42.20
C ASP O 98 -24.72 19.61 41.53
N SER O 99 -26.03 19.74 41.35
CA SER O 99 -26.74 18.85 40.45
C SER O 99 -26.41 19.22 39.00
N LYS O 100 -27.09 18.58 38.06
CA LYS O 100 -26.94 18.68 36.62
C LYS O 100 -25.74 17.87 36.11
N THR O 101 -24.84 17.46 36.99
CA THR O 101 -23.77 16.53 36.65
C THR O 101 -23.73 15.46 37.73
N GLN O 102 -22.97 14.40 37.47
CA GLN O 102 -22.75 13.45 38.54
C GLN O 102 -21.85 14.07 39.59
N SER O 103 -21.59 13.31 40.65
CA SER O 103 -20.71 13.79 41.70
C SER O 103 -19.88 12.63 42.22
N LEU O 104 -18.57 12.85 42.32
CA LEU O 104 -17.73 11.87 42.97
C LEU O 104 -17.56 12.23 44.44
N LEU O 105 -18.41 11.60 45.24
CA LEU O 105 -18.36 11.89 46.69
C LEU O 105 -17.64 10.73 47.34
N ILE O 106 -16.32 10.72 47.24
CA ILE O 106 -15.62 9.64 47.98
C ILE O 106 -15.63 10.06 49.44
N VAL O 107 -16.24 9.25 50.31
CA VAL O 107 -16.21 9.53 51.76
C VAL O 107 -15.70 8.29 52.48
N ASN O 108 -14.69 8.45 53.32
CA ASN O 108 -14.27 7.31 54.18
C ASN O 108 -15.42 7.00 55.14
N ASN O 109 -16.10 7.99 55.71
CA ASN O 109 -17.12 7.73 56.75
C ASN O 109 -16.41 7.07 57.94
N ALA O 110 -15.07 7.02 57.91
CA ALA O 110 -14.24 6.47 59.02
C ALA O 110 -14.36 4.96 59.20
N THR O 111 -15.56 4.43 59.46
CA THR O 111 -15.69 2.97 59.76
C THR O 111 -15.19 2.15 58.56
N ASN O 112 -15.54 2.56 57.33
CA ASN O 112 -15.13 1.82 56.11
C ASN O 112 -15.35 2.78 54.94
N VAL O 113 -14.36 2.92 54.05
CA VAL O 113 -14.55 3.96 53.01
C VAL O 113 -15.83 3.63 52.22
N VAL O 114 -16.73 4.61 52.07
CA VAL O 114 -17.92 4.38 51.20
C VAL O 114 -17.78 5.28 49.98
N ILE O 115 -17.55 4.68 48.81
CA ILE O 115 -17.33 5.50 47.59
C ILE O 115 -18.70 5.83 47.03
N LYS O 116 -18.94 7.10 46.73
CA LYS O 116 -20.21 7.43 46.13
C LYS O 116 -19.98 8.20 44.83
N VAL O 117 -20.57 7.70 43.76
CA VAL O 117 -20.72 8.45 42.51
C VAL O 117 -22.21 8.67 42.33
N CYS O 118 -22.67 9.89 42.54
CA CYS O 118 -24.09 10.19 42.58
C CYS O 118 -24.32 11.59 42.03
N GLU O 119 -25.54 12.09 42.22
CA GLU O 119 -25.85 13.50 42.00
C GLU O 119 -26.25 14.11 43.34
N PHE O 120 -25.43 15.02 43.85
CA PHE O 120 -25.68 15.64 45.14
C PHE O 120 -25.96 17.13 44.95
N GLN O 121 -26.27 17.79 46.06
CA GLN O 121 -26.23 19.24 46.17
C GLN O 121 -25.17 19.59 47.19
N PHE O 122 -24.03 20.08 46.72
CA PHE O 122 -22.97 20.45 47.64
C PHE O 122 -23.13 21.90 48.08
N CYS O 123 -23.00 22.11 49.39
CA CYS O 123 -23.24 23.42 49.96
C CYS O 123 -22.12 24.38 49.57
N ASN O 124 -22.23 25.62 50.05
CA ASN O 124 -21.19 26.61 49.79
C ASN O 124 -19.92 26.35 50.59
N ASP O 125 -20.03 25.76 51.78
CA ASP O 125 -18.88 25.42 52.62
C ASP O 125 -19.01 23.97 53.06
N PRO O 126 -18.85 23.02 52.14
CA PRO O 126 -19.09 21.62 52.48
C PRO O 126 -17.95 21.03 53.29
N PHE O 127 -18.32 20.14 54.22
CA PHE O 127 -17.38 19.33 55.01
C PHE O 127 -18.23 18.42 55.90
N LEU O 128 -17.61 17.35 56.36
CA LEU O 128 -18.31 16.37 57.19
C LEU O 128 -18.34 16.84 58.63
N GLY O 129 -19.55 16.99 59.18
CA GLY O 129 -19.67 17.28 60.59
C GLY O 129 -19.60 16.02 61.41
N VAL O 130 -18.96 16.12 62.58
CA VAL O 130 -18.87 15.04 63.54
C VAL O 130 -19.40 15.55 64.87
N TYR O 131 -20.19 14.72 65.54
CA TYR O 131 -20.78 15.09 66.82
C TYR O 131 -20.77 13.84 67.70
N TYR O 132 -21.37 13.99 68.89
CA TYR O 132 -21.43 12.85 69.86
C TYR O 132 -22.87 12.31 69.83
N HIS O 133 -23.05 11.03 69.49
CA HIS O 133 -24.41 10.44 69.34
C HIS O 133 -25.16 10.46 70.68
N LYS O 134 -24.50 10.17 71.80
CA LYS O 134 -25.14 10.13 73.15
C LYS O 134 -25.92 8.83 73.23
N ASN O 135 -25.96 8.07 72.13
CA ASN O 135 -26.60 6.74 72.11
C ASN O 135 -25.44 5.84 71.73
N ASN O 136 -25.19 4.76 72.47
CA ASN O 136 -23.96 3.96 72.23
C ASN O 136 -22.80 4.88 72.60
N LYS O 137 -23.08 6.17 72.88
CA LYS O 137 -22.05 7.08 73.36
C LYS O 137 -20.87 7.16 72.41
N SER O 138 -21.15 7.21 71.11
CA SER O 138 -20.08 7.24 70.12
C SER O 138 -20.09 8.59 69.42
N TRP O 139 -19.15 8.74 68.49
CA TRP O 139 -19.06 9.94 67.68
C TRP O 139 -19.58 9.63 66.29
N MET O 140 -20.76 10.13 65.96
CA MET O 140 -21.27 9.95 64.60
C MET O 140 -20.66 11.00 63.69
N GLU O 141 -20.98 10.88 62.41
CA GLU O 141 -20.58 11.86 61.41
C GLU O 141 -21.82 12.30 60.68
N SER O 142 -22.18 13.58 60.81
CA SER O 142 -23.26 14.15 60.03
C SER O 142 -22.71 14.41 58.65
N GLU O 143 -23.24 13.70 57.65
CA GLU O 143 -22.71 13.77 56.30
C GLU O 143 -23.41 14.81 55.46
N PHE O 144 -24.51 15.39 55.94
CA PHE O 144 -25.23 16.37 55.16
C PHE O 144 -24.78 17.79 55.48
N ARG O 145 -23.78 17.94 56.35
CA ARG O 145 -23.11 19.23 56.45
C ARG O 145 -22.26 19.46 55.21
N VAL O 146 -21.94 18.39 54.49
CA VAL O 146 -21.31 18.49 53.18
C VAL O 146 -22.36 18.93 52.19
N TYR O 147 -23.34 18.06 51.96
CA TYR O 147 -24.28 18.19 50.87
C TYR O 147 -25.71 18.04 51.39
N SER O 148 -26.62 18.81 50.81
CA SER O 148 -28.01 18.72 51.23
C SER O 148 -28.68 17.49 50.63
N SER O 149 -28.84 17.46 49.32
CA SER O 149 -29.59 16.40 48.65
C SER O 149 -28.66 15.26 48.28
N ALA O 150 -29.19 14.04 48.39
CA ALA O 150 -28.58 12.85 47.81
C ALA O 150 -29.67 12.08 47.08
N ASN O 151 -29.55 11.98 45.76
CA ASN O 151 -30.58 11.35 44.94
C ASN O 151 -29.99 11.03 43.57
N ASN O 152 -30.78 10.36 42.73
CA ASN O 152 -30.44 10.05 41.35
C ASN O 152 -29.25 9.12 41.23
N CYS O 153 -28.66 8.70 42.35
CA CYS O 153 -27.28 8.21 42.39
C CYS O 153 -27.00 7.14 41.34
N THR O 154 -25.91 7.33 40.61
CA THR O 154 -25.45 6.40 39.58
C THR O 154 -24.65 5.22 40.13
N PHE O 155 -23.75 5.44 41.08
CA PHE O 155 -22.85 4.37 41.50
C PHE O 155 -22.59 4.45 43.00
N GLU O 156 -22.28 3.29 43.57
CA GLU O 156 -21.98 3.16 44.99
C GLU O 156 -20.96 2.03 45.15
N TYR O 157 -20.07 2.19 46.13
CA TYR O 157 -19.09 1.16 46.41
C TYR O 157 -18.58 1.31 47.84
N VAL O 158 -18.06 0.21 48.38
CA VAL O 158 -17.48 0.18 49.73
C VAL O 158 -16.19 -0.64 49.68
N SER O 159 -15.22 -0.25 50.50
CA SER O 159 -13.96 -0.99 50.57
C SER O 159 -13.35 -0.78 51.95
N GLN O 160 -12.20 -1.42 52.18
CA GLN O 160 -11.40 -1.20 53.38
C GLN O 160 -10.81 0.21 53.37
N PRO O 161 -10.70 0.84 54.54
CA PRO O 161 -10.38 2.27 54.58
C PRO O 161 -9.03 2.58 53.94
N PHE O 162 -9.06 3.53 53.00
CA PHE O 162 -7.83 4.00 52.38
C PHE O 162 -7.01 4.79 53.39
N LEU O 163 -7.65 5.78 54.02
CA LEU O 163 -7.08 6.47 55.17
C LEU O 163 -6.97 5.46 56.31
N MET O 164 -5.79 5.37 56.90
CA MET O 164 -5.54 4.42 57.97
C MET O 164 -4.55 5.04 58.93
N ASP O 165 -4.74 4.79 60.22
CA ASP O 165 -3.77 5.26 61.20
C ASP O 165 -2.90 4.11 61.68
N LEU O 166 -1.88 4.46 62.44
CA LEU O 166 -1.05 3.52 63.18
C LEU O 166 -0.85 4.12 64.57
N GLU O 167 -0.20 5.28 64.58
CA GLU O 167 0.05 6.15 65.72
C GLU O 167 0.81 5.41 66.83
N GLY O 168 0.56 5.76 68.09
CA GLY O 168 1.43 5.37 69.18
C GLY O 168 2.86 5.87 69.06
N LYS O 169 3.18 6.64 68.01
CA LYS O 169 4.56 6.95 67.64
C LYS O 169 5.01 8.34 68.08
N GLN O 170 4.16 9.11 68.74
CA GLN O 170 4.46 10.48 69.18
C GLN O 170 5.17 11.28 68.07
N GLY O 171 4.73 11.08 66.85
CA GLY O 171 5.37 11.65 65.69
C GLY O 171 6.41 10.71 65.10
N ASN O 172 7.41 11.31 64.45
CA ASN O 172 8.53 10.61 63.84
C ASN O 172 8.09 9.78 62.64
N PHE O 173 6.79 9.58 62.49
CA PHE O 173 6.17 9.09 61.26
C PHE O 173 5.42 10.21 60.56
N LYS O 174 4.43 10.80 61.23
CA LYS O 174 3.49 11.77 60.68
C LYS O 174 2.52 11.05 59.75
N ASN O 175 2.82 9.79 59.45
CA ASN O 175 2.02 8.96 58.56
C ASN O 175 1.69 9.72 57.28
N LEU O 176 2.73 10.03 56.51
CA LEU O 176 2.51 10.77 55.29
C LEU O 176 1.70 9.92 54.33
N ARG O 177 0.60 10.48 53.84
CA ARG O 177 -0.39 9.75 53.06
C ARG O 177 -0.62 10.48 51.75
N GLU O 178 -0.51 9.75 50.64
CA GLU O 178 -0.61 10.30 49.30
C GLU O 178 -1.72 9.61 48.54
N PHE O 179 -2.43 10.38 47.72
CA PHE O 179 -3.49 9.82 46.90
C PHE O 179 -3.47 10.48 45.54
N VAL O 180 -3.39 9.67 44.50
CA VAL O 180 -3.37 10.16 43.13
C VAL O 180 -4.71 9.84 42.47
N PHE O 181 -5.22 10.80 41.71
CA PHE O 181 -6.54 10.71 41.12
C PHE O 181 -6.42 11.06 39.65
N LYS O 182 -6.69 10.09 38.78
CA LYS O 182 -6.55 10.27 37.35
C LYS O 182 -7.81 9.76 36.67
N ASN O 183 -8.43 10.63 35.86
CA ASN O 183 -9.71 10.34 35.24
C ASN O 183 -9.51 10.21 33.74
N ILE O 184 -9.61 8.97 33.24
CA ILE O 184 -9.41 8.66 31.83
C ILE O 184 -10.37 7.53 31.46
N ASP O 185 -10.68 7.45 30.15
CA ASP O 185 -11.23 6.29 29.47
C ASP O 185 -12.30 5.55 30.26
N GLY O 186 -13.17 6.29 30.95
CA GLY O 186 -14.18 5.65 31.75
C GLY O 186 -13.71 5.05 33.05
N TYR O 187 -12.39 4.99 33.26
CA TYR O 187 -11.82 4.49 34.52
C TYR O 187 -11.13 5.63 35.25
N PHE O 188 -11.73 6.07 36.35
CA PHE O 188 -11.08 6.93 37.31
C PHE O 188 -10.46 6.05 38.37
N LYS O 189 -9.14 6.00 38.41
CA LYS O 189 -8.41 5.07 39.25
C LYS O 189 -7.78 5.80 40.42
N ILE O 190 -7.76 5.15 41.58
CA ILE O 190 -7.26 5.73 42.80
C ILE O 190 -5.96 5.03 43.17
N TYR O 191 -5.02 5.81 43.68
CA TYR O 191 -3.72 5.29 44.10
C TYR O 191 -3.48 5.75 45.54
N SER O 192 -2.60 5.06 46.24
CA SER O 192 -2.40 5.36 47.66
C SER O 192 -0.97 4.98 48.04
N LYS O 193 -0.64 5.25 49.29
CA LYS O 193 0.66 4.98 49.89
C LYS O 193 0.60 5.45 51.33
N HIS O 194 1.50 4.91 52.14
CA HIS O 194 1.68 5.37 53.51
C HIS O 194 3.16 5.36 53.83
N THR O 195 3.68 6.49 54.32
CA THR O 195 5.10 6.61 54.51
C THR O 195 5.41 7.32 55.82
N PRO O 196 6.44 6.88 56.54
CA PRO O 196 6.95 7.66 57.67
C PRO O 196 7.74 8.87 57.16
N ILE O 197 7.61 9.99 57.86
CA ILE O 197 8.42 11.17 57.58
C ILE O 197 8.79 11.83 58.91
N ASN O 198 10.08 12.05 59.12
CA ASN O 198 10.57 12.73 60.31
C ASN O 198 10.73 14.23 60.12
N LEU O 199 10.63 14.73 58.89
CA LEU O 199 10.83 16.15 58.65
C LEU O 199 9.63 16.93 59.17
N VAL O 200 9.86 18.22 59.43
CA VAL O 200 8.83 19.05 60.06
C VAL O 200 7.58 19.11 59.19
N ARG O 201 7.74 19.46 57.92
CA ARG O 201 6.59 19.53 57.03
C ARG O 201 6.82 18.84 55.69
N ASP O 202 7.69 19.43 54.87
CA ASP O 202 7.74 19.12 53.45
C ASP O 202 8.38 17.75 53.21
N LEU O 203 8.47 17.37 51.94
CA LEU O 203 8.65 16.00 51.49
C LEU O 203 10.13 15.62 51.42
N PRO O 204 10.45 14.33 51.58
CA PRO O 204 11.85 13.89 51.46
C PRO O 204 12.26 13.62 50.03
N GLN O 205 13.45 13.03 49.86
CA GLN O 205 13.99 12.70 48.54
C GLN O 205 13.60 11.31 48.08
N GLY O 206 12.89 10.53 48.89
CA GLY O 206 12.58 9.16 48.57
C GLY O 206 11.50 9.02 47.52
N PHE O 207 11.47 7.85 46.90
CA PHE O 207 10.47 7.50 45.89
C PHE O 207 9.27 6.86 46.56
N SER O 208 8.09 7.21 46.05
CA SER O 208 6.83 6.67 46.58
C SER O 208 6.08 5.97 45.45
N ALA O 209 5.95 4.66 45.55
CA ALA O 209 5.20 3.91 44.55
C ALA O 209 3.77 3.72 45.02
N LEU O 210 2.83 4.00 44.11
CA LEU O 210 1.40 4.00 44.44
C LEU O 210 0.71 2.93 43.62
N GLU O 211 0.14 1.96 44.28
CA GLU O 211 -0.59 0.94 43.52
C GLU O 211 -1.99 1.45 43.21
N PRO O 212 -2.60 1.02 42.11
CA PRO O 212 -4.02 1.34 41.89
C PRO O 212 -4.88 0.61 42.91
N LEU O 213 -5.76 1.36 43.56
CA LEU O 213 -6.67 0.74 44.52
C LEU O 213 -7.81 0.04 43.79
N VAL O 214 -8.69 0.83 43.17
CA VAL O 214 -9.81 0.31 42.41
C VAL O 214 -9.87 1.05 41.08
N ASP O 215 -10.13 0.30 40.01
CA ASP O 215 -10.33 0.88 38.70
C ASP O 215 -11.82 0.94 38.42
N LEU O 216 -12.44 2.13 38.57
CA LEU O 216 -13.92 2.15 38.53
C LEU O 216 -14.53 2.75 37.26
N PRO O 217 -15.70 2.24 36.81
CA PRO O 217 -16.40 2.84 35.68
C PRO O 217 -16.99 4.14 36.20
N ILE O 218 -16.44 5.27 35.78
CA ILE O 218 -16.90 6.59 36.28
C ILE O 218 -17.61 7.30 35.14
N GLY O 219 -16.97 7.35 33.97
CA GLY O 219 -17.58 7.94 32.80
C GLY O 219 -17.89 9.41 32.85
N ILE O 220 -17.54 10.11 33.93
CA ILE O 220 -17.77 11.55 33.99
C ILE O 220 -16.44 12.29 33.89
N ASN O 221 -16.47 13.46 33.26
CA ASN O 221 -15.37 14.41 33.31
C ASN O 221 -15.48 15.21 34.60
N ILE O 222 -14.39 15.29 35.35
CA ILE O 222 -14.31 16.06 36.58
C ILE O 222 -13.34 17.20 36.33
N THR O 223 -13.86 18.43 36.26
CA THR O 223 -13.01 19.59 36.05
C THR O 223 -12.69 20.38 37.31
N ARG O 224 -13.30 20.06 38.45
CA ARG O 224 -13.09 20.88 39.63
C ARG O 224 -13.48 20.08 40.87
N PHE O 225 -12.94 20.49 42.02
CA PHE O 225 -13.17 19.73 43.25
C PHE O 225 -12.79 20.58 44.46
N GLN O 226 -12.94 19.99 45.64
CA GLN O 226 -12.47 20.49 46.91
C GLN O 226 -12.38 19.28 47.84
N THR O 227 -11.59 19.40 48.91
CA THR O 227 -11.42 18.30 49.85
C THR O 227 -12.58 18.31 50.85
N LEU O 228 -12.54 17.36 51.78
CA LEU O 228 -13.55 17.26 52.84
C LEU O 228 -12.85 17.29 54.20
N LEU O 229 -13.65 17.52 55.23
CA LEU O 229 -13.12 17.79 56.55
C LEU O 229 -13.94 17.07 57.59
N ALA O 230 -13.35 16.90 58.77
CA ALA O 230 -14.03 16.35 59.93
C ALA O 230 -13.82 17.31 61.09
N LEU O 231 -14.90 17.93 61.56
CA LEU O 231 -14.86 18.89 62.66
C LEU O 231 -15.87 18.42 63.69
N HIS O 232 -15.95 19.13 64.81
CA HIS O 232 -16.84 18.69 65.88
C HIS O 232 -17.41 19.87 66.65
N ARG O 233 -18.05 19.57 67.77
CA ARG O 233 -18.65 20.61 68.61
C ARG O 233 -17.95 20.65 69.96
N SER O 234 -17.82 21.87 70.50
CA SER O 234 -17.35 22.02 71.88
C SER O 234 -18.43 22.66 72.73
N TYR O 235 -18.14 22.80 74.02
CA TYR O 235 -19.12 23.29 74.97
C TYR O 235 -18.44 24.22 75.96
N LEU O 236 -19.24 24.91 76.78
CA LEU O 236 -18.94 26.29 77.14
C LEU O 236 -17.52 26.45 77.65
N THR O 237 -16.77 27.29 76.94
CA THR O 237 -15.41 27.73 77.24
C THR O 237 -15.28 29.14 76.71
N PRO O 238 -14.38 29.96 77.29
CA PRO O 238 -14.22 31.31 76.74
C PRO O 238 -13.55 31.31 75.37
N SER O 243 -20.49 28.52 68.11
CA SER O 243 -20.45 27.09 68.51
C SER O 243 -19.01 26.58 68.44
N GLY O 244 -18.69 25.49 69.15
CA GLY O 244 -17.33 24.90 69.06
C GLY O 244 -17.04 24.31 67.68
N TRP O 245 -15.82 24.50 67.16
CA TRP O 245 -15.47 24.05 65.77
C TRP O 245 -13.95 23.94 65.60
N THR O 246 -13.47 23.61 64.39
CA THR O 246 -12.01 23.63 64.06
C THR O 246 -11.12 22.72 64.93
N ALA O 247 -11.23 21.40 64.78
CA ALA O 247 -10.36 20.45 65.50
C ALA O 247 -8.92 20.44 64.97
N GLY O 248 -7.91 20.44 65.84
CA GLY O 248 -6.50 20.40 65.47
C GLY O 248 -6.14 21.35 64.34
N ALA O 249 -5.05 20.99 63.66
CA ALA O 249 -4.58 21.73 62.50
C ALA O 249 -4.70 20.84 61.28
N ALA O 250 -4.81 21.46 60.10
CA ALA O 250 -4.94 20.75 58.85
C ALA O 250 -4.15 21.43 57.75
N ALA O 251 -3.33 20.65 57.06
CA ALA O 251 -2.62 21.11 55.87
C ALA O 251 -2.34 19.92 54.97
N TYR O 252 -2.26 20.18 53.67
CA TYR O 252 -2.02 19.11 52.71
C TYR O 252 -1.30 19.68 51.49
N TYR O 253 -0.98 18.78 50.58
CA TYR O 253 -0.21 19.07 49.37
C TYR O 253 -1.03 18.71 48.15
N VAL O 254 -0.97 19.57 47.13
CA VAL O 254 -1.67 19.34 45.87
C VAL O 254 -0.76 19.74 44.73
N GLY O 255 -0.78 18.93 43.67
CA GLY O 255 -0.10 19.24 42.44
C GLY O 255 -0.84 18.63 41.27
N TYR O 256 -0.66 19.17 40.08
CA TYR O 256 -1.42 18.71 38.92
C TYR O 256 -0.57 17.79 38.07
N LEU O 257 -1.23 16.81 37.47
CA LEU O 257 -0.53 15.84 36.62
C LEU O 257 -0.27 16.45 35.25
N GLN O 258 0.35 15.64 34.38
CA GLN O 258 0.87 16.11 33.10
C GLN O 258 1.47 14.94 32.35
N PRO O 259 1.27 14.84 31.02
CA PRO O 259 1.90 13.75 30.27
C PRO O 259 3.41 13.92 30.23
N ARG O 260 4.12 12.87 30.61
CA ARG O 260 5.58 12.83 30.59
C ARG O 260 6.02 11.40 30.38
N THR O 261 7.20 11.23 29.80
CA THR O 261 7.77 9.92 29.58
C THR O 261 8.73 9.60 30.71
N PHE O 262 8.39 8.60 31.52
CA PHE O 262 9.27 8.13 32.59
C PHE O 262 9.92 6.81 32.20
N LEU O 263 11.19 6.66 32.57
CA LEU O 263 11.83 5.36 32.59
C LEU O 263 11.66 4.78 33.98
N LEU O 264 11.16 3.55 34.04
CA LEU O 264 10.75 2.91 35.28
C LEU O 264 11.70 1.77 35.58
N LYS O 265 12.37 1.82 36.74
CA LYS O 265 13.30 0.72 37.14
C LYS O 265 12.67 -0.14 38.22
N TYR O 266 11.85 -1.07 37.73
CA TYR O 266 11.13 -1.93 38.68
C TYR O 266 12.20 -2.73 39.40
N ASN O 267 12.15 -2.83 40.73
CA ASN O 267 13.27 -3.49 41.45
C ASN O 267 13.41 -4.97 41.07
N GLU O 268 14.44 -5.66 41.58
CA GLU O 268 14.71 -7.08 41.22
C GLU O 268 13.53 -7.95 41.62
N ASN O 269 12.92 -7.67 42.78
CA ASN O 269 11.74 -8.46 43.25
C ASN O 269 10.46 -7.74 42.80
N GLY O 270 10.59 -6.77 41.89
CA GLY O 270 9.44 -5.96 41.46
C GLY O 270 9.43 -4.67 42.25
N THR O 271 8.45 -3.78 42.01
CA THR O 271 8.33 -2.48 42.73
C THR O 271 9.21 -1.41 42.06
N ILE O 272 8.65 -0.34 41.49
CA ILE O 272 9.52 0.76 40.96
C ILE O 272 10.38 1.30 42.11
N THR O 273 11.71 1.23 41.96
CA THR O 273 12.62 1.79 43.00
C THR O 273 13.16 3.16 42.53
N ASP O 274 13.08 3.47 41.23
CA ASP O 274 13.66 4.74 40.71
C ASP O 274 12.96 5.12 39.39
N ALA O 275 12.84 6.42 39.12
CA ALA O 275 12.14 6.86 37.91
C ALA O 275 12.80 8.15 37.45
N VAL O 276 12.83 8.35 36.14
CA VAL O 276 13.47 9.53 35.54
C VAL O 276 12.55 10.09 34.47
N ASP O 277 12.27 11.39 34.56
CA ASP O 277 11.56 12.07 33.49
C ASP O 277 12.52 12.36 32.34
N CYS O 278 12.00 12.22 31.12
CA CYS O 278 12.82 12.52 29.95
C CYS O 278 12.95 14.02 29.74
N ALA O 279 11.80 14.71 29.69
CA ALA O 279 11.79 16.17 29.43
C ALA O 279 11.98 16.94 30.73
N LEU O 280 12.76 16.38 31.67
CA LEU O 280 13.06 17.14 32.91
C LEU O 280 14.09 18.22 32.57
N ASP O 281 15.20 17.80 31.96
CA ASP O 281 16.27 18.75 31.51
C ASP O 281 17.05 18.00 30.41
N PRO O 282 17.76 18.67 29.48
CA PRO O 282 18.57 17.96 28.49
C PRO O 282 19.45 16.92 29.22
N LEU O 283 19.72 17.15 30.50
CA LEU O 283 20.56 16.22 31.31
C LEU O 283 19.91 14.84 31.43
N SER O 284 18.61 14.78 31.71
CA SER O 284 17.93 13.48 31.94
C SER O 284 17.64 12.81 30.59
N GLU O 285 17.39 13.62 29.56
CA GLU O 285 17.18 13.09 28.19
C GLU O 285 18.30 12.11 27.81
N THR O 286 19.52 12.22 28.37
CA THR O 286 20.53 11.24 27.92
C THR O 286 20.28 9.89 28.56
N LYS O 287 19.90 9.85 29.84
CA LYS O 287 19.58 8.56 30.50
C LYS O 287 18.37 8.00 29.78
N CYS O 288 17.36 8.83 29.48
CA CYS O 288 16.15 8.38 28.75
C CYS O 288 16.50 7.86 27.36
N THR O 289 17.24 8.65 26.56
CA THR O 289 17.57 8.24 25.15
C THR O 289 18.40 6.96 25.17
N LEU O 290 19.37 6.85 26.08
CA LEU O 290 20.20 5.62 26.20
C LEU O 290 19.29 4.46 26.59
N LYS O 291 18.26 4.72 27.41
CA LYS O 291 17.37 3.64 27.94
C LYS O 291 18.15 2.93 29.04
N SER O 292 19.25 3.53 29.52
CA SER O 292 20.12 2.89 30.54
C SER O 292 20.45 3.88 31.67
N PHE O 293 20.31 3.45 32.94
CA PHE O 293 20.56 4.35 34.09
C PHE O 293 22.02 4.81 34.19
N THR O 294 22.98 3.89 34.02
CA THR O 294 24.40 4.28 34.20
C THR O 294 24.85 5.00 32.92
N VAL O 295 25.14 6.31 33.00
CA VAL O 295 25.49 6.96 31.75
C VAL O 295 27.01 6.97 31.66
N GLU O 296 27.54 6.22 30.70
CA GLU O 296 28.97 6.08 30.59
C GLU O 296 29.60 7.37 30.10
N LYS O 297 30.84 7.60 30.53
CA LYS O 297 31.57 8.78 30.12
C LYS O 297 31.64 8.87 28.60
N GLY O 298 31.20 10.00 28.07
CA GLY O 298 31.23 10.19 26.63
C GLY O 298 30.16 11.18 26.21
N ILE O 299 30.00 11.28 24.90
CA ILE O 299 29.05 12.19 24.27
C ILE O 299 27.93 11.38 23.66
N TYR O 300 26.70 11.79 23.90
CA TYR O 300 25.52 11.10 23.41
C TYR O 300 24.65 12.10 22.69
N GLN O 301 23.94 11.64 21.67
CA GLN O 301 23.13 12.53 20.86
C GLN O 301 21.68 12.43 21.29
N THR O 302 21.23 13.45 22.01
CA THR O 302 19.85 13.66 22.41
C THR O 302 19.05 14.19 21.22
N SER O 303 17.72 14.14 21.34
CA SER O 303 16.83 14.54 20.28
C SER O 303 17.17 15.94 19.77
N ASN O 304 16.95 16.13 18.48
CA ASN O 304 17.29 17.36 17.79
C ASN O 304 16.42 18.51 18.28
N PHE O 305 16.88 19.72 18.04
CA PHE O 305 16.08 20.90 18.31
C PHE O 305 15.88 21.67 17.02
N ARG O 306 14.83 22.48 16.99
CA ARG O 306 14.53 23.32 15.85
C ARG O 306 14.24 24.72 16.34
N VAL O 307 14.48 25.67 15.45
CA VAL O 307 14.11 27.04 15.84
C VAL O 307 12.68 27.12 15.34
N GLN O 308 11.87 27.91 16.01
CA GLN O 308 10.45 27.90 15.63
C GLN O 308 10.09 29.26 15.03
N PRO O 309 9.07 29.37 14.13
CA PRO O 309 8.79 30.62 13.44
C PRO O 309 8.10 31.62 14.34
N THR O 310 8.49 32.88 14.20
CA THR O 310 7.86 33.95 14.96
C THR O 310 6.48 34.29 14.41
N GLU O 311 6.36 34.42 13.09
CA GLU O 311 5.16 34.99 12.48
C GLU O 311 5.04 34.50 11.05
N SER O 312 3.86 34.71 10.48
CA SER O 312 3.61 34.46 9.07
C SER O 312 3.75 35.76 8.30
N ILE O 313 4.35 35.69 7.10
CA ILE O 313 4.55 36.90 6.25
C ILE O 313 4.18 36.57 4.81
N VAL O 314 2.89 36.36 4.54
CA VAL O 314 2.45 36.08 3.14
C VAL O 314 2.72 37.34 2.31
N ARG O 315 3.26 37.18 1.09
CA ARG O 315 3.57 38.36 0.24
C ARG O 315 2.80 38.27 -1.08
N PHE O 316 1.98 39.28 -1.36
CA PHE O 316 1.20 39.34 -2.61
C PHE O 316 1.63 40.61 -3.34
N PRO O 317 1.49 40.72 -4.66
CA PRO O 317 2.02 41.88 -5.40
C PRO O 317 1.45 43.27 -5.06
N ASN O 318 2.28 44.31 -5.21
CA ASN O 318 1.86 45.70 -4.91
C ASN O 318 0.74 46.16 -5.86
N ILE O 319 -0.34 46.75 -5.33
CA ILE O 319 -1.47 47.30 -6.15
C ILE O 319 -2.31 46.17 -6.77
N THR O 320 -1.68 45.24 -7.50
CA THR O 320 -2.37 44.06 -8.11
C THR O 320 -3.48 44.53 -9.07
N ASN O 321 -3.23 45.57 -9.87
CA ASN O 321 -4.19 46.06 -10.90
C ASN O 321 -5.33 46.87 -10.28
N LEU O 322 -6.16 47.51 -11.11
CA LEU O 322 -7.23 48.38 -10.55
C LEU O 322 -8.59 48.01 -11.14
N CYS O 323 -9.64 48.01 -10.29
CA CYS O 323 -10.99 47.67 -10.79
C CYS O 323 -11.64 49.05 -10.90
N PRO O 324 -11.93 49.55 -12.14
CA PRO O 324 -12.38 50.95 -12.37
C PRO O 324 -13.86 51.33 -12.22
N PHE O 325 -14.29 51.42 -10.98
CA PHE O 325 -15.71 51.78 -10.73
C PHE O 325 -15.91 53.28 -10.94
N GLY O 326 -14.82 54.03 -11.07
CA GLY O 326 -14.95 55.45 -11.33
C GLY O 326 -15.55 55.72 -12.69
N GLU O 327 -14.91 55.21 -13.74
CA GLU O 327 -15.43 55.40 -15.09
C GLU O 327 -16.78 54.71 -15.26
N VAL O 328 -17.23 53.98 -14.25
CA VAL O 328 -18.62 53.62 -14.05
C VAL O 328 -19.33 54.76 -13.31
N PHE O 329 -18.90 55.06 -12.08
CA PHE O 329 -19.63 56.05 -11.25
C PHE O 329 -19.66 57.44 -11.89
N ASN O 330 -18.49 58.07 -12.07
CA ASN O 330 -18.42 59.34 -12.84
C ASN O 330 -18.01 58.92 -14.25
N ALA O 331 -18.93 58.32 -15.00
CA ALA O 331 -18.58 57.76 -16.34
C ALA O 331 -18.08 58.84 -17.31
N THR O 332 -17.04 58.51 -18.08
CA THR O 332 -16.57 59.46 -19.12
C THR O 332 -17.73 59.69 -20.09
N ARG O 333 -18.46 58.62 -20.44
CA ARG O 333 -19.65 58.75 -21.32
C ARG O 333 -20.87 58.33 -20.51
N PHE O 334 -21.95 59.11 -20.54
CA PHE O 334 -23.13 58.79 -19.68
C PHE O 334 -24.26 58.15 -20.49
N ALA O 335 -24.77 57.02 -20.02
CA ALA O 335 -25.92 56.35 -20.68
C ALA O 335 -27.09 56.39 -19.71
N SER O 336 -28.32 56.60 -20.21
CA SER O 336 -29.51 56.75 -19.33
C SER O 336 -29.98 55.41 -18.74
N VAL O 337 -31.04 55.42 -17.94
CA VAL O 337 -31.65 54.20 -17.39
C VAL O 337 -32.16 53.29 -18.49
N TYR O 338 -32.83 53.84 -19.50
CA TYR O 338 -33.53 53.00 -20.46
C TYR O 338 -32.56 52.13 -21.26
N ALA O 339 -31.33 52.59 -21.43
CA ALA O 339 -30.25 51.75 -21.95
C ALA O 339 -29.08 51.87 -20.99
N TRP O 340 -28.87 50.83 -20.18
CA TRP O 340 -27.77 50.86 -19.18
C TRP O 340 -26.45 50.40 -19.81
N ASN O 341 -25.32 50.58 -19.10
CA ASN O 341 -24.02 50.10 -19.63
C ASN O 341 -23.54 48.88 -18.85
N ARG O 342 -23.38 47.74 -19.52
CA ARG O 342 -22.79 46.54 -18.87
C ARG O 342 -21.28 46.75 -18.98
N LYS O 343 -20.51 46.60 -17.88
CA LYS O 343 -19.11 46.97 -18.03
C LYS O 343 -18.18 45.98 -17.33
N ARG O 344 -17.34 45.31 -18.12
CA ARG O 344 -16.53 44.19 -17.65
C ARG O 344 -15.27 44.70 -16.93
N ILE O 345 -14.98 44.10 -15.78
CA ILE O 345 -13.90 44.51 -14.89
C ILE O 345 -13.24 43.25 -14.36
N SER O 346 -11.90 43.18 -14.46
CA SER O 346 -11.25 41.88 -14.37
C SER O 346 -9.80 42.00 -13.91
N ASN O 347 -9.25 40.83 -13.52
CA ASN O 347 -7.85 40.63 -13.13
C ASN O 347 -7.41 41.62 -12.08
N CYS O 348 -8.32 42.01 -11.21
CA CYS O 348 -8.07 43.18 -10.40
C CYS O 348 -8.68 42.95 -9.03
N VAL O 349 -8.74 44.03 -8.27
CA VAL O 349 -8.86 43.94 -6.83
C VAL O 349 -9.95 44.90 -6.39
N ALA O 350 -10.83 44.43 -5.49
CA ALA O 350 -12.00 45.23 -5.14
C ALA O 350 -11.56 46.60 -4.67
N ASP O 351 -12.00 47.61 -5.40
CA ASP O 351 -11.37 48.92 -5.43
C ASP O 351 -12.05 49.88 -4.47
N TYR O 352 -12.89 49.38 -3.58
CA TYR O 352 -13.84 50.22 -2.85
C TYR O 352 -13.17 51.38 -2.11
N SER O 353 -11.84 51.41 -2.02
CA SER O 353 -11.10 52.50 -1.37
C SER O 353 -11.18 53.83 -2.10
N VAL O 354 -11.67 53.87 -3.34
CA VAL O 354 -11.94 55.19 -3.94
C VAL O 354 -13.28 55.71 -3.43
N LEU O 355 -14.17 54.81 -3.03
CA LEU O 355 -15.56 55.12 -2.72
C LEU O 355 -15.72 55.65 -1.30
N TYR O 356 -14.63 55.75 -0.54
CA TYR O 356 -14.66 56.33 0.79
C TYR O 356 -14.70 57.85 0.75
N ASN O 357 -13.95 58.46 -0.18
CA ASN O 357 -13.81 59.95 -0.18
C ASN O 357 -14.61 60.63 -1.29
N SER O 358 -15.91 60.89 -1.11
CA SER O 358 -16.61 61.63 -2.19
C SER O 358 -17.84 62.35 -1.64
N ALA O 359 -18.61 62.99 -2.52
CA ALA O 359 -19.89 63.57 -2.07
C ALA O 359 -20.67 62.35 -1.59
N SER O 360 -20.51 61.21 -2.26
CA SER O 360 -21.11 59.90 -1.86
C SER O 360 -22.28 59.49 -2.75
N PHE O 361 -22.98 58.43 -2.36
CA PHE O 361 -24.02 57.86 -3.21
C PHE O 361 -25.34 57.87 -2.46
N SER O 362 -26.37 58.49 -3.05
CA SER O 362 -27.62 58.72 -2.33
C SER O 362 -28.17 57.46 -1.70
N THR O 363 -27.88 56.30 -2.28
CA THR O 363 -27.99 55.07 -1.53
C THR O 363 -26.82 54.20 -1.90
N PHE O 364 -26.61 53.18 -1.09
CA PHE O 364 -25.69 52.11 -1.41
C PHE O 364 -26.42 50.83 -1.08
N LYS O 365 -26.76 50.06 -2.10
CA LYS O 365 -27.23 48.71 -1.86
C LYS O 365 -26.53 47.79 -2.84
N CYS O 366 -25.79 46.83 -2.31
CA CYS O 366 -25.19 45.77 -3.09
C CYS O 366 -25.62 44.47 -2.45
N TYR O 367 -26.32 43.65 -3.21
CA TYR O 367 -27.15 42.59 -2.65
C TYR O 367 -26.34 41.51 -1.97
N GLY O 368 -25.45 40.86 -2.70
CA GLY O 368 -25.14 39.49 -2.39
C GLY O 368 -24.61 39.18 -1.02
N VAL O 369 -23.48 39.78 -0.64
CA VAL O 369 -22.72 39.40 0.54
C VAL O 369 -22.20 40.67 1.22
N SER O 370 -21.65 40.49 2.41
CA SER O 370 -21.31 41.61 3.29
C SER O 370 -20.41 42.61 2.59
N PRO O 371 -20.64 43.92 2.79
CA PRO O 371 -19.81 44.93 2.12
C PRO O 371 -18.35 44.92 2.53
N THR O 372 -17.98 44.26 3.63
CA THR O 372 -16.57 44.02 3.87
C THR O 372 -16.11 42.71 3.25
N LYS O 373 -17.01 42.05 2.54
CA LYS O 373 -16.59 40.87 1.76
C LYS O 373 -16.31 41.43 0.37
N LEU O 374 -16.65 42.69 0.13
CA LEU O 374 -16.26 43.28 -1.17
C LEU O 374 -14.73 43.30 -1.20
N ASN O 375 -14.10 43.76 -0.11
CA ASN O 375 -12.61 43.87 -0.05
C ASN O 375 -12.04 42.55 0.46
N ASP O 376 -12.89 41.56 0.72
CA ASP O 376 -12.45 40.24 1.14
C ASP O 376 -12.84 39.12 0.19
N LEU O 377 -13.69 39.37 -0.80
CA LEU O 377 -14.19 38.30 -1.65
C LEU O 377 -14.09 38.69 -3.11
N CYS O 378 -13.45 37.83 -3.91
CA CYS O 378 -13.28 38.05 -5.33
C CYS O 378 -14.54 37.68 -6.09
N PHE O 379 -14.74 38.33 -7.25
CA PHE O 379 -15.91 38.10 -8.10
C PHE O 379 -15.46 37.67 -9.50
N THR O 380 -16.44 37.47 -10.38
CA THR O 380 -16.17 36.75 -11.61
C THR O 380 -16.44 37.61 -12.84
N ASN O 381 -17.70 37.76 -13.24
CA ASN O 381 -18.09 38.62 -14.35
C ASN O 381 -18.63 39.89 -13.72
N VAL O 382 -17.86 40.96 -13.76
CA VAL O 382 -18.16 42.15 -12.97
C VAL O 382 -18.61 43.25 -13.92
N TYR O 383 -19.90 43.54 -13.90
CA TYR O 383 -20.47 44.61 -14.71
C TYR O 383 -21.15 45.61 -13.80
N ALA O 384 -20.51 46.76 -13.63
CA ALA O 384 -21.09 47.87 -12.89
C ALA O 384 -21.91 48.69 -13.88
N ASP O 385 -23.21 48.79 -13.63
CA ASP O 385 -24.16 49.20 -14.66
C ASP O 385 -24.32 50.72 -14.59
N SER O 386 -23.85 51.42 -15.62
CA SER O 386 -23.81 52.88 -15.61
C SER O 386 -25.06 53.42 -16.29
N PHE O 387 -25.92 54.07 -15.51
CA PHE O 387 -27.16 54.63 -16.02
C PHE O 387 -27.67 55.73 -15.09
N VAL O 388 -28.61 56.53 -15.61
CA VAL O 388 -29.26 57.62 -14.88
C VAL O 388 -30.74 57.30 -14.75
N ILE O 389 -31.26 57.33 -13.52
CA ILE O 389 -32.68 57.10 -13.31
C ILE O 389 -33.28 58.31 -12.60
N ARG O 390 -34.59 58.45 -12.71
CA ARG O 390 -35.31 59.46 -11.93
C ARG O 390 -35.33 59.04 -10.46
N GLY O 391 -35.58 60.02 -9.59
CA GLY O 391 -35.38 59.83 -8.16
C GLY O 391 -36.06 58.64 -7.49
N ASP O 392 -37.39 58.56 -7.56
CA ASP O 392 -38.07 57.46 -6.89
C ASP O 392 -37.71 56.10 -7.46
N GLU O 393 -36.96 56.07 -8.55
CA GLU O 393 -36.83 54.85 -9.33
C GLU O 393 -35.80 53.89 -8.78
N VAL O 394 -35.18 54.20 -7.64
CA VAL O 394 -34.25 53.27 -7.01
C VAL O 394 -34.99 52.08 -6.45
N ARG O 395 -36.17 52.31 -5.85
CA ARG O 395 -37.08 51.21 -5.59
C ARG O 395 -37.24 50.36 -6.85
N GLN O 396 -37.75 50.98 -7.91
CA GLN O 396 -38.06 50.20 -9.14
C GLN O 396 -36.83 49.40 -9.59
N ILE O 397 -35.62 49.78 -9.16
CA ILE O 397 -34.42 48.96 -9.50
C ILE O 397 -34.14 47.96 -8.37
N ALA O 398 -34.78 46.78 -8.41
CA ALA O 398 -34.51 45.72 -7.42
C ALA O 398 -35.10 44.40 -7.93
N PRO O 399 -34.74 43.21 -7.38
CA PRO O 399 -35.37 41.96 -7.79
C PRO O 399 -36.86 41.95 -7.38
N GLY O 400 -37.73 41.40 -8.22
CA GLY O 400 -39.16 41.27 -7.85
C GLY O 400 -39.89 42.60 -7.80
N GLN O 401 -39.30 43.67 -8.36
CA GLN O 401 -39.96 44.96 -8.39
C GLN O 401 -41.02 44.96 -9.49
N THR O 402 -42.25 45.23 -9.08
CA THR O 402 -43.25 45.77 -10.00
C THR O 402 -43.00 47.27 -10.05
N GLY O 403 -42.88 47.79 -11.27
CA GLY O 403 -42.61 49.21 -11.43
C GLY O 403 -42.31 49.54 -12.87
N LYS O 404 -42.18 50.84 -13.11
CA LYS O 404 -41.91 51.33 -14.46
C LYS O 404 -40.48 51.00 -14.89
N ILE O 405 -39.53 51.37 -14.05
CA ILE O 405 -38.12 51.00 -14.38
C ILE O 405 -38.06 49.48 -14.56
N ALA O 406 -38.36 48.72 -13.50
CA ALA O 406 -38.18 47.26 -13.63
C ALA O 406 -39.07 46.67 -14.72
N ASP O 407 -40.35 46.96 -14.72
CA ASP O 407 -41.20 46.26 -15.73
C ASP O 407 -40.88 46.70 -17.15
N TYR O 408 -40.07 47.75 -17.34
CA TYR O 408 -39.91 48.19 -18.72
C TYR O 408 -38.47 48.50 -19.13
N ASN O 409 -37.94 49.67 -18.75
CA ASN O 409 -36.69 50.11 -19.38
C ASN O 409 -35.46 49.49 -18.76
N TYR O 410 -35.39 49.40 -17.44
CA TYR O 410 -34.26 48.79 -16.76
C TYR O 410 -34.81 47.72 -15.81
N LYS O 411 -34.54 46.45 -16.12
CA LYS O 411 -35.09 45.35 -15.37
C LYS O 411 -33.93 44.48 -14.89
N LEU O 412 -33.95 44.14 -13.59
CA LEU O 412 -32.93 43.29 -13.01
C LEU O 412 -33.50 41.95 -12.56
N PRO O 413 -32.67 40.92 -12.49
CA PRO O 413 -33.16 39.58 -12.19
C PRO O 413 -33.55 39.45 -10.73
N ASP O 414 -34.30 38.38 -10.44
CA ASP O 414 -34.48 37.96 -9.05
C ASP O 414 -33.22 37.26 -8.52
N ASP O 415 -32.37 36.76 -9.41
CA ASP O 415 -31.13 36.06 -9.05
C ASP O 415 -29.88 36.94 -9.13
N PHE O 416 -30.04 38.25 -9.34
CA PHE O 416 -28.88 39.13 -9.46
C PHE O 416 -28.17 39.34 -8.13
N THR O 417 -26.87 39.11 -8.12
CA THR O 417 -26.04 39.33 -6.94
C THR O 417 -25.13 40.54 -7.17
N GLY O 418 -25.40 41.63 -6.47
CA GLY O 418 -24.70 42.85 -6.79
C GLY O 418 -25.47 44.07 -6.31
N CYS O 419 -25.27 45.17 -7.01
CA CYS O 419 -25.54 46.49 -6.47
C CYS O 419 -26.79 47.11 -7.07
N VAL O 420 -27.39 48.00 -6.27
CA VAL O 420 -28.17 49.13 -6.77
C VAL O 420 -27.79 50.34 -5.91
N ILE O 421 -27.34 51.40 -6.56
CA ILE O 421 -26.75 52.53 -5.85
C ILE O 421 -27.24 53.83 -6.48
N ALA O 422 -27.72 54.75 -5.65
CA ALA O 422 -28.30 56.00 -6.12
C ALA O 422 -27.42 57.18 -5.73
N TRP O 423 -27.49 58.24 -6.53
CA TRP O 423 -27.06 59.58 -6.11
C TRP O 423 -27.72 60.59 -7.03
N ASN O 424 -27.86 61.82 -6.52
CA ASN O 424 -28.53 62.86 -7.29
C ASN O 424 -27.60 63.38 -8.39
N SER O 425 -28.06 63.29 -9.63
CA SER O 425 -27.41 64.00 -10.73
C SER O 425 -28.13 65.28 -11.09
N ASN O 426 -29.20 65.63 -10.38
CA ASN O 426 -29.80 66.95 -10.53
C ASN O 426 -28.74 68.03 -10.40
N ASN O 427 -27.75 67.79 -9.54
CA ASN O 427 -26.59 68.67 -9.46
C ASN O 427 -25.80 68.72 -10.76
N LEU O 428 -25.95 67.72 -11.63
CA LEU O 428 -25.23 67.73 -12.90
C LEU O 428 -26.14 67.47 -14.10
N ASP O 429 -26.71 66.26 -14.17
CA ASP O 429 -27.43 65.83 -15.37
C ASP O 429 -28.59 66.76 -15.70
N SER O 430 -29.09 67.52 -14.73
CA SER O 430 -30.20 68.43 -15.02
C SER O 430 -29.76 69.52 -15.97
N LYS O 431 -30.71 70.01 -16.75
CA LYS O 431 -30.46 71.12 -17.66
C LYS O 431 -31.62 72.09 -17.70
N GLY O 434 -32.53 72.40 -20.57
CA GLY O 434 -33.51 71.34 -20.53
C GLY O 434 -33.08 70.10 -21.29
N ASN O 435 -32.86 69.01 -20.56
CA ASN O 435 -32.38 67.76 -21.14
C ASN O 435 -33.58 66.82 -21.30
N TYR O 436 -34.05 66.65 -22.52
CA TYR O 436 -35.03 65.64 -22.88
C TYR O 436 -34.40 64.42 -23.54
N ASN O 437 -33.07 64.46 -23.77
CA ASN O 437 -32.37 63.29 -24.27
C ASN O 437 -32.53 62.11 -23.32
N TYR O 438 -32.52 62.40 -22.02
CA TYR O 438 -32.89 61.38 -21.04
C TYR O 438 -34.29 60.88 -21.33
N LEU O 439 -34.48 59.59 -21.17
CA LEU O 439 -35.61 58.88 -21.72
C LEU O 439 -35.84 57.65 -20.85
N TYR O 440 -37.00 57.04 -21.02
CA TYR O 440 -37.35 55.86 -20.27
C TYR O 440 -38.39 55.08 -21.06
N ARG O 441 -38.52 53.80 -20.74
CA ARG O 441 -39.58 53.01 -21.32
C ARG O 441 -40.76 53.08 -20.39
N LEU O 442 -41.77 53.83 -20.80
CA LEU O 442 -42.96 53.98 -19.96
C LEU O 442 -43.83 52.73 -20.08
N PHE O 443 -43.80 52.07 -21.24
CA PHE O 443 -44.57 50.84 -21.44
C PHE O 443 -43.91 49.90 -22.42
N ARG O 444 -44.09 48.60 -22.13
CA ARG O 444 -43.50 47.45 -22.79
C ARG O 444 -44.43 46.30 -22.44
N LYS O 445 -44.40 45.23 -23.24
CA LYS O 445 -45.42 44.21 -23.11
C LYS O 445 -45.00 43.03 -22.23
N SER O 446 -43.83 43.09 -21.60
CA SER O 446 -43.38 42.06 -20.66
C SER O 446 -42.27 42.64 -19.81
N ASN O 447 -41.73 41.80 -18.92
CA ASN O 447 -40.54 42.14 -18.18
C ASN O 447 -39.31 41.72 -18.99
N LEU O 448 -38.25 42.50 -18.88
CA LEU O 448 -36.99 42.14 -19.52
C LEU O 448 -36.41 40.89 -18.87
N LYS O 449 -35.79 40.05 -19.70
CA LYS O 449 -35.11 38.85 -19.21
C LYS O 449 -33.91 39.30 -18.37
N PRO O 450 -33.33 38.39 -17.58
CA PRO O 450 -32.24 38.83 -16.69
C PRO O 450 -31.11 39.53 -17.43
N PHE O 451 -30.83 40.74 -16.98
CA PHE O 451 -29.87 41.68 -17.59
C PHE O 451 -30.19 41.99 -19.05
N GLU O 452 -31.39 41.72 -19.54
CA GLU O 452 -31.69 42.07 -20.92
C GLU O 452 -32.14 43.52 -20.98
N ARG O 453 -31.96 44.14 -22.14
CA ARG O 453 -32.41 45.49 -22.42
C ARG O 453 -33.46 45.45 -23.53
N ASP O 454 -34.32 46.46 -23.56
CA ASP O 454 -35.27 46.63 -24.65
C ASP O 454 -34.95 47.96 -25.34
N ILE O 455 -34.53 47.88 -26.61
CA ILE O 455 -34.11 49.05 -27.36
C ILE O 455 -35.21 49.64 -28.21
N SER O 456 -36.44 49.12 -28.11
CA SER O 456 -37.42 49.30 -29.19
C SER O 456 -37.85 50.76 -29.29
N THR O 457 -37.66 51.32 -30.49
CA THR O 457 -38.31 52.54 -30.93
C THR O 457 -39.59 52.23 -31.68
N GLU O 458 -39.95 50.95 -31.76
CA GLU O 458 -41.12 50.50 -32.49
C GLU O 458 -42.38 51.12 -31.91
N ILE O 459 -43.40 51.28 -32.75
CA ILE O 459 -44.69 51.79 -32.28
C ILE O 459 -45.24 50.87 -31.22
N TYR O 460 -45.70 51.46 -30.11
CA TYR O 460 -46.53 50.75 -29.14
C TYR O 460 -47.95 50.73 -29.69
N GLN O 461 -48.47 49.54 -29.93
CA GLN O 461 -49.68 49.35 -30.72
C GLN O 461 -50.82 49.00 -29.76
N ALA O 462 -51.70 49.97 -29.53
CA ALA O 462 -52.78 49.78 -28.55
C ALA O 462 -53.94 49.00 -29.15
N GLY O 463 -54.38 49.37 -30.36
CA GLY O 463 -55.46 48.69 -31.03
C GLY O 463 -54.98 47.81 -32.18
N SER O 464 -55.90 46.95 -32.63
CA SER O 464 -55.63 46.09 -33.78
C SER O 464 -55.47 46.89 -35.07
N THR O 465 -55.71 48.21 -35.03
CA THR O 465 -55.46 49.09 -36.16
C THR O 465 -53.97 49.37 -36.28
N PRO O 466 -53.30 48.87 -37.32
CA PRO O 466 -51.84 49.04 -37.39
C PRO O 466 -51.48 50.50 -37.63
N CYS O 467 -50.49 50.97 -36.88
CA CYS O 467 -50.11 52.37 -36.97
C CYS O 467 -49.19 52.63 -38.16
N ASN O 468 -48.34 51.65 -38.50
CA ASN O 468 -47.52 51.65 -39.71
C ASN O 468 -46.46 52.75 -39.72
N GLY O 469 -45.91 53.12 -38.57
CA GLY O 469 -44.87 54.13 -38.52
C GLY O 469 -45.32 55.57 -38.50
N VAL O 470 -46.61 55.83 -38.26
CA VAL O 470 -47.14 57.16 -38.05
C VAL O 470 -48.05 57.13 -36.84
N GLU O 471 -48.39 58.32 -36.33
CA GLU O 471 -49.28 58.44 -35.19
C GLU O 471 -50.75 58.39 -35.61
N GLY O 472 -51.58 57.97 -34.68
CA GLY O 472 -52.98 57.73 -34.95
C GLY O 472 -53.74 57.57 -33.65
N PHE O 473 -54.93 56.99 -33.73
CA PHE O 473 -55.73 56.81 -32.52
C PHE O 473 -55.07 55.77 -31.63
N ASN O 474 -54.71 56.17 -30.41
CA ASN O 474 -53.95 55.34 -29.48
C ASN O 474 -52.74 54.69 -30.15
N CYS O 475 -52.09 55.42 -31.06
CA CYS O 475 -50.80 55.03 -31.59
C CYS O 475 -49.73 55.67 -30.73
N TYR O 476 -48.91 54.84 -30.10
CA TYR O 476 -47.94 55.28 -29.12
C TYR O 476 -46.52 54.91 -29.54
N PHE O 477 -45.59 55.81 -29.23
CA PHE O 477 -44.17 55.51 -29.13
C PHE O 477 -43.91 55.18 -27.66
N PRO O 478 -43.61 53.92 -27.33
CA PRO O 478 -43.63 53.53 -25.91
C PRO O 478 -42.58 54.21 -25.06
N LEU O 479 -41.36 54.37 -25.57
CA LEU O 479 -40.34 55.10 -24.83
C LEU O 479 -40.77 56.56 -24.65
N GLN O 480 -40.43 57.15 -23.50
CA GLN O 480 -40.74 58.53 -23.23
C GLN O 480 -39.56 59.16 -22.48
N SER O 481 -39.56 60.48 -22.37
CA SER O 481 -38.47 61.24 -21.80
C SER O 481 -38.87 61.92 -20.50
N TYR O 482 -37.87 62.19 -19.65
CA TYR O 482 -38.03 62.98 -18.45
C TYR O 482 -37.53 64.38 -18.74
N GLY O 483 -38.44 65.36 -18.76
CA GLY O 483 -38.03 66.75 -18.73
C GLY O 483 -37.40 67.06 -17.39
N PHE O 484 -36.17 67.58 -17.41
CA PHE O 484 -35.47 67.92 -16.18
C PHE O 484 -35.51 69.42 -15.95
N GLN O 485 -36.19 69.81 -14.87
CA GLN O 485 -36.47 71.20 -14.60
C GLN O 485 -35.48 71.68 -13.53
N PRO O 486 -34.56 72.59 -13.87
CA PRO O 486 -33.45 72.91 -12.95
C PRO O 486 -33.91 73.32 -11.55
N THR O 487 -35.20 73.52 -11.34
CA THR O 487 -35.76 73.65 -10.01
C THR O 487 -36.12 72.29 -9.39
N ASN O 488 -35.71 71.18 -10.02
CA ASN O 488 -36.10 69.85 -9.58
C ASN O 488 -35.87 69.67 -8.08
N GLY O 489 -36.84 69.02 -7.43
CA GLY O 489 -36.75 68.68 -6.03
C GLY O 489 -36.52 67.19 -5.81
N VAL O 490 -36.46 66.81 -4.53
CA VAL O 490 -35.97 65.49 -4.13
C VAL O 490 -36.75 64.37 -4.83
N GLY O 491 -38.05 64.58 -5.08
CA GLY O 491 -38.80 63.61 -5.86
C GLY O 491 -38.54 63.68 -7.34
N TYR O 492 -38.18 64.85 -7.85
CA TYR O 492 -37.97 65.08 -9.28
C TYR O 492 -36.51 65.01 -9.70
N GLN O 493 -35.59 64.80 -8.77
CA GLN O 493 -34.18 64.78 -9.12
C GLN O 493 -33.83 63.45 -9.78
N PRO O 494 -33.04 63.47 -10.86
CA PRO O 494 -32.53 62.21 -11.40
C PRO O 494 -31.55 61.59 -10.43
N TYR O 495 -31.55 60.27 -10.37
CA TYR O 495 -30.49 59.55 -9.68
C TYR O 495 -29.76 58.69 -10.70
N ARG O 496 -28.52 59.05 -10.97
CA ARG O 496 -27.62 58.10 -11.58
C ARG O 496 -27.56 56.86 -10.69
N VAL O 497 -27.75 55.68 -11.28
CA VAL O 497 -27.80 54.46 -10.46
C VAL O 497 -26.97 53.37 -11.10
N VAL O 498 -26.21 52.64 -10.28
CA VAL O 498 -25.28 51.63 -10.77
C VAL O 498 -25.51 50.31 -10.07
N VAL O 499 -25.20 49.24 -10.80
CA VAL O 499 -25.51 47.87 -10.49
C VAL O 499 -24.30 47.02 -10.87
N LEU O 500 -23.69 46.33 -9.88
CA LEU O 500 -22.56 45.44 -10.14
C LEU O 500 -23.04 44.03 -10.44
N SER O 501 -22.86 43.59 -11.68
CA SER O 501 -23.10 42.20 -12.04
C SER O 501 -21.94 41.36 -11.54
N PHE O 502 -22.24 40.27 -10.86
CA PHE O 502 -21.25 39.22 -10.66
C PHE O 502 -21.97 37.95 -10.23
N GLU O 503 -21.22 36.84 -10.24
CA GLU O 503 -21.79 35.53 -9.82
C GLU O 503 -20.91 34.91 -8.72
N LEU O 504 -20.67 35.63 -7.62
CA LEU O 504 -19.93 35.07 -6.44
C LEU O 504 -18.54 34.53 -6.80
N LEU O 505 -18.23 33.31 -6.36
CA LEU O 505 -16.88 32.70 -6.57
C LEU O 505 -16.97 31.61 -7.64
N HIS O 506 -18.06 31.57 -8.41
CA HIS O 506 -18.24 30.46 -9.38
C HIS O 506 -17.08 30.46 -10.39
N ALA O 507 -16.61 31.64 -10.79
CA ALA O 507 -15.57 31.73 -11.83
C ALA O 507 -14.27 32.41 -11.32
N PRO O 508 -13.16 32.54 -12.12
CA PRO O 508 -11.89 33.10 -11.66
C PRO O 508 -12.05 34.50 -11.06
N ALA O 509 -11.06 34.88 -10.28
CA ALA O 509 -11.10 36.18 -9.64
C ALA O 509 -10.72 37.20 -10.70
N THR O 510 -11.66 38.07 -11.03
CA THR O 510 -11.43 39.16 -11.95
C THR O 510 -11.33 40.46 -11.17
N VAL O 511 -12.43 40.89 -10.56
CA VAL O 511 -12.35 41.74 -9.39
C VAL O 511 -12.05 40.81 -8.22
N CYS O 512 -10.91 41.00 -7.59
CA CYS O 512 -10.58 40.20 -6.44
C CYS O 512 -10.81 41.05 -5.19
N GLY O 513 -10.34 40.56 -4.04
CA GLY O 513 -10.37 41.40 -2.82
C GLY O 513 -8.93 41.62 -2.36
N PRO O 514 -8.53 42.80 -1.87
CA PRO O 514 -7.17 43.00 -1.36
C PRO O 514 -6.84 42.04 -0.20
N LYS O 515 -5.64 41.44 -0.23
CA LYS O 515 -5.26 40.43 0.80
C LYS O 515 -4.34 41.04 1.86
N LYS O 516 -3.55 40.21 2.56
CA LYS O 516 -2.74 40.72 3.70
C LYS O 516 -1.25 40.88 3.39
N SER O 517 -0.83 42.06 2.93
CA SER O 517 0.63 42.30 2.76
C SER O 517 1.27 42.26 4.15
N THR O 518 2.30 41.44 4.35
CA THR O 518 2.86 41.32 5.72
C THR O 518 4.28 41.91 5.72
N ASN O 519 4.61 42.78 6.68
CA ASN O 519 5.91 43.51 6.64
C ASN O 519 7.08 42.53 6.57
N LEU O 520 8.09 42.86 5.79
CA LEU O 520 9.19 41.89 5.57
C LEU O 520 10.02 41.76 6.84
N VAL O 521 10.40 40.53 7.21
CA VAL O 521 11.30 40.38 8.38
C VAL O 521 12.65 39.84 7.89
N LYS O 522 13.73 40.52 8.28
CA LYS O 522 15.08 40.11 7.80
C LYS O 522 15.79 39.30 8.89
N ASN O 523 16.35 38.13 8.51
CA ASN O 523 17.14 37.32 9.49
C ASN O 523 16.28 36.87 10.68
N LYS O 524 15.01 36.59 10.46
CA LYS O 524 14.23 36.05 11.62
C LYS O 524 13.64 34.72 11.16
N CYS O 525 13.67 33.69 12.01
CA CYS O 525 12.98 32.46 11.55
C CYS O 525 11.53 32.90 11.42
N VAL O 526 10.96 32.77 10.22
CA VAL O 526 9.59 33.32 10.02
C VAL O 526 8.85 32.50 8.98
N ASN O 527 7.64 32.06 9.32
CA ASN O 527 6.82 31.47 8.28
C ASN O 527 6.51 32.53 7.25
N PHE O 528 6.27 32.11 6.00
CA PHE O 528 6.06 33.12 4.97
C PHE O 528 5.20 32.58 3.86
N ASN O 529 4.64 33.51 3.10
CA ASN O 529 4.07 33.26 1.79
C ASN O 529 4.44 34.43 0.88
N PHE O 530 5.01 34.12 -0.28
CA PHE O 530 5.22 35.10 -1.35
C PHE O 530 4.48 34.62 -2.58
N ASN O 531 3.50 35.38 -3.02
CA ASN O 531 2.80 35.11 -4.28
C ASN O 531 2.20 33.72 -4.30
N GLY O 532 1.89 33.18 -3.14
CA GLY O 532 1.43 31.82 -3.00
C GLY O 532 2.53 30.83 -2.69
N LEU O 533 3.77 31.14 -3.06
CA LEU O 533 4.89 30.31 -2.64
C LEU O 533 5.00 30.34 -1.13
N THR O 534 5.04 29.16 -0.51
CA THR O 534 5.08 29.08 0.94
C THR O 534 6.27 28.25 1.40
N GLY O 535 6.78 28.62 2.57
CA GLY O 535 7.83 27.88 3.22
C GLY O 535 8.17 28.53 4.53
N THR O 536 9.28 28.11 5.13
CA THR O 536 9.73 28.73 6.36
C THR O 536 11.24 28.90 6.32
N GLY O 537 11.71 30.11 6.56
CA GLY O 537 13.12 30.35 6.46
C GLY O 537 13.52 31.63 7.14
N VAL O 538 14.77 32.03 6.91
CA VAL O 538 15.33 33.27 7.42
C VAL O 538 15.58 34.17 6.22
N LEU O 539 14.77 35.21 6.10
CA LEU O 539 14.84 36.09 4.93
C LEU O 539 15.90 37.15 5.15
N THR O 540 16.78 37.32 4.17
CA THR O 540 17.89 38.26 4.27
C THR O 540 18.00 39.05 2.97
N GLU O 541 18.81 40.10 3.01
CA GLU O 541 19.20 40.78 1.80
C GLU O 541 20.24 39.95 1.08
N SER O 542 20.13 39.87 -0.25
CA SER O 542 21.01 39.03 -1.05
C SER O 542 21.32 39.72 -2.37
N ASN O 543 22.55 39.52 -2.84
CA ASN O 543 23.07 40.21 -4.01
C ASN O 543 22.96 39.42 -5.30
N LYS O 544 22.44 38.19 -5.26
CA LYS O 544 22.22 37.47 -6.51
C LYS O 544 21.21 38.22 -7.35
N LYS O 545 21.41 38.21 -8.66
CA LYS O 545 20.79 39.18 -9.56
C LYS O 545 19.89 38.47 -10.55
N PHE O 546 18.58 38.68 -10.41
CA PHE O 546 17.62 38.04 -11.29
C PHE O 546 17.57 38.67 -12.67
N LEU O 547 17.00 37.93 -13.60
CA LEU O 547 16.43 38.53 -14.79
C LEU O 547 15.01 38.99 -14.50
N PRO O 548 14.58 40.10 -15.09
CA PRO O 548 13.36 40.77 -14.63
C PRO O 548 12.11 39.91 -14.56
N PHE O 549 11.82 39.13 -15.59
CA PHE O 549 10.58 38.38 -15.61
C PHE O 549 10.54 37.31 -14.54
N GLN O 550 11.69 36.95 -13.98
CA GLN O 550 11.82 35.79 -13.12
C GLN O 550 11.07 35.97 -11.81
N GLN O 551 10.84 34.85 -11.14
CA GLN O 551 10.23 34.88 -9.82
C GLN O 551 11.16 34.28 -8.79
N PHE O 552 11.24 32.96 -8.75
CA PHE O 552 12.06 32.25 -7.79
C PHE O 552 13.52 32.31 -8.16
N GLY O 553 14.36 32.04 -7.17
CA GLY O 553 15.62 31.37 -7.41
C GLY O 553 15.51 29.93 -6.92
N ARG O 554 16.49 29.12 -7.30
CA ARG O 554 16.56 27.75 -6.80
C ARG O 554 18.01 27.31 -6.69
N ASP O 555 18.20 26.26 -5.91
CA ASP O 555 19.50 25.68 -5.65
C ASP O 555 19.61 24.36 -6.40
N ILE O 556 20.75 23.69 -6.23
CA ILE O 556 21.00 22.42 -6.91
C ILE O 556 19.94 21.40 -6.56
N ALA O 557 19.40 21.47 -5.35
CA ALA O 557 18.57 20.41 -4.79
C ALA O 557 17.08 20.60 -5.09
N ASP O 558 16.71 21.56 -5.91
CA ASP O 558 15.31 21.89 -6.20
C ASP O 558 14.58 22.41 -4.97
N THR O 559 15.32 22.89 -3.99
CA THR O 559 14.76 23.69 -2.92
C THR O 559 14.45 25.09 -3.45
N THR O 560 13.66 25.84 -2.69
CA THR O 560 13.47 27.24 -3.03
C THR O 560 14.49 28.06 -2.25
N ASP O 561 15.55 28.48 -2.93
CA ASP O 561 16.68 29.14 -2.26
C ASP O 561 16.50 30.63 -2.06
N ALA O 562 16.04 31.32 -3.08
CA ALA O 562 16.00 32.78 -3.07
C ALA O 562 14.75 33.24 -3.78
N VAL O 563 14.06 34.21 -3.19
CA VAL O 563 12.84 34.73 -3.77
C VAL O 563 12.93 36.24 -3.84
N ARG O 564 12.11 36.83 -4.69
CA ARG O 564 12.07 38.26 -4.87
C ARG O 564 10.80 38.80 -4.27
N ASP O 565 10.94 39.82 -3.43
CA ASP O 565 9.78 40.41 -2.79
C ASP O 565 8.92 41.02 -3.88
N PRO O 566 7.66 40.57 -4.15
CA PRO O 566 6.88 41.24 -5.21
C PRO O 566 6.58 42.73 -4.98
N GLN O 567 6.19 43.15 -3.77
CA GLN O 567 5.80 44.57 -3.54
C GLN O 567 6.98 45.53 -3.76
N THR O 568 8.16 45.20 -3.23
CA THR O 568 9.38 46.02 -3.47
C THR O 568 10.42 45.04 -4.01
N LEU O 569 10.84 45.21 -5.27
CA LEU O 569 11.68 44.17 -5.84
C LEU O 569 13.00 44.14 -5.10
N GLU O 570 13.28 43.00 -4.46
CA GLU O 570 14.57 42.81 -3.82
C GLU O 570 14.81 41.31 -3.76
N ILE O 571 16.09 40.94 -3.74
CA ILE O 571 16.47 39.54 -3.81
C ILE O 571 16.63 39.05 -2.38
N LEU O 572 15.73 38.18 -1.96
CA LEU O 572 15.69 37.73 -0.58
C LEU O 572 16.08 36.26 -0.53
N ASP O 573 17.16 35.96 0.18
CA ASP O 573 17.50 34.58 0.42
C ASP O 573 16.44 33.91 1.28
N ILE O 574 16.42 32.59 1.22
CA ILE O 574 15.65 31.79 2.16
C ILE O 574 16.62 30.76 2.73
N THR O 575 16.94 30.92 4.01
CA THR O 575 17.65 29.90 4.76
C THR O 575 16.70 29.43 5.84
N PRO O 576 16.22 28.19 5.80
CA PRO O 576 15.35 27.72 6.87
C PRO O 576 16.10 27.75 8.19
N CYS O 577 15.34 28.01 9.25
CA CYS O 577 15.94 28.25 10.55
C CYS O 577 16.86 27.12 10.93
N SER O 578 17.97 27.48 11.57
CA SER O 578 19.01 26.51 11.86
C SER O 578 18.48 25.43 12.79
N PHE O 579 19.09 24.26 12.70
CA PHE O 579 18.77 23.17 13.60
C PHE O 579 19.97 22.25 13.65
N GLY O 580 20.02 21.43 14.69
CA GLY O 580 21.15 20.55 14.86
C GLY O 580 20.90 19.57 15.98
N GLY O 581 21.72 18.53 16.00
CA GLY O 581 21.60 17.55 17.07
C GLY O 581 22.07 18.13 18.38
N VAL O 582 21.24 18.00 19.41
CA VAL O 582 21.72 18.21 20.75
C VAL O 582 22.66 17.08 21.11
N SER O 583 23.79 17.42 21.73
CA SER O 583 24.72 16.41 22.22
C SER O 583 24.97 16.68 23.68
N VAL O 584 24.65 15.71 24.53
CA VAL O 584 24.87 15.86 25.95
C VAL O 584 26.25 15.32 26.26
N ILE O 585 27.18 16.20 26.58
CA ILE O 585 28.53 15.82 26.95
C ILE O 585 28.54 15.61 28.45
N THR O 586 28.91 14.42 28.89
CA THR O 586 28.96 14.14 30.29
C THR O 586 30.14 13.23 30.61
N PRO O 587 30.77 13.44 31.75
CA PRO O 587 31.58 12.35 32.32
C PRO O 587 30.62 11.26 32.74
N GLY O 588 31.11 10.13 33.23
CA GLY O 588 30.20 9.11 33.71
C GLY O 588 29.27 9.69 34.77
N THR O 589 28.01 9.26 34.73
CA THR O 589 27.11 9.63 35.82
C THR O 589 27.69 9.21 37.15
N ASN O 590 28.64 8.27 37.12
CA ASN O 590 29.40 7.90 38.29
C ASN O 590 30.05 9.10 38.94
N THR O 591 30.83 9.85 38.18
CA THR O 591 31.63 10.94 38.75
C THR O 591 30.81 12.18 39.01
N SER O 592 29.78 12.45 38.20
CA SER O 592 29.03 13.68 38.38
C SER O 592 27.65 13.56 37.77
N ASN O 593 26.78 14.46 38.21
CA ASN O 593 25.48 14.70 37.58
C ASN O 593 25.51 15.87 36.63
N GLN O 594 26.66 16.49 36.44
CA GLN O 594 26.77 17.72 35.67
C GLN O 594 26.99 17.41 34.20
N VAL O 595 26.25 18.09 33.34
CA VAL O 595 26.37 17.88 31.90
C VAL O 595 26.69 19.20 31.23
N ALA O 596 27.38 19.13 30.10
CA ALA O 596 27.65 20.28 29.25
C ALA O 596 27.03 20.00 27.90
N VAL O 597 26.01 20.74 27.54
CA VAL O 597 25.28 20.46 26.32
C VAL O 597 25.98 21.13 25.15
N LEU O 598 26.06 20.43 24.04
CA LEU O 598 26.58 20.97 22.79
C LEU O 598 25.43 21.02 21.78
N TYR O 599 25.01 22.24 21.44
CA TYR O 599 24.14 22.40 20.28
C TYR O 599 25.02 22.41 19.04
N GLN O 600 24.80 21.45 18.15
CA GLN O 600 25.67 21.32 17.00
C GLN O 600 25.25 22.27 15.89
N ASP O 601 26.25 22.97 15.34
CA ASP O 601 26.11 23.71 14.09
C ASP O 601 25.02 24.77 14.20
N VAL O 602 25.10 25.60 15.23
CA VAL O 602 24.31 26.81 15.32
C VAL O 602 25.21 27.91 15.84
N ASN O 603 24.96 29.13 15.39
CA ASN O 603 25.58 30.27 16.01
C ASN O 603 24.94 30.44 17.38
N CYS O 604 25.64 31.02 18.35
CA CYS O 604 25.04 31.04 19.68
C CYS O 604 24.20 32.29 19.79
N THR O 605 22.92 32.13 19.51
CA THR O 605 21.85 33.05 19.86
C THR O 605 20.65 32.22 20.28
N GLU O 606 20.17 31.39 19.35
CA GLU O 606 18.88 30.70 19.41
C GLU O 606 18.70 29.86 20.66
N VAL O 607 19.75 29.65 21.42
CA VAL O 607 19.62 29.11 22.77
C VAL O 607 18.47 29.76 23.54
N ASN O 628 26.84 29.29 31.38
CA ASN O 628 28.01 29.73 30.65
C ASN O 628 27.97 29.26 29.21
N VAL O 629 28.34 30.14 28.28
CA VAL O 629 28.24 29.86 26.85
C VAL O 629 29.61 30.03 26.21
N PHE O 630 29.97 29.07 25.36
CA PHE O 630 31.21 29.11 24.61
C PHE O 630 30.94 28.70 23.18
N GLN O 631 31.19 29.62 22.24
CA GLN O 631 31.06 29.32 20.83
C GLN O 631 32.24 28.47 20.38
N THR O 632 32.00 27.58 19.42
CA THR O 632 33.01 26.64 18.99
C THR O 632 33.07 26.62 17.48
N ARG O 633 33.93 25.76 16.94
CA ARG O 633 33.87 25.43 15.53
C ARG O 633 32.80 24.39 15.26
N ALA O 634 32.53 23.51 16.21
CA ALA O 634 31.55 22.45 16.00
C ALA O 634 30.13 22.95 16.17
N GLY O 635 29.90 23.78 17.18
CA GLY O 635 28.56 24.25 17.46
C GLY O 635 28.55 25.12 18.69
N CYS O 636 27.37 25.29 19.26
CA CYS O 636 27.20 26.14 20.43
C CYS O 636 27.28 25.25 21.66
N LEU O 637 28.33 25.40 22.45
CA LEU O 637 28.60 24.54 23.59
C LEU O 637 28.24 25.28 24.87
N ILE O 638 27.28 24.75 25.60
CA ILE O 638 26.75 25.37 26.81
C ILE O 638 27.18 24.55 28.02
N GLY O 639 27.72 25.22 29.02
CA GLY O 639 27.91 24.59 30.31
C GLY O 639 29.31 24.11 30.59
N ALA O 640 30.28 24.44 29.75
CA ALA O 640 31.67 24.09 30.02
C ALA O 640 32.55 25.29 29.76
N GLU O 641 33.25 25.74 30.80
CA GLU O 641 34.13 26.87 30.65
C GLU O 641 35.29 26.51 29.74
N HIS O 642 35.64 27.44 28.86
CA HIS O 642 36.74 27.25 27.94
C HIS O 642 38.04 27.15 28.73
N VAL O 643 39.01 26.42 28.18
CA VAL O 643 40.35 26.32 28.77
C VAL O 643 41.36 26.50 27.65
N ASN O 644 42.40 27.29 27.92
CA ASN O 644 43.50 27.40 26.96
C ASN O 644 44.39 26.18 26.96
N ASN O 645 45.11 25.94 28.05
CA ASN O 645 46.17 24.94 28.06
C ASN O 645 45.58 23.58 27.68
N SER O 646 46.14 23.00 26.62
CA SER O 646 45.52 21.87 25.95
C SER O 646 46.12 20.56 26.44
N TYR O 647 45.26 19.57 26.62
CA TYR O 647 45.65 18.30 27.18
C TYR O 647 45.32 17.22 26.19
N GLU O 648 45.68 15.98 26.50
CA GLU O 648 45.34 14.91 25.59
C GLU O 648 43.83 14.72 25.55
N CYS O 649 43.34 14.23 24.42
CA CYS O 649 41.91 14.18 24.22
C CYS O 649 41.28 13.21 25.21
N ASP O 650 40.03 13.52 25.56
CA ASP O 650 39.33 12.75 26.58
C ASP O 650 37.97 12.31 26.07
N ILE O 651 37.08 13.27 25.88
CA ILE O 651 35.80 13.03 25.22
C ILE O 651 35.81 13.82 23.91
N PRO O 652 35.95 13.18 22.77
CA PRO O 652 35.95 13.91 21.51
C PRO O 652 34.61 14.60 21.29
N ILE O 653 34.66 15.73 20.60
CA ILE O 653 33.45 16.50 20.32
C ILE O 653 33.40 16.79 18.82
N GLY O 654 34.34 17.59 18.36
CA GLY O 654 34.48 17.85 16.95
C GLY O 654 35.52 18.92 16.71
N ALA O 655 36.06 19.01 15.50
CA ALA O 655 37.04 20.02 15.14
C ALA O 655 38.16 20.10 16.17
N GLY O 656 38.52 18.96 16.73
CA GLY O 656 39.59 18.93 17.71
C GLY O 656 39.29 19.67 18.99
N ILE O 657 38.09 19.50 19.53
CA ILE O 657 37.70 20.04 20.82
C ILE O 657 37.36 18.86 21.71
N CYS O 658 38.14 18.64 22.75
CA CYS O 658 37.94 17.50 23.63
C CYS O 658 37.66 17.98 25.04
N ALA O 659 36.58 17.48 25.62
CA ALA O 659 36.13 17.89 26.94
C ALA O 659 36.49 16.83 27.97
N SER O 660 36.96 17.29 29.13
CA SER O 660 37.23 16.42 30.26
C SER O 660 36.67 17.05 31.52
N TYR O 661 36.57 16.24 32.57
CA TYR O 661 35.75 16.67 33.70
C TYR O 661 36.49 17.58 34.66
N GLN O 662 37.77 17.34 34.92
CA GLN O 662 38.43 17.94 36.07
C GLN O 662 38.51 19.45 35.94
N THR O 663 38.75 20.10 37.08
CA THR O 663 39.09 21.52 37.12
C THR O 663 40.04 21.93 36.00
N SER O 676 34.16 22.54 43.28
CA SER O 676 35.48 22.55 42.68
C SER O 676 35.42 22.31 41.18
N GLN O 677 35.42 21.03 40.82
CA GLN O 677 35.56 20.66 39.42
C GLN O 677 34.34 21.07 38.60
N SER O 678 34.58 21.29 37.31
CA SER O 678 33.54 21.61 36.34
C SER O 678 33.98 21.11 34.98
N ILE O 679 33.01 20.69 34.18
CA ILE O 679 33.31 20.23 32.83
C ILE O 679 33.99 21.35 32.06
N ILE O 680 35.13 21.04 31.43
CA ILE O 680 35.82 22.03 30.64
C ILE O 680 35.78 21.61 29.17
N ALA O 681 36.30 22.46 28.30
CA ALA O 681 36.45 22.12 26.90
C ALA O 681 37.66 22.88 26.38
N TYR O 682 38.42 22.24 25.51
CA TYR O 682 39.67 22.84 25.07
C TYR O 682 40.05 22.26 23.72
N THR O 683 40.92 22.98 23.02
CA THR O 683 41.44 22.47 21.77
C THR O 683 42.23 21.20 22.03
N MET O 684 41.89 20.14 21.32
CA MET O 684 42.55 18.86 21.53
C MET O 684 44.03 19.00 21.26
N SER O 685 44.83 18.62 22.24
CA SER O 685 46.27 18.56 22.05
C SER O 685 46.62 17.20 21.47
N LEU O 686 47.57 17.18 20.55
CA LEU O 686 47.96 15.95 19.87
C LEU O 686 49.23 15.47 20.54
N GLY O 687 49.12 14.37 21.28
CA GLY O 687 50.29 13.80 21.90
C GLY O 687 51.01 14.80 22.79
N ALA O 688 52.26 14.50 23.07
CA ALA O 688 53.16 15.39 23.79
C ALA O 688 54.32 15.73 22.89
N GLU O 689 54.61 17.02 22.77
CA GLU O 689 55.63 17.44 21.82
C GLU O 689 56.99 16.89 22.19
N ASN O 690 57.76 16.55 21.15
CA ASN O 690 59.16 16.23 21.28
C ASN O 690 59.89 16.76 20.07
N SER O 691 61.14 17.18 20.26
CA SER O 691 62.01 17.55 19.16
C SER O 691 63.28 16.74 19.33
N VAL O 692 63.50 15.80 18.40
CA VAL O 692 64.63 14.89 18.54
C VAL O 692 65.91 15.66 18.29
N ALA O 693 66.81 15.62 19.26
CA ALA O 693 68.10 16.27 19.05
C ALA O 693 68.84 15.50 17.98
N TYR O 694 69.16 16.16 16.89
CA TYR O 694 69.60 15.48 15.68
C TYR O 694 70.83 16.16 15.13
N SER O 695 71.80 15.37 14.72
CA SER O 695 72.89 15.91 13.95
C SER O 695 73.53 14.77 13.18
N ASN O 696 74.22 15.14 12.12
CA ASN O 696 74.69 14.18 11.13
C ASN O 696 75.68 13.16 11.71
N ASN O 697 76.31 13.46 12.83
CA ASN O 697 77.14 12.47 13.50
C ASN O 697 76.48 11.83 14.71
N SER O 698 75.23 12.17 15.01
CA SER O 698 74.63 11.78 16.28
C SER O 698 73.79 10.52 16.14
N ILE O 699 74.16 9.47 16.88
CA ILE O 699 73.37 8.25 16.92
C ILE O 699 73.03 7.92 18.36
N ALA O 700 71.88 7.30 18.55
CA ALA O 700 71.41 6.92 19.89
C ALA O 700 71.07 5.43 19.88
N ILE O 701 71.86 4.65 20.60
CA ILE O 701 71.70 3.20 20.67
C ILE O 701 71.12 2.84 22.03
N PRO O 702 70.03 2.08 22.08
CA PRO O 702 69.53 1.64 23.37
C PRO O 702 70.47 0.64 24.01
N THR O 703 70.73 0.83 25.29
CA THR O 703 71.58 -0.08 26.03
C THR O 703 70.80 -1.17 26.73
N ASN O 704 69.47 -1.08 26.75
CA ASN O 704 68.70 -1.97 27.59
C ASN O 704 67.27 -1.99 27.07
N PHE O 705 66.53 -3.01 27.46
CA PHE O 705 65.25 -3.28 26.84
C PHE O 705 64.23 -3.62 27.90
N THR O 706 62.98 -3.65 27.47
CA THR O 706 61.90 -4.19 28.26
C THR O 706 61.11 -5.16 27.41
N ILE O 707 60.44 -6.10 28.05
CA ILE O 707 59.62 -7.09 27.38
C ILE O 707 58.19 -6.84 27.82
N SER O 708 57.38 -6.32 26.92
CA SER O 708 55.99 -5.99 27.24
C SER O 708 55.08 -7.04 26.64
N VAL O 709 54.00 -7.35 27.36
CA VAL O 709 52.97 -8.25 26.88
C VAL O 709 51.72 -7.42 26.67
N THR O 710 51.25 -7.34 25.44
CA THR O 710 50.13 -6.47 25.09
C THR O 710 48.97 -7.31 24.58
N THR O 711 47.89 -7.31 25.34
CA THR O 711 46.66 -7.96 24.91
C THR O 711 46.16 -7.33 23.62
N GLU O 712 45.74 -8.18 22.68
CA GLU O 712 45.08 -7.73 21.47
C GLU O 712 43.84 -8.57 21.26
N ILE O 713 42.71 -7.91 21.06
CA ILE O 713 41.41 -8.54 21.14
C ILE O 713 40.72 -8.42 19.80
N LEU O 714 40.16 -9.53 19.32
CA LEU O 714 39.54 -9.56 18.02
C LEU O 714 38.25 -10.36 18.09
N PRO O 715 37.21 -9.92 17.39
CA PRO O 715 36.07 -10.80 17.17
C PRO O 715 36.44 -11.87 16.17
N VAL O 716 35.78 -13.01 16.27
CA VAL O 716 36.05 -14.11 15.35
C VAL O 716 34.74 -14.56 14.75
N SER O 717 33.82 -15.01 15.58
CA SER O 717 32.50 -15.38 15.14
C SER O 717 31.46 -14.52 15.82
N MET O 718 30.28 -14.48 15.24
CA MET O 718 29.14 -13.82 15.83
C MET O 718 28.06 -14.86 16.07
N THR O 719 27.13 -14.54 16.96
CA THR O 719 26.11 -15.50 17.34
C THR O 719 25.33 -15.97 16.11
N LYS O 720 25.30 -17.28 15.91
CA LYS O 720 24.61 -17.85 14.76
C LYS O 720 23.12 -17.84 15.02
N THR O 721 22.38 -17.12 14.19
CA THR O 721 20.94 -17.06 14.33
C THR O 721 20.28 -17.50 13.04
N SER O 722 19.12 -18.11 13.17
CA SER O 722 18.31 -18.50 12.03
C SER O 722 16.87 -18.18 12.37
N VAL O 723 16.21 -17.46 11.47
CA VAL O 723 14.87 -16.96 11.71
C VAL O 723 13.89 -17.72 10.83
N ASP O 724 12.73 -18.04 11.39
CA ASP O 724 11.67 -18.70 10.65
C ASP O 724 10.81 -17.63 10.01
N CYS O 725 10.90 -17.50 8.69
CA CYS O 725 10.26 -16.38 8.02
C CYS O 725 8.75 -16.50 8.06
N THR O 726 8.21 -17.67 7.74
CA THR O 726 6.76 -17.81 7.72
C THR O 726 6.17 -17.58 9.09
N MET O 727 6.81 -18.10 10.14
CA MET O 727 6.26 -17.91 11.47
C MET O 727 6.44 -16.47 11.94
N TYR O 728 7.67 -15.96 11.85
CA TYR O 728 7.92 -14.60 12.34
C TYR O 728 6.95 -13.62 11.72
N ILE O 729 6.69 -13.75 10.44
CA ILE O 729 5.75 -12.85 9.79
C ILE O 729 4.33 -13.20 10.21
N CYS O 730 3.90 -14.41 9.89
CA CYS O 730 2.54 -14.84 10.19
C CYS O 730 2.60 -15.80 11.36
N GLY O 731 2.22 -15.33 12.55
CA GLY O 731 2.07 -16.23 13.68
C GLY O 731 0.81 -17.05 13.55
N ASP O 732 0.93 -18.38 13.60
CA ASP O 732 -0.21 -19.27 13.82
C ASP O 732 -1.46 -18.92 13.02
N SER O 733 -1.29 -18.40 11.82
CA SER O 733 -2.43 -18.03 10.99
C SER O 733 -2.19 -18.51 9.57
N THR O 734 -3.03 -19.41 9.10
CA THR O 734 -2.97 -19.76 7.69
C THR O 734 -3.41 -18.59 6.83
N GLU O 735 -4.35 -17.80 7.35
CA GLU O 735 -4.84 -16.62 6.62
C GLU O 735 -3.68 -15.76 6.18
N CYS O 736 -2.85 -15.36 7.14
CA CYS O 736 -1.64 -14.63 6.81
C CYS O 736 -0.68 -15.50 6.03
N SER O 737 -0.57 -16.77 6.41
CA SER O 737 0.41 -17.64 5.78
C SER O 737 0.16 -17.78 4.28
N ASN O 738 -1.10 -17.84 3.88
CA ASN O 738 -1.41 -17.92 2.45
C ASN O 738 -0.98 -16.66 1.73
N LEU O 739 -1.27 -15.49 2.31
CA LEU O 739 -0.86 -14.24 1.69
C LEU O 739 0.63 -14.20 1.44
N LEU O 740 1.42 -14.72 2.38
CA LEU O 740 2.87 -14.68 2.23
C LEU O 740 3.32 -15.37 0.97
N LEU O 741 2.59 -16.40 0.53
CA LEU O 741 2.93 -17.09 -0.70
C LEU O 741 2.90 -16.18 -1.90
N GLN O 742 2.17 -15.08 -1.83
CA GLN O 742 2.05 -14.17 -2.95
C GLN O 742 3.25 -13.24 -3.07
N TYR O 743 4.15 -13.23 -2.09
CA TYR O 743 5.43 -12.57 -2.22
C TYR O 743 6.52 -13.54 -2.66
N GLY O 744 6.18 -14.78 -2.91
CA GLY O 744 7.12 -15.69 -3.54
C GLY O 744 8.25 -16.08 -2.61
N SER O 745 9.47 -15.90 -3.11
CA SER O 745 10.65 -16.50 -2.55
C SER O 745 11.32 -15.66 -1.48
N PHE O 746 10.73 -14.53 -1.10
CA PHE O 746 11.26 -13.76 0.01
C PHE O 746 11.50 -14.64 1.22
N CYS O 747 10.47 -15.37 1.65
CA CYS O 747 10.59 -16.19 2.84
C CYS O 747 11.77 -17.16 2.72
N THR O 748 11.90 -17.82 1.57
CA THR O 748 12.97 -18.80 1.43
C THR O 748 14.32 -18.13 1.28
N GLN O 749 14.43 -17.09 0.47
CA GLN O 749 15.73 -16.48 0.24
C GLN O 749 16.30 -15.84 1.49
N LEU O 750 15.45 -15.54 2.48
CA LEU O 750 15.99 -15.06 3.75
C LEU O 750 16.73 -16.17 4.47
N ASN O 751 16.12 -17.35 4.57
CA ASN O 751 16.83 -18.49 5.13
C ASN O 751 18.09 -18.79 4.36
N ARG O 752 18.02 -18.74 3.03
CA ARG O 752 19.23 -18.93 2.23
C ARG O 752 20.27 -17.87 2.59
N ALA O 753 19.82 -16.66 2.88
CA ALA O 753 20.76 -15.61 3.28
C ALA O 753 21.37 -15.91 4.64
N LEU O 754 20.53 -16.10 5.66
CA LEU O 754 21.05 -16.26 7.00
C LEU O 754 21.88 -17.51 7.14
N THR O 755 21.51 -18.57 6.42
CA THR O 755 22.32 -19.78 6.47
C THR O 755 23.72 -19.51 5.96
N GLY O 756 23.84 -18.73 4.88
CA GLY O 756 25.15 -18.35 4.40
C GLY O 756 26.01 -17.73 5.49
N ILE O 757 25.43 -16.81 6.25
CA ILE O 757 26.09 -16.31 7.44
C ILE O 757 26.39 -17.46 8.40
N ALA O 758 25.34 -18.12 8.88
CA ALA O 758 25.49 -19.11 9.92
C ALA O 758 26.52 -20.17 9.56
N VAL O 759 26.60 -20.54 8.28
CA VAL O 759 27.60 -21.52 7.87
C VAL O 759 29.00 -20.98 8.09
N GLU O 760 29.30 -19.82 7.50
CA GLU O 760 30.67 -19.35 7.51
C GLU O 760 31.13 -18.93 8.90
N GLN O 761 30.20 -18.68 9.82
CA GLN O 761 30.61 -18.41 11.19
C GLN O 761 31.44 -19.56 11.74
N ASP O 762 30.95 -20.79 11.55
CA ASP O 762 31.73 -21.95 11.94
C ASP O 762 32.87 -22.22 10.97
N LYS O 763 32.91 -21.53 9.84
CA LYS O 763 34.11 -21.54 9.02
C LYS O 763 35.16 -20.57 9.55
N ASN O 764 34.71 -19.39 9.99
CA ASN O 764 35.62 -18.45 10.64
C ASN O 764 36.33 -19.12 11.80
N THR O 765 35.55 -19.52 12.81
CA THR O 765 36.11 -20.21 13.96
C THR O 765 36.96 -21.40 13.55
N GLN O 766 36.65 -22.00 12.40
CA GLN O 766 37.45 -23.10 11.91
C GLN O 766 38.79 -22.60 11.41
N GLU O 767 38.79 -21.55 10.60
CA GLU O 767 40.03 -21.04 10.03
C GLU O 767 40.97 -20.54 11.11
N VAL O 768 40.44 -19.73 12.02
CA VAL O 768 41.24 -19.13 13.07
C VAL O 768 41.88 -20.20 13.93
N PHE O 769 41.06 -20.94 14.68
CA PHE O 769 41.58 -21.72 15.79
C PHE O 769 42.30 -22.97 15.32
N ALA O 770 41.71 -23.73 14.41
CA ALA O 770 42.34 -24.98 14.04
C ALA O 770 43.09 -24.74 12.73
N GLN O 771 44.35 -24.39 12.87
CA GLN O 771 45.33 -24.46 11.82
C GLN O 771 46.31 -25.60 12.03
N VAL O 772 46.19 -26.31 13.15
CA VAL O 772 47.18 -27.27 13.58
C VAL O 772 46.63 -28.66 13.34
N LYS O 773 47.49 -29.53 12.82
CA LYS O 773 47.03 -30.87 12.44
C LYS O 773 46.68 -31.71 13.66
N GLN O 774 47.49 -31.63 14.71
CA GLN O 774 47.36 -32.49 15.87
C GLN O 774 47.08 -31.63 17.09
N ILE O 775 46.56 -32.27 18.13
CA ILE O 775 46.43 -31.61 19.43
C ILE O 775 47.66 -31.96 20.24
N TYR O 776 48.53 -30.99 20.42
CA TYR O 776 49.65 -31.11 21.32
C TYR O 776 49.20 -30.81 22.74
N LYS O 777 49.91 -31.38 23.71
CA LYS O 777 49.66 -31.00 25.09
C LYS O 777 50.99 -30.79 25.79
N THR O 778 51.00 -29.83 26.70
CA THR O 778 52.21 -29.48 27.41
C THR O 778 52.78 -30.71 28.11
N PRO O 779 54.09 -30.77 28.32
CA PRO O 779 54.67 -31.87 29.06
C PRO O 779 54.18 -31.85 30.50
N PRO O 780 54.34 -32.95 31.23
CA PRO O 780 53.85 -32.96 32.61
C PRO O 780 54.53 -31.94 33.49
N ILE O 781 55.84 -31.74 33.34
CA ILE O 781 56.61 -30.87 34.22
C ILE O 781 57.04 -29.63 33.46
N LYS O 782 56.92 -28.48 34.11
CA LYS O 782 57.19 -27.20 33.48
C LYS O 782 58.55 -26.71 33.94
N ASP O 783 59.55 -26.78 33.07
CA ASP O 783 60.78 -26.01 33.22
C ASP O 783 61.03 -25.31 31.90
N PHE O 784 60.76 -24.01 31.87
CA PHE O 784 60.96 -23.20 30.68
C PHE O 784 62.17 -22.28 30.79
N GLY O 785 62.93 -22.37 31.88
CA GLY O 785 64.01 -21.45 32.10
C GLY O 785 63.63 -20.26 32.94
N GLY O 786 62.55 -20.35 33.70
CA GLY O 786 62.07 -19.26 34.51
C GLY O 786 60.81 -18.61 34.03
N PHE O 787 60.34 -18.90 32.82
CA PHE O 787 59.12 -18.28 32.33
C PHE O 787 57.95 -19.08 32.90
N ASN O 788 56.99 -18.38 33.48
CA ASN O 788 55.90 -19.05 34.19
C ASN O 788 54.64 -18.98 33.34
N PHE O 789 54.26 -20.11 32.76
CA PHE O 789 53.09 -20.16 31.90
C PHE O 789 51.85 -20.68 32.61
N SER O 790 51.93 -20.99 33.90
CA SER O 790 50.74 -21.45 34.61
C SER O 790 49.60 -20.47 34.47
N GLN O 791 49.92 -19.20 34.27
CA GLN O 791 48.89 -18.22 33.93
C GLN O 791 48.14 -18.64 32.67
N ILE O 792 48.87 -18.83 31.58
CA ILE O 792 48.26 -19.00 30.26
C ILE O 792 48.01 -20.45 29.88
N LEU O 793 48.54 -21.39 30.61
CA LEU O 793 48.29 -22.76 30.18
C LEU O 793 46.99 -23.30 30.77
N PRO O 794 46.41 -24.30 30.13
CA PRO O 794 45.14 -24.84 30.62
C PRO O 794 45.24 -25.20 32.09
N ASP O 795 44.15 -24.93 32.81
CA ASP O 795 44.12 -25.15 34.24
C ASP O 795 43.69 -26.59 34.48
N PRO O 796 44.57 -27.47 34.97
CA PRO O 796 44.20 -28.88 35.12
C PRO O 796 43.08 -29.10 36.10
N SER O 797 42.82 -28.16 36.99
CA SER O 797 41.82 -28.33 38.04
C SER O 797 40.48 -27.72 37.69
N LYS O 798 40.34 -27.14 36.56
CA LYS O 798 38.97 -26.74 36.24
C LYS O 798 38.23 -27.86 35.52
N PRO O 799 36.92 -27.99 35.73
CA PRO O 799 36.18 -29.04 34.99
C PRO O 799 36.24 -28.83 33.49
N SER O 800 35.98 -27.61 33.02
CA SER O 800 36.30 -27.22 31.65
C SER O 800 37.68 -26.61 31.72
N LYS O 801 38.65 -27.27 31.10
CA LYS O 801 40.03 -26.82 31.29
C LYS O 801 40.23 -25.59 30.43
N ARG O 802 40.47 -24.46 31.09
CA ARG O 802 40.70 -23.18 30.45
C ARG O 802 41.70 -22.43 31.30
N SER O 803 42.67 -21.82 30.65
CA SER O 803 43.75 -21.15 31.37
C SER O 803 43.19 -20.10 32.30
N PHE O 804 43.92 -19.87 33.39
CA PHE O 804 43.46 -18.94 34.43
C PHE O 804 42.98 -17.63 33.83
N ILE O 805 43.67 -17.14 32.81
CA ILE O 805 43.29 -15.88 32.20
C ILE O 805 41.92 -15.99 31.55
N GLU O 806 41.70 -17.05 30.77
CA GLU O 806 40.47 -17.12 29.99
C GLU O 806 39.23 -17.01 30.86
N ASP O 807 39.32 -17.44 32.12
CA ASP O 807 38.18 -17.27 33.01
C ASP O 807 37.90 -15.80 33.29
N LEU O 808 38.94 -15.00 33.42
CA LEU O 808 38.73 -13.56 33.55
C LEU O 808 37.93 -13.02 32.38
N LEU O 809 38.15 -13.57 31.19
CA LEU O 809 37.46 -13.09 30.01
C LEU O 809 36.00 -13.51 30.00
N PHE O 810 35.75 -14.81 30.24
CA PHE O 810 34.38 -15.30 30.17
C PHE O 810 33.49 -14.69 31.24
N ASN O 811 34.06 -14.09 32.28
CA ASN O 811 33.23 -13.40 33.25
C ASN O 811 32.85 -12.00 32.75
N LYS O 812 33.80 -11.30 32.14
CA LYS O 812 33.53 -9.96 31.64
C LYS O 812 32.42 -9.99 30.59
N VAL O 813 32.63 -10.75 29.52
CA VAL O 813 31.62 -10.85 28.48
C VAL O 813 30.40 -11.59 29.02
N THR O 814 29.23 -11.27 28.46
CA THR O 814 28.01 -11.94 28.84
C THR O 814 27.29 -12.53 27.63
N ASP O 835 14.07 -13.21 29.44
CA ASP O 835 15.39 -12.77 28.99
C ASP O 835 15.49 -12.82 27.48
N LEU O 836 16.72 -12.78 26.95
CA LEU O 836 16.88 -12.98 25.48
C LEU O 836 16.98 -14.48 25.27
N ILE O 837 16.94 -15.27 26.36
CA ILE O 837 17.11 -16.75 26.28
C ILE O 837 15.97 -17.41 25.49
N CYS O 838 14.72 -17.02 25.70
CA CYS O 838 13.59 -17.74 25.04
C CYS O 838 12.65 -16.75 24.35
N ALA O 839 12.63 -15.49 24.77
CA ALA O 839 11.80 -14.44 24.18
C ALA O 839 11.95 -14.41 22.66
N GLN O 840 13.17 -14.14 22.19
CA GLN O 840 13.45 -14.29 20.76
C GLN O 840 12.93 -15.63 20.26
N LYS O 841 13.25 -16.70 20.99
CA LYS O 841 12.88 -18.05 20.59
C LYS O 841 11.38 -18.26 20.60
N PHE O 842 10.60 -17.30 21.09
CA PHE O 842 9.15 -17.37 20.91
C PHE O 842 8.79 -17.34 19.43
N ASN O 843 9.22 -16.29 18.73
CA ASN O 843 8.65 -15.93 17.45
C ASN O 843 9.34 -16.58 16.27
N GLY O 844 10.28 -17.48 16.52
CA GLY O 844 11.06 -18.06 15.44
C GLY O 844 12.43 -17.47 15.29
N LEU O 845 12.89 -16.69 16.26
CA LEU O 845 14.26 -16.23 16.29
C LEU O 845 15.04 -17.24 17.10
N THR O 846 15.89 -18.00 16.42
CA THR O 846 16.59 -19.10 17.05
C THR O 846 18.08 -18.79 17.11
N VAL O 847 18.72 -19.27 18.16
CA VAL O 847 20.16 -19.15 18.31
C VAL O 847 20.73 -20.55 18.17
N LEU O 848 21.37 -20.82 17.07
CA LEU O 848 21.91 -22.15 16.89
C LEU O 848 23.23 -22.29 17.64
N PRO O 849 23.53 -23.48 18.15
CA PRO O 849 24.77 -23.65 18.87
C PRO O 849 25.95 -23.56 17.94
N PRO O 850 26.99 -22.85 18.33
CA PRO O 850 28.22 -22.85 17.52
C PRO O 850 28.79 -24.25 17.44
N LEU O 851 29.18 -24.65 16.23
CA LEU O 851 29.65 -26.02 16.01
C LEU O 851 30.67 -26.45 17.05
N LEU O 852 31.58 -25.56 17.41
CA LEU O 852 32.66 -25.88 18.33
C LEU O 852 32.29 -25.39 19.72
N THR O 853 32.18 -26.31 20.67
CA THR O 853 31.96 -25.90 22.05
C THR O 853 33.16 -25.14 22.57
N ASP O 854 32.91 -24.30 23.57
CA ASP O 854 34.00 -23.52 24.15
C ASP O 854 35.10 -24.41 24.68
N GLU O 855 34.75 -25.58 25.22
CA GLU O 855 35.78 -26.49 25.71
C GLU O 855 36.68 -26.96 24.58
N MET O 856 36.13 -27.08 23.37
CA MET O 856 36.98 -27.44 22.25
C MET O 856 37.88 -26.29 21.86
N ILE O 857 37.32 -25.08 21.79
CA ILE O 857 38.12 -23.90 21.49
C ILE O 857 39.31 -23.84 22.43
N ALA O 858 39.09 -24.18 23.69
CA ALA O 858 40.18 -24.18 24.66
C ALA O 858 41.14 -25.33 24.46
N GLN O 859 40.78 -26.36 23.68
CA GLN O 859 41.78 -27.37 23.36
C GLN O 859 42.68 -26.93 22.22
N TYR O 860 42.10 -26.34 21.18
CA TYR O 860 42.92 -25.71 20.15
C TYR O 860 43.91 -24.73 20.77
N THR O 861 43.39 -23.67 21.38
CA THR O 861 44.26 -22.68 21.98
C THR O 861 45.15 -23.27 23.06
N SER O 862 44.90 -24.51 23.49
CA SER O 862 45.92 -25.23 24.23
C SER O 862 46.97 -25.80 23.29
N ALA O 863 46.54 -26.46 22.22
CA ALA O 863 47.47 -27.02 21.25
C ALA O 863 48.39 -25.95 20.71
N LEU O 864 47.81 -24.96 20.02
CA LEU O 864 48.60 -23.86 19.49
C LEU O 864 49.55 -23.31 20.53
N LEU O 865 49.08 -23.19 21.76
CA LEU O 865 49.95 -22.73 22.82
C LEU O 865 50.87 -23.82 23.33
N ALA O 866 50.50 -25.09 23.20
CA ALA O 866 51.43 -26.14 23.62
C ALA O 866 52.56 -26.29 22.63
N GLY O 867 52.26 -26.21 21.34
CA GLY O 867 53.31 -26.33 20.34
C GLY O 867 54.20 -25.11 20.29
N THR O 868 53.61 -23.93 20.45
CA THR O 868 54.40 -22.70 20.46
C THR O 868 55.49 -22.76 21.51
N ILE O 869 55.15 -23.27 22.69
CA ILE O 869 56.09 -23.29 23.79
C ILE O 869 57.17 -24.32 23.55
N THR O 870 56.77 -25.57 23.31
CA THR O 870 57.75 -26.64 23.19
C THR O 870 58.44 -26.62 21.84
N SER O 871 57.68 -26.57 20.76
CA SER O 871 58.16 -26.88 19.43
C SER O 871 58.61 -25.66 18.65
N GLY O 872 58.59 -24.47 19.25
CA GLY O 872 58.98 -23.30 18.49
C GLY O 872 57.92 -22.96 17.47
N TRP O 873 58.36 -22.50 16.29
CA TRP O 873 57.43 -22.20 15.21
C TRP O 873 57.30 -23.32 14.21
N THR O 874 58.05 -24.41 14.37
CA THR O 874 58.09 -25.42 13.32
C THR O 874 56.81 -26.22 13.22
N PHE O 875 55.95 -26.20 14.24
CA PHE O 875 54.77 -27.05 14.16
C PHE O 875 53.78 -26.55 13.13
N GLY O 876 53.87 -25.27 12.77
CA GLY O 876 53.05 -24.78 11.68
C GLY O 876 53.51 -25.21 10.30
N ALA O 877 54.79 -25.54 10.18
CA ALA O 877 55.36 -25.95 8.91
C ALA O 877 55.43 -27.46 8.74
N GLY O 878 54.92 -28.22 9.68
CA GLY O 878 55.06 -29.66 9.58
C GLY O 878 54.99 -30.28 10.97
N ALA O 879 55.63 -31.45 11.09
CA ALA O 879 55.73 -32.12 12.37
C ALA O 879 56.43 -31.21 13.37
N ALA O 880 55.85 -31.09 14.56
CA ALA O 880 56.44 -30.26 15.59
C ALA O 880 57.82 -30.80 15.99
N LEU O 881 58.73 -29.90 16.31
CA LEU O 881 60.09 -30.26 16.65
C LEU O 881 60.38 -29.75 18.05
N GLN O 882 60.55 -30.65 19.01
CA GLN O 882 60.86 -30.20 20.35
C GLN O 882 62.17 -29.44 20.33
N ILE O 883 62.18 -28.28 20.96
CA ILE O 883 63.38 -27.48 21.05
C ILE O 883 63.39 -26.81 22.42
N PRO O 884 64.53 -26.68 23.07
CA PRO O 884 64.55 -26.04 24.39
C PRO O 884 64.03 -24.63 24.29
N PHE O 885 63.07 -24.30 25.16
CA PHE O 885 62.40 -23.03 25.03
C PHE O 885 63.41 -21.88 25.09
N ALA O 886 64.38 -21.96 26.00
CA ALA O 886 65.40 -20.93 26.06
C ALA O 886 66.21 -20.88 24.78
N MET O 887 66.32 -21.99 24.06
CA MET O 887 66.94 -21.95 22.75
C MET O 887 65.97 -21.58 21.65
N GLN O 888 64.68 -21.54 21.95
CA GLN O 888 63.76 -20.91 21.04
C GLN O 888 63.95 -19.41 21.05
N MET O 889 63.94 -18.80 22.22
CA MET O 889 64.06 -17.35 22.33
C MET O 889 65.38 -16.83 21.82
N ALA O 890 66.39 -17.67 21.64
CA ALA O 890 67.58 -17.19 20.99
C ALA O 890 67.30 -16.90 19.53
N TYR O 891 66.44 -17.70 18.90
CA TYR O 891 66.09 -17.41 17.52
C TYR O 891 65.24 -16.16 17.44
N ARG O 892 64.17 -16.10 18.22
CA ARG O 892 63.26 -14.97 18.12
C ARG O 892 63.94 -13.64 18.41
N PHE O 893 65.11 -13.64 19.03
CA PHE O 893 65.93 -12.44 19.03
C PHE O 893 66.64 -12.23 17.71
N ASN O 894 67.24 -13.28 17.16
CA ASN O 894 67.82 -13.15 15.83
C ASN O 894 66.80 -12.65 14.83
N GLY O 895 65.53 -13.01 15.03
CA GLY O 895 64.49 -12.50 14.15
C GLY O 895 64.41 -10.99 14.18
N ILE O 896 64.53 -10.39 15.36
CA ILE O 896 64.41 -8.95 15.51
C ILE O 896 65.76 -8.25 15.47
N GLY O 897 66.84 -9.00 15.21
CA GLY O 897 68.13 -8.38 15.03
C GLY O 897 68.97 -8.29 16.28
N VAL O 898 68.46 -8.70 17.43
CA VAL O 898 69.24 -8.74 18.65
C VAL O 898 69.98 -10.07 18.68
N THR O 899 71.30 -10.00 18.71
CA THR O 899 72.09 -11.23 18.72
C THR O 899 71.77 -12.06 19.95
N GLN O 900 71.72 -13.37 19.76
CA GLN O 900 71.29 -14.29 20.80
C GLN O 900 72.13 -14.22 22.06
N ASN O 901 73.37 -13.73 21.98
CA ASN O 901 74.17 -13.64 23.18
C ASN O 901 73.54 -12.71 24.21
N VAL O 902 72.58 -11.90 23.79
CA VAL O 902 71.86 -11.06 24.80
C VAL O 902 71.05 -11.98 25.72
N LEU O 903 70.21 -12.85 25.15
CA LEU O 903 69.32 -13.71 25.98
C LEU O 903 70.12 -14.67 26.86
N TYR O 904 71.16 -15.33 26.32
CA TYR O 904 71.89 -16.36 27.11
C TYR O 904 72.53 -15.69 28.34
N GLU O 905 72.69 -14.37 28.29
CA GLU O 905 73.29 -13.62 29.38
C GLU O 905 72.22 -12.97 30.25
N ASN O 906 71.14 -12.50 29.65
CA ASN O 906 70.08 -11.81 30.38
C ASN O 906 68.92 -12.71 30.75
N GLN O 907 69.05 -14.02 30.54
CA GLN O 907 67.89 -14.90 30.67
C GLN O 907 67.12 -14.68 31.97
N LYS O 908 67.82 -14.72 33.11
CA LYS O 908 67.14 -14.55 34.39
C LYS O 908 66.35 -13.26 34.42
N LEU O 909 66.98 -12.16 34.02
CA LEU O 909 66.27 -10.89 33.96
C LEU O 909 65.05 -10.99 33.06
N ILE O 910 65.25 -11.49 31.83
CA ILE O 910 64.14 -11.57 30.89
C ILE O 910 63.03 -12.44 31.45
N ALA O 911 63.38 -13.44 32.25
CA ALA O 911 62.38 -14.26 32.89
C ALA O 911 61.44 -13.41 33.73
N ASN O 912 62.01 -12.61 34.64
CA ASN O 912 61.19 -11.82 35.55
C ASN O 912 60.35 -10.81 34.78
N GLN O 913 60.96 -10.09 33.84
CA GLN O 913 60.21 -9.14 33.05
C GLN O 913 59.04 -9.80 32.37
N PHE O 914 59.24 -11.02 31.87
CA PHE O 914 58.13 -11.74 31.27
C PHE O 914 57.05 -12.00 32.29
N ASN O 915 57.41 -12.69 33.38
CA ASN O 915 56.42 -13.10 34.38
C ASN O 915 55.69 -11.89 34.93
N SER O 916 56.43 -10.88 35.38
CA SER O 916 55.80 -9.68 35.91
C SER O 916 54.95 -9.00 34.87
N ALA O 917 55.26 -9.18 33.59
CA ALA O 917 54.38 -8.66 32.55
C ALA O 917 53.10 -9.46 32.48
N ILE O 918 53.19 -10.78 32.58
CA ILE O 918 52.00 -11.60 32.52
C ILE O 918 51.05 -11.24 33.67
N GLY O 919 51.60 -11.02 34.86
CA GLY O 919 50.77 -10.71 36.00
C GLY O 919 49.86 -9.53 35.74
N LYS O 920 50.42 -8.43 35.26
CA LYS O 920 49.63 -7.23 35.02
C LYS O 920 48.57 -7.45 33.96
N ILE O 921 48.71 -8.47 33.12
CA ILE O 921 47.67 -8.75 32.14
C ILE O 921 46.39 -9.16 32.86
N GLN O 922 46.52 -9.86 33.98
CA GLN O 922 45.37 -10.20 34.80
C GLN O 922 44.61 -8.94 35.20
N ASP O 923 45.28 -8.02 35.87
CA ASP O 923 44.62 -6.84 36.39
C ASP O 923 44.17 -5.92 35.27
N SER O 924 44.95 -5.84 34.19
CA SER O 924 44.50 -5.11 33.01
C SER O 924 43.12 -5.56 32.59
N LEU O 925 42.89 -6.87 32.61
CA LEU O 925 41.56 -7.41 32.38
C LEU O 925 40.71 -7.33 33.64
N SER O 926 41.31 -7.66 34.79
CA SER O 926 40.53 -7.84 36.00
C SER O 926 39.89 -6.53 36.46
N SER O 927 40.63 -5.43 36.38
CA SER O 927 40.23 -4.17 36.98
C SER O 927 39.51 -3.23 36.02
N THR O 928 39.40 -3.58 34.74
CA THR O 928 38.74 -2.73 33.77
C THR O 928 37.91 -3.60 32.84
N ALA O 929 36.64 -3.22 32.66
CA ALA O 929 35.72 -3.99 31.83
C ALA O 929 35.61 -3.46 30.41
N SER O 930 36.33 -2.39 30.06
CA SER O 930 36.24 -1.80 28.74
C SER O 930 37.25 -2.38 27.75
N ALA O 931 38.20 -3.19 28.21
CA ALA O 931 39.19 -3.77 27.29
C ALA O 931 38.52 -4.68 26.28
N LEU O 932 37.46 -5.38 26.70
CA LEU O 932 36.77 -6.34 25.86
C LEU O 932 35.67 -5.71 25.04
N GLY O 933 35.57 -4.38 25.03
CA GLY O 933 34.50 -3.71 24.32
C GLY O 933 34.29 -4.25 22.92
N LYS O 934 35.38 -4.53 22.21
CA LYS O 934 35.26 -5.05 20.85
C LYS O 934 34.36 -6.27 20.80
N LEU O 935 34.66 -7.27 21.62
CA LEU O 935 33.75 -8.40 21.78
C LEU O 935 32.41 -7.93 22.28
N GLN O 936 32.41 -7.15 23.36
CA GLN O 936 31.17 -6.74 23.99
C GLN O 936 30.28 -5.99 23.01
N ASP O 937 30.88 -5.23 22.10
CA ASP O 937 30.08 -4.52 21.11
C ASP O 937 29.43 -5.48 20.14
N VAL O 938 30.18 -6.49 19.69
CA VAL O 938 29.62 -7.48 18.79
C VAL O 938 28.41 -8.15 19.40
N VAL O 939 28.56 -8.65 20.63
CA VAL O 939 27.47 -9.37 21.28
C VAL O 939 26.27 -8.46 21.46
N ASN O 940 26.50 -7.21 21.86
CA ASN O 940 25.39 -6.29 22.05
C ASN O 940 24.65 -6.04 20.75
N GLN O 941 25.38 -5.66 19.69
CA GLN O 941 24.73 -5.31 18.44
C GLN O 941 23.88 -6.45 17.92
N ASN O 942 24.33 -7.70 18.11
CA ASN O 942 23.51 -8.84 17.74
C ASN O 942 22.24 -8.87 18.57
N ALA O 943 22.39 -8.90 19.90
CA ALA O 943 21.22 -8.85 20.77
C ALA O 943 20.44 -7.57 20.57
N GLN O 944 21.11 -6.49 20.17
CA GLN O 944 20.41 -5.25 19.85
C GLN O 944 19.37 -5.47 18.77
N ALA O 945 19.84 -5.79 17.55
CA ALA O 945 18.92 -5.87 16.43
C ALA O 945 17.82 -6.88 16.68
N LEU O 946 18.13 -7.96 17.40
CA LEU O 946 17.08 -8.93 17.74
C LEU O 946 15.98 -8.26 18.53
N ASN O 947 16.33 -7.51 19.57
CA ASN O 947 15.31 -6.74 20.28
C ASN O 947 14.52 -5.86 19.32
N THR O 948 15.22 -5.06 18.52
CA THR O 948 14.55 -4.25 17.53
C THR O 948 13.68 -5.10 16.62
N LEU O 949 14.23 -6.20 16.13
CA LEU O 949 13.45 -7.06 15.25
C LEU O 949 12.20 -7.57 15.95
N VAL O 950 12.31 -7.90 17.23
CA VAL O 950 11.14 -8.34 17.97
C VAL O 950 10.15 -7.19 18.12
N LYS O 951 10.62 -6.04 18.62
CA LYS O 951 9.73 -4.92 18.84
C LYS O 951 8.99 -4.52 17.58
N GLN O 952 9.52 -4.84 16.41
CA GLN O 952 8.78 -4.56 15.18
C GLN O 952 7.51 -5.37 15.10
N LEU O 953 7.40 -6.47 15.83
CA LEU O 953 6.15 -7.22 15.82
C LEU O 953 5.01 -6.42 16.42
N SER O 954 5.30 -5.53 17.35
CA SER O 954 4.27 -4.80 18.06
C SER O 954 3.88 -3.50 17.37
N SER O 955 4.42 -3.21 16.20
CA SER O 955 4.12 -1.96 15.53
C SER O 955 2.97 -2.13 14.56
N ASN O 956 2.14 -1.09 14.46
CA ASN O 956 0.93 -1.19 13.65
C ASN O 956 1.26 -1.24 12.16
N PHE O 957 2.29 -0.51 11.74
CA PHE O 957 2.64 -0.41 10.32
C PHE O 957 1.45 0.06 9.48
N GLY O 958 0.59 0.86 10.08
CA GLY O 958 -0.61 1.32 9.42
C GLY O 958 -1.79 0.41 9.57
N ALA O 959 -1.58 -0.85 9.93
CA ALA O 959 -2.69 -1.75 10.17
C ALA O 959 -3.38 -1.39 11.48
N ILE O 960 -4.62 -1.88 11.63
CA ILE O 960 -5.44 -1.52 12.77
C ILE O 960 -4.87 -2.02 14.09
N SER O 961 -4.10 -3.12 14.07
CA SER O 961 -3.49 -3.59 15.30
C SER O 961 -2.28 -4.45 14.95
N SER O 962 -1.43 -4.66 15.95
CA SER O 962 -0.22 -5.44 15.75
C SER O 962 -0.42 -6.91 16.09
N VAL O 963 -1.57 -7.30 16.61
CA VAL O 963 -1.87 -8.70 16.85
C VAL O 963 -2.52 -9.26 15.60
N LEU O 964 -1.86 -10.24 14.99
CA LEU O 964 -2.32 -10.74 13.70
C LEU O 964 -3.71 -11.33 13.78
N ASN O 965 -4.11 -11.82 14.95
CA ASN O 965 -5.43 -12.42 15.07
C ASN O 965 -6.53 -11.38 15.22
N ASP O 966 -6.23 -10.26 15.88
CA ASP O 966 -7.25 -9.23 16.09
C ASP O 966 -7.80 -8.71 14.78
N ILE O 967 -6.92 -8.46 13.80
CA ILE O 967 -7.38 -8.08 12.49
C ILE O 967 -8.30 -9.16 11.92
N LEU O 968 -7.97 -10.42 12.18
CA LEU O 968 -8.86 -11.48 11.74
C LEU O 968 -10.11 -11.57 12.60
N SER O 969 -10.01 -11.24 13.88
CA SER O 969 -11.17 -11.37 14.76
C SER O 969 -12.17 -10.27 14.47
N ARG O 970 -11.72 -9.01 14.46
CA ARG O 970 -12.66 -7.91 14.31
C ARG O 970 -13.29 -7.87 12.94
N LEU O 971 -12.46 -7.94 11.90
CA LEU O 971 -12.90 -7.62 10.56
C LEU O 971 -13.20 -8.87 9.76
N ASP O 972 -14.19 -8.77 8.88
CA ASP O 972 -14.39 -9.79 7.88
C ASP O 972 -13.16 -9.87 6.99
N LYS O 973 -12.89 -11.05 6.47
CA LYS O 973 -11.62 -11.18 5.72
C LYS O 973 -11.54 -10.21 4.56
N VAL O 974 -12.57 -10.13 3.74
CA VAL O 974 -12.44 -9.33 2.48
C VAL O 974 -11.53 -8.14 2.72
N GLU O 975 -11.81 -7.38 3.76
CA GLU O 975 -11.07 -6.16 4.08
C GLU O 975 -9.79 -6.48 4.85
N ALA O 976 -9.87 -7.42 5.80
CA ALA O 976 -8.71 -7.77 6.60
C ALA O 976 -7.52 -8.18 5.75
N GLU O 977 -7.76 -8.65 4.52
CA GLU O 977 -6.67 -8.93 3.61
C GLU O 977 -5.78 -7.72 3.45
N VAL O 978 -6.37 -6.57 3.13
CA VAL O 978 -5.59 -5.37 2.89
C VAL O 978 -4.86 -4.96 4.15
N GLN O 979 -5.49 -5.12 5.31
CA GLN O 979 -4.83 -4.81 6.56
C GLN O 979 -3.58 -5.65 6.74
N ILE O 980 -3.72 -6.97 6.66
CA ILE O 980 -2.59 -7.86 6.93
C ILE O 980 -1.43 -7.57 5.99
N ASP O 981 -1.72 -7.08 4.80
CA ASP O 981 -0.64 -6.62 3.93
C ASP O 981 0.25 -5.63 4.66
N ARG O 982 -0.34 -4.58 5.20
CA ARG O 982 0.47 -3.58 5.89
C ARG O 982 1.26 -4.19 7.03
N LEU O 983 0.73 -5.22 7.69
CA LEU O 983 1.57 -5.96 8.63
C LEU O 983 2.66 -6.70 7.88
N ILE O 984 2.27 -7.53 6.92
CA ILE O 984 3.26 -8.34 6.21
C ILE O 984 4.28 -7.44 5.55
N THR O 985 3.82 -6.54 4.67
CA THR O 985 4.74 -5.62 4.02
C THR O 985 5.65 -4.95 5.02
N GLY O 986 5.09 -4.52 6.13
CA GLY O 986 5.91 -3.95 7.18
C GLY O 986 6.88 -4.96 7.75
N ARG O 987 6.37 -6.08 8.24
CA ARG O 987 7.23 -7.07 8.87
C ARG O 987 8.21 -7.66 7.87
N LEU O 988 7.69 -8.12 6.73
CA LEU O 988 8.55 -8.73 5.72
C LEU O 988 9.68 -7.79 5.33
N GLN O 989 9.37 -6.51 5.16
CA GLN O 989 10.45 -5.53 5.01
C GLN O 989 11.35 -5.55 6.21
N SER O 990 10.77 -5.54 7.41
CA SER O 990 11.57 -5.41 8.62
C SER O 990 12.53 -6.57 8.79
N LEU O 991 12.25 -7.72 8.17
CA LEU O 991 13.26 -8.77 8.14
C LEU O 991 14.41 -8.39 7.24
N GLN O 992 14.11 -7.98 6.00
CA GLN O 992 15.17 -7.64 5.06
C GLN O 992 16.09 -6.59 5.65
N THR O 993 15.54 -5.64 6.40
CA THR O 993 16.39 -4.73 7.14
C THR O 993 17.31 -5.51 8.07
N TYR O 994 16.74 -6.37 8.91
CA TYR O 994 17.57 -7.14 9.84
C TYR O 994 18.55 -8.02 9.09
N VAL O 995 18.07 -8.73 8.07
CA VAL O 995 18.95 -9.63 7.34
C VAL O 995 20.10 -8.85 6.71
N THR O 996 19.78 -7.75 6.04
CA THR O 996 20.83 -6.97 5.40
C THR O 996 21.85 -6.49 6.42
N GLN O 997 21.39 -6.08 7.60
CA GLN O 997 22.32 -5.69 8.65
C GLN O 997 23.27 -6.83 8.97
N GLN O 998 22.73 -8.02 9.19
CA GLN O 998 23.56 -9.16 9.54
C GLN O 998 24.58 -9.44 8.46
N LEU O 999 24.14 -9.47 7.20
CA LEU O 999 25.06 -9.67 6.10
C LEU O 999 26.20 -8.66 6.15
N ILE O 1000 25.86 -7.39 6.25
CA ILE O 1000 26.88 -6.35 6.33
C ILE O 1000 27.75 -6.57 7.55
N ARG O 1001 27.12 -6.78 8.70
CA ARG O 1001 27.88 -6.93 9.93
C ARG O 1001 28.75 -8.18 9.89
N ALA O 1002 28.22 -9.28 9.35
CA ALA O 1002 29.04 -10.48 9.21
C ALA O 1002 30.22 -10.23 8.31
N ALA O 1003 30.02 -9.46 7.24
CA ALA O 1003 31.13 -9.16 6.34
C ALA O 1003 32.23 -8.40 7.05
N GLU O 1004 31.89 -7.65 8.08
CA GLU O 1004 32.93 -7.06 8.92
C GLU O 1004 33.65 -8.13 9.72
N ILE O 1005 32.89 -8.95 10.44
CA ILE O 1005 33.48 -10.04 11.19
C ILE O 1005 34.31 -10.92 10.27
N ARG O 1006 33.77 -11.25 9.10
CA ARG O 1006 34.52 -12.02 8.12
C ARG O 1006 35.86 -11.37 7.82
N ALA O 1007 35.90 -10.04 7.80
CA ALA O 1007 37.18 -9.36 7.63
C ALA O 1007 38.02 -9.47 8.88
N SER O 1008 37.39 -9.28 10.05
CA SER O 1008 38.15 -9.40 11.29
C SER O 1008 38.64 -10.83 11.51
N ALA O 1009 37.86 -11.82 11.09
CA ALA O 1009 38.28 -13.20 11.26
C ALA O 1009 39.58 -13.46 10.50
N ASN O 1010 39.67 -12.99 9.26
CA ASN O 1010 40.89 -13.16 8.50
C ASN O 1010 42.07 -12.47 9.18
N LEU O 1011 41.83 -11.30 9.75
CA LEU O 1011 42.88 -10.63 10.49
C LEU O 1011 43.40 -11.52 11.61
N ALA O 1012 42.49 -12.19 12.33
CA ALA O 1012 42.93 -13.14 13.33
C ALA O 1012 43.68 -14.29 12.68
N ALA O 1013 43.03 -14.98 11.74
CA ALA O 1013 43.67 -16.09 11.06
C ALA O 1013 45.01 -15.69 10.46
N THR O 1014 45.15 -14.43 10.08
CA THR O 1014 46.45 -13.96 9.63
C THR O 1014 47.41 -13.87 10.80
N LYS O 1015 47.00 -13.23 11.88
CA LYS O 1015 47.86 -13.16 13.06
C LYS O 1015 48.15 -14.54 13.59
N MET O 1016 47.12 -15.35 13.79
CA MET O 1016 47.30 -16.70 14.30
C MET O 1016 48.34 -17.45 13.49
N SER O 1017 48.29 -17.33 12.17
CA SER O 1017 49.28 -18.00 11.34
C SER O 1017 50.62 -17.32 11.45
N GLU O 1018 50.67 -16.01 11.19
CA GLU O 1018 51.96 -15.35 11.13
C GLU O 1018 52.52 -15.08 12.50
N CYS O 1019 51.70 -14.53 13.38
CA CYS O 1019 52.21 -14.04 14.66
C CYS O 1019 52.44 -15.20 15.62
N VAL O 1020 51.38 -15.95 15.95
CA VAL O 1020 51.53 -17.09 16.84
C VAL O 1020 52.43 -18.16 16.23
N LEU O 1021 52.02 -18.70 15.08
CA LEU O 1021 52.73 -19.86 14.55
C LEU O 1021 54.11 -19.51 14.06
N GLY O 1022 54.31 -18.33 13.49
CA GLY O 1022 55.63 -17.91 13.09
C GLY O 1022 56.16 -16.81 13.97
N GLN O 1023 57.07 -16.01 13.42
CA GLN O 1023 57.46 -14.74 14.02
C GLN O 1023 57.30 -13.66 12.98
N SER O 1024 56.61 -12.59 13.33
CA SER O 1024 56.24 -11.59 12.35
C SER O 1024 57.33 -10.54 12.18
N LYS O 1025 57.66 -10.25 10.94
CA LYS O 1025 58.55 -9.14 10.60
C LYS O 1025 57.78 -7.87 10.25
N ARG O 1026 56.45 -7.92 10.30
CA ARG O 1026 55.64 -6.78 9.93
C ARG O 1026 55.53 -5.84 11.10
N VAL O 1027 56.03 -4.61 10.94
CA VAL O 1027 56.11 -3.70 12.06
C VAL O 1027 54.72 -3.36 12.55
N ASP O 1028 54.49 -3.52 13.84
CA ASP O 1028 53.25 -3.15 14.51
C ASP O 1028 52.04 -3.85 13.92
N PHE O 1029 52.25 -5.00 13.28
CA PHE O 1029 51.13 -5.87 12.97
C PHE O 1029 50.74 -6.68 14.19
N CYS O 1030 51.73 -7.16 14.92
CA CYS O 1030 51.51 -7.90 16.15
C CYS O 1030 51.43 -6.99 17.37
N GLY O 1031 51.42 -5.68 17.19
CA GLY O 1031 51.41 -4.79 18.32
C GLY O 1031 52.76 -4.14 18.53
N LYS O 1032 52.71 -2.97 19.17
CA LYS O 1032 53.86 -2.07 19.20
C LYS O 1032 55.11 -2.77 19.73
N GLY O 1033 56.22 -2.55 19.03
CA GLY O 1033 57.50 -3.11 19.40
C GLY O 1033 57.91 -4.22 18.46
N TYR O 1034 59.18 -4.60 18.58
CA TYR O 1034 59.67 -5.78 17.90
C TYR O 1034 59.00 -7.00 18.51
N HIS O 1035 58.50 -7.89 17.67
CA HIS O 1035 57.68 -8.99 18.12
C HIS O 1035 58.51 -10.24 18.37
N LEU O 1036 58.26 -10.89 19.52
CA LEU O 1036 58.92 -12.15 19.82
C LEU O 1036 57.98 -13.31 19.57
N MET O 1037 56.91 -13.41 20.35
CA MET O 1037 55.99 -14.52 20.17
C MET O 1037 54.60 -14.06 20.62
N SER O 1038 53.59 -14.82 20.23
CA SER O 1038 52.23 -14.50 20.62
C SER O 1038 51.55 -15.73 21.20
N PHE O 1039 50.68 -15.49 22.16
CA PHE O 1039 49.95 -16.53 22.86
C PHE O 1039 48.47 -16.36 22.61
N PRO O 1040 47.82 -17.22 21.85
CA PRO O 1040 46.39 -17.07 21.65
C PRO O 1040 45.64 -17.43 22.91
N GLN O 1041 44.52 -16.75 23.12
CA GLN O 1041 43.62 -17.07 24.22
C GLN O 1041 42.20 -16.89 23.71
N SER O 1042 41.34 -17.85 24.01
CA SER O 1042 39.98 -17.76 23.52
C SER O 1042 39.18 -16.80 24.38
N ALA O 1043 38.18 -16.19 23.76
CA ALA O 1043 37.21 -15.35 24.44
C ALA O 1043 35.90 -15.50 23.71
N PRO O 1044 34.77 -15.23 24.38
CA PRO O 1044 33.49 -15.62 23.79
C PRO O 1044 33.29 -14.98 22.43
N HIS O 1045 33.03 -15.81 21.43
CA HIS O 1045 32.88 -15.34 20.06
C HIS O 1045 34.02 -14.42 19.65
N GLY O 1046 35.22 -14.77 20.06
CA GLY O 1046 36.37 -13.93 19.76
C GLY O 1046 37.65 -14.65 20.10
N VAL O 1047 38.75 -13.92 19.99
CA VAL O 1047 40.05 -14.46 20.35
C VAL O 1047 40.90 -13.32 20.88
N VAL O 1048 41.82 -13.65 21.78
CA VAL O 1048 42.68 -12.68 22.43
C VAL O 1048 44.12 -13.16 22.34
N PHE O 1049 44.99 -12.31 21.84
CA PHE O 1049 46.40 -12.63 21.68
C PHE O 1049 47.19 -11.90 22.74
N LEU O 1050 48.17 -12.58 23.31
CA LEU O 1050 49.13 -11.96 24.19
C LEU O 1050 50.43 -11.85 23.42
N HIS O 1051 50.77 -10.65 22.99
CA HIS O 1051 51.95 -10.44 22.18
C HIS O 1051 53.12 -10.14 23.08
N VAL O 1052 54.14 -10.99 23.06
CA VAL O 1052 55.34 -10.74 23.84
C VAL O 1052 56.30 -10.01 22.92
N THR O 1053 56.55 -8.74 23.22
CA THR O 1053 57.29 -7.88 22.32
C THR O 1053 58.52 -7.33 23.02
N TYR O 1054 59.45 -6.86 22.22
CA TYR O 1054 60.76 -6.43 22.68
C TYR O 1054 60.86 -4.92 22.46
N VAL O 1055 60.85 -4.16 23.54
CA VAL O 1055 60.88 -2.71 23.45
C VAL O 1055 62.18 -2.21 24.08
N PRO O 1056 63.05 -1.54 23.33
CA PRO O 1056 64.27 -1.01 23.92
C PRO O 1056 63.99 0.12 24.90
N ALA O 1057 64.97 0.38 25.77
CA ALA O 1057 64.72 1.34 26.84
C ALA O 1057 65.71 2.50 26.89
N GLN O 1058 66.91 2.26 27.39
CA GLN O 1058 67.81 3.31 27.83
C GLN O 1058 68.80 3.67 26.72
N GLU O 1059 68.91 4.95 26.42
CA GLU O 1059 69.70 5.44 25.31
C GLU O 1059 70.98 6.08 25.81
N LYS O 1060 72.02 6.02 24.98
CA LYS O 1060 73.24 6.78 25.22
C LYS O 1060 73.69 7.44 23.94
N ASN O 1061 73.70 8.77 23.93
CA ASN O 1061 74.18 9.51 22.77
C ASN O 1061 75.59 9.08 22.42
N PHE O 1062 75.79 8.74 21.16
CA PHE O 1062 77.10 8.33 20.65
C PHE O 1062 77.43 9.09 19.39
N THR O 1063 78.64 9.62 19.32
CA THR O 1063 79.17 10.07 18.06
C THR O 1063 79.40 8.87 17.17
N THR O 1064 78.93 8.94 15.94
CA THR O 1064 79.00 7.83 15.02
C THR O 1064 79.74 8.24 13.75
N ALA O 1065 80.18 7.24 13.00
CA ALA O 1065 80.74 7.46 11.69
C ALA O 1065 80.29 6.34 10.78
N PRO O 1066 79.95 6.63 9.52
CA PRO O 1066 79.51 5.57 8.62
C PRO O 1066 80.62 4.63 8.21
N ALA O 1067 81.87 5.02 8.34
CA ALA O 1067 82.98 4.22 7.85
C ALA O 1067 84.24 4.63 8.58
N ILE O 1068 85.27 3.81 8.45
CA ILE O 1068 86.55 4.10 9.08
C ILE O 1068 87.68 3.86 8.08
N CYS O 1069 88.43 4.92 7.78
CA CYS O 1069 89.67 4.74 7.02
C CYS O 1069 90.67 3.99 7.88
N HIS O 1070 91.30 2.97 7.30
CA HIS O 1070 92.44 2.43 8.02
C HIS O 1070 93.72 2.79 7.30
N ASP O 1071 94.00 2.09 6.21
CA ASP O 1071 95.18 2.36 5.43
C ASP O 1071 94.89 3.29 4.26
N GLY O 1072 93.69 3.83 4.19
CA GLY O 1072 93.16 4.44 3.00
C GLY O 1072 92.08 3.60 2.37
N LYS O 1073 92.04 2.32 2.69
CA LYS O 1073 90.82 1.55 2.45
C LYS O 1073 89.75 2.03 3.40
N ALA O 1074 88.52 1.73 3.06
CA ALA O 1074 87.40 2.01 3.94
C ALA O 1074 86.91 0.72 4.54
N HIS O 1075 86.46 0.78 5.80
CA HIS O 1075 85.92 -0.39 6.49
C HIS O 1075 84.49 -0.10 6.88
N PHE O 1076 83.58 -0.95 6.44
CA PHE O 1076 82.23 -0.66 6.87
C PHE O 1076 81.75 -1.77 7.79
N PRO O 1077 80.87 -1.48 8.73
CA PRO O 1077 80.41 -2.51 9.66
C PRO O 1077 79.70 -3.62 8.90
N ARG O 1078 80.10 -4.86 9.16
CA ARG O 1078 79.41 -5.97 8.51
C ARG O 1078 77.96 -6.01 8.92
N GLU O 1079 77.69 -5.92 10.22
CA GLU O 1079 76.33 -5.85 10.74
C GLU O 1079 76.32 -4.88 11.90
N GLY O 1080 75.31 -4.04 11.96
CA GLY O 1080 75.30 -2.97 12.93
C GLY O 1080 76.08 -1.79 12.40
N VAL O 1081 76.59 -0.98 13.33
CA VAL O 1081 77.26 0.27 12.98
C VAL O 1081 78.42 0.58 13.91
N PHE O 1082 79.27 1.49 13.45
CA PHE O 1082 80.33 2.05 14.26
C PHE O 1082 79.77 3.10 15.19
N VAL O 1083 80.30 3.14 16.41
CA VAL O 1083 80.04 4.23 17.33
C VAL O 1083 81.31 4.47 18.11
N SER O 1084 81.37 5.62 18.80
CA SER O 1084 82.59 5.97 19.58
C SER O 1084 82.20 6.65 20.89
N ASN O 1085 82.37 5.96 22.03
CA ASN O 1085 82.08 6.56 23.36
C ASN O 1085 83.03 7.74 23.57
N GLY O 1086 84.32 7.58 23.20
CA GLY O 1086 85.32 8.66 23.34
C GLY O 1086 86.26 8.62 22.16
N THR O 1087 87.46 8.05 22.33
CA THR O 1087 88.34 7.88 21.15
C THR O 1087 88.12 6.50 20.50
N HIS O 1088 87.90 5.45 21.30
CA HIS O 1088 87.81 4.07 20.74
C HIS O 1088 86.53 3.81 19.94
N TRP O 1089 86.63 3.82 18.61
CA TRP O 1089 85.51 3.49 17.69
C TRP O 1089 85.05 2.04 17.94
N PHE O 1090 83.78 1.89 18.32
CA PHE O 1090 83.18 0.60 18.60
C PHE O 1090 82.17 0.27 17.54
N VAL O 1091 82.31 -0.89 16.95
CA VAL O 1091 81.25 -1.47 16.15
C VAL O 1091 80.30 -2.18 17.09
N THR O 1092 79.02 -2.13 16.79
CA THR O 1092 78.06 -2.80 17.64
C THR O 1092 76.79 -3.09 16.85
N GLN O 1093 76.00 -3.99 17.38
CA GLN O 1093 74.70 -4.29 16.81
C GLN O 1093 73.75 -3.12 17.03
N ARG O 1094 72.74 -3.04 16.19
CA ARG O 1094 71.92 -1.84 16.14
C ARG O 1094 71.03 -1.69 17.36
N ASN O 1095 70.23 -2.71 17.66
CA ASN O 1095 69.12 -2.57 18.59
C ASN O 1095 69.48 -2.86 20.04
N PHE O 1096 70.74 -3.10 20.33
CA PHE O 1096 71.18 -3.27 21.71
C PHE O 1096 72.64 -2.86 21.75
N TYR O 1097 73.06 -2.31 22.87
CA TYR O 1097 74.41 -1.77 22.97
C TYR O 1097 75.33 -2.84 23.52
N GLU O 1098 76.23 -3.33 22.68
CA GLU O 1098 77.26 -4.27 23.08
C GLU O 1098 78.53 -3.88 22.36
N PRO O 1099 79.27 -2.94 22.90
CA PRO O 1099 80.45 -2.44 22.18
C PRO O 1099 81.47 -3.54 22.00
N GLN O 1100 82.15 -3.51 20.86
CA GLN O 1100 83.12 -4.53 20.52
C GLN O 1100 84.30 -3.87 19.82
N ILE O 1101 85.51 -4.29 20.18
CA ILE O 1101 86.68 -3.77 19.51
C ILE O 1101 86.57 -4.07 18.02
N ILE O 1102 87.02 -3.14 17.20
CA ILE O 1102 86.85 -3.25 15.76
C ILE O 1102 87.98 -4.09 15.18
N THR O 1103 87.62 -5.20 14.55
CA THR O 1103 88.57 -6.03 13.86
C THR O 1103 88.01 -6.35 12.48
N THR O 1104 88.91 -6.78 11.59
CA THR O 1104 88.50 -7.04 10.22
C THR O 1104 87.37 -8.05 10.12
N ASP O 1105 87.20 -8.90 11.13
CA ASP O 1105 86.07 -9.81 11.10
C ASP O 1105 84.77 -9.09 11.40
N ASN O 1106 84.82 -7.84 11.85
CA ASN O 1106 83.60 -7.06 12.01
C ASN O 1106 83.30 -6.20 10.80
N THR O 1107 84.24 -6.06 9.86
CA THR O 1107 84.12 -5.05 8.82
C THR O 1107 84.61 -5.59 7.49
N PHE O 1108 83.90 -5.27 6.43
CA PHE O 1108 84.34 -5.59 5.08
C PHE O 1108 84.84 -4.34 4.40
N VAL O 1109 85.88 -4.48 3.62
CA VAL O 1109 86.51 -3.36 2.95
C VAL O 1109 85.76 -3.04 1.67
N SER O 1110 85.68 -1.76 1.34
CA SER O 1110 85.12 -1.36 0.04
C SER O 1110 85.71 -0.04 -0.39
N GLY O 1111 85.91 0.10 -1.69
CA GLY O 1111 86.39 1.35 -2.27
C GLY O 1111 87.63 1.85 -1.58
N ASN O 1112 87.68 3.16 -1.36
CA ASN O 1112 88.72 3.79 -0.56
C ASN O 1112 88.16 5.10 -0.01
N CYS O 1113 89.02 5.90 0.60
CA CYS O 1113 88.54 6.93 1.53
C CYS O 1113 87.88 8.13 0.86
N ASP O 1114 88.43 8.65 -0.24
CA ASP O 1114 88.08 9.98 -0.69
C ASP O 1114 86.59 10.17 -0.97
N VAL O 1115 85.82 9.10 -1.07
CA VAL O 1115 84.43 9.18 -1.46
C VAL O 1115 83.51 9.29 -0.26
N VAL O 1116 83.53 8.28 0.61
CA VAL O 1116 82.52 8.17 1.67
C VAL O 1116 82.50 9.45 2.51
N ILE O 1117 81.31 10.04 2.63
CA ILE O 1117 81.17 11.25 3.40
C ILE O 1117 81.28 10.93 4.89
N GLY O 1118 82.05 11.73 5.61
CA GLY O 1118 82.08 11.58 7.04
C GLY O 1118 82.87 10.41 7.56
N ILE O 1119 83.67 9.78 6.72
CA ILE O 1119 84.52 8.71 7.21
C ILE O 1119 85.57 9.29 8.15
N VAL O 1120 85.99 8.51 9.13
CA VAL O 1120 86.87 9.00 10.18
C VAL O 1120 88.10 8.12 10.28
N ASN O 1121 89.15 8.66 10.87
CA ASN O 1121 90.36 7.89 11.08
C ASN O 1121 90.21 6.94 12.27
N ASN O 1122 90.86 5.80 12.18
CA ASN O 1122 91.06 4.90 13.29
C ASN O 1122 92.00 3.81 12.82
N THR O 1123 92.31 2.87 13.70
CA THR O 1123 93.08 1.68 13.36
C THR O 1123 92.22 0.47 13.63
N VAL O 1124 91.94 -0.31 12.60
CA VAL O 1124 91.12 -1.50 12.75
C VAL O 1124 92.04 -2.65 13.13
N TYR O 1125 91.87 -3.14 14.34
CA TYR O 1125 92.76 -4.16 14.87
C TYR O 1125 92.67 -5.42 14.03
N ASP O 1126 93.78 -6.12 13.92
CA ASP O 1126 93.82 -7.38 13.19
C ASP O 1126 93.75 -8.55 14.15
N PRO O 1127 92.83 -9.49 13.96
CA PRO O 1127 92.94 -10.75 14.70
C PRO O 1127 94.24 -11.47 14.40
N LEU O 1128 94.62 -11.51 13.14
CA LEU O 1128 95.71 -12.38 12.71
C LEU O 1128 97.07 -11.86 13.15
N GLN O 1129 97.35 -10.58 12.89
CA GLN O 1129 98.66 -9.98 13.16
C GLN O 1129 99.26 -10.37 14.51
N PRO O 1130 98.56 -10.29 15.63
CA PRO O 1130 99.20 -10.71 16.89
C PRO O 1130 99.53 -12.18 16.91
N GLU O 1131 98.64 -13.01 16.35
CA GLU O 1131 98.90 -14.44 16.31
C GLU O 1131 100.25 -14.75 15.68
N LEU O 1132 100.69 -13.90 14.77
CA LEU O 1132 101.93 -14.15 14.05
C LEU O 1132 103.12 -14.29 15.00
N ASP O 1133 103.45 -13.21 15.70
CA ASP O 1133 104.87 -12.87 15.90
C ASP O 1133 105.69 -14.04 16.39
N SER O 1134 105.08 -14.96 17.12
CA SER O 1134 105.81 -16.17 17.45
C SER O 1134 105.89 -17.05 16.22
C1 NAG P . -21.14 -33.07 -4.59
C2 NAG P . -21.57 -31.70 -4.24
C3 NAG P . -22.08 -31.69 -2.81
C4 NAG P . -23.04 -32.85 -2.54
C5 NAG P . -22.81 -34.12 -3.37
C6 NAG P . -24.07 -34.93 -3.59
C7 NAG P . -20.63 -29.65 -5.21
C8 NAG P . -19.43 -28.75 -5.29
N2 NAG P . -20.51 -30.73 -4.42
O3 NAG P . -22.71 -30.44 -2.52
O4 NAG P . -22.86 -33.28 -1.19
O5 NAG P . -22.24 -33.89 -4.67
O6 NAG P . -23.88 -36.31 -3.31
O7 NAG P . -21.67 -29.41 -5.82
C1 NAG P . -23.88 -32.85 -0.29
C2 NAG P . -23.86 -33.82 0.89
C3 NAG P . -24.85 -33.37 1.97
C4 NAG P . -24.61 -31.91 2.34
C5 NAG P . -24.65 -31.05 1.08
C6 NAG P . -24.35 -29.59 1.34
C7 NAG P . -23.34 -36.21 0.71
C8 NAG P . -23.80 -37.54 0.19
N2 NAG P . -24.15 -35.17 0.47
O3 NAG P . -24.68 -34.19 3.12
O4 NAG P . -25.62 -31.47 3.24
O5 NAG P . -23.66 -31.53 0.16
O6 NAG P . -25.15 -28.75 0.54
O7 NAG P . -22.28 -36.08 1.31
C1 NAG Q . 65.32 -38.22 1.71
C2 NAG Q . 66.38 -39.28 1.58
C3 NAG Q . 66.38 -39.86 0.18
C4 NAG Q . 64.99 -40.34 -0.18
C5 NAG Q . 63.95 -39.26 0.08
C6 NAG Q . 62.53 -39.74 -0.08
C7 NAG Q . 68.17 -38.72 3.15
C8 NAG Q . 69.53 -38.15 3.33
N2 NAG Q . 67.70 -38.75 1.91
O3 NAG Q . 67.30 -40.94 0.12
O4 NAG Q . 64.98 -40.64 -1.57
O5 NAG Q . 64.07 -38.78 1.43
O6 NAG Q . 61.61 -38.66 0.04
O7 NAG Q . 67.52 -39.14 4.11
C1 NAG Q . 64.66 -42.03 -1.79
C2 NAG Q . 64.31 -42.16 -3.26
C3 NAG Q . 64.02 -43.62 -3.59
C4 NAG Q . 65.19 -44.50 -3.17
C5 NAG Q . 65.51 -44.25 -1.69
C6 NAG Q . 66.73 -45.00 -1.22
C7 NAG Q . 63.22 -40.41 -4.60
C8 NAG Q . 61.96 -39.63 -4.82
N2 NAG Q . 63.19 -41.32 -3.61
O3 NAG Q . 63.81 -43.75 -4.99
O4 NAG Q . 64.85 -45.87 -3.35
O5 NAG Q . 65.77 -42.86 -1.49
O6 NAG Q . 66.63 -45.35 0.16
O7 NAG Q . 64.23 -40.24 -5.27
C1 NAG R . 57.47 -33.73 -19.04
C2 NAG R . 58.42 -34.55 -19.89
C3 NAG R . 57.75 -34.98 -21.19
C4 NAG R . 56.42 -35.66 -20.90
C5 NAG R . 55.56 -34.76 -20.04
C6 NAG R . 54.27 -35.41 -19.60
C7 NAG R . 60.56 -33.53 -19.24
C8 NAG R . 61.74 -32.75 -19.71
N2 NAG R . 59.63 -33.80 -20.17
O3 NAG R . 58.62 -35.88 -21.89
O4 NAG R . 55.74 -35.93 -22.13
O5 NAG R . 56.28 -34.46 -18.83
O6 NAG R . 54.06 -35.24 -18.21
O7 NAG R . 60.45 -33.92 -18.09
C1 NAG R . 55.64 -37.35 -22.28
C2 NAG R . 54.49 -37.64 -23.25
C3 NAG R . 54.38 -39.14 -23.51
C4 NAG R . 55.72 -39.72 -23.94
C5 NAG R . 56.80 -39.35 -22.93
C6 NAG R . 58.18 -39.80 -23.32
C7 NAG R . 52.67 -35.99 -23.14
C8 NAG R . 51.37 -35.62 -22.48
N2 NAG R . 53.24 -37.13 -22.72
O3 NAG R . 53.40 -39.38 -24.51
O4 NAG R . 55.64 -41.13 -24.06
O5 NAG R . 56.85 -37.92 -22.80
O6 NAG R . 58.97 -40.09 -22.18
O7 NAG R . 53.18 -35.29 -24.01
C1 NAG S . 78.03 -39.11 16.39
C2 NAG S . 78.49 -40.55 16.59
C3 NAG S . 80.00 -40.62 16.50
C4 NAG S . 80.47 -40.03 15.19
C5 NAG S . 79.89 -38.62 15.01
C6 NAG S . 80.20 -38.04 13.65
C7 NAG S . 76.79 -41.56 18.02
C8 NAG S . 76.47 -42.07 19.39
N2 NAG S . 78.02 -41.08 17.85
O3 NAG S . 80.42 -41.97 16.59
O4 NAG S . 81.89 -39.95 15.18
O5 NAG S . 78.46 -38.64 15.13
O6 NAG S . 80.23 -39.05 12.66
O7 NAG S . 75.97 -41.57 17.12
C1 NAG S . 82.34 -40.88 14.18
C2 NAG S . 83.85 -40.91 14.28
C3 NAG S . 84.41 -41.90 13.27
C4 NAG S . 83.76 -43.26 13.44
C5 NAG S . 82.24 -43.13 13.42
C6 NAG S . 81.53 -44.42 13.73
C7 NAG S . 84.62 -38.72 15.05
C8 NAG S . 85.20 -37.40 14.66
N2 NAG S . 84.40 -39.59 14.06
O3 NAG S . 85.82 -42.01 13.46
O4 NAG S . 84.17 -44.13 12.39
O5 NAG S . 81.81 -42.18 14.40
O6 NAG S . 81.34 -45.21 12.57
O7 NAG S . 84.34 -38.99 16.21
C1 NAG T . 83.39 -27.69 33.26
C2 NAG T . 82.51 -28.32 34.34
C3 NAG T . 82.47 -27.41 35.55
C4 NAG T . 83.88 -27.14 36.03
C5 NAG T . 84.70 -26.55 34.90
C6 NAG T . 86.14 -26.31 35.33
C7 NAG T . 80.50 -27.62 33.20
C8 NAG T . 80.47 -26.27 33.85
N2 NAG T . 81.17 -28.57 33.84
O3 NAG T . 81.71 -28.03 36.60
O4 NAG T . 83.84 -26.21 37.12
O5 NAG T . 84.69 -27.44 33.78
O6 NAG T . 86.87 -25.68 34.27
O7 NAG T . 79.92 -27.84 32.13
C1 NAG T . 84.20 -26.88 38.35
C2 NAG T . 83.72 -26.03 39.52
C3 NAG T . 84.13 -26.70 40.83
C4 NAG T . 83.55 -28.11 40.86
C5 NAG T . 84.03 -28.88 39.64
C6 NAG T . 83.45 -30.29 39.61
C7 NAG T . 84.18 -23.81 40.41
C8 NAG T . 85.14 -22.64 40.33
N2 NAG T . 84.29 -24.70 39.43
O3 NAG T . 83.62 -25.96 41.94
O4 NAG T . 83.97 -28.77 42.05
O5 NAG T . 83.65 -28.19 38.44
O6 NAG T . 84.06 -31.04 38.56
O7 NAG T . 83.38 -23.93 41.32
C1 NAG U . -8.79 22.01 -30.65
C2 NAG U . -9.76 21.39 -29.69
C3 NAG U . -10.39 20.14 -30.34
C4 NAG U . -10.61 20.28 -31.84
C5 NAG U . -9.80 21.38 -32.57
C6 NAG U . -10.55 21.97 -33.74
C7 NAG U . -9.72 20.56 -27.35
C8 NAG U . -8.84 20.29 -26.17
N2 NAG U . -9.11 21.05 -28.43
O3 NAG U . -11.63 19.85 -29.70
O4 NAG U . -10.17 19.07 -32.45
O5 NAG U . -9.46 22.48 -31.71
O6 NAG U . -9.67 22.34 -34.81
O7 NAG U . -10.94 20.33 -27.33
C1 NAG U . -11.18 18.35 -33.16
C2 NAG U . -10.58 17.90 -34.50
C3 NAG U . -11.58 17.05 -35.28
C4 NAG U . -12.06 15.90 -34.41
C5 NAG U . -12.62 16.43 -33.10
C6 NAG U . -13.01 15.33 -32.14
C7 NAG U . -9.15 18.97 -36.19
C8 NAG U . -8.84 20.24 -36.92
N2 NAG U . -10.15 19.04 -35.29
O3 NAG U . -10.95 16.55 -36.45
O4 NAG U . -13.08 15.17 -35.10
O5 NAG U . -11.63 17.22 -32.43
O6 NAG U . -13.85 15.82 -31.10
O7 NAG U . -8.53 17.93 -36.37
C1 NAG V . 74.28 5.03 -12.92
C2 NAG V . 75.57 5.56 -13.48
C3 NAG V . 75.64 7.07 -13.30
C4 NAG V . 74.41 7.73 -13.90
C5 NAG V . 73.14 7.08 -13.35
C6 NAG V . 71.89 7.58 -14.02
C7 NAG V . 77.55 4.14 -13.56
C8 NAG V . 78.69 3.54 -12.78
N2 NAG V . 76.71 4.92 -12.87
O3 NAG V . 76.81 7.56 -13.92
O4 NAG V . 74.38 9.10 -13.55
O5 NAG V . 73.18 5.66 -13.55
O6 NAG V . 70.97 6.51 -14.22
O7 NAG V . 77.40 3.92 -14.75
C1 NAG V . 74.84 9.90 -14.65
C2 NAG V . 74.48 11.34 -14.30
C3 NAG V . 75.01 12.28 -15.36
C4 NAG V . 76.50 12.06 -15.58
C5 NAG V . 76.76 10.58 -15.87
C6 NAG V . 78.24 10.25 -15.99
C7 NAG V . 72.48 12.00 -13.05
C8 NAG V . 70.99 12.09 -13.07
N2 NAG V . 73.05 11.49 -14.15
O3 NAG V . 74.79 13.63 -14.95
O4 NAG V . 76.94 12.84 -16.68
O5 NAG V . 76.24 9.78 -14.80
O6 NAG V . 78.54 9.66 -17.25
O7 NAG V . 73.15 12.36 -12.09
C1 NAG W . 65.16 22.47 -1.76
C2 NAG W . 66.28 23.50 -1.57
C3 NAG W . 65.72 24.91 -1.55
C4 NAG W . 64.85 25.15 -2.77
C5 NAG W . 63.79 24.06 -2.87
C6 NAG W . 62.93 24.17 -4.10
C7 NAG W . 67.87 22.21 -0.21
C8 NAG W . 68.54 22.08 1.11
N2 NAG W . 67.02 23.23 -0.35
O3 NAG W . 66.81 25.83 -1.54
O4 NAG W . 64.20 26.42 -2.68
O5 NAG W . 64.43 22.79 -2.92
O6 NAG W . 62.54 22.87 -4.53
O7 NAG W . 68.09 21.43 -1.14
C1 NAG W . 64.71 27.24 -3.75
C2 NAG W . 63.68 28.30 -4.09
C3 NAG W . 64.20 29.19 -5.20
C4 NAG W . 65.55 29.80 -4.80
C5 NAG W . 66.52 28.69 -4.39
C6 NAG W . 67.81 29.23 -3.83
C7 NAG W . 61.40 27.51 -3.63
C8 NAG W . 60.16 26.88 -4.20
N2 NAG W . 62.41 27.70 -4.48
O3 NAG W . 63.27 30.24 -5.46
O4 NAG W . 66.09 30.52 -5.90
O5 NAG W . 65.94 27.88 -3.36
O6 NAG W . 68.91 28.95 -4.69
O7 NAG W . 61.48 27.84 -2.44
C1 NAG X . 86.62 -9.30 -16.94
C2 NAG X . 87.56 -8.95 -18.06
C3 NAG X . 88.99 -9.19 -17.61
C4 NAG X . 89.26 -8.39 -16.34
C5 NAG X . 88.20 -8.67 -15.28
C6 NAG X . 88.31 -7.74 -14.10
C7 NAG X . 86.35 -9.32 -20.14
C8 NAG X . 86.18 -10.22 -21.33
N2 NAG X . 87.27 -9.71 -19.26
O3 NAG X . 89.88 -8.76 -18.63
O4 NAG X . 90.54 -8.72 -15.83
O5 NAG X . 86.88 -8.48 -15.83
O6 NAG X . 88.65 -6.43 -14.52
O7 NAG X . 85.67 -8.32 -19.98
C1 NAG X . 91.33 -7.53 -15.98
C2 NAG X . 92.80 -7.90 -15.86
C3 NAG X . 93.67 -6.67 -16.10
C4 NAG X . 93.31 -6.01 -17.41
C5 NAG X . 91.81 -5.74 -17.47
C6 NAG X . 91.36 -5.18 -18.79
C7 NAG X . 93.85 -9.54 -14.36
C8 NAG X . 94.04 -9.98 -12.95
N2 NAG X . 93.08 -8.47 -14.55
O3 NAG X . 95.03 -7.06 -16.10
O4 NAG X . 94.01 -4.79 -17.55
O5 NAG X . 91.09 -6.96 -17.26
O6 NAG X . 92.09 -4.02 -19.14
O7 NAG X . 94.40 -10.12 -15.30
C1 NAG Y . 87.66 -29.25 -13.89
C2 NAG Y . 86.96 -30.05 -14.97
C3 NAG Y . 87.17 -31.54 -14.74
C4 NAG Y . 88.66 -31.85 -14.61
C5 NAG Y . 89.29 -30.93 -13.57
C6 NAG Y . 90.79 -31.08 -13.50
C7 NAG Y . 84.90 -29.39 -16.13
C8 NAG Y . 83.44 -29.11 -15.99
N2 NAG Y . 85.54 -29.74 -15.01
O3 NAG Y . 86.62 -32.27 -15.84
O4 NAG Y . 88.84 -33.19 -14.17
O5 NAG Y . 89.02 -29.56 -13.90
O6 NAG Y . 91.33 -30.29 -12.46
O7 NAG Y . 85.48 -29.32 -17.20
C1 NAG Y . 89.18 -33.99 -15.31
C2 NAG Y . 90.09 -35.13 -14.84
C3 NAG Y . 90.40 -36.07 -16.01
C4 NAG Y . 89.12 -36.53 -16.68
C5 NAG Y . 88.27 -35.33 -17.07
C6 NAG Y . 86.92 -35.72 -17.63
C7 NAG Y . 92.00 -35.25 -13.30
C8 NAG Y . 93.23 -34.57 -12.82
N2 NAG Y . 91.31 -34.61 -14.27
O3 NAG Y . 91.13 -37.19 -15.53
O4 NAG Y . 89.43 -37.28 -17.85
O5 NAG Y . 88.01 -34.51 -15.91
O6 NAG Y . 86.48 -36.97 -17.11
O7 NAG Y . 91.62 -36.33 -12.86
C1 NAG Z . -15.69 18.11 30.14
C2 NAG Z . -16.38 17.72 28.88
C3 NAG Z . -16.55 18.95 27.98
C4 NAG Z . -16.81 20.25 28.76
C5 NAG Z . -16.42 20.24 30.26
C6 NAG Z . -17.32 21.12 31.09
C7 NAG Z . -16.05 16.05 27.07
C8 NAG Z . -15.13 14.99 26.55
N2 NAG Z . -15.65 16.67 28.18
O3 NAG Z . -17.62 18.74 27.06
O4 NAG Z . -15.99 21.26 28.19
O5 NAG Z . -16.47 18.94 30.85
O6 NAG Z . -16.63 21.74 32.16
O7 NAG Z . -17.12 16.33 26.51
C1 NAG Z . -16.69 22.38 27.65
C2 NAG Z . -15.97 23.65 28.10
C3 NAG Z . -16.62 24.88 27.48
C4 NAG Z . -16.69 24.73 25.97
C5 NAG Z . -17.38 23.43 25.60
C6 NAG Z . -17.38 23.17 24.11
C7 NAG Z . -14.99 24.39 30.23
C8 NAG Z . -15.13 24.42 31.72
N2 NAG Z . -15.96 23.76 29.55
O3 NAG Z . -15.87 26.04 27.82
O4 NAG Z . -17.40 25.83 25.40
O5 NAG Z . -16.72 22.32 26.22
O6 NAG Z . -18.34 22.16 23.76
O7 NAG Z . -14.05 24.93 29.65
C1 NAG AA . 68.23 -3.25 32.30
C2 NAG AA . 69.27 -3.21 33.40
C3 NAG AA . 68.82 -4.07 34.56
C4 NAG AA . 67.44 -3.64 35.03
C5 NAG AA . 66.47 -3.63 33.86
C6 NAG AA . 65.12 -3.06 34.22
C7 NAG AA . 71.62 -2.83 32.85
C8 NAG AA . 72.88 -3.42 32.32
N2 NAG AA . 70.56 -3.64 32.91
O3 NAG AA . 69.75 -3.94 35.63
O4 NAG AA . 66.95 -4.59 35.98
O5 NAG AA . 66.98 -2.81 32.79
O6 NAG AA . 64.61 -2.24 33.17
O7 NAG AA . 71.55 -1.66 33.21
C1 NAG AA . 67.10 -4.06 37.31
C2 NAG AA . 66.28 -4.96 38.22
C3 NAG AA . 66.46 -4.55 39.67
C4 NAG AA . 67.94 -4.50 40.03
C5 NAG AA . 68.68 -3.61 39.04
C6 NAG AA . 70.17 -3.61 39.26
C7 NAG AA . 64.18 -6.03 37.56
C8 NAG AA . 62.75 -5.81 37.19
N2 NAG AA . 64.89 -4.92 37.84
O3 NAG AA . 65.80 -5.50 40.50
O4 NAG AA . 68.10 -3.96 41.34
O5 NAG AA . 68.46 -4.10 37.71
O6 NAG AA . 70.66 -2.28 39.48
O7 NAG AA . 64.69 -7.14 37.59
C1 NAG BA . 53.75 -19.48 38.52
C2 NAG BA . 54.46 -20.29 39.59
C3 NAG BA . 53.45 -20.86 40.58
C4 NAG BA . 52.54 -19.77 41.10
C5 NAG BA . 51.91 -19.02 39.94
C6 NAG BA . 51.07 -17.85 40.37
C7 NAG BA . 56.38 -21.15 38.35
C8 NAG BA . 57.06 -22.36 37.80
N2 NAG BA . 55.24 -21.37 39.00
O3 NAG BA . 54.15 -21.48 41.64
O4 NAG BA . 51.50 -20.32 41.91
O5 NAG BA . 52.95 -18.49 39.12
O6 NAG BA . 51.14 -16.80 39.40
O7 NAG BA . 56.86 -20.03 38.22
C1 NAG BA . 51.70 -19.85 43.26
C2 NAG BA . 50.36 -19.86 43.99
C3 NAG BA . 50.55 -19.39 45.43
C4 NAG BA . 51.62 -20.24 46.12
C5 NAG BA . 52.90 -20.25 45.31
C6 NAG BA . 53.95 -21.20 45.86
C7 NAG BA . 48.50 -19.53 42.44
C8 NAG BA . 47.55 -18.54 41.83
N2 NAG BA . 49.38 -19.04 43.30
O3 NAG BA . 49.32 -19.48 46.12
O4 NAG BA . 51.89 -19.70 47.42
O5 NAG BA . 52.64 -20.69 43.96
O6 NAG BA . 55.07 -20.49 46.37
O7 NAG BA . 48.46 -20.72 42.16
C1 NAG CA . 92.47 11.07 8.57
C2 NAG CA . 92.08 12.49 8.23
C3 NAG CA . 92.79 12.94 6.96
C4 NAG CA . 94.29 12.71 7.09
C5 NAG CA . 94.58 11.29 7.53
C6 NAG CA . 96.04 11.04 7.82
C7 NAG CA . 89.93 13.53 8.72
C8 NAG CA . 88.44 13.53 8.46
N2 NAG CA . 90.64 12.61 8.08
O3 NAG CA . 92.51 14.32 6.73
O4 NAG CA . 94.91 12.92 5.82
O5 NAG CA . 93.87 10.99 8.73
O6 NAG CA . 96.27 9.68 8.12
O7 NAG CA . 90.43 14.35 9.48
C1 NAG CA . 95.50 14.22 5.82
C2 NAG CA . 96.75 14.19 4.93
C3 NAG CA . 97.36 15.58 4.82
C4 NAG CA . 96.31 16.60 4.37
C5 NAG CA . 95.10 16.52 5.30
C6 NAG CA . 93.97 17.42 4.85
C7 NAG CA . 98.58 12.58 4.65
C8 NAG CA . 99.52 11.65 5.35
N2 NAG CA . 97.73 13.24 5.44
O3 NAG CA . 98.43 15.55 3.88
O4 NAG CA . 96.86 17.91 4.42
O5 NAG CA . 94.58 15.18 5.33
O6 NAG CA . 93.98 17.60 3.44
O7 NAG CA . 98.60 12.75 3.43
C1 NAG DA . 85.34 4.04 25.91
C2 NAG DA . 86.31 4.99 26.61
C3 NAG DA . 87.70 4.37 26.58
C4 NAG DA . 87.61 3.03 27.29
C5 NAG DA . 86.60 2.14 26.57
C6 NAG DA . 86.46 0.77 27.22
C7 NAG DA . 85.74 7.33 26.64
C8 NAG DA . 86.67 8.42 27.08
N2 NAG DA . 86.32 6.31 26.02
O3 NAG DA . 88.62 5.27 27.20
O4 NAG DA . 88.90 2.41 27.38
O5 NAG DA . 85.34 2.79 26.61
O6 NAG DA . 87.65 0.00 27.03
O7 NAG DA . 84.54 7.38 26.85
C1 NAG DA . 89.68 2.58 28.61
C2 NAG DA . 88.92 2.65 29.95
C3 NAG DA . 89.91 2.63 31.09
C4 NAG DA . 90.87 1.46 31.01
C5 NAG DA . 91.55 1.43 29.66
C6 NAG DA . 92.40 0.18 29.50
C7 NAG DA . 86.90 3.93 30.48
C8 NAG DA . 86.31 5.29 30.61
N2 NAG DA . 88.20 3.89 30.17
O3 NAG DA . 89.22 2.58 32.34
O4 NAG DA . 91.86 1.57 32.04
O5 NAG DA . 90.59 1.48 28.61
O6 NAG DA . 93.13 0.25 28.27
O7 NAG DA . 86.23 2.91 30.62
C1 NAG EA . 27.82 -41.85 -7.65
C2 NAG EA . 29.10 -42.71 -7.65
C3 NAG EA . 29.41 -43.16 -9.08
C4 NAG EA . 28.20 -43.84 -9.71
C5 NAG EA . 26.96 -42.94 -9.60
C6 NAG EA . 25.70 -43.61 -10.09
C7 NAG EA . 30.51 -41.98 -5.78
C8 NAG EA . 31.69 -41.14 -5.36
N2 NAG EA . 30.22 -41.98 -7.09
O3 NAG EA . 30.47 -44.10 -9.04
O4 NAG EA . 28.44 -44.11 -11.08
O5 NAG EA . 26.73 -42.59 -8.23
O6 NAG EA . 24.57 -42.74 -9.97
O7 NAG EA . 29.84 -42.59 -4.96
C1 NAG FA . 14.05 -32.93 29.21
C2 NAG FA . 15.06 -32.03 29.86
C3 NAG FA . 15.70 -32.73 31.05
C4 NAG FA . 14.61 -33.18 32.02
C5 NAG FA . 13.56 -34.00 31.27
C6 NAG FA . 12.37 -34.35 32.13
C7 NAG FA . 15.97 -30.52 28.16
C8 NAG FA . 17.12 -30.23 27.25
N2 NAG FA . 16.08 -31.62 28.90
O3 NAG FA . 16.61 -31.85 31.68
O4 NAG FA . 15.18 -33.97 33.04
O5 NAG FA . 13.05 -33.26 30.15
O6 NAG FA . 11.16 -34.36 31.37
O7 NAG FA . 14.99 -29.78 28.22
C1 NAG GA . 28.99 -45.34 26.54
C2 NAG GA . 27.70 -46.02 26.05
C3 NAG GA . 26.61 -45.91 27.13
C4 NAG GA . 27.13 -46.44 28.47
C5 NAG GA . 28.45 -45.77 28.83
C6 NAG GA . 29.08 -46.36 30.08
C7 NAG GA . 26.90 -46.16 23.74
C8 NAG GA . 26.46 -45.38 22.55
N2 NAG GA . 27.24 -45.43 24.81
O3 NAG GA . 25.47 -46.64 26.73
O4 NAG GA . 26.17 -46.20 29.48
O5 NAG GA . 29.40 -45.92 27.77
O6 NAG GA . 30.20 -45.58 30.50
O7 NAG GA . 26.95 -47.37 23.75
C1 NAG HA . 67.54 -29.49 32.50
C2 NAG HA . 68.50 -28.86 33.48
C3 NAG HA . 69.09 -29.92 34.38
C4 NAG HA . 67.97 -30.69 35.07
C5 NAG HA . 67.02 -31.24 34.02
C6 NAG HA . 65.80 -31.90 34.64
C7 NAG HA . 69.43 -26.84 32.46
C8 NAG HA . 70.60 -26.24 31.72
N2 NAG HA . 69.54 -28.13 32.79
O3 NAG HA . 69.89 -29.27 35.37
O4 NAG HA . 68.52 -31.78 35.82
O5 NAG HA . 66.52 -30.18 33.20
O6 NAG HA . 65.41 -33.05 33.90
O7 NAG HA . 68.44 -26.20 32.72
C1 NAG IA . 62.43 -39.02 20.25
C2 NAG IA . 62.04 -40.08 19.22
C3 NAG IA . 60.55 -40.38 19.34
C4 NAG IA . 60.19 -40.77 20.76
C5 NAG IA . 60.65 -39.69 21.73
C6 NAG IA . 60.43 -40.07 23.18
C7 NAG IA . 62.50 -40.51 16.86
C8 NAG IA . 62.85 -39.90 15.54
N2 NAG IA . 62.37 -39.66 17.87
O3 NAG IA . 60.19 -41.44 18.45
O4 NAG IA . 58.78 -40.95 20.89
O5 NAG IA . 62.06 -39.46 21.57
O6 NAG IA . 59.10 -40.48 23.43
O7 NAG IA . 62.35 -41.71 17.00
C1 NAG JA . 14.35 17.96 -43.87
C2 NAG JA . 14.25 16.45 -43.59
C3 NAG JA . 15.30 15.69 -44.39
C4 NAG JA . 15.24 16.07 -45.87
C5 NAG JA . 15.29 17.58 -46.04
C6 NAG JA . 15.10 18.03 -47.47
C7 NAG JA . 13.47 16.43 -41.25
C8 NAG JA . 13.82 16.08 -39.84
N2 NAG JA . 14.42 16.18 -42.16
O3 NAG JA . 15.10 14.29 -44.23
O4 NAG JA . 16.34 15.48 -46.56
O5 NAG JA . 14.23 18.18 -45.27
O6 NAG JA . 15.34 19.42 -47.62
O7 NAG JA . 12.38 16.91 -41.56
C1 NAG KA . 42.00 19.47 -23.61
C2 NAG KA . 43.36 18.88 -23.91
C3 NAG KA . 44.44 19.78 -23.30
C4 NAG KA . 44.27 21.22 -23.79
C5 NAG KA . 42.83 21.69 -23.58
C6 NAG KA . 42.54 23.04 -24.18
C7 NAG KA . 43.76 16.48 -24.15
C8 NAG KA . 43.84 15.15 -23.46
N2 NAG KA . 43.48 17.52 -23.39
O3 NAG KA . 45.73 19.30 -23.68
O4 NAG KA . 45.14 22.08 -23.06
O5 NAG KA . 41.90 20.76 -24.18
O6 NAG KA . 41.16 23.39 -24.07
O7 NAG KA . 43.96 16.58 -25.37
C1 NAG LA . 24.42 -12.78 -37.57
C2 NAG LA . 25.21 -13.95 -37.05
C3 NAG LA . 26.10 -14.52 -38.15
C4 NAG LA . 25.24 -14.87 -39.36
C5 NAG LA . 24.38 -13.67 -39.78
C6 NAG LA . 23.38 -14.01 -40.84
C7 NAG LA . 25.51 -13.51 -34.67
C8 NAG LA . 26.47 -13.10 -33.58
N2 NAG LA . 26.02 -13.57 -35.90
O3 NAG LA . 26.76 -15.67 -37.69
O4 NAG LA . 26.07 -15.23 -40.46
O5 NAG LA . 23.62 -13.19 -38.65
O6 NAG LA . 22.32 -13.06 -40.92
O7 NAG LA . 24.33 -13.74 -34.44
C1 NAG MA . 43.63 -7.27 -41.39
C2 NAG MA . 42.62 -6.40 -42.13
C3 NAG MA . 41.78 -7.25 -43.07
C4 NAG MA . 42.69 -8.05 -44.01
C5 NAG MA . 43.71 -8.86 -43.20
C6 NAG MA . 44.71 -9.57 -44.07
C7 NAG MA . 42.10 -4.51 -40.66
C8 NAG MA . 41.09 -3.91 -39.73
N2 NAG MA . 41.77 -5.68 -41.20
O3 NAG MA . 40.92 -6.42 -43.82
O4 NAG MA . 41.90 -8.95 -44.79
O5 NAG MA . 44.45 -7.98 -42.34
O6 NAG MA . 45.65 -10.30 -43.29
O7 NAG MA . 43.18 -3.97 -40.89
C1 NAG NA . 73.39 -26.06 -20.30
C2 NAG NA . 74.27 -27.24 -19.90
C3 NAG NA . 75.07 -27.76 -21.09
C4 NAG NA . 74.16 -28.00 -22.29
C5 NAG NA . 73.33 -26.75 -22.55
C6 NAG NA . 72.34 -26.92 -23.68
C7 NAG NA . 74.76 -26.66 -17.57
C8 NAG NA . 75.82 -26.26 -16.59
N2 NAG NA . 75.17 -26.85 -18.83
O3 NAG NA . 75.70 -28.96 -20.72
O4 NAG NA . 74.94 -28.29 -23.44
O5 NAG NA . 72.57 -26.42 -21.38
O6 NAG NA . 72.34 -25.77 -24.52
O7 NAG NA . 73.58 -26.79 -17.24
C1 NAG OA . 71.99 -10.60 -23.37
C2 NAG OA . 71.78 -9.16 -23.78
C3 NAG OA . 70.36 -8.98 -24.30
C4 NAG OA . 70.10 -9.96 -25.44
C5 NAG OA . 70.49 -11.39 -25.05
C6 NAG OA . 70.48 -12.33 -26.23
C7 NAG OA . 72.65 -7.05 -22.88
C8 NAG OA . 72.84 -6.20 -21.66
N2 NAG OA . 72.04 -8.23 -22.69
O3 NAG OA . 70.17 -7.65 -24.75
O4 NAG OA . 68.73 -9.93 -25.79
O5 NAG OA . 71.81 -11.45 -24.49
O6 NAG OA . 69.30 -12.19 -27.01
O7 NAG OA . 73.01 -6.68 -23.99
C1 NAG PA . 32.96 4.79 39.75
C2 NAG PA . 34.44 5.09 39.82
C3 NAG PA . 35.15 3.98 40.59
C4 NAG PA . 34.49 3.78 41.95
C5 NAG PA . 32.98 3.61 41.81
C6 NAG PA . 32.26 3.57 43.13
C7 NAG PA . 35.63 6.35 38.08
C8 NAG PA . 36.16 6.33 36.67
N2 NAG PA . 35.01 5.24 38.49
O3 NAG PA . 36.53 4.32 40.76
O4 NAG PA . 35.03 2.61 42.57
O5 NAG PA . 32.43 4.70 41.06
O6 NAG PA . 30.84 3.55 42.95
O7 NAG PA . 35.78 7.32 38.82
C1 NAG QA . 27.37 34.61 14.79
C2 NAG QA . 28.51 34.56 13.80
C3 NAG QA . 29.54 35.65 14.15
C4 NAG QA . 28.84 37.00 14.19
C5 NAG QA . 27.63 36.95 15.10
C6 NAG QA . 26.80 38.21 15.06
C7 NAG QA . 28.65 32.23 13.10
C8 NAG QA . 29.40 30.95 13.19
N2 NAG QA . 29.14 33.26 13.79
O3 NAG QA . 30.56 35.65 13.16
O4 NAG QA . 29.75 37.99 14.67
O5 NAG QA . 26.75 35.88 14.74
O6 NAG QA . 25.48 38.01 15.55
O7 NAG QA . 27.62 32.34 12.44
C1 NAG RA . 43.56 32.29 26.88
C2 NAG RA . 42.32 32.70 27.66
C3 NAG RA . 41.82 34.05 27.16
C4 NAG RA . 42.93 35.08 27.23
C5 NAG RA . 44.16 34.58 26.49
C6 NAG RA . 45.36 35.50 26.62
C7 NAG RA . 41.18 30.63 28.35
C8 NAG RA . 40.03 29.72 28.09
N2 NAG RA . 41.26 31.70 27.54
O3 NAG RA . 40.71 34.47 27.97
O4 NAG RA . 42.49 36.31 26.64
O5 NAG RA . 44.56 33.30 27.02
O6 NAG RA . 46.49 35.00 25.92
O7 NAG RA . 42.01 30.42 29.24
C1 NAG SA . 77.95 17.56 10.06
C2 NAG SA . 79.19 17.59 9.15
C3 NAG SA . 80.10 18.75 9.55
C4 NAG SA . 79.33 20.05 9.66
C5 NAG SA . 78.13 19.84 10.58
C6 NAG SA . 77.26 21.07 10.68
C7 NAG SA . 79.45 15.21 8.66
C8 NAG SA . 80.31 14.01 8.83
N2 NAG SA . 79.90 16.33 9.22
O3 NAG SA . 81.12 18.87 8.56
O4 NAG SA . 80.16 21.06 10.21
O5 NAG SA . 77.32 18.80 10.05
O6 NAG SA . 76.86 21.29 12.04
O7 NAG SA . 78.39 15.18 8.03
C1 NAG TA . 71.39 13.39 23.85
C2 NAG TA . 70.69 13.13 25.17
C3 NAG TA . 69.30 13.74 25.14
C4 NAG TA . 69.39 15.23 24.82
C5 NAG TA . 70.24 15.48 23.56
C6 NAG TA . 70.55 16.94 23.36
C7 NAG TA . 70.79 11.25 26.72
C8 NAG TA . 70.68 9.76 26.89
N2 NAG TA . 70.63 11.72 25.48
O3 NAG TA . 68.66 13.56 26.40
O4 NAG TA . 68.09 15.75 24.59
O5 NAG TA . 71.50 14.80 23.64
O6 NAG TA . 69.39 17.75 23.50
O7 NAG TA . 71.01 11.98 27.67
#